data_1SZO
#
_entry.id   1SZO
#
_cell.length_a   83.280
_cell.length_b   132.008
_cell.length_c   135.424
_cell.angle_alpha   90.00
_cell.angle_beta   94.11
_cell.angle_gamma   90.00
#
_symmetry.space_group_name_H-M   'P 1 21 1'
#
loop_
_entity.id
_entity.type
_entity.pdbx_description
1 polymer '6-oxocamphor hydrolase'
2 non-polymer (2S,4S)-4-(2,2-DIHYDROXYETHYL)-2,3,3-TRIMETHYLCYCLOPENTANONE
3 non-polymer 'CALCIUM ION'
4 water water
#
_entity_poly.entity_id   1
_entity_poly.type   'polypeptide(L)'
_entity_poly.pdbx_seq_one_letter_code
;MKQLATPFQEYSQKYENIRLERDGGVLLVTVHTEGKSLVWTSTAHDELAYCFHDIACDRENKVVILTGTGPSFCNEIDFT
SFNLGTPHDWDEIIFEGQRLLNNLLSIEVPVIAAVNGPVTNAPEIPVMSDIVLAAESATFQDGPHFPSGIVPGDGAHVVW
PHVLGSNRGRYFLLTGQELDARTALDYGAVNEVLSEQELLPRAWELARGIAEKPLLARRYARKVLTRQLRRVMEADLSLG
LAHEALAAIDLGMESEQ
;
_entity_poly.pdbx_strand_id   A,B,C,D,E,F,G,H,I,J,K,L
#
loop_
_chem_comp.id
_chem_comp.type
_chem_comp.name
_chem_comp.formula
CA non-polymer 'CALCIUM ION' 'Ca 2'
CAX non-polymer (2S,4S)-4-(2,2-DIHYDROXYETHYL)-2,3,3-TRIMETHYLCYCLOPENTANONE 'C10 H18 O3'
#
# COMPACT_ATOMS: atom_id res chain seq x y z
N LEU A 4 70.05 -24.69 -5.63
CA LEU A 4 69.77 -23.23 -5.91
C LEU A 4 69.09 -22.44 -4.78
N ALA A 5 68.49 -23.11 -3.79
CA ALA A 5 67.88 -22.43 -2.60
C ALA A 5 69.04 -21.98 -1.72
N THR A 6 68.83 -20.91 -0.99
CA THR A 6 69.80 -20.38 -0.08
C THR A 6 69.79 -21.28 1.14
N PRO A 7 70.89 -22.01 1.40
CA PRO A 7 70.93 -22.80 2.62
C PRO A 7 71.10 -21.91 3.84
N PHE A 8 70.82 -22.51 4.99
CA PHE A 8 70.76 -21.81 6.27
C PHE A 8 72.05 -21.04 6.56
N GLN A 9 73.19 -21.64 6.25
CA GLN A 9 74.49 -21.01 6.50
C GLN A 9 74.65 -19.67 5.78
N GLU A 10 73.94 -19.51 4.67
CA GLU A 10 73.89 -18.23 3.97
C GLU A 10 72.83 -17.20 4.48
N TYR A 11 71.66 -17.60 4.94
CA TYR A 11 70.69 -16.58 5.41
C TYR A 11 70.61 -16.38 6.92
N SER A 12 71.21 -17.26 7.72
CA SER A 12 71.09 -17.21 9.18
C SER A 12 71.63 -15.91 9.77
N GLN A 13 72.54 -15.25 9.05
CA GLN A 13 73.19 -14.03 9.55
C GLN A 13 72.82 -12.80 8.72
N LYS A 14 71.79 -12.91 7.90
CA LYS A 14 71.49 -11.91 6.90
C LYS A 14 70.62 -10.77 7.47
N TYR A 15 69.95 -11.02 8.59
CA TYR A 15 68.88 -10.11 9.05
C TYR A 15 69.22 -9.49 10.39
N GLU A 16 69.37 -8.17 10.42
CA GLU A 16 69.80 -7.50 11.65
C GLU A 16 68.75 -7.52 12.75
N ASN A 17 67.46 -7.65 12.39
CA ASN A 17 66.40 -7.72 13.41
C ASN A 17 65.86 -9.14 13.66
N ILE A 18 66.50 -10.14 13.06
CA ILE A 18 66.05 -11.52 13.20
C ILE A 18 67.24 -12.44 13.47
N ARG A 19 67.33 -12.91 14.70
CA ARG A 19 68.27 -13.95 15.07
C ARG A 19 67.68 -15.28 14.65
N LEU A 20 68.51 -16.14 14.07
CA LEU A 20 68.10 -17.44 13.58
C LEU A 20 69.09 -18.48 14.09
N GLU A 21 68.55 -19.47 14.81
CA GLU A 21 69.31 -20.55 15.41
C GLU A 21 68.57 -21.85 15.13
N ARG A 22 69.28 -22.89 14.74
CA ARG A 22 68.64 -24.15 14.43
C ARG A 22 69.36 -25.32 15.08
N ASP A 23 68.57 -26.18 15.71
CA ASP A 23 69.09 -27.35 16.35
C ASP A 23 68.18 -28.53 16.09
N GLY A 24 68.74 -29.59 15.54
CA GLY A 24 67.94 -30.79 15.24
C GLY A 24 66.79 -30.51 14.29
N GLY A 25 66.97 -29.56 13.38
CA GLY A 25 65.93 -29.13 12.46
C GLY A 25 64.90 -28.15 13.02
N VAL A 26 64.96 -27.87 14.31
CA VAL A 26 64.05 -26.89 14.90
C VAL A 26 64.66 -25.50 14.76
N LEU A 27 64.01 -24.64 14.00
CA LEU A 27 64.48 -23.29 13.75
C LEU A 27 63.84 -22.33 14.74
N LEU A 28 64.66 -21.66 15.53
CA LEU A 28 64.22 -20.62 16.43
C LEU A 28 64.48 -19.24 15.81
N VAL A 29 63.40 -18.52 15.60
CA VAL A 29 63.43 -17.21 14.98
C VAL A 29 63.14 -16.23 16.10
N THR A 30 64.10 -15.39 16.44
CA THR A 30 63.94 -14.40 17.48
C THR A 30 64.04 -12.99 16.94
N VAL A 31 62.96 -12.24 17.03
CA VAL A 31 62.95 -10.88 16.58
C VAL A 31 63.47 -9.95 17.69
N HIS A 32 64.27 -8.97 17.30
CA HIS A 32 64.96 -8.10 18.27
C HIS A 32 65.48 -6.84 17.61
N THR A 33 65.75 -5.84 18.44
CA THR A 33 66.44 -4.64 17.99
C THR A 33 67.69 -4.53 18.90
N GLU A 34 68.85 -4.84 18.32
CA GLU A 34 70.12 -4.86 19.05
C GLU A 34 70.04 -5.68 20.33
N GLY A 35 69.49 -6.86 20.28
CA GLY A 35 69.35 -7.70 21.44
C GLY A 35 68.33 -7.29 22.48
N LYS A 36 67.58 -6.19 22.24
CA LYS A 36 66.48 -5.79 23.09
C LYS A 36 65.15 -6.09 22.35
N SER A 37 64.04 -5.88 22.99
CA SER A 37 62.75 -6.16 22.33
C SER A 37 62.62 -5.42 21.02
N LEU A 38 62.02 -6.09 20.03
CA LEU A 38 61.86 -5.52 18.72
C LEU A 38 61.14 -4.17 18.69
N VAL A 39 61.75 -3.23 17.99
CA VAL A 39 61.08 -1.97 17.64
C VAL A 39 60.68 -2.09 16.16
N TRP A 40 59.38 -1.92 15.92
CA TRP A 40 58.83 -2.15 14.59
C TRP A 40 59.28 -1.01 13.63
N THR A 41 59.88 -1.40 12.52
CA THR A 41 60.34 -0.48 11.50
C THR A 41 60.10 -1.04 10.12
N SER A 42 60.30 -0.18 9.12
CA SER A 42 60.32 -0.59 7.73
C SER A 42 61.32 -1.72 7.51
N THR A 43 62.53 -1.59 8.09
CA THR A 43 63.54 -2.64 7.98
C THR A 43 63.05 -4.00 8.56
N ALA A 44 62.51 -3.96 9.75
CA ALA A 44 62.07 -5.21 10.39
C ALA A 44 60.98 -5.87 9.55
N HIS A 45 60.07 -5.05 9.07
CA HIS A 45 58.96 -5.51 8.21
C HIS A 45 59.50 -6.19 6.97
N ASP A 46 60.42 -5.55 6.26
CA ASP A 46 60.92 -6.10 5.01
C ASP A 46 61.83 -7.30 5.28
N GLU A 47 62.65 -7.23 6.35
CA GLU A 47 63.47 -8.39 6.70
C GLU A 47 62.59 -9.62 6.93
N LEU A 48 61.48 -9.45 7.65
CA LEU A 48 60.63 -10.61 7.91
C LEU A 48 60.09 -11.23 6.64
N ALA A 49 59.73 -10.41 5.68
CA ALA A 49 59.24 -10.90 4.41
C ALA A 49 60.30 -11.75 3.68
N TYR A 50 61.52 -11.24 3.60
CA TYR A 50 62.61 -11.95 2.95
C TYR A 50 62.95 -13.19 3.75
N CYS A 51 63.01 -13.05 5.06
CA CYS A 51 63.37 -14.16 5.92
C CYS A 51 62.35 -15.29 5.83
N PHE A 52 61.05 -14.97 5.83
CA PHE A 52 60.06 -16.05 5.68
C PHE A 52 60.19 -16.78 4.34
N HIS A 53 60.57 -16.07 3.28
CA HIS A 53 60.88 -16.71 2.04
C HIS A 53 62.04 -17.73 2.20
N ASP A 54 63.15 -17.28 2.75
CA ASP A 54 64.29 -18.19 2.95
C ASP A 54 63.91 -19.40 3.77
N ILE A 55 63.14 -19.20 4.84
CA ILE A 55 62.74 -20.29 5.72
C ILE A 55 61.87 -21.30 4.95
N ALA A 56 60.91 -20.79 4.20
CA ALA A 56 59.99 -21.63 3.42
C ALA A 56 60.70 -22.54 2.44
N CYS A 57 61.75 -22.01 1.79
CA CYS A 57 62.45 -22.68 0.73
C CYS A 57 63.58 -23.61 1.23
N ASP A 58 63.86 -23.59 2.53
CA ASP A 58 64.93 -24.40 3.12
C ASP A 58 64.31 -25.63 3.77
N ARG A 59 64.43 -26.77 3.09
CA ARG A 59 63.85 -28.04 3.52
C ARG A 59 64.45 -28.63 4.79
N GLU A 60 65.59 -28.09 5.25
CA GLU A 60 66.17 -28.53 6.50
C GLU A 60 65.46 -27.94 7.73
N ASN A 61 64.62 -26.94 7.52
CA ASN A 61 63.74 -26.50 8.63
C ASN A 61 62.65 -27.56 8.82
N LYS A 62 62.60 -28.19 9.99
CA LYS A 62 61.57 -29.19 10.27
C LYS A 62 60.36 -28.58 10.98
N VAL A 63 60.58 -27.56 11.79
CA VAL A 63 59.53 -26.85 12.57
C VAL A 63 60.10 -25.47 12.87
N VAL A 64 59.21 -24.48 12.99
CA VAL A 64 59.61 -23.12 13.27
C VAL A 64 59.00 -22.62 14.56
N ILE A 65 59.85 -21.98 15.40
CA ILE A 65 59.42 -21.29 16.59
C ILE A 65 59.66 -19.79 16.37
N LEU A 66 58.62 -18.98 16.54
CA LEU A 66 58.74 -17.54 16.40
C LEU A 66 58.62 -16.94 17.78
N THR A 67 59.58 -16.11 18.16
CA THR A 67 59.54 -15.50 19.45
C THR A 67 60.25 -14.14 19.39
N GLY A 68 60.13 -13.40 20.48
CA GLY A 68 60.80 -12.14 20.67
C GLY A 68 61.81 -12.26 21.83
N THR A 69 62.29 -11.12 22.31
CA THR A 69 63.20 -11.11 23.43
C THR A 69 62.92 -9.97 24.38
N GLY A 70 63.38 -10.12 25.63
CA GLY A 70 63.15 -9.12 26.63
C GLY A 70 61.68 -9.09 27.06
N PRO A 71 61.25 -7.99 27.64
CA PRO A 71 59.90 -7.93 28.23
C PRO A 71 58.75 -7.90 27.19
N SER A 72 59.02 -7.43 25.98
CA SER A 72 57.99 -7.34 24.93
C SER A 72 58.33 -8.17 23.70
N PHE A 73 57.27 -8.66 23.00
CA PHE A 73 57.47 -9.30 21.69
C PHE A 73 57.74 -8.20 20.66
N CYS A 74 56.84 -7.22 20.59
CA CYS A 74 57.03 -5.98 19.87
C CYS A 74 55.98 -4.96 20.30
N ASN A 75 56.37 -3.98 21.11
CA ASN A 75 55.42 -2.98 21.58
C ASN A 75 55.90 -1.55 21.44
N GLU A 76 56.76 -1.35 20.46
CA GLU A 76 57.22 -0.03 20.09
C GLU A 76 57.35 0.03 18.58
N ILE A 77 57.03 1.20 17.98
CA ILE A 77 57.15 1.42 16.56
C ILE A 77 57.86 2.73 16.24
N ASP A 78 58.63 2.75 15.15
CA ASP A 78 59.21 3.97 14.63
C ASP A 78 58.52 4.31 13.32
N PHE A 79 57.48 5.09 13.41
CA PHE A 79 56.75 5.51 12.22
C PHE A 79 57.62 6.32 11.23
N THR A 80 58.66 6.99 11.72
CA THR A 80 59.53 7.79 10.83
C THR A 80 60.40 6.92 9.92
N SER A 81 60.53 5.62 10.22
CA SER A 81 61.26 4.71 9.35
C SER A 81 60.49 4.36 8.07
N PHE A 82 59.19 4.67 8.05
CA PHE A 82 58.34 4.42 6.88
C PHE A 82 58.05 5.68 6.08
N ASN A 83 57.93 5.53 4.77
CA ASN A 83 57.49 6.60 3.86
C ASN A 83 56.03 6.36 3.45
N LEU A 84 55.11 7.20 3.95
CA LEU A 84 53.68 6.98 3.87
C LEU A 84 52.92 8.04 3.08
N GLY A 85 53.65 8.85 2.33
CA GLY A 85 53.10 10.05 1.75
C GLY A 85 52.57 9.98 0.33
N THR A 86 53.05 9.03 -0.46
CA THR A 86 52.73 8.97 -1.88
C THR A 86 52.39 7.56 -2.31
N PRO A 87 51.67 7.41 -3.41
CA PRO A 87 51.34 6.08 -3.93
C PRO A 87 52.58 5.25 -4.25
N HIS A 88 53.62 5.84 -4.83
CA HIS A 88 54.73 5.00 -5.22
C HIS A 88 55.49 4.51 -3.97
N ASP A 89 55.52 5.32 -2.91
CA ASP A 89 56.05 4.87 -1.62
C ASP A 89 55.20 3.76 -1.02
N TRP A 90 53.89 3.92 -1.11
CA TRP A 90 52.98 2.91 -0.60
C TRP A 90 53.08 1.64 -1.41
N ASP A 91 53.39 1.71 -2.71
CA ASP A 91 53.47 0.46 -3.48
C ASP A 91 54.60 -0.44 -2.97
N GLU A 92 55.70 0.17 -2.52
CA GLU A 92 56.77 -0.64 -1.94
C GLU A 92 56.29 -1.35 -0.68
N ILE A 93 55.48 -0.65 0.11
CA ILE A 93 54.91 -1.23 1.32
C ILE A 93 53.91 -2.32 1.00
N ILE A 94 53.05 -2.07 0.01
CA ILE A 94 52.01 -3.03 -0.37
C ILE A 94 52.68 -4.32 -0.89
N PHE A 95 53.67 -4.14 -1.75
CA PHE A 95 54.35 -5.29 -2.37
C PHE A 95 55.04 -6.14 -1.31
N GLU A 96 55.75 -5.50 -0.38
CA GLU A 96 56.45 -6.27 0.68
C GLU A 96 55.48 -6.75 1.77
N GLY A 97 54.38 -6.02 1.97
CA GLY A 97 53.33 -6.42 2.92
C GLY A 97 52.59 -7.67 2.45
N GLN A 98 52.35 -7.77 1.15
CA GLN A 98 51.83 -9.01 0.55
C GLN A 98 52.86 -10.11 0.74
N ARG A 99 54.13 -9.83 0.43
CA ARG A 99 55.17 -10.85 0.57
C ARG A 99 55.31 -11.32 2.01
N LEU A 100 55.17 -10.43 2.97
CA LEU A 100 55.33 -10.77 4.38
C LEU A 100 54.35 -11.86 4.79
N LEU A 101 53.09 -11.64 4.52
CA LEU A 101 52.09 -12.62 4.96
C LEU A 101 52.00 -13.86 4.05
N ASN A 102 52.12 -13.68 2.75
CA ASN A 102 52.10 -14.79 1.82
C ASN A 102 53.36 -15.70 1.98
N ASN A 103 54.51 -15.10 2.22
CA ASN A 103 55.71 -15.92 2.46
C ASN A 103 55.54 -16.69 3.75
N LEU A 104 54.96 -16.07 4.77
CA LEU A 104 54.69 -16.78 6.02
C LEU A 104 53.83 -18.00 5.74
N LEU A 105 52.74 -17.78 5.00
CA LEU A 105 51.81 -18.87 4.72
C LEU A 105 52.40 -19.92 3.77
N SER A 106 53.48 -19.57 3.06
CA SER A 106 54.13 -20.51 2.18
C SER A 106 55.07 -21.47 2.91
N ILE A 107 55.36 -21.17 4.16
CA ILE A 107 56.14 -22.10 4.98
C ILE A 107 55.34 -23.39 5.13
N GLU A 108 55.93 -24.52 4.73
CA GLU A 108 55.25 -25.80 4.75
C GLU A 108 55.78 -26.76 5.87
N VAL A 109 56.12 -26.16 7.01
CA VAL A 109 56.26 -26.89 8.26
C VAL A 109 55.43 -26.18 9.33
N PRO A 110 55.05 -26.87 10.40
CA PRO A 110 54.34 -26.24 11.51
C PRO A 110 55.10 -25.10 12.12
N VAL A 111 54.34 -24.06 12.46
CA VAL A 111 54.88 -22.86 13.07
C VAL A 111 54.29 -22.69 14.47
N ILE A 112 55.17 -22.52 15.45
CA ILE A 112 54.80 -22.31 16.85
C ILE A 112 55.18 -20.89 17.23
N ALA A 113 54.23 -20.14 17.77
CA ALA A 113 54.54 -18.81 18.32
C ALA A 113 54.77 -18.93 19.81
N ALA A 114 55.78 -18.20 20.30
CA ALA A 114 56.04 -18.07 21.73
C ALA A 114 56.08 -16.57 22.07
N VAL A 115 54.93 -16.05 22.47
CA VAL A 115 54.74 -14.63 22.66
C VAL A 115 55.21 -14.25 24.07
N ASN A 116 56.39 -13.67 24.15
CA ASN A 116 57.10 -13.45 25.41
C ASN A 116 56.66 -12.20 26.18
N GLY A 117 55.84 -11.35 25.56
CA GLY A 117 55.27 -10.19 26.23
C GLY A 117 54.38 -9.44 25.28
N PRO A 118 54.04 -8.18 25.59
CA PRO A 118 53.20 -7.38 24.68
C PRO A 118 53.58 -7.36 23.23
N VAL A 119 52.56 -7.54 22.38
CA VAL A 119 52.73 -7.31 20.94
C VAL A 119 51.62 -6.36 20.47
N THR A 120 52.02 -5.15 20.10
CA THR A 120 51.09 -4.12 19.65
C THR A 120 51.39 -3.71 18.21
N ASN A 121 52.42 -4.28 17.60
CA ASN A 121 52.74 -4.10 16.19
C ASN A 121 52.89 -5.47 15.59
N ALA A 122 52.23 -5.65 14.44
CA ALA A 122 52.17 -6.90 13.72
C ALA A 122 51.75 -8.12 14.58
N PRO A 123 50.77 -7.98 15.49
CA PRO A 123 50.38 -9.12 16.30
C PRO A 123 49.76 -10.23 15.47
N GLU A 124 49.34 -9.90 14.24
CA GLU A 124 48.76 -10.93 13.38
C GLU A 124 49.81 -12.01 13.03
N ILE A 125 51.10 -11.64 13.01
CA ILE A 125 52.14 -12.62 12.67
C ILE A 125 52.21 -13.79 13.64
N PRO A 126 52.40 -13.59 14.95
CA PRO A 126 52.38 -14.77 15.82
C PRO A 126 51.01 -15.49 15.86
N VAL A 127 49.89 -14.79 15.73
CA VAL A 127 48.60 -15.48 15.88
C VAL A 127 48.22 -16.27 14.61
N MET A 128 48.93 -16.07 13.51
CA MET A 128 48.80 -16.92 12.32
C MET A 128 49.42 -18.32 12.50
N SER A 129 50.18 -18.50 13.57
CA SER A 129 50.90 -19.75 13.81
C SER A 129 49.91 -20.91 14.11
N ASP A 130 50.36 -22.14 13.89
CA ASP A 130 49.55 -23.35 14.14
C ASP A 130 49.34 -23.63 15.60
N ILE A 131 50.31 -23.20 16.42
CA ILE A 131 50.27 -23.34 17.84
C ILE A 131 50.72 -22.01 18.40
N VAL A 132 49.93 -21.44 19.30
CA VAL A 132 50.22 -20.12 19.88
C VAL A 132 50.35 -20.27 21.38
N LEU A 133 51.56 -20.02 21.84
CA LEU A 133 51.89 -20.01 23.26
C LEU A 133 52.18 -18.57 23.71
N ALA A 134 51.66 -18.23 24.88
CA ALA A 134 51.80 -16.87 25.40
C ALA A 134 52.31 -16.92 26.85
N ALA A 135 53.28 -16.08 27.16
CA ALA A 135 53.65 -15.77 28.54
C ALA A 135 52.48 -15.09 29.23
N GLU A 136 52.43 -15.19 30.55
CA GLU A 136 51.41 -14.54 31.38
C GLU A 136 51.32 -13.04 31.07
N SER A 137 52.45 -12.41 30.73
CA SER A 137 52.58 -10.99 30.47
C SER A 137 52.21 -10.61 29.02
N ALA A 138 51.95 -11.57 28.17
CA ALA A 138 51.64 -11.26 26.78
C ALA A 138 50.34 -10.49 26.63
N THR A 139 50.32 -9.53 25.71
CA THR A 139 49.11 -8.83 25.35
C THR A 139 49.09 -8.67 23.84
N PHE A 140 47.91 -8.43 23.29
CA PHE A 140 47.75 -8.32 21.86
C PHE A 140 46.89 -7.10 21.56
N GLN A 141 47.38 -6.23 20.69
CA GLN A 141 46.61 -5.03 20.29
C GLN A 141 47.04 -4.67 18.89
N ASP A 142 46.08 -4.20 18.08
CA ASP A 142 46.41 -3.68 16.77
C ASP A 142 46.81 -2.19 16.86
N GLY A 143 48.03 -1.96 17.30
CA GLY A 143 48.44 -0.62 17.69
C GLY A 143 48.50 0.43 16.58
N PRO A 144 49.18 0.14 15.48
CA PRO A 144 49.54 1.21 14.53
C PRO A 144 48.51 1.46 13.44
N HIS A 145 47.34 0.82 13.53
CA HIS A 145 46.32 1.07 12.55
C HIS A 145 45.25 2.03 13.09
N PHE A 146 44.05 1.57 13.41
CA PHE A 146 42.96 2.52 13.68
C PHE A 146 43.23 3.53 14.84
N PRO A 147 43.97 3.15 15.90
CA PRO A 147 44.37 4.13 16.93
C PRO A 147 45.20 5.27 16.40
N SER A 148 45.98 5.04 15.33
CA SER A 148 46.71 6.11 14.63
C SER A 148 45.99 6.70 13.42
N GLY A 149 44.71 6.39 13.24
CA GLY A 149 43.96 6.94 12.11
C GLY A 149 44.34 6.28 10.77
N ILE A 150 44.82 5.04 10.86
CA ILE A 150 45.21 4.22 9.70
C ILE A 150 44.31 2.98 9.59
N VAL A 151 43.87 2.69 8.38
CA VAL A 151 43.01 1.55 8.12
C VAL A 151 43.73 0.23 8.49
N PRO A 152 43.10 -0.69 9.19
CA PRO A 152 43.74 -1.98 9.49
C PRO A 152 43.71 -2.92 8.26
N GLY A 153 44.30 -2.48 7.15
CA GLY A 153 44.09 -3.10 5.86
C GLY A 153 45.24 -4.01 5.41
N ASP A 154 46.15 -4.33 6.32
CA ASP A 154 47.41 -4.94 5.93
C ASP A 154 47.43 -6.45 6.21
N GLY A 155 46.24 -7.01 6.40
CA GLY A 155 46.11 -8.40 6.83
C GLY A 155 45.50 -8.51 8.23
N ALA A 156 45.64 -7.46 9.04
CA ALA A 156 44.92 -7.37 10.28
C ALA A 156 43.43 -7.67 10.01
N HIS A 157 42.90 -7.08 8.95
CA HIS A 157 41.46 -7.19 8.63
C HIS A 157 41.05 -8.61 8.25
N VAL A 158 42.02 -9.41 7.81
CA VAL A 158 41.77 -10.82 7.47
C VAL A 158 41.91 -11.69 8.71
N VAL A 159 43.05 -11.57 9.38
CA VAL A 159 43.40 -12.47 10.46
C VAL A 159 42.52 -12.34 11.70
N TRP A 160 42.28 -11.12 12.17
CA TRP A 160 41.58 -11.00 13.45
C TRP A 160 40.12 -11.49 13.35
N PRO A 161 39.32 -11.12 12.36
CA PRO A 161 37.99 -11.74 12.23
C PRO A 161 38.07 -13.25 12.02
N HIS A 162 39.11 -13.72 11.36
CA HIS A 162 39.28 -15.15 11.11
C HIS A 162 39.55 -15.91 12.38
N VAL A 163 40.41 -15.40 13.24
CA VAL A 163 40.80 -16.07 14.47
C VAL A 163 39.81 -15.82 15.62
N LEU A 164 39.37 -14.60 15.81
CA LEU A 164 38.50 -14.28 16.95
C LEU A 164 37.01 -14.49 16.69
N GLY A 165 36.65 -14.51 15.43
CA GLY A 165 35.27 -14.44 14.99
C GLY A 165 34.91 -13.06 14.52
N SER A 166 33.81 -13.00 13.80
CA SER A 166 33.39 -11.82 13.13
C SER A 166 33.25 -10.58 14.04
N ASN A 167 32.53 -10.73 15.14
CA ASN A 167 32.22 -9.60 15.96
C ASN A 167 33.38 -9.22 16.88
N ARG A 168 34.03 -10.22 17.47
CA ARG A 168 35.18 -9.93 18.27
C ARG A 168 36.29 -9.36 17.44
N GLY A 169 36.46 -9.85 16.21
CA GLY A 169 37.51 -9.37 15.34
C GLY A 169 37.33 -7.90 14.94
N ARG A 170 36.11 -7.55 14.53
CA ARG A 170 35.84 -6.20 14.08
C ARG A 170 35.95 -5.24 15.27
N TYR A 171 35.43 -5.62 16.41
CA TYR A 171 35.45 -4.77 17.61
C TYR A 171 36.92 -4.53 18.06
N PHE A 172 37.70 -5.61 18.03
CA PHE A 172 39.11 -5.56 18.39
C PHE A 172 39.85 -4.55 17.54
N LEU A 173 39.55 -4.52 16.27
CA LEU A 173 40.23 -3.61 15.34
C LEU A 173 39.74 -2.16 15.38
N LEU A 174 38.50 -1.95 15.77
CA LEU A 174 37.92 -0.60 15.75
C LEU A 174 38.01 0.16 17.06
N THR A 175 38.23 -0.49 18.21
CA THR A 175 38.12 0.17 19.50
C THR A 175 39.42 0.23 20.30
N GLY A 176 40.50 -0.22 19.68
CA GLY A 176 41.80 -0.19 20.35
C GLY A 176 41.98 -1.23 21.42
N GLN A 177 41.17 -2.27 21.38
CA GLN A 177 41.16 -3.28 22.41
C GLN A 177 42.54 -3.92 22.56
N GLU A 178 42.92 -4.12 23.82
CA GLU A 178 44.11 -4.85 24.15
C GLU A 178 43.69 -6.13 24.87
N LEU A 179 44.04 -7.29 24.30
CA LEU A 179 43.73 -8.58 24.92
C LEU A 179 44.89 -8.98 25.84
N ASP A 180 44.58 -9.29 27.08
CA ASP A 180 45.61 -9.87 27.95
C ASP A 180 45.73 -11.36 27.59
N ALA A 181 46.65 -12.07 28.22
CA ALA A 181 46.93 -13.46 27.82
C ALA A 181 45.71 -14.35 28.03
N ARG A 182 45.04 -14.17 29.15
CA ARG A 182 43.95 -15.07 29.51
C ARG A 182 42.69 -14.81 28.68
N THR A 183 42.50 -13.57 28.29
CA THR A 183 41.42 -13.20 27.33
C THR A 183 41.72 -13.78 25.95
N ALA A 184 42.96 -13.63 25.48
CA ALA A 184 43.35 -14.23 24.19
C ALA A 184 43.15 -15.74 24.22
N LEU A 185 43.46 -16.36 25.35
CA LEU A 185 43.21 -17.78 25.53
C LEU A 185 41.70 -18.11 25.43
N ASP A 186 40.90 -17.36 26.18
CA ASP A 186 39.44 -17.52 26.14
C ASP A 186 38.85 -17.31 24.73
N TYR A 187 39.41 -16.37 23.98
CA TYR A 187 38.90 -16.07 22.63
C TYR A 187 39.36 -17.09 21.58
N GLY A 188 40.34 -17.88 21.95
CA GLY A 188 40.86 -18.95 21.14
C GLY A 188 42.02 -18.51 20.22
N ALA A 189 42.58 -17.33 20.44
CA ALA A 189 43.74 -16.86 19.69
C ALA A 189 45.02 -17.51 20.21
N VAL A 190 45.03 -17.79 21.50
CA VAL A 190 46.15 -18.42 22.19
C VAL A 190 45.71 -19.81 22.63
N ASN A 191 46.65 -20.77 22.56
CA ASN A 191 46.42 -22.13 22.99
C ASN A 191 46.87 -22.47 24.43
N GLU A 192 47.99 -21.88 24.87
CA GLU A 192 48.48 -22.07 26.22
C GLU A 192 49.06 -20.77 26.78
N VAL A 193 48.80 -20.52 28.04
CA VAL A 193 49.40 -19.42 28.75
C VAL A 193 50.35 -20.04 29.77
N LEU A 194 51.59 -19.60 29.71
CA LEU A 194 52.67 -20.13 30.54
C LEU A 194 53.40 -19.01 31.29
N SER A 195 54.10 -19.34 32.35
CA SER A 195 54.99 -18.38 33.00
C SER A 195 56.10 -18.01 32.02
N GLU A 196 56.75 -16.87 32.25
CA GLU A 196 57.81 -16.43 31.37
C GLU A 196 58.93 -17.46 31.28
N GLN A 197 59.24 -18.11 32.38
CA GLN A 197 60.36 -19.05 32.38
C GLN A 197 59.98 -20.36 31.66
N GLU A 198 58.70 -20.71 31.69
CA GLU A 198 58.21 -21.96 31.07
C GLU A 198 58.02 -21.81 29.57
N LEU A 199 57.90 -20.58 29.08
CA LEU A 199 57.44 -20.37 27.71
C LEU A 199 58.31 -21.05 26.65
N LEU A 200 59.57 -20.64 26.57
CA LEU A 200 60.46 -21.20 25.57
C LEU A 200 60.74 -22.69 25.72
N PRO A 201 60.97 -23.18 26.94
CA PRO A 201 61.02 -24.63 27.15
C PRO A 201 59.79 -25.37 26.60
N ARG A 202 58.60 -24.81 26.77
CA ARG A 202 57.40 -25.45 26.24
C ARG A 202 57.41 -25.41 24.72
N ALA A 203 57.81 -24.28 24.13
CA ALA A 203 57.91 -24.18 22.69
C ALA A 203 58.87 -25.23 22.13
N TRP A 204 60.00 -25.43 22.80
CA TRP A 204 60.98 -26.43 22.39
C TRP A 204 60.45 -27.88 22.55
N GLU A 205 59.75 -28.12 23.63
CA GLU A 205 59.17 -29.42 23.88
C GLU A 205 58.24 -29.81 22.75
N LEU A 206 57.27 -28.95 22.45
CA LEU A 206 56.32 -29.16 21.36
C LEU A 206 57.04 -29.29 20.01
N ALA A 207 57.98 -28.39 19.74
CA ALA A 207 58.70 -28.42 18.49
C ALA A 207 59.48 -29.72 18.29
N ARG A 208 60.20 -30.17 19.34
CA ARG A 208 60.94 -31.42 19.24
C ARG A 208 60.04 -32.60 18.94
N GLY A 209 58.88 -32.67 19.59
CA GLY A 209 57.94 -33.76 19.38
C GLY A 209 57.42 -33.77 17.95
N ILE A 210 57.15 -32.59 17.40
CA ILE A 210 56.69 -32.47 16.04
C ILE A 210 57.80 -32.84 15.03
N ALA A 211 59.01 -32.43 15.35
CA ALA A 211 60.15 -32.65 14.48
C ALA A 211 60.47 -34.16 14.35
N GLU A 212 60.09 -34.93 15.35
CA GLU A 212 60.30 -36.39 15.33
C GLU A 212 59.26 -37.10 14.42
N LYS A 213 58.18 -36.42 14.06
CA LYS A 213 57.16 -37.02 13.21
C LYS A 213 57.72 -37.21 11.79
N PRO A 214 57.10 -38.10 11.00
CA PRO A 214 57.64 -38.40 9.67
C PRO A 214 57.68 -37.17 8.77
N LEU A 215 58.71 -37.06 7.94
CA LEU A 215 58.92 -35.89 7.09
C LEU A 215 57.62 -35.38 6.40
N LEU A 216 57.00 -36.20 5.57
CA LEU A 216 55.85 -35.70 4.83
C LEU A 216 54.66 -35.49 5.71
N ALA A 217 54.50 -36.28 6.75
CA ALA A 217 53.34 -36.09 7.62
C ALA A 217 53.37 -34.72 8.28
N ARG A 218 54.56 -34.31 8.68
CA ARG A 218 54.79 -33.04 9.31
C ARG A 218 54.55 -31.90 8.33
N ARG A 219 55.11 -32.00 7.15
CA ARG A 219 54.98 -30.93 6.16
C ARG A 219 53.53 -30.81 5.64
N TYR A 220 52.90 -31.95 5.37
CA TYR A 220 51.54 -31.91 4.83
C TYR A 220 50.49 -31.57 5.90
N ALA A 221 50.78 -31.85 7.16
CA ALA A 221 49.89 -31.42 8.24
C ALA A 221 49.78 -29.88 8.17
N ARG A 222 50.91 -29.23 8.04
CA ARG A 222 50.89 -27.78 7.90
C ARG A 222 50.12 -27.37 6.67
N LYS A 223 50.42 -28.01 5.55
CA LYS A 223 49.83 -27.64 4.27
C LYS A 223 48.31 -27.79 4.27
N VAL A 224 47.79 -28.86 4.83
CA VAL A 224 46.33 -29.09 4.75
C VAL A 224 45.57 -28.15 5.73
N LEU A 225 46.30 -27.61 6.71
CA LEU A 225 45.70 -26.79 7.76
C LEU A 225 45.70 -25.31 7.45
N THR A 226 46.44 -24.90 6.44
CA THR A 226 46.48 -23.50 6.10
C THR A 226 45.58 -23.12 4.92
N ARG A 227 44.75 -24.03 4.45
CA ARG A 227 43.92 -23.78 3.29
C ARG A 227 42.98 -22.56 3.45
N GLN A 228 42.23 -22.49 4.50
CA GLN A 228 41.21 -21.41 4.61
C GLN A 228 41.86 -20.04 4.77
N LEU A 229 42.93 -19.98 5.56
CA LEU A 229 43.61 -18.70 5.73
C LEU A 229 44.21 -18.23 4.43
N ARG A 230 44.82 -19.13 3.65
CA ARG A 230 45.34 -18.76 2.35
C ARG A 230 44.23 -18.28 1.39
N ARG A 231 43.06 -18.90 1.45
CA ARG A 231 41.95 -18.53 0.57
C ARG A 231 41.49 -17.12 0.87
N VAL A 232 41.23 -16.84 2.14
CA VAL A 232 40.78 -15.50 2.53
C VAL A 232 41.85 -14.44 2.35
N MET A 233 43.10 -14.76 2.64
CA MET A 233 44.17 -13.81 2.37
C MET A 233 44.28 -13.44 0.89
N GLU A 234 44.20 -14.43 -0.02
CA GLU A 234 44.26 -14.10 -1.42
C GLU A 234 43.03 -13.24 -1.83
N ALA A 235 41.87 -13.57 -1.27
CA ALA A 235 40.66 -12.80 -1.61
C ALA A 235 40.75 -11.34 -1.19
N ASP A 236 41.29 -11.08 0.00
CA ASP A 236 41.06 -9.80 0.69
C ASP A 236 42.28 -8.94 1.01
N LEU A 237 43.50 -9.50 0.98
CA LEU A 237 44.67 -8.75 1.45
C LEU A 237 44.98 -7.51 0.60
N SER A 238 45.17 -7.70 -0.70
CA SER A 238 45.51 -6.62 -1.59
C SER A 238 44.46 -5.51 -1.59
N LEU A 239 43.20 -5.91 -1.49
CA LEU A 239 42.11 -4.94 -1.37
C LEU A 239 42.33 -4.03 -0.16
N GLY A 240 42.66 -4.66 0.96
CA GLY A 240 42.90 -3.93 2.19
C GLY A 240 44.04 -2.95 2.07
N LEU A 241 45.15 -3.40 1.49
CA LEU A 241 46.36 -2.64 1.42
C LEU A 241 46.19 -1.41 0.54
N ALA A 242 45.49 -1.57 -0.56
CA ALA A 242 45.28 -0.47 -1.45
C ALA A 242 44.36 0.57 -0.82
N HIS A 243 43.30 0.14 -0.14
CA HIS A 243 42.42 1.07 0.58
C HIS A 243 43.16 1.78 1.70
N GLU A 244 43.96 1.03 2.46
CA GLU A 244 44.76 1.60 3.52
C GLU A 244 45.70 2.68 2.99
N ALA A 245 46.37 2.39 1.89
CA ALA A 245 47.31 3.34 1.27
C ALA A 245 46.56 4.61 0.83
N LEU A 246 45.41 4.46 0.18
CA LEU A 246 44.63 5.61 -0.23
C LEU A 246 44.25 6.52 0.94
N ALA A 247 43.74 5.93 2.01
CA ALA A 247 43.34 6.67 3.19
C ALA A 247 44.53 7.40 3.83
N ALA A 248 45.69 6.74 3.87
CA ALA A 248 46.87 7.27 4.49
C ALA A 248 47.44 8.45 3.71
N ILE A 249 47.41 8.34 2.39
CA ILE A 249 47.85 9.43 1.53
C ILE A 249 46.92 10.65 1.71
N ASP A 250 45.63 10.42 1.97
CA ASP A 250 44.69 11.51 2.18
C ASP A 250 45.07 12.37 3.39
N LEU A 251 45.68 11.74 4.39
CA LEU A 251 46.16 12.44 5.59
C LEU A 251 47.03 13.67 5.28
N GLY A 252 47.97 13.56 4.34
CA GLY A 252 48.79 14.68 3.88
C GLY A 252 48.35 15.28 2.53
N LEU B 4 22.03 14.40 -6.03
CA LEU B 4 21.10 13.28 -6.42
C LEU B 4 20.71 12.35 -5.23
N ALA B 5 21.67 12.17 -4.33
CA ALA B 5 21.36 11.43 -3.12
C ALA B 5 20.34 12.21 -2.28
N THR B 6 19.42 11.49 -1.68
CA THR B 6 18.44 12.09 -0.79
C THR B 6 19.19 12.64 0.46
N PRO B 7 19.07 13.94 0.74
CA PRO B 7 19.78 14.50 1.89
C PRO B 7 19.04 14.14 3.18
N PHE B 8 19.75 14.20 4.30
CA PHE B 8 19.26 13.82 5.58
C PHE B 8 17.96 14.57 5.92
N GLN B 9 17.88 15.85 5.57
CA GLN B 9 16.68 16.62 5.90
C GLN B 9 15.42 15.98 5.29
N GLU B 10 15.55 15.38 4.12
CA GLU B 10 14.39 14.73 3.52
C GLU B 10 14.13 13.33 4.09
N TYR B 11 15.15 12.48 4.23
CA TYR B 11 14.84 11.10 4.66
C TYR B 11 14.66 10.93 6.17
N SER B 12 15.15 11.87 6.96
CA SER B 12 15.10 11.75 8.40
C SER B 12 13.68 11.69 8.92
N GLN B 13 12.75 12.15 8.12
CA GLN B 13 11.36 12.25 8.52
C GLN B 13 10.43 11.34 7.71
N LYS B 14 10.99 10.38 6.99
CA LYS B 14 10.25 9.58 6.01
C LYS B 14 9.66 8.30 6.61
N TYR B 15 10.24 7.81 7.71
CA TYR B 15 10.00 6.44 8.15
C TYR B 15 9.31 6.40 9.51
N GLU B 16 8.09 5.88 9.55
CA GLU B 16 7.28 5.89 10.77
C GLU B 16 7.81 5.02 11.91
N ASN B 17 8.64 4.02 11.59
CA ASN B 17 9.21 3.14 12.62
C ASN B 17 10.71 3.38 12.87
N ILE B 18 11.24 4.43 12.28
CA ILE B 18 12.65 4.76 12.41
C ILE B 18 12.88 6.24 12.65
N ARG B 19 13.24 6.56 13.88
CA ARG B 19 13.66 7.91 14.21
C ARG B 19 15.13 8.07 13.83
N LEU B 20 15.48 9.22 13.27
CA LEU B 20 16.80 9.48 12.76
C LEU B 20 17.27 10.83 13.22
N GLU B 21 18.33 10.82 14.01
CA GLU B 21 18.86 12.05 14.59
C GLU B 21 20.36 12.04 14.37
N ARG B 22 20.89 13.17 13.97
CA ARG B 22 22.31 13.24 13.68
C ARG B 22 22.95 14.45 14.31
N ASP B 23 24.08 14.22 14.97
CA ASP B 23 24.85 15.27 15.61
C ASP B 23 26.35 15.00 15.35
N GLY B 24 27.01 15.98 14.77
CA GLY B 24 28.42 15.92 14.40
C GLY B 24 28.79 14.70 13.55
N GLY B 25 27.89 14.36 12.65
CA GLY B 25 28.03 13.21 11.77
C GLY B 25 27.68 11.84 12.41
N VAL B 26 27.40 11.79 13.69
CA VAL B 26 26.98 10.58 14.37
C VAL B 26 25.49 10.45 14.15
N LEU B 27 25.10 9.43 13.43
CA LEU B 27 23.69 9.14 13.19
C LEU B 27 23.17 8.15 14.18
N LEU B 28 22.12 8.52 14.92
CA LEU B 28 21.43 7.63 15.80
C LEU B 28 20.13 7.21 15.16
N VAL B 29 20.00 5.90 14.98
CA VAL B 29 18.85 5.26 14.36
C VAL B 29 18.08 4.51 15.44
N THR B 30 16.87 4.98 15.73
CA THR B 30 16.08 4.39 16.79
C THR B 30 14.82 3.81 16.24
N VAL B 31 14.69 2.49 16.35
CA VAL B 31 13.52 1.79 15.85
C VAL B 31 12.44 1.82 16.93
N HIS B 32 11.21 1.98 16.51
CA HIS B 32 10.12 2.17 17.44
C HIS B 32 8.77 2.01 16.73
N THR B 33 7.72 1.73 17.52
CA THR B 33 6.36 1.75 17.05
C THR B 33 5.61 2.76 17.95
N GLU B 34 5.26 3.91 17.37
CA GLU B 34 4.62 4.99 18.10
C GLU B 34 5.37 5.38 19.38
N GLY B 35 6.69 5.55 19.31
CA GLY B 35 7.49 5.80 20.50
C GLY B 35 7.64 4.71 21.57
N LYS B 36 7.06 3.53 21.34
CA LYS B 36 7.21 2.39 22.21
C LYS B 36 8.15 1.39 21.49
N SER B 37 8.51 0.30 22.13
CA SER B 37 9.41 -0.70 21.55
C SER B 37 8.82 -1.19 20.21
N LEU B 38 9.70 -1.41 19.25
CA LEU B 38 9.30 -1.81 17.92
C LEU B 38 8.51 -3.09 17.90
N VAL B 39 7.40 -3.06 17.16
CA VAL B 39 6.61 -4.22 16.82
C VAL B 39 6.94 -4.57 15.36
N TRP B 40 7.47 -5.75 15.13
CA TRP B 40 7.94 -6.13 13.81
C TRP B 40 6.75 -6.31 12.86
N THR B 41 6.80 -5.60 11.76
CA THR B 41 5.77 -5.68 10.69
C THR B 41 6.40 -5.58 9.33
N SER B 42 5.55 -5.83 8.33
CA SER B 42 5.93 -5.61 6.92
C SER B 42 6.44 -4.20 6.66
N THR B 43 5.73 -3.21 7.20
CA THR B 43 6.20 -1.83 7.08
C THR B 43 7.59 -1.60 7.69
N ALA B 44 7.82 -2.11 8.89
CA ALA B 44 9.09 -1.87 9.56
C ALA B 44 10.22 -2.53 8.76
N HIS B 45 9.95 -3.72 8.27
CA HIS B 45 10.89 -4.51 7.47
C HIS B 45 11.28 -3.75 6.21
N ASP B 46 10.28 -3.28 5.48
CA ASP B 46 10.55 -2.58 4.25
C ASP B 46 11.16 -1.19 4.49
N GLU B 47 10.69 -0.49 5.52
CA GLU B 47 11.26 0.82 5.83
C GLU B 47 12.76 0.71 6.14
N LEU B 48 13.14 -0.30 6.90
CA LEU B 48 14.55 -0.46 7.23
C LEU B 48 15.40 -0.66 5.96
N ALA B 49 14.88 -1.43 5.00
CA ALA B 49 15.58 -1.61 3.73
C ALA B 49 15.78 -0.28 2.99
N TYR B 50 14.71 0.53 2.88
CA TYR B 50 14.81 1.81 2.23
C TYR B 50 15.72 2.76 3.01
N CYS B 51 15.57 2.73 4.32
CA CYS B 51 16.33 3.62 5.19
C CYS B 51 17.83 3.28 5.13
N PHE B 52 18.20 2.01 5.15
CA PHE B 52 19.61 1.65 5.08
C PHE B 52 20.22 2.13 3.75
N HIS B 53 19.42 2.13 2.67
CA HIS B 53 19.89 2.66 1.37
C HIS B 53 20.19 4.16 1.52
N ASP B 54 19.24 4.90 2.09
CA ASP B 54 19.42 6.33 2.28
C ASP B 54 20.65 6.64 3.14
N ILE B 55 20.83 5.86 4.21
CA ILE B 55 21.97 6.04 5.09
C ILE B 55 23.28 5.77 4.34
N ALA B 56 23.32 4.70 3.55
CA ALA B 56 24.54 4.33 2.83
C ALA B 56 24.96 5.37 1.81
N CYS B 57 23.96 6.02 1.19
CA CYS B 57 24.20 6.99 0.12
C CYS B 57 24.49 8.37 0.61
N ASP B 58 24.32 8.62 1.89
CA ASP B 58 24.53 9.93 2.47
C ASP B 58 25.88 9.98 3.17
N ARG B 59 26.86 10.61 2.53
CA ARG B 59 28.24 10.73 3.01
C ARG B 59 28.41 11.56 4.29
N GLU B 60 27.39 12.30 4.69
CA GLU B 60 27.49 13.06 5.93
C GLU B 60 27.29 12.19 7.16
N ASN B 61 26.86 10.96 6.98
CA ASN B 61 26.83 10.02 8.11
C ASN B 61 28.28 9.55 8.29
N LYS B 62 28.84 9.81 9.45
CA LYS B 62 30.21 9.41 9.75
C LYS B 62 30.28 8.06 10.44
N VAL B 63 29.25 7.76 11.25
CA VAL B 63 29.17 6.54 12.01
C VAL B 63 27.70 6.37 12.36
N VAL B 64 27.25 5.13 12.48
CA VAL B 64 25.86 4.83 12.74
C VAL B 64 25.71 4.10 14.10
N ILE B 65 24.73 4.50 14.90
CA ILE B 65 24.33 3.78 16.12
C ILE B 65 22.90 3.28 15.83
N LEU B 66 22.68 1.98 15.94
CA LEU B 66 21.36 1.38 15.80
C LEU B 66 20.85 0.96 17.18
N THR B 67 19.67 1.42 17.55
CA THR B 67 19.14 1.08 18.86
C THR B 67 17.64 1.02 18.77
N GLY B 68 17.04 0.57 19.87
CA GLY B 68 15.59 0.55 20.01
C GLY B 68 15.15 1.51 21.11
N THR B 69 13.91 1.36 21.55
CA THR B 69 13.38 2.20 22.62
C THR B 69 12.52 1.38 23.56
N GLY B 70 12.41 1.84 24.80
CA GLY B 70 11.59 1.15 25.80
C GLY B 70 12.31 -0.11 26.31
N PRO B 71 11.58 -1.05 26.87
CA PRO B 71 12.20 -2.21 27.49
C PRO B 71 12.75 -3.27 26.50
N SER B 72 12.27 -3.26 25.26
CA SER B 72 12.73 -4.23 24.25
C SER B 72 13.30 -3.53 23.01
N PHE B 73 14.25 -4.21 22.34
CA PHE B 73 14.73 -3.76 21.03
C PHE B 73 13.64 -4.09 20.00
N CYS B 74 13.26 -5.37 19.96
CA CYS B 74 12.11 -5.80 19.16
C CYS B 74 11.69 -7.19 19.58
N ASN B 75 10.64 -7.32 20.38
CA ASN B 75 10.23 -8.60 20.89
C ASN B 75 8.73 -8.90 20.70
N GLU B 76 8.16 -8.25 19.71
CA GLU B 76 6.80 -8.52 19.30
C GLU B 76 6.73 -8.46 17.79
N ILE B 77 5.87 -9.28 17.21
CA ILE B 77 5.66 -9.34 15.80
C ILE B 77 4.16 -9.37 15.48
N ASP B 78 3.79 -8.71 14.40
CA ASP B 78 2.43 -8.81 13.84
C ASP B 78 2.50 -9.59 12.52
N PHE B 79 2.30 -10.91 12.61
CA PHE B 79 2.32 -11.78 11.42
C PHE B 79 1.26 -11.42 10.40
N THR B 80 0.14 -10.83 10.85
CA THR B 80 -0.96 -10.45 9.94
C THR B 80 -0.60 -9.32 9.01
N SER B 81 0.44 -8.57 9.35
CA SER B 81 0.88 -7.48 8.47
C SER B 81 1.61 -7.99 7.23
N PHE B 82 1.96 -9.28 7.23
CA PHE B 82 2.63 -9.92 6.09
C PHE B 82 1.70 -10.82 5.28
N ASN B 83 1.96 -10.88 3.99
CA ASN B 83 1.25 -11.80 3.08
C ASN B 83 2.17 -12.97 2.70
N LEU B 84 1.88 -14.16 3.22
CA LEU B 84 2.78 -15.30 3.17
C LEU B 84 2.24 -16.53 2.42
N GLY B 85 1.21 -16.31 1.61
CA GLY B 85 0.45 -17.42 1.05
C GLY B 85 0.79 -17.87 -0.35
N THR B 86 1.34 -16.97 -1.16
CA THR B 86 1.58 -17.22 -2.58
C THR B 86 3.00 -16.86 -3.00
N PRO B 87 3.45 -17.40 -4.13
CA PRO B 87 4.76 -17.03 -4.66
C PRO B 87 4.88 -15.53 -4.96
N HIS B 88 3.87 -14.91 -5.54
CA HIS B 88 4.04 -13.51 -5.93
C HIS B 88 4.13 -12.59 -4.67
N ASP B 89 3.41 -12.95 -3.64
CA ASP B 89 3.55 -12.27 -2.36
C ASP B 89 4.91 -12.50 -1.74
N TRP B 90 5.37 -13.74 -1.80
CA TRP B 90 6.72 -14.06 -1.31
C TRP B 90 7.79 -13.34 -2.12
N ASP B 91 7.60 -13.09 -3.43
CA ASP B 91 8.67 -12.42 -4.16
C ASP B 91 8.85 -10.99 -3.69
N GLU B 92 7.78 -10.34 -3.24
CA GLU B 92 7.94 -9.00 -2.69
C GLU B 92 8.76 -9.03 -1.38
N ILE B 93 8.56 -10.06 -0.56
CA ILE B 93 9.36 -10.27 0.68
C ILE B 93 10.80 -10.63 0.38
N ILE B 94 11.00 -11.52 -0.59
CA ILE B 94 12.38 -11.93 -1.02
C ILE B 94 13.12 -10.70 -1.54
N PHE B 95 12.46 -9.90 -2.36
CA PHE B 95 13.09 -8.75 -2.96
C PHE B 95 13.52 -7.73 -1.90
N GLU B 96 12.61 -7.40 -1.00
CA GLU B 96 12.92 -6.43 0.06
C GLU B 96 13.84 -7.01 1.15
N GLY B 97 13.76 -8.33 1.35
CA GLY B 97 14.57 -9.06 2.35
C GLY B 97 16.01 -9.06 1.93
N GLN B 98 16.25 -9.22 0.63
CA GLN B 98 17.55 -9.04 0.03
C GLN B 98 18.05 -7.60 0.18
N ARG B 99 17.20 -6.65 -0.15
CA ARG B 99 17.55 -5.24 0.01
C ARG B 99 17.87 -4.89 1.45
N LEU B 100 17.14 -5.47 2.40
CA LEU B 100 17.29 -5.13 3.81
C LEU B 100 18.73 -5.42 4.26
N LEU B 101 19.20 -6.64 3.99
CA LEU B 101 20.52 -7.02 4.45
C LEU B 101 21.64 -6.52 3.52
N ASN B 102 21.42 -6.50 2.20
CA ASN B 102 22.43 -5.95 1.30
C ASN B 102 22.61 -4.46 1.47
N ASN B 103 21.51 -3.72 1.71
CA ASN B 103 21.63 -2.27 1.92
C ASN B 103 22.36 -2.00 3.22
N LEU B 104 22.08 -2.77 4.25
CA LEU B 104 22.82 -2.65 5.50
C LEU B 104 24.32 -2.83 5.27
N LEU B 105 24.68 -3.87 4.51
CA LEU B 105 26.10 -4.12 4.26
C LEU B 105 26.72 -3.09 3.34
N SER B 106 25.90 -2.36 2.58
CA SER B 106 26.41 -1.35 1.71
C SER B 106 26.77 -0.05 2.44
N ILE B 107 26.36 0.09 3.69
CA ILE B 107 26.76 1.22 4.47
C ILE B 107 28.28 1.14 4.67
N GLU B 108 28.99 2.22 4.32
CA GLU B 108 30.48 2.21 4.38
C GLU B 108 31.02 3.09 5.48
N VAL B 109 30.31 3.16 6.60
CA VAL B 109 30.88 3.67 7.84
C VAL B 109 30.62 2.64 8.92
N PRO B 110 31.39 2.68 10.01
CA PRO B 110 31.17 1.74 11.10
C PRO B 110 29.77 1.86 11.67
N VAL B 111 29.23 0.69 12.00
CA VAL B 111 27.90 0.54 12.59
C VAL B 111 28.03 -0.06 14.01
N ILE B 112 27.46 0.64 14.98
CA ILE B 112 27.44 0.22 16.38
C ILE B 112 25.98 -0.12 16.71
N ALA B 113 25.76 -1.31 17.27
CA ALA B 113 24.45 -1.68 17.78
C ALA B 113 24.39 -1.42 19.30
N ALA B 114 23.29 -0.86 19.77
CA ALA B 114 23.05 -0.69 21.20
C ALA B 114 21.74 -1.41 21.48
N VAL B 115 21.84 -2.64 21.95
CA VAL B 115 20.67 -3.52 22.09
C VAL B 115 20.10 -3.28 23.50
N ASN B 116 19.00 -2.52 23.52
CA ASN B 116 18.41 -2.00 24.77
C ASN B 116 17.53 -2.99 25.52
N GLY B 117 17.27 -4.15 24.92
CA GLY B 117 16.51 -5.20 25.57
C GLY B 117 16.28 -6.36 24.63
N PRO B 118 15.33 -7.23 24.95
CA PRO B 118 15.05 -8.42 24.12
C PRO B 118 14.86 -8.13 22.64
N VAL B 119 15.53 -8.93 21.82
CA VAL B 119 15.29 -8.90 20.39
C VAL B 119 14.99 -10.33 19.92
N THR B 120 13.77 -10.56 19.46
CA THR B 120 13.33 -11.86 18.98
C THR B 120 12.96 -11.80 17.54
N ASN B 121 12.89 -10.62 16.97
CA ASN B 121 12.62 -10.47 15.55
C ASN B 121 13.74 -9.69 14.93
N ALA B 122 14.24 -10.21 13.81
CA ALA B 122 15.37 -9.65 13.09
C ALA B 122 16.59 -9.35 14.01
N PRO B 123 16.92 -10.26 14.91
CA PRO B 123 18.11 -10.04 15.75
C PRO B 123 19.39 -10.05 14.94
N GLU B 124 19.34 -10.59 13.73
CA GLU B 124 20.52 -10.61 12.90
C GLU B 124 20.97 -9.20 12.53
N ILE B 125 20.04 -8.22 12.48
CA ILE B 125 20.39 -6.87 12.11
C ILE B 125 21.38 -6.22 13.08
N PRO B 126 21.06 -6.12 14.37
CA PRO B 126 22.06 -5.61 15.32
C PRO B 126 23.38 -6.41 15.34
N VAL B 127 23.30 -7.74 15.25
CA VAL B 127 24.49 -8.55 15.45
C VAL B 127 25.42 -8.54 14.20
N MET B 128 24.91 -7.99 13.08
CA MET B 128 25.75 -7.69 11.89
C MET B 128 26.64 -6.47 12.05
N SER B 129 26.42 -5.70 13.11
CA SER B 129 27.17 -4.49 13.37
C SER B 129 28.67 -4.78 13.65
N ASP B 130 29.49 -3.76 13.45
CA ASP B 130 30.92 -3.87 13.74
C ASP B 130 31.25 -3.90 15.21
N ILE B 131 30.40 -3.21 16.02
CA ILE B 131 30.53 -3.16 17.46
C ILE B 131 29.13 -3.45 17.98
N VAL B 132 29.00 -4.38 18.92
CA VAL B 132 27.70 -4.79 19.45
C VAL B 132 27.72 -4.61 20.96
N LEU B 133 26.90 -3.67 21.42
CA LEU B 133 26.75 -3.37 22.81
C LEU B 133 25.36 -3.82 23.24
N ALA B 134 25.27 -4.41 24.43
CA ALA B 134 23.97 -4.89 24.91
C ALA B 134 23.74 -4.46 26.35
N ALA B 135 22.50 -4.07 26.63
CA ALA B 135 22.08 -3.85 27.99
C ALA B 135 22.06 -5.19 28.71
N GLU B 136 22.15 -5.16 30.03
CA GLU B 136 22.06 -6.38 30.84
C GLU B 136 20.80 -7.19 30.55
N SER B 137 19.72 -6.50 30.21
CA SER B 137 18.42 -7.12 29.92
C SER B 137 18.26 -7.65 28.49
N ALA B 138 19.22 -7.38 27.62
CA ALA B 138 19.11 -7.84 26.23
C ALA B 138 19.08 -9.34 26.14
N THR B 139 18.29 -9.84 25.19
CA THR B 139 18.30 -11.25 24.87
C THR B 139 18.20 -11.37 23.37
N PHE B 140 18.58 -12.52 22.86
CA PHE B 140 18.59 -12.75 21.40
C PHE B 140 17.94 -14.08 21.14
N GLN B 141 16.96 -14.10 20.24
CA GLN B 141 16.32 -15.32 19.83
C GLN B 141 15.77 -15.18 18.40
N ASP B 142 15.90 -16.23 17.61
CA ASP B 142 15.35 -16.21 16.26
C ASP B 142 13.86 -16.59 16.33
N GLY B 143 13.06 -15.62 16.72
CA GLY B 143 11.69 -15.92 17.11
C GLY B 143 10.73 -16.41 16.03
N PRO B 144 10.63 -15.71 14.91
CA PRO B 144 9.54 -15.98 13.95
C PRO B 144 9.87 -16.99 12.86
N HIS B 145 11.01 -17.72 12.96
CA HIS B 145 11.32 -18.75 12.00
C HIS B 145 10.98 -20.14 12.52
N PHE B 146 11.96 -20.94 12.96
CA PHE B 146 11.68 -22.34 13.25
C PHE B 146 10.64 -22.59 14.38
N PRO B 147 10.58 -21.75 15.42
CA PRO B 147 9.50 -21.87 16.42
C PRO B 147 8.10 -21.75 15.81
N SER B 148 7.95 -21.00 14.72
CA SER B 148 6.66 -20.90 14.01
C SER B 148 6.56 -21.85 12.82
N GLY B 149 7.49 -22.78 12.69
CA GLY B 149 7.47 -23.71 11.59
C GLY B 149 7.87 -23.10 10.25
N ILE B 150 8.67 -22.03 10.31
CA ILE B 150 9.16 -21.30 9.14
C ILE B 150 10.69 -21.47 9.04
N VAL B 151 11.19 -21.74 7.85
CA VAL B 151 12.67 -21.92 7.65
C VAL B 151 13.37 -20.63 8.04
N PRO B 152 14.48 -20.71 8.76
CA PRO B 152 15.28 -19.51 9.06
C PRO B 152 16.16 -19.12 7.87
N GLY B 153 15.53 -18.80 6.74
CA GLY B 153 16.22 -18.66 5.46
C GLY B 153 16.40 -17.22 4.99
N ASP B 154 16.20 -16.25 5.87
CA ASP B 154 16.18 -14.86 5.51
C ASP B 154 17.46 -14.11 5.81
N GLY B 155 18.53 -14.86 6.03
CA GLY B 155 19.78 -14.31 6.48
C GLY B 155 20.13 -14.76 7.88
N ALA B 156 19.13 -15.13 8.67
CA ALA B 156 19.41 -15.80 9.93
C ALA B 156 20.39 -16.97 9.71
N HIS B 157 20.17 -17.75 8.64
CA HIS B 157 20.96 -18.92 8.32
C HIS B 157 22.42 -18.57 7.98
N VAL B 158 22.66 -17.35 7.55
CA VAL B 158 24.01 -16.87 7.24
C VAL B 158 24.68 -16.33 8.48
N VAL B 159 23.99 -15.42 9.17
CA VAL B 159 24.56 -14.62 10.24
C VAL B 159 24.88 -15.44 11.47
N TRP B 160 23.95 -16.28 11.92
CA TRP B 160 24.15 -16.95 13.21
C TRP B 160 25.29 -17.96 13.15
N PRO B 161 25.39 -18.85 12.14
CA PRO B 161 26.56 -19.72 12.04
C PRO B 161 27.84 -18.93 11.84
N HIS B 162 27.78 -17.79 11.15
CA HIS B 162 28.97 -16.96 10.91
C HIS B 162 29.45 -16.38 12.21
N VAL B 163 28.56 -15.82 13.02
CA VAL B 163 29.00 -15.11 14.22
C VAL B 163 29.19 -16.09 15.40
N LEU B 164 28.32 -17.09 15.58
CA LEU B 164 28.41 -17.97 16.75
C LEU B 164 29.28 -19.16 16.49
N GLY B 165 29.54 -19.44 15.22
CA GLY B 165 30.21 -20.68 14.85
C GLY B 165 29.23 -21.72 14.42
N SER B 166 29.74 -22.70 13.69
CA SER B 166 28.86 -23.67 13.01
C SER B 166 27.85 -24.37 13.93
N ASN B 167 28.33 -24.90 15.05
CA ASN B 167 27.47 -25.75 15.88
C ASN B 167 26.59 -24.94 16.80
N ARG B 168 27.13 -23.83 17.35
CA ARG B 168 26.27 -22.94 18.12
C ARG B 168 25.21 -22.29 17.25
N GLY B 169 25.59 -21.89 16.05
CA GLY B 169 24.67 -21.23 15.15
C GLY B 169 23.50 -22.14 14.75
N ARG B 170 23.81 -23.36 14.34
CA ARG B 170 22.76 -24.27 13.92
C ARG B 170 21.85 -24.67 15.08
N TYR B 171 22.45 -24.97 16.22
CA TYR B 171 21.68 -25.28 17.42
C TYR B 171 20.73 -24.12 17.81
N PHE B 172 21.27 -22.90 17.79
CA PHE B 172 20.51 -21.70 18.11
C PHE B 172 19.26 -21.59 17.22
N LEU B 173 19.44 -21.87 15.94
CA LEU B 173 18.33 -21.71 15.01
C LEU B 173 17.33 -22.85 15.04
N LEU B 174 17.75 -24.04 15.45
CA LEU B 174 16.87 -25.22 15.41
C LEU B 174 16.12 -25.54 16.71
N THR B 175 16.55 -24.96 17.85
CA THR B 175 16.03 -25.35 19.17
C THR B 175 15.32 -24.24 19.93
N GLY B 176 15.10 -23.12 19.31
CA GLY B 176 14.42 -22.01 19.93
C GLY B 176 15.26 -21.32 21.00
N GLN B 177 16.57 -21.52 20.97
CA GLN B 177 17.43 -21.00 22.04
C GLN B 177 17.29 -19.48 22.19
N GLU B 178 17.26 -19.01 23.44
CA GLU B 178 17.33 -17.58 23.74
C GLU B 178 18.63 -17.35 24.47
N LEU B 179 19.49 -16.49 23.90
CA LEU B 179 20.73 -16.11 24.53
C LEU B 179 20.46 -14.90 25.40
N ASP B 180 20.84 -14.96 26.69
CA ASP B 180 20.86 -13.76 27.50
C ASP B 180 22.13 -12.96 27.16
N ALA B 181 22.25 -11.77 27.76
CA ALA B 181 23.34 -10.85 27.38
C ALA B 181 24.72 -11.45 27.64
N ARG B 182 24.87 -12.11 28.77
CA ARG B 182 26.21 -12.60 29.13
C ARG B 182 26.59 -13.86 28.36
N THR B 183 25.59 -14.64 27.93
CA THR B 183 25.84 -15.79 27.04
C THR B 183 26.21 -15.31 25.63
N ALA B 184 25.52 -14.27 25.15
CA ALA B 184 25.83 -13.66 23.86
C ALA B 184 27.25 -13.09 23.87
N LEU B 185 27.64 -12.50 25.00
CA LEU B 185 28.98 -12.00 25.20
C LEU B 185 30.03 -13.15 25.15
N ASP B 186 29.73 -14.22 25.88
CA ASP B 186 30.59 -15.37 25.91
C ASP B 186 30.74 -16.05 24.51
N TYR B 187 29.66 -16.06 23.75
CA TYR B 187 29.64 -16.64 22.42
C TYR B 187 30.29 -15.74 21.36
N GLY B 188 30.54 -14.49 21.71
CA GLY B 188 31.25 -13.59 20.82
C GLY B 188 30.31 -12.82 19.89
N ALA B 189 29.01 -12.89 20.12
CA ALA B 189 28.05 -12.07 19.34
C ALA B 189 27.95 -10.62 19.87
N VAL B 190 28.21 -10.47 21.17
CA VAL B 190 28.19 -9.19 21.85
C VAL B 190 29.61 -8.86 22.32
N ASN B 191 29.98 -7.60 22.25
CA ASN B 191 31.30 -7.13 22.69
C ASN B 191 31.32 -6.55 24.12
N GLU B 192 30.25 -5.86 24.51
CA GLU B 192 30.16 -5.32 25.86
C GLU B 192 28.73 -5.44 26.39
N VAL B 193 28.61 -5.81 27.66
CA VAL B 193 27.33 -5.78 28.36
C VAL B 193 27.37 -4.66 29.40
N LEU B 194 26.39 -3.79 29.31
CA LEU B 194 26.30 -2.56 30.11
C LEU B 194 24.97 -2.44 30.84
N SER B 195 24.91 -1.61 31.88
CA SER B 195 23.62 -1.30 32.49
C SER B 195 22.78 -0.53 31.48
N GLU B 196 21.46 -0.56 31.65
CA GLU B 196 20.58 0.11 30.71
C GLU B 196 20.94 1.59 30.59
N GLN B 197 21.28 2.23 31.71
CA GLN B 197 21.54 3.66 31.71
C GLN B 197 22.88 4.01 31.08
N GLU B 198 23.83 3.08 31.11
CA GLU B 198 25.16 3.30 30.48
C GLU B 198 25.22 2.96 28.98
N LEU B 199 24.20 2.28 28.47
CA LEU B 199 24.26 1.71 27.12
C LEU B 199 24.44 2.80 26.08
N LEU B 200 23.48 3.73 26.00
CA LEU B 200 23.62 4.78 24.98
C LEU B 200 24.83 5.70 25.23
N PRO B 201 25.09 6.09 26.46
CA PRO B 201 26.32 6.88 26.72
C PRO B 201 27.58 6.17 26.17
N ARG B 202 27.66 4.85 26.32
CA ARG B 202 28.82 4.09 25.81
C ARG B 202 28.83 4.04 24.28
N ALA B 203 27.67 3.83 23.67
CA ALA B 203 27.56 3.86 22.20
C ALA B 203 28.04 5.20 21.62
N TRP B 204 27.59 6.29 22.25
CA TRP B 204 28.01 7.65 21.86
C TRP B 204 29.48 7.89 22.03
N GLU B 205 30.03 7.45 23.15
CA GLU B 205 31.45 7.58 23.41
C GLU B 205 32.29 6.90 22.27
N LEU B 206 31.91 5.68 21.95
CA LEU B 206 32.58 4.94 20.89
C LEU B 206 32.38 5.61 19.53
N ALA B 207 31.15 6.02 19.26
CA ALA B 207 30.82 6.67 17.98
C ALA B 207 31.60 7.95 17.79
N ARG B 208 31.64 8.78 18.83
CA ARG B 208 32.37 10.04 18.76
C ARG B 208 33.84 9.84 18.43
N GLY B 209 34.43 8.89 19.12
CA GLY B 209 35.82 8.53 18.94
C GLY B 209 36.12 8.08 17.53
N ILE B 210 35.20 7.29 16.96
CA ILE B 210 35.32 6.87 15.59
C ILE B 210 35.14 8.02 14.60
N ALA B 211 34.14 8.89 14.87
CA ALA B 211 33.83 10.03 14.03
C ALA B 211 34.99 11.03 13.90
N GLU B 212 35.86 11.05 14.88
CA GLU B 212 37.02 11.90 14.89
C GLU B 212 38.19 11.38 14.09
N LYS B 213 38.14 10.11 13.68
CA LYS B 213 39.18 9.52 12.85
C LYS B 213 39.15 10.17 11.47
N PRO B 214 40.23 10.08 10.73
CA PRO B 214 40.23 10.66 9.35
C PRO B 214 39.14 10.06 8.46
N LEU B 215 38.59 10.89 7.59
CA LEU B 215 37.47 10.54 6.70
C LEU B 215 37.62 9.16 6.00
N LEU B 216 38.66 9.01 5.20
CA LEU B 216 38.84 7.76 4.46
C LEU B 216 39.24 6.60 5.35
N ALA B 217 39.96 6.84 6.42
CA ALA B 217 40.30 5.72 7.33
C ALA B 217 39.05 5.11 7.93
N ARG B 218 38.13 5.95 8.35
CA ARG B 218 36.91 5.52 8.98
C ARG B 218 36.02 4.75 7.98
N ARG B 219 35.89 5.27 6.78
CA ARG B 219 35.08 4.62 5.76
C ARG B 219 35.69 3.29 5.30
N TYR B 220 36.99 3.30 5.00
CA TYR B 220 37.63 2.10 4.54
C TYR B 220 37.80 1.03 5.63
N ALA B 221 37.86 1.43 6.89
CA ALA B 221 37.88 0.42 7.96
C ALA B 221 36.64 -0.47 7.85
N ARG B 222 35.49 0.14 7.70
CA ARG B 222 34.27 -0.59 7.52
C ARG B 222 34.32 -1.49 6.28
N LYS B 223 34.78 -0.94 5.15
CA LYS B 223 34.84 -1.67 3.90
C LYS B 223 35.70 -2.92 3.98
N VAL B 224 36.90 -2.79 4.54
CA VAL B 224 37.82 -3.91 4.57
C VAL B 224 37.39 -5.00 5.56
N LEU B 225 36.53 -4.63 6.51
CA LEU B 225 36.08 -5.56 7.56
C LEU B 225 34.80 -6.34 7.25
N THR B 226 34.05 -5.92 6.24
CA THR B 226 32.81 -6.63 5.88
C THR B 226 32.93 -7.57 4.68
N ARG B 227 34.16 -7.80 4.20
CA ARG B 227 34.35 -8.67 3.03
C ARG B 227 33.73 -10.09 3.18
N GLN B 228 34.04 -10.79 4.26
CA GLN B 228 33.65 -12.19 4.42
C GLN B 228 32.09 -12.26 4.55
N LEU B 229 31.51 -11.35 5.32
CA LEU B 229 30.07 -11.34 5.48
C LEU B 229 29.36 -11.06 4.16
N ARG B 230 29.90 -10.13 3.37
CA ARG B 230 29.34 -9.85 2.07
C ARG B 230 29.44 -11.06 1.13
N ARG B 231 30.56 -11.76 1.20
CA ARG B 231 30.75 -12.95 0.35
C ARG B 231 29.71 -14.03 0.66
N VAL B 232 29.57 -14.37 1.93
CA VAL B 232 28.64 -15.44 2.33
C VAL B 232 27.17 -15.01 2.15
N MET B 233 26.88 -13.76 2.44
CA MET B 233 25.53 -13.26 2.16
C MET B 233 25.17 -13.37 0.67
N GLU B 234 26.06 -12.97 -0.22
CA GLU B 234 25.81 -13.11 -1.65
C GLU B 234 25.63 -14.60 -2.05
N ALA B 235 26.46 -15.48 -1.49
CA ALA B 235 26.43 -16.90 -1.82
C ALA B 235 25.11 -17.54 -1.40
N ASP B 236 24.62 -17.17 -0.21
CA ASP B 236 23.56 -17.98 0.47
C ASP B 236 22.22 -17.32 0.76
N LEU B 237 22.14 -16.01 0.70
CA LEU B 237 20.89 -15.35 1.13
C LEU B 237 19.68 -15.69 0.26
N SER B 238 19.79 -15.46 -1.06
CA SER B 238 18.66 -15.70 -1.96
C SER B 238 18.24 -17.18 -1.96
N LEU B 239 19.22 -18.07 -1.86
CA LEU B 239 18.93 -19.50 -1.73
C LEU B 239 18.03 -19.77 -0.53
N GLY B 240 18.41 -19.22 0.63
CA GLY B 240 17.60 -19.37 1.83
C GLY B 240 16.18 -18.81 1.68
N LEU B 241 16.08 -17.64 1.07
CA LEU B 241 14.77 -16.95 0.96
C LEU B 241 13.82 -17.75 0.07
N ALA B 242 14.34 -18.29 -1.01
CA ALA B 242 13.52 -19.04 -1.92
C ALA B 242 13.04 -20.34 -1.32
N HIS B 243 13.92 -21.05 -0.62
CA HIS B 243 13.53 -22.26 0.08
C HIS B 243 12.52 -21.93 1.19
N GLU B 244 12.77 -20.87 1.95
CA GLU B 244 11.85 -20.45 3.00
C GLU B 244 10.45 -20.18 2.42
N ALA B 245 10.39 -19.45 1.30
CA ALA B 245 9.10 -19.16 0.64
C ALA B 245 8.40 -20.45 0.24
N LEU B 246 9.12 -21.35 -0.39
CA LEU B 246 8.52 -22.63 -0.78
C LEU B 246 7.90 -23.42 0.37
N ALA B 247 8.65 -23.55 1.47
CA ALA B 247 8.16 -24.23 2.64
C ALA B 247 6.93 -23.52 3.25
N ALA B 248 6.96 -22.19 3.27
CA ALA B 248 5.88 -21.40 3.85
C ALA B 248 4.58 -21.57 3.06
N ILE B 249 4.72 -21.53 1.74
CA ILE B 249 3.58 -21.69 0.83
C ILE B 249 2.99 -23.08 1.00
N ASP B 250 3.82 -24.08 1.28
CA ASP B 250 3.36 -25.45 1.49
C ASP B 250 2.41 -25.55 2.73
N LEU B 251 2.56 -24.66 3.71
CA LEU B 251 1.68 -24.59 4.89
C LEU B 251 0.23 -24.39 4.50
N LEU C 4 12.23 -46.43 -6.78
CA LEU C 4 13.70 -46.55 -7.11
C LEU C 4 14.64 -46.50 -5.88
N ALA C 5 14.37 -45.65 -4.88
CA ALA C 5 15.25 -45.55 -3.69
C ALA C 5 15.01 -46.78 -2.83
N THR C 6 16.04 -47.19 -2.12
CA THR C 6 15.98 -48.29 -1.21
C THR C 6 15.12 -47.81 -0.02
N PRO C 7 13.92 -48.36 0.15
CA PRO C 7 13.22 -48.08 1.41
C PRO C 7 13.85 -48.71 2.66
N PHE C 8 13.43 -48.17 3.80
CA PHE C 8 14.03 -48.49 5.11
C PHE C 8 13.98 -50.00 5.38
N GLN C 9 12.90 -50.64 4.97
CA GLN C 9 12.71 -52.08 5.18
C GLN C 9 13.76 -52.93 4.47
N GLU C 10 14.40 -52.37 3.44
CA GLU C 10 15.56 -53.00 2.76
C GLU C 10 16.98 -52.58 3.23
N TYR C 11 17.19 -51.41 3.81
CA TYR C 11 18.54 -51.12 4.33
C TYR C 11 18.72 -51.19 5.83
N SER C 12 17.62 -51.29 6.57
CA SER C 12 17.68 -51.25 8.04
C SER C 12 18.49 -52.38 8.65
N GLN C 13 18.64 -53.48 7.91
CA GLN C 13 19.38 -54.64 8.39
C GLN C 13 20.62 -54.97 7.55
N LYS C 14 21.07 -54.03 6.74
CA LYS C 14 22.14 -54.22 5.77
C LYS C 14 23.54 -54.14 6.39
N TYR C 15 23.69 -53.49 7.53
CA TYR C 15 25.00 -53.03 8.03
C TYR C 15 25.38 -53.75 9.34
N GLU C 16 26.54 -54.39 9.38
CA GLU C 16 26.95 -55.12 10.57
C GLU C 16 27.41 -54.24 11.74
N ASN C 17 27.87 -53.03 11.45
CA ASN C 17 28.29 -52.09 12.47
C ASN C 17 27.30 -50.93 12.73
N ILE C 18 26.13 -50.95 12.11
CA ILE C 18 25.18 -49.87 12.27
C ILE C 18 23.79 -50.44 12.50
N ARG C 19 23.26 -50.29 13.70
CA ARG C 19 21.89 -50.59 14.00
C ARG C 19 21.01 -49.42 13.61
N LEU C 20 19.87 -49.73 13.00
CA LEU C 20 18.98 -48.71 12.51
C LEU C 20 17.59 -49.04 13.01
N GLU C 21 17.01 -48.08 13.72
CA GLU C 21 15.65 -48.17 14.28
C GLU C 21 14.93 -46.91 14.00
N ARG C 22 13.67 -46.99 13.57
CA ARG C 22 12.92 -45.79 13.32
C ARG C 22 11.53 -45.84 13.97
N ASP C 23 11.14 -44.72 14.56
CA ASP C 23 9.85 -44.55 15.22
C ASP C 23 9.32 -43.15 14.92
N GLY C 24 8.16 -43.12 14.27
CA GLY C 24 7.51 -41.87 13.93
C GLY C 24 8.40 -40.98 13.06
N GLY C 25 9.19 -41.60 12.20
CA GLY C 25 10.09 -40.87 11.34
C GLY C 25 11.45 -40.47 11.94
N VAL C 26 11.61 -40.68 13.24
CA VAL C 26 12.88 -40.40 13.91
C VAL C 26 13.73 -41.62 13.78
N LEU C 27 14.86 -41.48 13.08
CA LEU C 27 15.75 -42.58 12.82
C LEU C 27 16.91 -42.55 13.82
N LEU C 28 17.06 -43.63 14.57
CA LEU C 28 18.18 -43.78 15.50
C LEU C 28 19.23 -44.71 14.89
N VAL C 29 20.40 -44.15 14.72
CA VAL C 29 21.55 -44.79 14.12
C VAL C 29 22.53 -45.08 15.22
N THR C 30 22.77 -46.35 15.49
CA THR C 30 23.64 -46.74 16.61
C THR C 30 24.81 -47.52 16.08
N VAL C 31 26.01 -46.96 16.23
CA VAL C 31 27.19 -47.63 15.78
C VAL C 31 27.70 -48.55 16.85
N HIS C 32 28.20 -49.70 16.44
CA HIS C 32 28.57 -50.77 17.38
C HIS C 32 29.40 -51.87 16.71
N THR C 33 30.07 -52.68 17.55
CA THR C 33 30.75 -53.88 17.10
C THR C 33 30.22 -55.03 17.94
N GLU C 34 29.42 -55.89 17.31
CA GLU C 34 28.72 -56.97 18.01
C GLU C 34 28.01 -56.51 19.29
N GLY C 35 27.25 -55.43 19.24
CA GLY C 35 26.59 -54.89 20.40
C GLY C 35 27.41 -54.20 21.48
N LYS C 36 28.72 -54.13 21.30
CA LYS C 36 29.62 -53.38 22.20
C LYS C 36 30.05 -52.11 21.49
N SER C 37 30.78 -51.24 22.17
CA SER C 37 31.23 -49.99 21.58
C SER C 37 31.97 -50.21 20.29
N LEU C 38 31.71 -49.34 19.31
CA LEU C 38 32.33 -49.48 18.00
C LEU C 38 33.84 -49.55 18.02
N VAL C 39 34.36 -50.50 17.29
CA VAL C 39 35.80 -50.59 16.98
C VAL C 39 35.91 -50.11 15.54
N TRP C 40 36.70 -49.08 15.33
CA TRP C 40 36.85 -48.49 13.99
C TRP C 40 37.65 -49.40 13.05
N THR C 41 37.04 -49.74 11.92
CA THR C 41 37.61 -50.58 10.90
C THR C 41 37.27 -50.07 9.53
N SER C 42 37.94 -50.64 8.53
CA SER C 42 37.61 -50.39 7.13
C SER C 42 36.12 -50.70 6.85
N THR C 43 35.63 -51.82 7.35
CA THR C 43 34.20 -52.14 7.23
C THR C 43 33.26 -51.07 7.82
N ALA C 44 33.53 -50.63 9.02
CA ALA C 44 32.68 -49.63 9.68
C ALA C 44 32.69 -48.30 8.88
N HIS C 45 33.88 -47.92 8.43
CA HIS C 45 34.04 -46.70 7.62
C HIS C 45 33.23 -46.76 6.31
N ASP C 46 33.40 -47.83 5.56
CA ASP C 46 32.68 -47.94 4.28
C ASP C 46 31.20 -48.12 4.52
N GLU C 47 30.82 -48.91 5.54
CA GLU C 47 29.41 -49.06 5.86
C GLU C 47 28.75 -47.72 6.13
N LEU C 48 29.43 -46.85 6.89
CA LEU C 48 28.84 -45.55 7.21
C LEU C 48 28.61 -44.73 5.93
N ALA C 49 29.53 -44.81 4.99
CA ALA C 49 29.37 -44.11 3.73
C ALA C 49 28.12 -44.58 2.99
N TYR C 50 27.97 -45.89 2.87
CA TYR C 50 26.78 -46.41 2.17
C TYR C 50 25.52 -46.12 2.92
N CYS C 51 25.58 -46.24 4.24
CA CYS C 51 24.45 -46.02 5.09
C CYS C 51 23.96 -44.58 5.04
N PHE C 52 24.88 -43.63 5.06
CA PHE C 52 24.49 -42.23 4.94
C PHE C 52 23.79 -41.93 3.62
N HIS C 53 24.23 -42.60 2.54
CA HIS C 53 23.56 -42.45 1.26
C HIS C 53 22.10 -42.96 1.37
N ASP C 54 21.92 -44.17 1.91
CA ASP C 54 20.59 -44.74 2.07
C ASP C 54 19.73 -43.78 2.88
N ILE C 55 20.30 -43.25 3.97
CA ILE C 55 19.51 -42.37 4.84
C ILE C 55 19.13 -41.08 4.10
N ALA C 56 20.09 -40.50 3.36
CA ALA C 56 19.82 -39.26 2.63
C ALA C 56 18.70 -39.42 1.60
N CYS C 57 18.64 -40.57 0.95
CA CYS C 57 17.72 -40.81 -0.16
C CYS C 57 16.34 -41.29 0.31
N ASP C 58 16.21 -41.58 1.60
CA ASP C 58 14.95 -42.13 2.15
C ASP C 58 14.13 -41.00 2.76
N ARG C 59 13.11 -40.52 2.04
CA ARG C 59 12.28 -39.39 2.48
C ARG C 59 11.45 -39.63 3.76
N GLU C 60 11.36 -40.87 4.22
CA GLU C 60 10.61 -41.15 5.43
C GLU C 60 11.41 -40.87 6.69
N ASN C 61 12.72 -40.65 6.56
CA ASN C 61 13.51 -40.15 7.68
C ASN C 61 13.18 -38.69 7.87
N LYS C 62 12.62 -38.34 9.01
CA LYS C 62 12.28 -36.97 9.33
C LYS C 62 13.39 -36.27 10.12
N VAL C 63 14.09 -37.03 10.95
CA VAL C 63 15.22 -36.53 11.78
C VAL C 63 16.12 -37.70 12.07
N VAL C 64 17.43 -37.46 12.22
CA VAL C 64 18.39 -38.52 12.46
C VAL C 64 19.09 -38.27 13.79
N ILE C 65 19.19 -39.31 14.61
CA ILE C 65 20.02 -39.28 15.80
C ILE C 65 21.17 -40.25 15.55
N LEU C 66 22.42 -39.81 15.72
CA LEU C 66 23.57 -40.66 15.62
C LEU C 66 24.11 -40.91 17.02
N THR C 67 24.34 -42.18 17.35
CA THR C 67 24.85 -42.50 18.66
C THR C 67 25.69 -43.76 18.63
N GLY C 68 26.35 -44.00 19.76
CA GLY C 68 27.09 -45.21 19.97
C GLY C 68 26.42 -46.05 21.07
N THR C 69 27.15 -47.06 21.51
CA THR C 69 26.66 -47.89 22.61
C THR C 69 27.78 -48.24 23.58
N GLY C 70 27.36 -48.58 24.79
CA GLY C 70 28.32 -48.91 25.83
C GLY C 70 29.06 -47.67 26.31
N PRO C 71 30.22 -47.87 26.92
CA PRO C 71 31.00 -46.78 27.52
C PRO C 71 31.62 -45.77 26.57
N SER C 72 31.89 -46.17 25.33
CA SER C 72 32.54 -45.31 24.37
C SER C 72 31.65 -45.14 23.13
N PHE C 73 31.77 -43.99 22.46
CA PHE C 73 31.19 -43.83 21.09
C PHE C 73 32.04 -44.59 20.08
N CYS C 74 33.33 -44.29 20.05
CA CYS C 74 34.30 -45.08 19.32
C CYS C 74 35.72 -44.70 19.76
N ASN C 75 36.34 -45.54 20.57
CA ASN C 75 37.70 -45.23 21.06
C ASN C 75 38.68 -46.37 20.93
N GLU C 76 38.42 -47.22 19.93
CA GLU C 76 39.31 -48.29 19.59
C GLU C 76 39.33 -48.39 18.07
N ILE C 77 40.50 -48.67 17.53
CA ILE C 77 40.71 -48.81 16.11
C ILE C 77 41.49 -50.09 15.79
N ASP C 78 41.18 -50.70 14.64
CA ASP C 78 41.95 -51.82 14.08
C ASP C 78 42.62 -51.39 12.78
N PHE C 79 43.83 -50.88 12.93
CA PHE C 79 44.61 -50.43 11.80
C PHE C 79 44.87 -51.53 10.78
N THR C 80 44.95 -52.79 11.23
CA THR C 80 45.20 -53.90 10.27
C THR C 80 44.06 -54.15 9.31
N SER C 81 42.86 -53.65 9.61
CA SER C 81 41.71 -53.79 8.72
C SER C 81 41.82 -52.91 7.49
N PHE C 82 42.77 -51.97 7.51
CA PHE C 82 43.00 -51.05 6.43
C PHE C 82 44.27 -51.38 5.62
N ASN C 83 44.23 -51.13 4.32
CA ASN C 83 45.39 -51.26 3.46
C ASN C 83 45.94 -49.88 3.12
N LEU C 84 47.09 -49.53 3.69
CA LEU C 84 47.66 -48.19 3.63
C LEU C 84 48.99 -48.08 2.92
N GLY C 85 49.34 -49.07 2.10
CA GLY C 85 50.68 -49.18 1.56
C GLY C 85 50.91 -48.63 0.17
N THR C 86 49.87 -48.57 -0.67
CA THR C 86 50.02 -48.22 -2.08
C THR C 86 49.00 -47.20 -2.52
N PRO C 87 49.29 -46.50 -3.61
CA PRO C 87 48.33 -45.57 -4.16
C PRO C 87 46.97 -46.19 -4.51
N HIS C 88 46.93 -47.35 -5.12
CA HIS C 88 45.64 -47.88 -5.55
C HIS C 88 44.81 -48.29 -4.33
N ASP C 89 45.47 -48.76 -3.30
CA ASP C 89 44.78 -49.01 -2.05
C ASP C 89 44.26 -47.73 -1.38
N TRP C 90 45.11 -46.68 -1.37
CA TRP C 90 44.69 -45.38 -0.90
C TRP C 90 43.56 -44.80 -1.74
N ASP C 91 43.49 -45.07 -3.07
CA ASP C 91 42.37 -44.53 -3.85
C ASP C 91 41.04 -45.07 -3.38
N GLU C 92 41.01 -46.34 -2.94
CA GLU C 92 39.77 -46.88 -2.40
C GLU C 92 39.34 -46.16 -1.12
N ILE C 93 40.30 -45.85 -0.27
CA ILE C 93 40.06 -45.07 0.97
C ILE C 93 39.63 -43.62 0.66
N ILE C 94 40.33 -42.98 -0.29
CA ILE C 94 40.00 -41.63 -0.70
C ILE C 94 38.59 -41.59 -1.25
N PHE C 95 38.27 -42.52 -2.14
CA PHE C 95 36.95 -42.51 -2.78
C PHE C 95 35.82 -42.68 -1.75
N GLU C 96 35.98 -43.63 -0.85
CA GLU C 96 34.97 -43.89 0.20
C GLU C 96 34.99 -42.85 1.32
N GLY C 97 36.16 -42.27 1.57
CA GLY C 97 36.34 -41.19 2.55
C GLY C 97 35.61 -39.93 2.09
N GLN C 98 35.67 -39.62 0.79
CA GLN C 98 34.86 -38.57 0.19
C GLN C 98 33.38 -38.86 0.34
N ARG C 99 33.01 -40.07 0.00
CA ARG C 99 31.61 -40.47 0.08
C ARG C 99 31.08 -40.41 1.51
N LEU C 100 31.90 -40.78 2.48
CA LEU C 100 31.50 -40.80 3.88
C LEU C 100 31.03 -39.43 4.33
N LEU C 101 31.87 -38.42 4.09
CA LEU C 101 31.52 -37.08 4.53
C LEU C 101 30.53 -36.36 3.60
N ASN C 102 30.64 -36.56 2.29
CA ASN C 102 29.72 -35.95 1.34
C ASN C 102 28.30 -36.55 1.50
N ASN C 103 28.21 -37.85 1.74
CA ASN C 103 26.89 -38.51 1.92
C ASN C 103 26.24 -37.99 3.20
N LEU C 104 27.04 -37.83 4.25
CA LEU C 104 26.59 -37.25 5.48
C LEU C 104 25.98 -35.87 5.26
N LEU C 105 26.71 -35.03 4.52
CA LEU C 105 26.26 -33.71 4.26
C LEU C 105 25.07 -33.68 3.31
N SER C 106 24.86 -34.73 2.55
CA SER C 106 23.75 -34.76 1.60
C SER C 106 22.44 -35.11 2.32
N ILE C 107 22.52 -35.52 3.56
CA ILE C 107 21.28 -35.79 4.32
C ILE C 107 20.56 -34.47 4.47
N GLU C 108 19.28 -34.42 4.07
CA GLU C 108 18.52 -33.17 4.11
C GLU C 108 17.44 -33.12 5.19
N VAL C 109 17.74 -33.73 6.33
CA VAL C 109 16.99 -33.53 7.55
C VAL C 109 17.99 -33.25 8.68
N PRO C 110 17.51 -32.62 9.73
CA PRO C 110 18.40 -32.31 10.87
C PRO C 110 18.99 -33.57 11.46
N VAL C 111 20.26 -33.45 11.84
CA VAL C 111 21.05 -34.53 12.39
C VAL C 111 21.46 -34.16 13.81
N ILE C 112 21.13 -35.06 14.76
CA ILE C 112 21.45 -34.86 16.18
C ILE C 112 22.47 -35.90 16.56
N ALA C 113 23.57 -35.51 17.18
CA ALA C 113 24.53 -36.47 17.69
C ALA C 113 24.31 -36.63 19.17
N ALA C 114 24.43 -37.86 19.65
CA ALA C 114 24.35 -38.17 21.08
C ALA C 114 25.60 -38.97 21.43
N VAL C 115 26.62 -38.25 21.90
CA VAL C 115 27.97 -38.83 22.04
C VAL C 115 28.05 -39.42 23.45
N ASN C 116 27.98 -40.73 23.49
CA ASN C 116 27.74 -41.50 24.74
C ASN C 116 29.00 -41.77 25.54
N GLY C 117 30.14 -41.45 24.96
CA GLY C 117 31.41 -41.59 25.60
C GLY C 117 32.54 -41.19 24.70
N PRO C 118 33.79 -41.51 25.08
CA PRO C 118 34.95 -41.17 24.27
C PRO C 118 34.84 -41.49 22.78
N VAL C 119 35.24 -40.53 21.97
CA VAL C 119 35.41 -40.75 20.56
C VAL C 119 36.78 -40.30 20.15
N THR C 120 37.59 -41.23 19.69
CA THR C 120 38.94 -40.93 19.20
C THR C 120 39.14 -41.28 17.77
N ASN C 121 38.15 -41.91 17.14
CA ASN C 121 38.19 -42.22 15.74
C ASN C 121 36.93 -41.67 15.07
N ALA C 122 37.16 -41.00 13.94
CA ALA C 122 36.07 -40.29 13.23
C ALA C 122 35.24 -39.37 14.15
N PRO C 123 35.85 -38.59 15.04
CA PRO C 123 35.07 -37.67 15.88
C PRO C 123 34.45 -36.54 15.09
N GLU C 124 34.93 -36.33 13.88
CA GLU C 124 34.35 -35.29 13.02
C GLU C 124 32.91 -35.64 12.68
N ILE C 125 32.57 -36.93 12.63
CA ILE C 125 31.20 -37.32 12.22
C ILE C 125 30.16 -36.76 13.16
N PRO C 126 30.22 -37.07 14.44
CA PRO C 126 29.23 -36.49 15.37
C PRO C 126 29.25 -34.96 15.38
N VAL C 127 30.43 -34.35 15.31
CA VAL C 127 30.53 -32.88 15.46
C VAL C 127 30.07 -32.12 14.20
N MET C 128 29.85 -32.85 13.11
CA MET C 128 29.24 -32.26 11.89
C MET C 128 27.72 -32.16 12.00
N SER C 129 27.17 -32.71 13.06
CA SER C 129 25.72 -32.68 13.28
C SER C 129 25.21 -31.23 13.55
N ASP C 130 23.92 -31.01 13.32
CA ASP C 130 23.27 -29.73 13.60
C ASP C 130 23.09 -29.44 15.09
N ILE C 131 22.92 -30.50 15.86
CA ILE C 131 22.80 -30.44 17.31
C ILE C 131 23.72 -31.48 17.86
N VAL C 132 24.56 -31.11 18.83
CA VAL C 132 25.56 -32.02 19.37
C VAL C 132 25.33 -32.12 20.88
N LEU C 133 24.98 -33.32 21.33
CA LEU C 133 24.73 -33.64 22.74
C LEU C 133 25.80 -34.62 23.17
N ALA C 134 26.35 -34.42 24.35
CA ALA C 134 27.42 -35.24 24.85
C ALA C 134 27.12 -35.68 26.30
N ALA C 135 27.35 -36.95 26.58
CA ALA C 135 27.43 -37.44 27.92
C ALA C 135 28.57 -36.77 28.68
N GLU C 136 28.44 -36.70 30.01
CA GLU C 136 29.48 -36.16 30.88
C GLU C 136 30.83 -36.84 30.61
N SER C 137 30.80 -38.12 30.29
CA SER C 137 32.01 -38.90 30.02
C SER C 137 32.56 -38.80 28.60
N ALA C 138 31.85 -38.10 27.71
CA ALA C 138 32.34 -37.96 26.32
C ALA C 138 33.64 -37.22 26.27
N THR C 139 34.50 -37.67 25.40
CA THR C 139 35.73 -36.93 25.07
C THR C 139 35.93 -36.94 23.56
N PHE C 140 36.72 -35.99 23.06
CA PHE C 140 36.99 -35.88 21.64
C PHE C 140 38.48 -35.78 21.40
N GLN C 141 38.99 -36.61 20.52
CA GLN C 141 40.39 -36.57 20.15
C GLN C 141 40.55 -37.08 18.71
N ASP C 142 41.45 -36.43 17.96
CA ASP C 142 41.79 -36.92 16.65
C ASP C 142 42.86 -38.03 16.80
N GLY C 143 42.38 -39.21 17.13
CA GLY C 143 43.28 -40.31 17.48
C GLY C 143 44.24 -40.83 16.44
N PRO C 144 43.74 -41.25 15.28
CA PRO C 144 44.52 -42.05 14.33
C PRO C 144 45.30 -41.26 13.28
N HIS C 145 45.35 -39.92 13.41
CA HIS C 145 46.10 -39.14 12.46
C HIS C 145 47.45 -38.75 13.05
N PHE C 146 47.61 -37.52 13.50
CA PHE C 146 48.96 -37.07 13.77
C PHE C 146 49.67 -37.84 14.89
N PRO C 147 48.96 -38.30 15.92
CA PRO C 147 49.62 -39.17 16.92
C PRO C 147 50.21 -40.44 16.35
N SER C 148 49.68 -40.96 15.24
CA SER C 148 50.24 -42.12 14.54
C SER C 148 51.15 -41.73 13.36
N GLY C 149 51.52 -40.46 13.27
CA GLY C 149 52.35 -40.01 12.19
C GLY C 149 51.64 -39.94 10.83
N ILE C 150 50.33 -39.76 10.87
CA ILE C 150 49.49 -39.68 9.69
C ILE C 150 48.86 -38.28 9.61
N VAL C 151 48.81 -37.72 8.42
CA VAL C 151 48.26 -36.38 8.19
C VAL C 151 46.77 -36.38 8.51
N PRO C 152 46.26 -35.40 9.25
CA PRO C 152 44.82 -35.30 9.50
C PRO C 152 44.10 -34.74 8.27
N GLY C 153 44.22 -35.44 7.12
CA GLY C 153 43.76 -34.95 5.85
C GLY C 153 42.42 -35.49 5.36
N ASP C 154 41.69 -36.18 6.22
CA ASP C 154 40.49 -36.89 5.77
C ASP C 154 39.20 -36.15 6.02
N GLY C 155 39.30 -34.87 6.29
CA GLY C 155 38.16 -34.07 6.73
C GLY C 155 38.35 -33.50 8.11
N ALA C 156 39.17 -34.17 8.93
CA ALA C 156 39.58 -33.62 10.20
C ALA C 156 40.10 -32.18 10.02
N HIS C 157 40.87 -31.96 8.95
CA HIS C 157 41.48 -30.68 8.63
C HIS C 157 40.45 -29.63 8.27
N VAL C 158 39.27 -30.05 7.82
CA VAL C 158 38.21 -29.14 7.48
C VAL C 158 37.40 -28.84 8.72
N VAL C 159 36.93 -29.91 9.37
CA VAL C 159 35.92 -29.80 10.40
C VAL C 159 36.41 -29.10 11.67
N TRP C 160 37.58 -29.50 12.17
CA TRP C 160 38.03 -28.99 13.47
C TRP C 160 38.36 -27.47 13.43
N PRO C 161 39.08 -26.95 12.43
CA PRO C 161 39.20 -25.50 12.33
C PRO C 161 37.86 -24.82 12.08
N HIS C 162 36.95 -25.50 11.39
CA HIS C 162 35.64 -24.91 11.13
C HIS C 162 34.83 -24.75 12.42
N VAL C 163 34.83 -25.79 13.26
CA VAL C 163 33.97 -25.81 14.45
C VAL C 163 34.64 -25.17 15.67
N LEU C 164 35.96 -25.39 15.86
CA LEU C 164 36.67 -24.83 17.01
C LEU C 164 37.28 -23.46 16.77
N GLY C 165 37.42 -23.09 15.50
CA GLY C 165 38.16 -21.91 15.13
C GLY C 165 39.53 -22.25 14.66
N SER C 166 40.15 -21.30 13.98
CA SER C 166 41.43 -21.53 13.34
C SER C 166 42.52 -22.04 14.31
N ASN C 167 42.69 -21.39 15.46
CA ASN C 167 43.87 -21.69 16.28
C ASN C 167 43.58 -22.87 17.18
N ARG C 168 42.38 -22.94 17.70
CA ARG C 168 42.04 -24.12 18.49
C ARG C 168 42.03 -25.38 17.62
N GLY C 169 41.52 -25.26 16.41
CA GLY C 169 41.44 -26.42 15.53
C GLY C 169 42.80 -26.95 15.16
N ARG C 170 43.69 -26.05 14.76
CA ARG C 170 45.03 -26.48 14.35
C ARG C 170 45.77 -27.10 15.54
N TYR C 171 45.70 -26.44 16.70
CA TYR C 171 46.37 -26.93 17.92
C TYR C 171 45.83 -28.33 18.30
N PHE C 172 44.52 -28.48 18.26
CA PHE C 172 43.84 -29.75 18.55
C PHE C 172 44.38 -30.88 17.68
N LEU C 173 44.59 -30.60 16.41
CA LEU C 173 45.06 -31.63 15.47
C LEU C 173 46.55 -31.91 15.55
N LEU C 174 47.31 -30.92 16.00
CA LEU C 174 48.77 -31.09 16.01
C LEU C 174 49.40 -31.54 17.33
N THR C 175 48.66 -31.51 18.42
CA THR C 175 49.22 -31.78 19.75
C THR C 175 48.60 -32.95 20.51
N GLY C 176 47.73 -33.71 19.86
CA GLY C 176 47.11 -34.86 20.50
C GLY C 176 46.09 -34.48 21.53
N GLN C 177 45.56 -33.25 21.45
CA GLN C 177 44.69 -32.77 22.50
C GLN C 177 43.44 -33.64 22.60
N GLU C 178 43.04 -33.91 23.84
CA GLU C 178 41.76 -34.56 24.13
C GLU C 178 40.85 -33.54 24.81
N LEU C 179 39.71 -33.26 24.21
CA LEU C 179 38.73 -32.39 24.80
C LEU C 179 37.79 -33.21 25.65
N ASP C 180 37.62 -32.84 26.91
CA ASP C 180 36.56 -33.42 27.72
C ASP C 180 35.25 -32.77 27.35
N ALA C 181 34.16 -33.27 27.89
CA ALA C 181 32.83 -32.84 27.45
C ALA C 181 32.59 -31.36 27.67
N ARG C 182 33.03 -30.85 28.84
CA ARG C 182 32.77 -29.46 29.19
C ARG C 182 33.71 -28.47 28.46
N THR C 183 34.87 -28.95 28.07
CA THR C 183 35.75 -28.15 27.22
C THR C 183 35.19 -28.06 25.79
N ALA C 184 34.66 -29.17 25.29
CA ALA C 184 34.00 -29.19 23.99
C ALA C 184 32.82 -28.25 23.97
N LEU C 185 32.09 -28.21 25.07
CA LEU C 185 30.97 -27.33 25.24
C LEU C 185 31.41 -25.85 25.22
N ASP C 186 32.46 -25.55 25.98
CA ASP C 186 33.03 -24.21 26.02
C ASP C 186 33.57 -23.77 24.65
N TYR C 187 34.17 -24.70 23.91
CA TYR C 187 34.76 -24.41 22.59
C TYR C 187 33.67 -24.30 21.51
N GLY C 188 32.45 -24.71 21.84
CA GLY C 188 31.33 -24.59 20.94
C GLY C 188 31.10 -25.78 20.03
N ALA C 189 31.86 -26.86 20.21
CA ALA C 189 31.68 -28.07 19.40
C ALA C 189 30.45 -28.90 19.92
N VAL C 190 30.14 -28.75 21.20
CA VAL C 190 29.04 -29.44 21.86
C VAL C 190 28.04 -28.40 22.27
N ASN C 191 26.73 -28.72 22.19
CA ASN C 191 25.67 -27.79 22.62
C ASN C 191 25.11 -28.08 24.01
N GLU C 192 25.08 -29.35 24.39
CA GLU C 192 24.57 -29.75 25.72
C GLU C 192 25.39 -30.90 26.23
N VAL C 193 25.68 -30.84 27.52
CA VAL C 193 26.29 -31.92 28.25
C VAL C 193 25.26 -32.48 29.26
N LEU C 194 25.07 -33.79 29.22
CA LEU C 194 24.05 -34.51 29.96
C LEU C 194 24.64 -35.70 30.69
N SER C 195 23.92 -36.18 31.72
CA SER C 195 24.28 -37.45 32.34
C SER C 195 24.10 -38.57 31.29
N GLU C 196 24.78 -39.68 31.51
CA GLU C 196 24.67 -40.79 30.62
C GLU C 196 23.23 -41.25 30.48
N GLN C 197 22.46 -41.19 31.56
CA GLN C 197 21.07 -41.64 31.53
C GLN C 197 20.16 -40.69 30.82
N GLU C 198 20.48 -39.40 30.92
CA GLU C 198 19.67 -38.35 30.31
C GLU C 198 19.93 -38.17 28.79
N LEU C 199 21.04 -38.70 28.32
CA LEU C 199 21.50 -38.34 26.95
C LEU C 199 20.52 -38.73 25.85
N LEU C 200 20.20 -40.02 25.76
CA LEU C 200 19.31 -40.47 24.73
C LEU C 200 17.89 -39.95 24.87
N PRO C 201 17.29 -39.97 26.07
CA PRO C 201 16.01 -39.30 26.27
C PRO C 201 15.99 -37.84 25.77
N ARG C 202 17.07 -37.11 25.96
CA ARG C 202 17.13 -35.72 25.49
C ARG C 202 17.22 -35.67 23.94
N ALA C 203 18.02 -36.55 23.34
CA ALA C 203 18.07 -36.68 21.88
C ALA C 203 16.67 -36.97 21.30
N TRP C 204 15.95 -37.89 21.94
CA TRP C 204 14.62 -38.24 21.44
C TRP C 204 13.65 -37.07 21.61
N GLU C 205 13.74 -36.35 22.75
CA GLU C 205 12.89 -35.22 23.02
C GLU C 205 13.07 -34.15 21.94
N LEU C 206 14.31 -33.81 21.64
CA LEU C 206 14.60 -32.83 20.61
C LEU C 206 14.14 -33.32 19.22
N ALA C 207 14.44 -34.59 18.93
CA ALA C 207 14.14 -35.17 17.63
C ALA C 207 12.62 -35.20 17.39
N ARG C 208 11.86 -35.59 18.42
CA ARG C 208 10.40 -35.60 18.31
C ARG C 208 9.81 -34.25 18.05
N GLY C 209 10.34 -33.23 18.73
CA GLY C 209 9.90 -31.86 18.53
C GLY C 209 10.17 -31.40 17.13
N ILE C 210 11.38 -31.69 16.62
CA ILE C 210 11.74 -31.30 15.26
C ILE C 210 10.89 -32.05 14.24
N ALA C 211 10.63 -33.32 14.49
CA ALA C 211 9.87 -34.17 13.59
C ALA C 211 8.42 -33.68 13.40
N GLU C 212 7.91 -32.95 14.38
CA GLU C 212 6.54 -32.40 14.32
C GLU C 212 6.44 -31.10 13.51
N LYS C 213 7.60 -30.52 13.17
CA LYS C 213 7.60 -29.32 12.35
C LYS C 213 7.15 -29.67 10.93
N PRO C 214 6.72 -28.68 10.16
CA PRO C 214 6.23 -28.95 8.80
C PRO C 214 7.32 -29.59 7.94
N LEU C 215 6.93 -30.49 7.03
CA LEU C 215 7.82 -31.28 6.19
C LEU C 215 8.94 -30.47 5.52
N LEU C 216 8.56 -29.48 4.70
CA LEU C 216 9.56 -28.71 3.97
C LEU C 216 10.32 -27.76 4.86
N ALA C 217 9.69 -27.24 5.92
CA ALA C 217 10.44 -26.36 6.83
C ALA C 217 11.58 -27.15 7.52
N ARG C 218 11.32 -28.38 7.91
CA ARG C 218 12.32 -29.23 8.56
C ARG C 218 13.47 -29.60 7.61
N ARG C 219 13.11 -30.00 6.42
CA ARG C 219 14.07 -30.36 5.40
C ARG C 219 14.93 -29.17 4.95
N TYR C 220 14.30 -28.04 4.68
CA TYR C 220 15.01 -26.86 4.21
C TYR C 220 15.82 -26.16 5.31
N ALA C 221 15.43 -26.35 6.58
CA ALA C 221 16.22 -25.81 7.69
C ALA C 221 17.61 -26.44 7.64
N ARG C 222 17.67 -27.75 7.47
CA ARG C 222 18.94 -28.44 7.33
C ARG C 222 19.71 -27.94 6.10
N LYS C 223 19.02 -27.79 4.99
CA LYS C 223 19.66 -27.44 3.74
C LYS C 223 20.27 -26.04 3.75
N VAL C 224 19.56 -25.07 4.35
CA VAL C 224 20.09 -23.71 4.38
C VAL C 224 21.21 -23.54 5.41
N LEU C 225 21.30 -24.47 6.36
CA LEU C 225 22.31 -24.41 7.41
C LEU C 225 23.61 -25.13 7.12
N THR C 226 23.67 -25.97 6.10
CA THR C 226 24.90 -26.70 5.80
C THR C 226 25.72 -26.08 4.66
N ARG C 227 25.32 -24.90 4.18
CA ARG C 227 26.01 -24.28 3.04
C ARG C 227 27.52 -24.08 3.22
N GLN C 228 27.93 -23.52 4.34
CA GLN C 228 29.34 -23.11 4.53
C GLN C 228 30.20 -24.37 4.70
N LEU C 229 29.69 -25.37 5.43
CA LEU C 229 30.42 -26.63 5.61
C LEU C 229 30.58 -27.37 4.29
N ARG C 230 29.53 -27.38 3.47
CA ARG C 230 29.60 -28.02 2.17
C ARG C 230 30.63 -27.32 1.26
N ARG C 231 30.66 -26.00 1.34
CA ARG C 231 31.54 -25.20 0.49
C ARG C 231 33.00 -25.54 0.81
N VAL C 232 33.35 -25.51 2.10
CA VAL C 232 34.75 -25.76 2.50
C VAL C 232 35.16 -27.23 2.34
N MET C 233 34.22 -28.14 2.59
CA MET C 233 34.51 -29.52 2.32
C MET C 233 34.80 -29.76 0.86
N GLU C 234 33.97 -29.23 -0.05
CA GLU C 234 34.28 -29.38 -1.47
C GLU C 234 35.64 -28.70 -1.82
N ALA C 235 35.93 -27.56 -1.22
CA ALA C 235 37.19 -26.85 -1.53
C ALA C 235 38.38 -27.68 -1.09
N ASP C 236 38.31 -28.34 0.07
CA ASP C 236 39.51 -28.83 0.75
C ASP C 236 39.65 -30.31 1.04
N LEU C 237 38.58 -31.10 0.94
CA LEU C 237 38.64 -32.47 1.41
C LEU C 237 39.58 -33.34 0.56
N SER C 238 39.38 -33.34 -0.75
CA SER C 238 40.15 -34.21 -1.61
C SER C 238 41.65 -33.84 -1.61
N LEU C 239 41.93 -32.56 -1.50
CA LEU C 239 43.31 -32.06 -1.37
C LEU C 239 43.97 -32.69 -0.15
N GLY C 240 43.25 -32.68 0.97
CA GLY C 240 43.79 -33.29 2.18
C GLY C 240 43.98 -34.79 2.07
N LEU C 241 43.03 -35.48 1.42
CA LEU C 241 43.11 -36.94 1.34
C LEU C 241 44.29 -37.38 0.49
N ALA C 242 44.53 -36.68 -0.60
CA ALA C 242 45.60 -37.05 -1.48
C ALA C 242 46.94 -36.79 -0.83
N HIS C 243 47.09 -35.67 -0.14
CA HIS C 243 48.33 -35.41 0.61
C HIS C 243 48.55 -36.41 1.76
N GLU C 244 47.48 -36.76 2.50
CA GLU C 244 47.55 -37.81 3.53
C GLU C 244 48.05 -39.13 2.94
N ALA C 245 47.48 -39.51 1.80
CA ALA C 245 47.86 -40.74 1.16
C ALA C 245 49.35 -40.74 0.78
N LEU C 246 49.80 -39.66 0.17
CA LEU C 246 51.22 -39.53 -0.18
C LEU C 246 52.14 -39.67 1.01
N ALA C 247 51.83 -38.95 2.10
CA ALA C 247 52.63 -39.05 3.30
C ALA C 247 52.63 -40.45 3.92
N ALA C 248 51.47 -41.12 3.89
CA ALA C 248 51.35 -42.42 4.47
C ALA C 248 52.14 -43.46 3.68
N ILE C 249 52.11 -43.36 2.36
CA ILE C 249 52.85 -44.28 1.51
C ILE C 249 54.34 -44.09 1.69
N ASP C 250 54.76 -42.87 2.00
CA ASP C 250 56.17 -42.60 2.23
C ASP C 250 56.71 -43.35 3.47
N LEU C 251 55.83 -43.65 4.43
CA LEU C 251 56.19 -44.46 5.60
C LEU C 251 56.73 -45.83 5.20
N LYS D 2 71.79 -3.50 2.75
CA LYS D 2 70.71 -2.44 2.69
C LYS D 2 69.57 -2.79 1.71
N GLN D 3 69.85 -3.21 0.47
CA GLN D 3 68.77 -3.70 -0.43
C GLN D 3 68.74 -5.23 -0.37
N LEU D 4 67.60 -5.81 0.03
CA LEU D 4 67.54 -7.30 0.22
C LEU D 4 67.25 -8.08 -1.10
N ALA D 5 66.65 -7.42 -2.08
CA ALA D 5 66.34 -8.08 -3.34
C ALA D 5 67.59 -8.32 -4.16
N THR D 6 67.68 -9.49 -4.80
CA THR D 6 68.79 -9.79 -5.70
C THR D 6 68.66 -8.83 -6.89
N PRO D 7 69.72 -8.05 -7.16
CA PRO D 7 69.66 -7.11 -8.28
C PRO D 7 69.98 -7.87 -9.59
N PHE D 8 69.58 -7.28 -10.70
CA PHE D 8 69.71 -7.88 -12.02
C PHE D 8 71.12 -8.38 -12.32
N GLN D 9 72.15 -7.63 -11.93
CA GLN D 9 73.54 -8.06 -12.23
C GLN D 9 73.88 -9.40 -11.63
N GLU D 10 73.28 -9.68 -10.47
CA GLU D 10 73.54 -10.95 -9.83
C GLU D 10 72.69 -12.11 -10.41
N TYR D 11 71.41 -11.89 -10.72
CA TYR D 11 70.61 -13.05 -11.15
C TYR D 11 70.59 -13.28 -12.65
N SER D 12 70.95 -12.27 -13.43
CA SER D 12 70.94 -12.34 -14.90
C SER D 12 71.87 -13.46 -15.44
N GLN D 13 72.84 -13.89 -14.61
CA GLN D 13 73.82 -14.91 -15.04
C GLN D 13 73.75 -16.21 -14.24
N LYS D 14 72.68 -16.38 -13.49
CA LYS D 14 72.55 -17.46 -12.53
C LYS D 14 72.04 -18.78 -13.14
N TYR D 15 71.35 -18.70 -14.27
CA TYR D 15 70.52 -19.82 -14.75
C TYR D 15 71.06 -20.35 -16.09
N GLU D 16 71.42 -21.62 -16.11
CA GLU D 16 72.02 -22.23 -17.30
C GLU D 16 71.02 -22.40 -18.46
N ASN D 17 69.72 -22.47 -18.14
CA ASN D 17 68.67 -22.59 -19.16
C ASN D 17 67.88 -21.33 -19.44
N ILE D 18 68.26 -20.22 -18.84
CA ILE D 18 67.55 -18.96 -19.04
C ILE D 18 68.49 -17.80 -19.24
N ARG D 19 68.48 -17.23 -20.42
CA ARG D 19 69.19 -16.03 -20.72
C ARG D 19 68.31 -14.84 -20.37
N LEU D 20 68.91 -13.83 -19.79
CA LEU D 20 68.21 -12.67 -19.31
C LEU D 20 68.91 -11.42 -19.76
N GLU D 21 68.21 -10.63 -20.56
CA GLU D 21 68.73 -9.41 -21.15
C GLU D 21 67.71 -8.31 -20.95
N ARG D 22 68.15 -7.17 -20.44
CA ARG D 22 67.27 -6.06 -20.19
C ARG D 22 67.74 -4.76 -20.86
N ASP D 23 66.82 -4.12 -21.53
CA ASP D 23 67.05 -2.89 -22.23
C ASP D 23 65.91 -1.95 -21.98
N GLY D 24 66.20 -0.80 -21.36
CA GLY D 24 65.15 0.20 -21.15
C GLY D 24 64.03 -0.32 -20.25
N GLY D 25 64.39 -1.20 -19.31
CA GLY D 25 63.42 -1.81 -18.41
C GLY D 25 62.63 -2.98 -18.99
N VAL D 26 62.80 -3.26 -20.28
CA VAL D 26 62.18 -4.45 -20.93
C VAL D 26 63.10 -5.64 -20.75
N LEU D 27 62.62 -6.65 -20.02
CA LEU D 27 63.37 -7.85 -19.75
C LEU D 27 63.00 -8.95 -20.70
N LEU D 28 64.00 -9.41 -21.46
CA LEU D 28 63.84 -10.54 -22.39
C LEU D 28 64.37 -11.79 -21.79
N VAL D 29 63.47 -12.74 -21.57
CA VAL D 29 63.83 -14.00 -20.95
C VAL D 29 63.75 -15.09 -22.03
N THR D 30 64.90 -15.67 -22.32
CA THR D 30 65.04 -16.64 -23.40
C THR D 30 65.42 -17.98 -22.84
N VAL D 31 64.52 -18.96 -22.97
CA VAL D 31 64.79 -20.30 -22.49
C VAL D 31 65.54 -21.07 -23.57
N HIS D 32 66.49 -21.91 -23.14
CA HIS D 32 67.40 -22.57 -24.07
C HIS D 32 68.15 -23.67 -23.37
N THR D 33 68.69 -24.60 -24.16
CA THR D 33 69.62 -25.60 -23.69
C THR D 33 70.90 -25.42 -24.56
N GLU D 34 71.95 -24.89 -23.95
CA GLU D 34 73.22 -24.60 -24.63
C GLU D 34 72.99 -23.86 -25.94
N GLY D 35 72.20 -22.80 -25.92
CA GLY D 35 71.88 -22.00 -27.09
C GLY D 35 70.97 -22.58 -28.15
N LYS D 36 70.47 -23.80 -27.94
CA LYS D 36 69.52 -24.42 -28.84
C LYS D 36 68.15 -24.47 -28.12
N SER D 37 67.12 -24.93 -28.81
CA SER D 37 65.76 -24.98 -28.25
C SER D 37 65.80 -25.72 -26.92
N LEU D 38 65.03 -25.21 -25.97
CA LEU D 38 65.00 -25.79 -24.64
C LEU D 38 64.57 -27.25 -24.63
N VAL D 39 65.35 -28.05 -23.90
CA VAL D 39 64.99 -29.41 -23.54
C VAL D 39 64.51 -29.37 -22.07
N TRP D 40 63.26 -29.83 -21.87
CA TRP D 40 62.64 -29.75 -20.55
C TRP D 40 63.32 -30.73 -19.61
N THR D 41 63.81 -30.22 -18.49
CA THR D 41 64.41 -31.03 -17.45
C THR D 41 64.06 -30.52 -16.07
N SER D 42 64.39 -31.29 -15.06
CA SER D 42 64.28 -30.90 -13.67
C SER D 42 64.97 -29.57 -13.41
N THR D 43 66.17 -29.42 -13.94
CA THR D 43 66.93 -28.17 -13.81
C THR D 43 66.19 -26.98 -14.42
N ALA D 44 65.67 -27.13 -15.63
CA ALA D 44 65.00 -26.02 -16.27
C ALA D 44 63.73 -25.60 -15.49
N HIS D 45 62.99 -26.59 -15.06
CA HIS D 45 61.76 -26.39 -14.27
C HIS D 45 62.06 -25.61 -13.00
N ASP D 46 63.06 -26.05 -12.26
CA ASP D 46 63.40 -25.42 -11.01
C ASP D 46 64.02 -24.05 -11.23
N GLU D 47 64.88 -23.92 -12.25
CA GLU D 47 65.44 -22.63 -12.60
C GLU D 47 64.34 -21.62 -12.88
N LEU D 48 63.33 -22.00 -13.65
CA LEU D 48 62.29 -21.03 -13.96
C LEU D 48 61.57 -20.58 -12.69
N ALA D 49 61.36 -21.47 -11.72
CA ALA D 49 60.70 -21.09 -10.49
C ALA D 49 61.53 -20.05 -9.72
N TYR D 50 62.85 -20.29 -9.65
CA TYR D 50 63.73 -19.38 -8.92
C TYR D 50 63.83 -18.09 -9.67
N CYS D 51 63.92 -18.18 -10.99
CA CYS D 51 64.03 -17.01 -11.85
C CYS D 51 62.81 -16.13 -11.81
N PHE D 52 61.62 -16.72 -11.84
CA PHE D 52 60.42 -15.88 -11.78
C PHE D 52 60.35 -15.11 -10.47
N HIS D 53 60.82 -15.72 -9.40
CA HIS D 53 60.90 -15.03 -8.09
C HIS D 53 61.82 -13.83 -8.16
N ASP D 54 63.01 -14.03 -8.73
CA ASP D 54 63.97 -12.93 -8.86
C ASP D 54 63.39 -11.83 -9.72
N ILE D 55 62.72 -12.18 -10.81
CA ILE D 55 62.11 -11.19 -11.71
C ILE D 55 61.01 -10.42 -10.96
N ALA D 56 60.17 -11.13 -10.20
CA ALA D 56 59.05 -10.48 -9.49
C ALA D 56 59.52 -9.44 -8.49
N CYS D 57 60.64 -9.73 -7.82
CA CYS D 57 61.14 -8.90 -6.74
C CYS D 57 61.99 -7.74 -7.23
N ASP D 58 62.31 -7.69 -8.51
CA ASP D 58 63.19 -6.66 -9.06
C ASP D 58 62.34 -5.61 -9.76
N ARG D 59 62.20 -4.46 -9.10
CA ARG D 59 61.36 -3.34 -9.58
C ARG D 59 61.85 -2.66 -10.85
N GLU D 60 63.09 -2.92 -11.26
CA GLU D 60 63.59 -2.32 -12.49
C GLU D 60 63.10 -3.08 -13.75
N ASN D 61 62.51 -4.25 -13.57
CA ASN D 61 61.76 -4.85 -14.67
C ASN D 61 60.47 -4.09 -14.87
N LYS D 62 60.27 -3.52 -16.05
CA LYS D 62 59.07 -2.77 -16.37
C LYS D 62 58.04 -3.62 -17.13
N VAL D 63 58.55 -4.58 -17.91
CA VAL D 63 57.73 -5.46 -18.73
C VAL D 63 58.60 -6.68 -19.07
N VAL D 64 57.98 -7.85 -19.18
CA VAL D 64 58.70 -9.09 -19.42
C VAL D 64 58.24 -9.69 -20.74
N ILE D 65 59.23 -10.12 -21.55
CA ILE D 65 58.99 -10.95 -22.73
C ILE D 65 59.57 -12.33 -22.45
N LEU D 66 58.74 -13.37 -22.62
CA LEU D 66 59.17 -14.73 -22.50
C LEU D 66 59.25 -15.35 -23.87
N THR D 67 60.41 -15.92 -24.20
CA THR D 67 60.57 -16.56 -25.50
C THR D 67 61.56 -17.72 -25.44
N GLY D 68 61.61 -18.45 -26.55
CA GLY D 68 62.56 -19.51 -26.72
C GLY D 68 63.55 -19.15 -27.83
N THR D 69 64.28 -20.15 -28.26
CA THR D 69 65.28 -19.98 -29.31
C THR D 69 65.27 -21.20 -30.23
N GLY D 70 65.69 -21.00 -31.49
CA GLY D 70 65.70 -22.07 -32.49
C GLY D 70 64.30 -22.36 -33.02
N PRO D 71 64.11 -23.52 -33.62
CA PRO D 71 62.82 -23.87 -34.21
C PRO D 71 61.68 -24.16 -33.23
N SER D 72 62.02 -24.54 -32.00
CA SER D 72 61.06 -24.85 -30.97
C SER D 72 61.11 -23.92 -29.76
N PHE D 73 59.96 -23.70 -29.10
CA PHE D 73 59.97 -23.09 -27.75
C PHE D 73 60.44 -24.10 -26.73
N CYS D 74 59.77 -25.25 -26.69
CA CYS D 74 60.23 -26.41 -25.95
C CYS D 74 59.44 -27.63 -26.36
N ASN D 75 60.05 -28.49 -27.19
CA ASN D 75 59.33 -29.67 -27.70
C ASN D 75 60.13 -30.95 -27.52
N GLU D 76 61.02 -30.93 -26.52
CA GLU D 76 61.77 -32.10 -26.10
C GLU D 76 61.81 -32.16 -24.58
N ILE D 77 61.77 -33.38 -24.04
CA ILE D 77 61.86 -33.58 -22.60
C ILE D 77 62.85 -34.69 -22.29
N ASP D 78 63.53 -34.56 -21.18
CA ASP D 78 64.32 -35.61 -20.59
C ASP D 78 63.68 -36.06 -19.29
N PHE D 79 62.80 -37.05 -19.39
CA PHE D 79 62.14 -37.62 -18.22
C PHE D 79 63.14 -38.19 -17.20
N THR D 80 64.32 -38.64 -17.66
CA THR D 80 65.29 -39.25 -16.73
C THR D 80 65.94 -38.25 -15.79
N SER D 81 65.82 -36.95 -16.08
CA SER D 81 66.29 -35.89 -15.18
C SER D 81 65.39 -35.66 -13.96
N PHE D 82 64.21 -36.28 -13.99
CA PHE D 82 63.26 -36.21 -12.87
C PHE D 82 63.24 -37.52 -12.08
N ASN D 83 63.06 -37.41 -10.77
CA ASN D 83 62.80 -38.55 -9.89
C ASN D 83 61.30 -38.64 -9.55
N LEU D 84 60.60 -39.65 -10.10
CA LEU D 84 59.15 -39.77 -10.05
C LEU D 84 58.62 -41.01 -9.32
N GLY D 85 59.49 -41.64 -8.53
CA GLY D 85 59.17 -42.93 -7.96
C GLY D 85 58.56 -42.97 -6.60
N THR D 86 58.82 -41.96 -5.76
CA THR D 86 58.43 -42.00 -4.33
C THR D 86 57.73 -40.71 -3.93
N PRO D 87 56.99 -40.73 -2.81
CA PRO D 87 56.37 -39.49 -2.32
C PRO D 87 57.39 -38.41 -1.99
N HIS D 88 58.49 -38.77 -1.34
CA HIS D 88 59.41 -37.69 -0.94
C HIS D 88 60.05 -37.02 -2.15
N ASP D 89 60.31 -37.79 -3.20
CA ASP D 89 60.79 -37.22 -4.46
C ASP D 89 59.73 -36.33 -5.09
N TRP D 90 58.49 -36.82 -5.09
CA TRP D 90 57.38 -36.02 -5.60
C TRP D 90 57.17 -34.74 -4.80
N ASP D 91 57.44 -34.73 -3.51
CA ASP D 91 57.23 -33.50 -2.75
C ASP D 91 58.14 -32.42 -3.22
N GLU D 92 59.36 -32.79 -3.60
CA GLU D 92 60.23 -31.76 -4.17
C GLU D 92 59.65 -31.15 -5.45
N ILE D 93 59.05 -31.99 -6.28
CA ILE D 93 58.45 -31.53 -7.54
C ILE D 93 57.18 -30.71 -7.26
N ILE D 94 56.37 -31.18 -6.32
CA ILE D 94 55.15 -30.45 -5.92
C ILE D 94 55.56 -29.08 -5.41
N PHE D 95 56.51 -29.01 -4.50
CA PHE D 95 56.87 -27.72 -3.88
C PHE D 95 57.34 -26.71 -4.91
N GLU D 96 58.24 -27.17 -5.79
CA GLU D 96 58.82 -26.31 -6.83
C GLU D 96 57.81 -26.03 -7.95
N GLY D 97 56.90 -26.97 -8.20
CA GLY D 97 55.82 -26.80 -9.17
C GLY D 97 54.81 -25.74 -8.76
N GLN D 98 54.50 -25.71 -7.45
CA GLN D 98 53.76 -24.62 -6.87
C GLN D 98 54.51 -23.30 -7.06
N ARG D 99 55.80 -23.31 -6.72
CA ARG D 99 56.60 -22.10 -6.82
C ARG D 99 56.69 -21.61 -8.25
N LEU D 100 56.77 -22.52 -9.20
CA LEU D 100 56.91 -22.16 -10.60
C LEU D 100 55.77 -21.31 -11.09
N LEU D 101 54.55 -21.76 -10.84
CA LEU D 101 53.37 -21.05 -11.30
C LEU D 101 52.97 -19.88 -10.36
N ASN D 102 53.08 -20.04 -9.04
CA ASN D 102 52.81 -18.95 -8.11
C ASN D 102 53.83 -17.79 -8.24
N ASN D 103 55.11 -18.10 -8.46
CA ASN D 103 56.09 -17.04 -8.69
C ASN D 103 55.80 -16.29 -9.99
N LEU D 104 55.40 -17.00 -11.02
CA LEU D 104 55.05 -16.35 -12.26
C LEU D 104 53.93 -15.38 -12.06
N LEU D 105 52.91 -15.85 -11.35
CA LEU D 105 51.76 -15.00 -11.08
C LEU D 105 52.09 -13.85 -10.12
N SER D 106 53.16 -13.95 -9.36
CA SER D 106 53.53 -12.89 -8.44
C SER D 106 54.25 -11.74 -9.17
N ILE D 107 54.61 -11.91 -10.44
CA ILE D 107 55.24 -10.84 -11.22
C ILE D 107 54.15 -9.79 -11.42
N GLU D 108 54.44 -8.54 -11.00
CA GLU D 108 53.49 -7.44 -11.08
C GLU D 108 53.85 -6.42 -12.18
N VAL D 109 54.33 -6.94 -13.32
CA VAL D 109 54.37 -6.19 -14.56
C VAL D 109 53.79 -7.07 -15.67
N PRO D 110 53.31 -6.45 -16.72
CA PRO D 110 52.79 -7.23 -17.83
C PRO D 110 53.83 -8.18 -18.44
N VAL D 111 53.34 -9.38 -18.79
CA VAL D 111 54.10 -10.46 -19.39
C VAL D 111 53.61 -10.73 -20.79
N ILE D 112 54.55 -10.70 -21.74
CA ILE D 112 54.31 -10.99 -23.14
C ILE D 112 55.03 -12.30 -23.46
N ALA D 113 54.31 -13.25 -24.02
CA ALA D 113 54.92 -14.46 -24.55
C ALA D 113 55.17 -14.27 -26.05
N ALA D 114 56.33 -14.77 -26.50
CA ALA D 114 56.65 -14.82 -27.94
C ALA D 114 57.00 -16.26 -28.24
N VAL D 115 56.00 -17.02 -28.70
CA VAL D 115 56.17 -18.48 -28.85
C VAL D 115 56.72 -18.77 -30.25
N ASN D 116 58.02 -19.09 -30.30
CA ASN D 116 58.80 -19.13 -31.54
C ASN D 116 58.65 -20.44 -32.33
N GLY D 117 58.02 -21.42 -31.71
CA GLY D 117 57.81 -22.70 -32.34
C GLY D 117 57.05 -23.60 -31.42
N PRO D 118 56.99 -24.90 -31.76
CA PRO D 118 56.28 -25.88 -30.94
C PRO D 118 56.64 -25.85 -29.46
N VAL D 119 55.59 -25.94 -28.65
CA VAL D 119 55.74 -26.12 -27.21
C VAL D 119 54.85 -27.29 -26.80
N THR D 120 55.50 -28.33 -26.32
CA THR D 120 54.83 -29.54 -25.82
C THR D 120 55.13 -29.83 -24.37
N ASN D 121 56.04 -29.05 -23.78
CA ASN D 121 56.34 -29.13 -22.39
C ASN D 121 56.17 -27.77 -21.74
N ALA D 122 55.43 -27.76 -20.64
CA ALA D 122 55.04 -26.54 -19.94
C ALA D 122 54.45 -25.46 -20.86
N PRO D 123 53.54 -25.81 -21.76
CA PRO D 123 52.91 -24.81 -22.62
C PRO D 123 51.99 -23.85 -21.84
N GLU D 124 51.63 -24.23 -20.64
CA GLU D 124 50.81 -23.36 -19.79
C GLU D 124 51.59 -22.09 -19.40
N ILE D 125 52.91 -22.14 -19.35
CA ILE D 125 53.67 -20.97 -18.99
C ILE D 125 53.48 -19.79 -19.98
N PRO D 126 53.77 -19.95 -21.26
CA PRO D 126 53.49 -18.85 -22.19
C PRO D 126 52.01 -18.44 -22.24
N VAL D 127 51.08 -19.38 -22.15
CA VAL D 127 49.69 -18.97 -22.32
C VAL D 127 49.11 -18.29 -21.08
N MET D 128 49.81 -18.34 -19.97
CA MET D 128 49.45 -17.55 -18.79
C MET D 128 49.78 -16.09 -18.93
N SER D 129 50.51 -15.73 -19.99
CA SER D 129 50.89 -14.33 -20.21
C SER D 129 49.72 -13.42 -20.55
N ASP D 130 49.91 -12.12 -20.31
CA ASP D 130 48.87 -11.10 -20.59
C ASP D 130 48.66 -10.84 -22.07
N ILE D 131 49.71 -11.03 -22.84
CA ILE D 131 49.68 -10.90 -24.29
C ILE D 131 50.43 -12.12 -24.83
N VAL D 132 49.80 -12.86 -25.74
CA VAL D 132 50.39 -14.09 -26.28
C VAL D 132 50.56 -13.92 -27.81
N LEU D 133 51.83 -13.89 -28.22
CA LEU D 133 52.23 -13.85 -29.62
C LEU D 133 52.84 -15.17 -30.04
N ALA D 134 52.47 -15.64 -31.24
CA ALA D 134 52.94 -16.92 -31.72
C ALA D 134 53.44 -16.80 -33.14
N ALA D 135 54.57 -17.42 -33.41
CA ALA D 135 55.01 -17.63 -34.80
C ALA D 135 54.03 -18.53 -35.54
N GLU D 136 54.01 -18.45 -36.87
CA GLU D 136 53.18 -19.36 -37.68
C GLU D 136 53.45 -20.81 -37.39
N SER D 137 54.68 -21.13 -37.01
CA SER D 137 55.11 -22.50 -36.71
C SER D 137 54.82 -22.97 -35.29
N ALA D 138 54.31 -22.10 -34.44
CA ALA D 138 54.05 -22.46 -33.07
C ALA D 138 52.91 -23.45 -33.00
N THR D 139 53.04 -24.38 -32.07
CA THR D 139 51.98 -25.33 -31.76
C THR D 139 51.94 -25.50 -30.25
N PHE D 140 50.82 -26.00 -29.75
CA PHE D 140 50.64 -26.20 -28.32
C PHE D 140 50.06 -27.58 -28.06
N GLN D 141 50.70 -28.30 -27.18
CA GLN D 141 50.22 -29.62 -26.81
C GLN D 141 50.65 -29.89 -25.38
N ASP D 142 49.79 -30.59 -24.63
CA ASP D 142 50.17 -31.00 -23.29
C ASP D 142 50.89 -32.34 -23.37
N GLY D 143 52.16 -32.27 -23.71
CA GLY D 143 52.94 -33.46 -24.06
C GLY D 143 53.17 -34.49 -22.98
N PRO D 144 53.70 -34.09 -21.83
CA PRO D 144 54.22 -35.06 -20.87
C PRO D 144 53.23 -35.53 -19.85
N HIS D 145 51.96 -35.18 -20.01
CA HIS D 145 50.98 -35.65 -19.06
C HIS D 145 50.16 -36.82 -19.62
N PHE D 146 48.91 -36.62 -20.03
CA PHE D 146 48.07 -37.79 -20.32
C PHE D 146 48.59 -38.71 -21.45
N PRO D 147 49.26 -38.20 -22.49
CA PRO D 147 49.93 -39.07 -23.49
C PRO D 147 50.97 -40.02 -22.92
N SER D 148 51.60 -39.66 -21.80
CA SER D 148 52.54 -40.52 -21.09
C SER D 148 51.91 -41.24 -19.90
N GLY D 149 50.58 -41.22 -19.79
CA GLY D 149 49.90 -41.89 -18.69
C GLY D 149 50.07 -41.18 -17.34
N ILE D 150 50.26 -39.85 -17.36
CA ILE D 150 50.47 -39.02 -16.17
C ILE D 150 49.31 -38.00 -16.11
N VAL D 151 48.77 -37.80 -14.93
CA VAL D 151 47.64 -36.86 -14.71
C VAL D 151 48.11 -35.44 -15.04
N PRO D 152 47.34 -34.67 -15.82
CA PRO D 152 47.69 -33.26 -16.08
C PRO D 152 47.41 -32.33 -14.88
N GLY D 153 48.03 -32.61 -13.74
CA GLY D 153 47.69 -32.00 -12.47
C GLY D 153 48.58 -30.92 -11.97
N ASP D 154 49.46 -30.41 -12.83
CA ASP D 154 50.50 -29.51 -12.42
C ASP D 154 50.19 -28.05 -12.71
N GLY D 155 48.92 -27.78 -12.97
CA GLY D 155 48.50 -26.49 -13.39
C GLY D 155 47.92 -26.53 -14.79
N ALA D 156 48.30 -27.53 -15.58
CA ALA D 156 47.65 -27.75 -16.88
C ALA D 156 46.11 -27.83 -16.71
N HIS D 157 45.71 -28.48 -15.64
CA HIS D 157 44.30 -28.63 -15.31
C HIS D 157 43.55 -27.36 -14.97
N VAL D 158 44.30 -26.36 -14.50
CA VAL D 158 43.78 -25.05 -14.21
C VAL D 158 43.76 -24.20 -15.45
N VAL D 159 44.92 -24.08 -16.09
CA VAL D 159 45.10 -23.11 -17.15
C VAL D 159 44.30 -23.45 -18.39
N TRP D 160 44.34 -24.68 -18.89
CA TRP D 160 43.73 -24.94 -20.18
C TRP D 160 42.19 -24.77 -20.18
N PRO D 161 41.45 -25.29 -19.22
CA PRO D 161 40.02 -24.98 -19.11
C PRO D 161 39.76 -23.49 -18.91
N HIS D 162 40.68 -22.80 -18.21
CA HIS D 162 40.50 -21.36 -17.97
C HIS D 162 40.67 -20.56 -19.26
N VAL D 163 41.67 -20.90 -20.06
CA VAL D 163 41.95 -20.15 -21.29
C VAL D 163 41.11 -20.59 -22.49
N LEU D 164 40.89 -21.90 -22.65
CA LEU D 164 40.16 -22.43 -23.82
C LEU D 164 38.67 -22.59 -23.59
N GLY D 165 38.26 -22.60 -22.32
CA GLY D 165 36.90 -22.93 -21.95
C GLY D 165 36.82 -24.36 -21.44
N SER D 166 35.73 -24.65 -20.80
CA SER D 166 35.55 -25.90 -20.14
C SER D 166 35.73 -27.13 -21.06
N ASN D 167 35.03 -27.13 -22.19
CA ASN D 167 34.98 -28.34 -23.00
C ASN D 167 36.21 -28.43 -23.90
N ARG D 168 36.65 -27.33 -24.44
CA ARG D 168 37.88 -27.37 -25.22
C ARG D 168 39.09 -27.72 -24.34
N GLY D 169 39.10 -27.21 -23.12
CA GLY D 169 40.21 -27.43 -22.21
C GLY D 169 40.34 -28.89 -21.85
N ARG D 170 39.20 -29.50 -21.48
CA ARG D 170 39.20 -30.87 -21.02
C ARG D 170 39.53 -31.81 -22.17
N TYR D 171 38.93 -31.57 -23.35
CA TYR D 171 39.25 -32.34 -24.54
C TYR D 171 40.73 -32.24 -24.91
N PHE D 172 41.27 -31.03 -24.86
CA PHE D 172 42.69 -30.78 -25.17
C PHE D 172 43.59 -31.64 -24.30
N LEU D 173 43.27 -31.72 -23.00
CA LEU D 173 44.09 -32.45 -22.04
C LEU D 173 43.93 -33.95 -22.12
N LEU D 174 42.77 -34.43 -22.57
CA LEU D 174 42.51 -35.88 -22.56
C LEU D 174 42.78 -36.60 -23.87
N THR D 175 42.91 -35.90 -24.99
CA THR D 175 43.00 -36.56 -26.30
C THR D 175 44.32 -36.34 -27.05
N GLY D 176 45.28 -35.70 -26.41
CA GLY D 176 46.59 -35.48 -27.03
C GLY D 176 46.56 -34.40 -28.08
N GLN D 177 45.53 -33.56 -28.06
CA GLN D 177 45.33 -32.57 -29.11
C GLN D 177 46.52 -31.62 -29.25
N GLU D 178 46.92 -31.33 -30.48
CA GLU D 178 47.94 -30.33 -30.78
C GLU D 178 47.25 -29.17 -31.47
N LEU D 179 47.34 -27.98 -30.90
CA LEU D 179 46.79 -26.80 -31.52
C LEU D 179 47.88 -26.15 -32.37
N ASP D 180 47.59 -25.92 -33.64
CA ASP D 180 48.49 -25.08 -34.47
C ASP D 180 48.22 -23.64 -34.15
N ALA D 181 48.98 -22.74 -34.73
CA ALA D 181 48.93 -21.33 -34.34
C ALA D 181 47.59 -20.71 -34.60
N ARG D 182 47.01 -21.01 -35.74
CA ARG D 182 45.74 -20.41 -36.08
C ARG D 182 44.56 -20.95 -35.30
N THR D 183 44.64 -22.20 -34.89
CA THR D 183 43.62 -22.76 -34.03
C THR D 183 43.70 -22.15 -32.64
N ALA D 184 44.91 -21.98 -32.13
CA ALA D 184 45.15 -21.36 -30.84
C ALA D 184 44.60 -19.91 -30.84
N LEU D 185 44.79 -19.22 -31.96
CA LEU D 185 44.25 -17.91 -32.16
C LEU D 185 42.74 -17.94 -32.14
N ASP D 186 42.14 -18.86 -32.88
CA ASP D 186 40.70 -18.97 -32.93
C ASP D 186 40.09 -19.35 -31.56
N TYR D 187 40.81 -20.18 -30.80
CA TYR D 187 40.34 -20.58 -29.46
C TYR D 187 40.59 -19.48 -28.40
N GLY D 188 41.42 -18.51 -28.72
CA GLY D 188 41.60 -17.35 -27.87
C GLY D 188 42.79 -17.48 -26.92
N ALA D 189 43.60 -18.51 -27.10
CA ALA D 189 44.81 -18.67 -26.29
C ALA D 189 45.94 -17.80 -26.82
N VAL D 190 45.90 -17.51 -28.10
CA VAL D 190 46.90 -16.68 -28.76
C VAL D 190 46.20 -15.43 -29.22
N ASN D 191 46.89 -14.29 -29.12
CA ASN D 191 46.35 -13.02 -29.58
C ASN D 191 46.76 -12.60 -31.01
N GLU D 192 48.01 -12.88 -31.36
CA GLU D 192 48.54 -12.54 -32.72
C GLU D 192 49.39 -13.67 -33.22
N VAL D 193 49.22 -13.96 -34.51
CA VAL D 193 50.09 -14.91 -35.21
C VAL D 193 50.98 -14.14 -36.20
N LEU D 194 52.28 -14.34 -36.07
CA LEU D 194 53.27 -13.59 -36.84
C LEU D 194 54.23 -14.51 -37.57
N SER D 195 54.90 -13.99 -38.61
CA SER D 195 56.03 -14.72 -39.22
C SER D 195 57.16 -14.89 -38.20
N GLU D 196 58.02 -15.88 -38.41
CA GLU D 196 59.13 -16.07 -37.48
C GLU D 196 59.95 -14.82 -37.31
N GLN D 197 60.16 -14.08 -38.40
CA GLN D 197 61.02 -12.91 -38.39
C GLN D 197 60.34 -11.74 -37.71
N GLU D 198 59.03 -11.64 -37.81
CA GLU D 198 58.28 -10.54 -37.20
C GLU D 198 58.03 -10.73 -35.69
N LEU D 199 58.19 -11.96 -35.20
CA LEU D 199 57.71 -12.28 -33.83
C LEU D 199 58.40 -11.46 -32.76
N LEU D 200 59.72 -11.57 -32.65
CA LEU D 200 60.45 -10.82 -31.66
C LEU D 200 60.38 -9.27 -31.82
N PRO D 201 60.54 -8.73 -33.03
CA PRO D 201 60.21 -7.33 -33.26
C PRO D 201 58.84 -6.91 -32.72
N ARG D 202 57.80 -7.70 -32.94
CA ARG D 202 56.46 -7.37 -32.45
C ARG D 202 56.41 -7.39 -30.92
N ALA D 203 57.02 -8.36 -30.29
CA ALA D 203 57.12 -8.42 -28.82
C ALA D 203 57.81 -7.21 -28.24
N TRP D 204 58.95 -6.82 -28.84
CA TRP D 204 59.67 -5.63 -28.43
C TRP D 204 58.84 -4.37 -28.62
N GLU D 205 58.12 -4.24 -29.71
CA GLU D 205 57.32 -3.07 -29.98
C GLU D 205 56.21 -2.89 -28.94
N LEU D 206 55.49 -3.98 -28.67
CA LEU D 206 54.47 -3.94 -27.64
C LEU D 206 55.07 -3.66 -26.29
N ALA D 207 56.18 -4.31 -25.96
CA ALA D 207 56.84 -4.15 -24.68
C ALA D 207 57.29 -2.71 -24.46
N ARG D 208 57.90 -2.10 -25.49
CA ARG D 208 58.38 -0.71 -25.38
C ARG D 208 57.25 0.24 -25.10
N GLY D 209 56.13 0.06 -25.80
CA GLY D 209 54.99 0.91 -25.62
C GLY D 209 54.41 0.79 -24.22
N ILE D 210 54.36 -0.43 -23.68
CA ILE D 210 53.89 -0.62 -22.33
C ILE D 210 54.84 -0.05 -21.32
N ALA D 211 56.15 -0.20 -21.55
CA ALA D 211 57.16 0.32 -20.65
C ALA D 211 57.11 1.82 -20.50
N GLU D 212 56.57 2.54 -21.49
CA GLU D 212 56.47 4.00 -21.44
C GLU D 212 55.27 4.46 -20.63
N LYS D 213 54.32 3.57 -20.34
CA LYS D 213 53.17 3.91 -19.49
C LYS D 213 53.64 4.22 -18.06
N PRO D 214 52.85 4.97 -17.30
CA PRO D 214 53.27 5.37 -15.94
C PRO D 214 53.54 4.16 -15.04
N LEU D 215 54.53 4.28 -14.17
CA LEU D 215 54.96 3.18 -13.30
C LEU D 215 53.80 2.35 -12.65
N LEU D 216 53.00 3.03 -11.81
CA LEU D 216 51.94 2.29 -11.13
C LEU D 216 50.85 1.84 -12.05
N ALA D 217 50.57 2.61 -13.10
CA ALA D 217 49.52 2.19 -14.02
C ALA D 217 49.88 0.86 -14.69
N ARG D 218 51.13 0.71 -15.08
CA ARG D 218 51.64 -0.50 -15.68
C ARG D 218 51.60 -1.67 -14.70
N ARG D 219 52.08 -1.45 -13.50
CA ARG D 219 52.14 -2.49 -12.49
C ARG D 219 50.74 -2.94 -12.05
N TYR D 220 49.88 -1.97 -11.80
CA TYR D 220 48.54 -2.30 -11.34
C TYR D 220 47.63 -2.86 -12.41
N ALA D 221 47.91 -2.55 -13.67
CA ALA D 221 47.19 -3.16 -14.75
C ALA D 221 47.41 -4.67 -14.72
N ARG D 222 48.64 -5.08 -14.52
CA ARG D 222 48.93 -6.50 -14.37
C ARG D 222 48.21 -7.08 -13.16
N LYS D 223 48.34 -6.42 -12.02
CA LYS D 223 47.75 -6.90 -10.76
C LYS D 223 46.25 -7.10 -10.82
N VAL D 224 45.53 -6.13 -11.39
CA VAL D 224 44.07 -6.19 -11.42
C VAL D 224 43.55 -7.25 -12.42
N LEU D 225 44.40 -7.62 -13.37
CA LEU D 225 44.04 -8.59 -14.43
C LEU D 225 44.37 -10.04 -14.14
N THR D 226 45.17 -10.31 -13.13
CA THR D 226 45.46 -11.66 -12.76
C THR D 226 44.67 -12.20 -11.58
N ARG D 227 43.65 -11.48 -11.12
CA ARG D 227 42.82 -11.95 -10.02
C ARG D 227 42.17 -13.34 -10.23
N GLN D 228 41.48 -13.53 -11.33
CA GLN D 228 40.71 -14.78 -11.54
C GLN D 228 41.65 -16.02 -11.62
N LEU D 229 42.76 -15.86 -12.34
CA LEU D 229 43.71 -16.95 -12.48
C LEU D 229 44.38 -17.31 -11.16
N ARG D 230 44.72 -16.29 -10.36
CA ARG D 230 45.26 -16.52 -9.04
C ARG D 230 44.27 -17.25 -8.14
N ARG D 231 43.01 -16.90 -8.27
CA ARG D 231 41.98 -17.49 -7.37
C ARG D 231 41.83 -18.97 -7.69
N VAL D 232 41.72 -19.31 -8.97
CA VAL D 232 41.54 -20.73 -9.36
C VAL D 232 42.84 -21.55 -9.17
N MET D 233 43.98 -20.92 -9.40
CA MET D 233 45.25 -21.55 -9.08
C MET D 233 45.40 -21.91 -7.61
N GLU D 234 45.09 -20.99 -6.70
CA GLU D 234 45.11 -21.30 -5.29
C GLU D 234 44.08 -22.41 -4.94
N ALA D 235 42.90 -22.35 -5.53
CA ALA D 235 41.87 -23.36 -5.23
C ALA D 235 42.30 -24.77 -5.63
N ASP D 236 42.92 -24.92 -6.80
CA ASP D 236 43.05 -26.21 -7.48
C ASP D 236 44.46 -26.78 -7.76
N LEU D 237 45.51 -25.95 -7.66
CA LEU D 237 46.84 -26.41 -8.12
C LEU D 237 47.38 -27.53 -7.27
N SER D 238 47.46 -27.32 -5.95
CA SER D 238 48.05 -28.32 -5.05
C SER D 238 47.23 -29.62 -5.04
N LEU D 239 45.91 -29.50 -5.15
CA LEU D 239 45.07 -30.69 -5.29
C LEU D 239 45.49 -31.53 -6.49
N GLY D 240 45.71 -30.88 -7.62
CA GLY D 240 46.16 -31.52 -8.82
C GLY D 240 47.49 -32.19 -8.71
N LEU D 241 48.43 -31.51 -8.07
CA LEU D 241 49.76 -32.02 -7.95
C LEU D 241 49.80 -33.26 -7.08
N ALA D 242 49.03 -33.28 -6.00
CA ALA D 242 49.05 -34.42 -5.10
C ALA D 242 48.37 -35.62 -5.75
N HIS D 243 47.28 -35.41 -6.46
CA HIS D 243 46.70 -36.50 -7.25
C HIS D 243 47.65 -37.04 -8.33
N GLU D 244 48.31 -36.15 -9.01
CA GLU D 244 49.25 -36.55 -10.06
C GLU D 244 50.39 -37.40 -9.47
N ALA D 245 50.93 -36.95 -8.35
CA ALA D 245 51.98 -37.68 -7.67
C ALA D 245 51.56 -39.10 -7.27
N LEU D 246 50.39 -39.21 -6.66
CA LEU D 246 49.81 -40.48 -6.29
C LEU D 246 49.63 -41.43 -7.46
N ALA D 247 49.07 -40.93 -8.57
CA ALA D 247 48.90 -41.77 -9.76
C ALA D 247 50.25 -42.21 -10.33
N ALA D 248 51.21 -41.29 -10.33
CA ALA D 248 52.51 -41.59 -10.92
C ALA D 248 53.31 -42.62 -10.13
N ILE D 249 53.23 -42.54 -8.80
CA ILE D 249 53.88 -43.52 -7.95
C ILE D 249 53.22 -44.91 -8.14
N ASP D 250 51.94 -44.95 -8.45
CA ASP D 250 51.25 -46.21 -8.67
C ASP D 250 51.84 -46.96 -9.86
N LEU D 251 52.36 -46.22 -10.85
CA LEU D 251 53.03 -46.79 -12.02
C LEU D 251 54.15 -47.80 -11.69
N GLY D 252 55.16 -47.37 -10.93
CA GLY D 252 56.20 -48.28 -10.42
C GLY D 252 55.72 -49.63 -9.88
N LEU E 4 9.08 3.46 0.58
CA LEU E 4 8.57 2.99 -0.76
C LEU E 4 9.21 3.69 -2.02
N ALA E 5 9.04 2.99 -3.14
CA ALA E 5 9.91 3.17 -4.30
C ALA E 5 9.49 4.37 -5.11
N THR E 6 10.46 5.01 -5.75
CA THR E 6 10.18 6.10 -6.64
C THR E 6 9.44 5.53 -7.88
N PRO E 7 8.23 6.01 -8.15
CA PRO E 7 7.51 5.52 -9.34
C PRO E 7 8.09 6.10 -10.62
N PHE E 8 7.81 5.43 -11.72
CA PHE E 8 8.32 5.80 -13.02
C PHE E 8 8.06 7.28 -13.37
N GLN E 9 6.86 7.76 -13.07
CA GLN E 9 6.51 9.12 -13.50
C GLN E 9 7.44 10.15 -12.78
N GLU E 10 7.95 9.84 -11.59
CA GLU E 10 8.95 10.73 -10.94
C GLU E 10 10.38 10.56 -11.52
N TYR E 11 10.86 9.36 -11.70
CA TYR E 11 12.28 9.25 -12.08
C TYR E 11 12.54 9.32 -13.58
N SER E 12 11.51 9.12 -14.40
CA SER E 12 11.64 9.15 -15.86
C SER E 12 12.16 10.52 -16.38
N GLN E 13 12.00 11.57 -15.56
CA GLN E 13 12.35 12.91 -15.99
C GLN E 13 13.52 13.51 -15.21
N LYS E 14 14.23 12.67 -14.46
CA LYS E 14 15.19 13.12 -13.48
C LYS E 14 16.59 13.35 -14.07
N TYR E 15 16.87 12.72 -15.19
CA TYR E 15 18.23 12.55 -15.66
C TYR E 15 18.46 13.26 -16.97
N GLU E 16 19.41 14.17 -17.01
CA GLU E 16 19.66 14.97 -18.21
C GLU E 16 20.36 14.17 -19.35
N ASN E 17 21.07 13.08 -19.02
CA ASN E 17 21.73 12.25 -20.01
C ASN E 17 21.02 10.91 -20.25
N ILE E 18 19.85 10.74 -19.70
CA ILE E 18 19.11 9.47 -19.85
C ILE E 18 17.66 9.73 -20.09
N ARG E 19 17.22 9.43 -21.31
CA ARG E 19 15.82 9.40 -21.66
C ARG E 19 15.24 8.04 -21.26
N LEU E 20 14.04 8.07 -20.73
CA LEU E 20 13.36 6.89 -20.23
C LEU E 20 11.93 6.84 -20.74
N GLU E 21 11.60 5.83 -21.52
CA GLU E 21 10.28 5.64 -22.08
C GLU E 21 9.85 4.22 -21.88
N ARG E 22 8.63 4.01 -21.41
CA ARG E 22 8.13 2.69 -21.16
C ARG E 22 6.82 2.41 -21.89
N ASP E 23 6.73 1.24 -22.51
CA ASP E 23 5.52 0.84 -23.21
C ASP E 23 5.26 -0.64 -23.00
N GLY E 24 4.10 -0.95 -22.46
CA GLY E 24 3.75 -2.32 -22.14
C GLY E 24 4.75 -3.01 -21.20
N GLY E 25 5.31 -2.28 -20.25
CA GLY E 25 6.29 -2.83 -19.34
C GLY E 25 7.72 -2.85 -19.85
N VAL E 26 7.94 -2.59 -21.13
CA VAL E 26 9.31 -2.54 -21.69
C VAL E 26 9.83 -1.15 -21.52
N LEU E 27 10.94 -1.02 -20.80
CA LEU E 27 11.59 0.25 -20.54
C LEU E 27 12.74 0.44 -21.51
N LEU E 28 12.64 1.49 -22.31
CA LEU E 28 13.70 1.91 -23.20
C LEU E 28 14.50 3.01 -22.54
N VAL E 29 15.78 2.74 -22.34
CA VAL E 29 16.73 3.63 -21.70
C VAL E 29 17.69 4.10 -22.80
N THR E 30 17.62 5.39 -23.11
CA THR E 30 18.45 5.99 -24.17
C THR E 30 19.38 7.01 -23.63
N VAL E 31 20.68 6.73 -23.70
CA VAL E 31 21.67 7.67 -23.23
C VAL E 31 21.98 8.68 -24.31
N HIS E 32 22.24 9.91 -23.92
CA HIS E 32 22.39 11.01 -24.88
C HIS E 32 22.91 12.27 -24.19
N THR E 33 23.49 13.17 -24.98
CA THR E 33 23.87 14.49 -24.53
C THR E 33 23.15 15.53 -25.41
N GLU E 34 22.15 16.17 -24.85
CA GLU E 34 21.26 17.09 -25.56
C GLU E 34 20.72 16.48 -26.85
N GLY E 35 20.21 15.26 -26.81
CA GLY E 35 19.75 14.55 -28.00
C GLY E 35 20.74 14.08 -29.06
N LYS E 36 22.03 14.27 -28.81
CA LYS E 36 23.09 13.75 -29.66
C LYS E 36 23.76 12.56 -28.93
N SER E 37 24.69 11.88 -29.59
CA SER E 37 25.39 10.74 -28.99
C SER E 37 26.03 11.14 -27.66
N LEU E 38 25.95 10.25 -26.67
CA LEU E 38 26.43 10.55 -25.34
C LEU E 38 27.88 10.92 -25.29
N VAL E 39 28.16 11.98 -24.57
CA VAL E 39 29.52 12.35 -24.18
C VAL E 39 29.67 11.95 -22.73
N TRP E 40 30.65 11.09 -22.48
CA TRP E 40 30.89 10.57 -21.14
C TRP E 40 31.41 11.68 -20.19
N THR E 41 30.71 11.87 -19.08
CA THR E 41 31.07 12.82 -18.06
C THR E 41 30.78 12.25 -16.69
N SER E 42 31.26 12.96 -15.68
CA SER E 42 30.96 12.66 -14.30
C SER E 42 29.46 12.63 -14.07
N THR E 43 28.75 13.60 -14.64
CA THR E 43 27.28 13.64 -14.53
C THR E 43 26.64 12.39 -15.11
N ALA E 44 27.03 11.99 -16.32
CA ALA E 44 26.41 10.82 -16.95
C ALA E 44 26.68 9.55 -16.17
N HIS E 45 27.90 9.42 -15.69
CA HIS E 45 28.33 8.29 -14.88
C HIS E 45 27.45 8.16 -13.64
N ASP E 46 27.31 9.26 -12.90
CA ASP E 46 26.59 9.25 -11.65
C ASP E 46 25.09 9.11 -11.91
N GLU E 47 24.57 9.77 -12.93
CA GLU E 47 23.17 9.63 -13.30
C GLU E 47 22.82 8.17 -13.58
N LEU E 48 23.69 7.47 -14.29
CA LEU E 48 23.43 6.06 -14.60
C LEU E 48 23.35 5.20 -13.31
N ALA E 49 24.22 5.47 -12.33
CA ALA E 49 24.19 4.74 -11.08
C ALA E 49 22.84 4.95 -10.41
N TYR E 50 22.39 6.18 -10.33
CA TYR E 50 21.13 6.46 -9.61
C TYR E 50 19.97 5.93 -10.41
N CYS E 51 20.08 6.05 -11.73
CA CYS E 51 19.03 5.56 -12.62
C CYS E 51 18.87 4.05 -12.52
N PHE E 52 19.97 3.32 -12.51
CA PHE E 52 19.86 1.86 -12.39
C PHE E 52 19.22 1.44 -11.09
N HIS E 53 19.44 2.19 -10.02
CA HIS E 53 18.78 1.90 -8.74
C HIS E 53 17.24 2.10 -8.88
N ASP E 54 16.85 3.23 -9.47
CA ASP E 54 15.41 3.51 -9.69
C ASP E 54 14.74 2.42 -10.54
N ILE E 55 15.45 1.99 -11.60
CA ILE E 55 14.95 0.90 -12.46
C ILE E 55 14.79 -0.39 -11.69
N ALA E 56 15.83 -0.75 -10.93
CA ALA E 56 15.82 -2.00 -10.18
C ALA E 56 14.66 -2.08 -9.19
N CYS E 57 14.32 -0.94 -8.57
CA CYS E 57 13.34 -0.92 -7.51
C CYS E 57 11.92 -0.79 -8.01
N ASP E 58 11.74 -0.53 -9.31
CA ASP E 58 10.42 -0.31 -9.89
C ASP E 58 9.98 -1.60 -10.57
N ARG E 59 9.05 -2.31 -9.94
CA ARG E 59 8.60 -3.62 -10.41
C ARG E 59 7.74 -3.58 -11.66
N GLU E 60 7.33 -2.39 -12.09
CA GLU E 60 6.59 -2.28 -13.36
C GLU E 60 7.50 -2.29 -14.59
N ASN E 61 8.81 -2.23 -14.38
CA ASN E 61 9.73 -2.55 -15.47
C ASN E 61 9.77 -4.07 -15.66
N LYS E 62 9.34 -4.54 -16.82
CA LYS E 62 9.29 -5.97 -17.10
C LYS E 62 10.55 -6.45 -17.81
N VAL E 63 11.13 -5.56 -18.62
CA VAL E 63 12.36 -5.83 -19.36
C VAL E 63 12.98 -4.47 -19.69
N VAL E 64 14.31 -4.39 -19.78
CA VAL E 64 15.03 -3.16 -20.05
C VAL E 64 15.78 -3.28 -21.38
N ILE E 65 15.67 -2.24 -22.21
CA ILE E 65 16.52 -2.05 -23.37
C ILE E 65 17.42 -0.86 -23.11
N LEU E 66 18.73 -1.06 -23.19
CA LEU E 66 19.70 0.00 -23.07
C LEU E 66 20.24 0.34 -24.44
N THR E 67 20.14 1.62 -24.83
CA THR E 67 20.65 2.06 -26.11
C THR E 67 21.19 3.48 -26.08
N GLY E 68 21.82 3.86 -27.18
CA GLY E 68 22.32 5.21 -27.39
C GLY E 68 21.52 5.87 -28.49
N THR E 69 22.04 6.99 -28.99
CA THR E 69 21.38 7.72 -30.05
C THR E 69 22.43 8.29 -31.00
N GLY E 70 22.02 8.51 -32.24
CA GLY E 70 22.93 9.03 -33.26
C GLY E 70 23.91 7.97 -33.73
N PRO E 71 25.00 8.39 -34.36
CA PRO E 71 25.97 7.43 -34.91
C PRO E 71 26.82 6.66 -33.87
N SER E 72 26.93 7.17 -32.65
CA SER E 72 27.71 6.52 -31.59
C SER E 72 26.85 6.14 -30.37
N PHE E 73 27.21 5.05 -29.71
CA PHE E 73 26.65 4.74 -28.41
C PHE E 73 27.31 5.64 -27.36
N CYS E 74 28.63 5.61 -27.27
CA CYS E 74 29.40 6.61 -26.52
C CYS E 74 30.83 6.56 -26.93
N ASN E 75 31.27 7.53 -27.76
CA ASN E 75 32.66 7.55 -28.17
C ASN E 75 33.35 8.88 -28.01
N GLU E 76 32.85 9.66 -27.07
CA GLU E 76 33.50 10.90 -26.64
C GLU E 76 33.50 10.98 -25.11
N ILE E 77 34.56 11.54 -24.55
CA ILE E 77 34.68 11.77 -23.09
C ILE E 77 35.13 13.20 -22.80
N ASP E 78 34.63 13.76 -21.72
CA ASP E 78 35.15 15.02 -21.18
C ASP E 78 35.86 14.73 -19.86
N PHE E 79 37.15 14.45 -19.95
CA PHE E 79 37.96 14.17 -18.75
C PHE E 79 37.92 15.31 -17.72
N THR E 80 37.73 16.54 -18.19
CA THR E 80 37.72 17.70 -17.27
C THR E 80 36.50 17.72 -16.35
N SER E 81 35.45 16.96 -16.68
CA SER E 81 34.29 16.87 -15.81
C SER E 81 34.56 16.02 -14.56
N PHE E 82 35.65 15.29 -14.55
CA PHE E 82 36.04 14.46 -13.41
C PHE E 82 37.17 15.12 -12.60
N ASN E 83 37.17 14.86 -11.29
CA ASN E 83 38.28 15.24 -10.41
C ASN E 83 39.10 14.00 -10.03
N LEU E 84 40.33 13.92 -10.52
CA LEU E 84 41.15 12.70 -10.42
C LEU E 84 42.47 12.88 -9.67
N GLY E 85 42.57 13.96 -8.91
CA GLY E 85 43.84 14.35 -8.32
C GLY E 85 44.13 13.87 -6.90
N THR E 86 43.10 13.63 -6.08
CA THR E 86 43.29 13.30 -4.64
C THR E 86 42.53 12.07 -4.22
N PRO E 87 42.91 11.47 -3.08
CA PRO E 87 42.14 10.33 -2.59
C PRO E 87 40.70 10.66 -2.26
N HIS E 88 40.42 11.84 -1.76
CA HIS E 88 39.05 12.12 -1.35
C HIS E 88 38.14 12.31 -2.59
N ASP E 89 38.69 12.87 -3.64
CA ASP E 89 37.98 12.93 -4.91
C ASP E 89 37.78 11.53 -5.53
N TRP E 90 38.82 10.71 -5.45
CA TRP E 90 38.74 9.35 -5.93
C TRP E 90 37.77 8.54 -5.09
N ASP E 91 37.56 8.87 -3.81
CA ASP E 91 36.58 8.08 -3.04
C ASP E 91 35.21 8.30 -3.55
N GLU E 92 34.89 9.51 -4.03
CA GLU E 92 33.54 9.73 -4.61
C GLU E 92 33.35 8.84 -5.85
N ILE E 93 34.37 8.79 -6.69
CA ILE E 93 34.35 8.02 -7.96
C ILE E 93 34.27 6.55 -7.64
N ILE E 94 35.07 6.10 -6.63
CA ILE E 94 35.01 4.69 -6.19
C ILE E 94 33.61 4.34 -5.72
N PHE E 95 33.05 5.18 -4.89
CA PHE E 95 31.77 4.86 -4.29
C PHE E 95 30.68 4.81 -5.36
N GLU E 96 30.68 5.78 -6.26
CA GLU E 96 29.67 5.83 -7.35
C GLU E 96 29.93 4.76 -8.44
N GLY E 97 31.19 4.42 -8.64
CA GLY E 97 31.60 3.39 -9.58
C GLY E 97 31.12 2.04 -9.17
N GLN E 98 31.26 1.75 -7.86
CA GLN E 98 30.65 0.58 -7.26
C GLN E 98 29.13 0.60 -7.44
N ARG E 99 28.50 1.70 -7.11
CA ARG E 99 27.05 1.78 -7.27
C ARG E 99 26.61 1.59 -8.72
N LEU E 100 27.38 2.14 -9.65
CA LEU E 100 27.05 2.03 -11.07
C LEU E 100 26.87 0.57 -11.49
N LEU E 101 27.88 -0.25 -11.26
CA LEU E 101 27.83 -1.64 -11.69
C LEU E 101 27.00 -2.54 -10.75
N ASN E 102 27.06 -2.32 -9.44
CA ASN E 102 26.26 -3.10 -8.52
C ASN E 102 24.75 -2.80 -8.71
N ASN E 103 24.41 -1.54 -8.95
CA ASN E 103 22.98 -1.23 -9.20
C ASN E 103 22.48 -1.86 -10.51
N LEU E 104 23.33 -1.84 -11.55
CA LEU E 104 23.02 -2.52 -12.80
C LEU E 104 22.74 -4.00 -12.55
N LEU E 105 23.60 -4.64 -11.78
CA LEU E 105 23.45 -6.06 -11.50
C LEU E 105 22.26 -6.34 -10.56
N SER E 106 21.80 -5.33 -9.83
CA SER E 106 20.68 -5.49 -8.95
C SER E 106 19.33 -5.48 -9.68
N ILE E 107 19.31 -5.04 -10.94
CA ILE E 107 18.10 -5.09 -11.75
C ILE E 107 17.73 -6.55 -11.94
N GLU E 108 16.48 -6.89 -11.58
CA GLU E 108 16.02 -8.29 -11.61
C GLU E 108 15.02 -8.57 -12.70
N VAL E 109 15.20 -7.93 -13.84
CA VAL E 109 14.54 -8.33 -15.07
C VAL E 109 15.62 -8.38 -16.19
N PRO E 110 15.38 -9.14 -17.23
CA PRO E 110 16.32 -9.24 -18.35
C PRO E 110 16.67 -7.87 -18.95
N VAL E 111 17.93 -7.69 -19.28
CA VAL E 111 18.47 -6.45 -19.88
C VAL E 111 19.02 -6.77 -21.27
N ILE E 112 18.56 -5.99 -22.26
CA ILE E 112 18.95 -6.09 -23.66
C ILE E 112 19.72 -4.82 -24.02
N ALA E 113 20.92 -4.98 -24.52
CA ALA E 113 21.68 -3.87 -25.04
C ALA E 113 21.45 -3.78 -26.56
N ALA E 114 21.26 -2.56 -27.04
CA ALA E 114 21.21 -2.28 -28.47
C ALA E 114 22.32 -1.24 -28.75
N VAL E 115 23.46 -1.70 -29.18
CA VAL E 115 24.63 -0.86 -29.31
C VAL E 115 24.62 -0.25 -30.75
N ASN E 116 24.26 1.02 -30.80
CA ASN E 116 23.92 1.67 -32.07
C ASN E 116 25.11 2.20 -32.82
N GLY E 117 26.29 2.16 -32.21
CA GLY E 117 27.49 2.60 -32.83
C GLY E 117 28.65 2.43 -31.90
N PRO E 118 29.78 3.06 -32.23
CA PRO E 118 30.96 2.96 -31.38
C PRO E 118 30.73 3.26 -29.90
N VAL E 119 31.31 2.40 -29.07
CA VAL E 119 31.38 2.66 -27.61
C VAL E 119 32.84 2.51 -27.18
N THR E 120 33.40 3.60 -26.70
CA THR E 120 34.76 3.64 -26.21
C THR E 120 34.83 4.05 -24.75
N ASN E 121 33.70 4.44 -24.18
CA ASN E 121 33.62 4.76 -22.78
C ASN E 121 32.53 3.95 -22.15
N ALA E 122 32.86 3.33 -21.01
CA ALA E 122 31.95 2.42 -20.31
C ALA E 122 31.33 1.31 -21.21
N PRO E 123 32.12 0.71 -22.09
CA PRO E 123 31.58 -0.34 -22.96
C PRO E 123 31.17 -1.59 -22.16
N GLU E 124 31.66 -1.69 -20.92
CA GLU E 124 31.32 -2.82 -20.08
C GLU E 124 29.82 -2.79 -19.76
N ILE E 125 29.19 -1.62 -19.73
CA ILE E 125 27.79 -1.54 -19.34
C ILE E 125 26.86 -2.31 -20.32
N PRO E 126 26.91 -2.02 -21.61
CA PRO E 126 26.13 -2.83 -22.55
C PRO E 126 26.49 -4.31 -22.57
N VAL E 127 27.75 -4.62 -22.45
CA VAL E 127 28.20 -6.00 -22.57
C VAL E 127 27.85 -6.89 -21.32
N MET E 128 27.49 -6.23 -20.21
CA MET E 128 26.95 -6.91 -19.03
C MET E 128 25.51 -7.34 -19.19
N SER E 129 24.87 -6.95 -20.29
CA SER E 129 23.50 -7.32 -20.55
C SER E 129 23.31 -8.82 -20.81
N ASP E 130 22.09 -9.29 -20.61
CA ASP E 130 21.74 -10.69 -20.90
C ASP E 130 21.66 -11.03 -22.38
N ILE E 131 21.29 -10.01 -23.18
CA ILE E 131 21.21 -10.14 -24.63
C ILE E 131 21.90 -8.90 -25.18
N VAL E 132 22.88 -9.09 -26.08
CA VAL E 132 23.64 -7.98 -26.63
C VAL E 132 23.46 -7.95 -28.15
N LEU E 133 22.86 -6.87 -28.63
CA LEU E 133 22.60 -6.63 -30.04
C LEU E 133 23.45 -5.44 -30.46
N ALA E 134 24.09 -5.55 -31.62
CA ALA E 134 24.98 -4.48 -32.10
C ALA E 134 24.61 -4.15 -33.55
N ALA E 135 24.60 -2.86 -33.87
CA ALA E 135 24.62 -2.39 -35.25
C ALA E 135 25.92 -2.79 -35.94
N GLU E 136 25.88 -2.86 -37.26
CA GLU E 136 27.08 -3.20 -38.03
C GLU E 136 28.21 -2.22 -37.78
N SER E 137 27.87 -0.97 -37.47
CA SER E 137 28.86 0.06 -37.17
C SER E 137 29.38 0.07 -35.72
N ALA E 138 28.80 -0.75 -34.86
CA ALA E 138 29.25 -0.76 -33.48
C ALA E 138 30.69 -1.22 -33.35
N THR E 139 31.39 -0.58 -32.45
CA THR E 139 32.72 -1.01 -32.08
C THR E 139 32.85 -0.93 -30.57
N PHE E 140 33.83 -1.63 -30.02
CA PHE E 140 34.05 -1.69 -28.58
C PHE E 140 35.52 -1.50 -28.33
N GLN E 141 35.84 -0.56 -27.47
CA GLN E 141 37.21 -0.32 -27.05
C GLN E 141 37.20 0.25 -25.61
N ASP E 142 38.18 -0.15 -24.79
CA ASP E 142 38.33 0.42 -23.45
C ASP E 142 39.12 1.72 -23.56
N GLY E 143 38.46 2.76 -24.02
CA GLY E 143 39.11 4.01 -24.35
C GLY E 143 39.86 4.77 -23.25
N PRO E 144 39.20 5.06 -22.14
CA PRO E 144 39.75 6.01 -21.16
C PRO E 144 40.68 5.39 -20.10
N HIS E 145 41.00 4.10 -20.20
CA HIS E 145 41.90 3.51 -19.22
C HIS E 145 43.34 3.42 -19.73
N PHE E 146 43.81 2.26 -20.15
CA PHE E 146 45.24 2.12 -20.38
C PHE E 146 45.78 3.00 -21.52
N PRO E 147 45.00 3.31 -22.56
CA PRO E 147 45.46 4.28 -23.57
C PRO E 147 45.77 5.66 -22.98
N SER E 148 45.07 6.06 -21.91
CA SER E 148 45.40 7.31 -21.19
C SER E 148 46.30 7.13 -19.97
N GLY E 149 46.90 5.98 -19.83
CA GLY E 149 47.80 5.70 -18.72
C GLY E 149 47.08 5.51 -17.38
N ILE E 150 45.84 5.05 -17.45
CA ILE E 150 45.00 4.81 -16.28
C ILE E 150 44.70 3.33 -16.21
N VAL E 151 44.74 2.79 -15.01
CA VAL E 151 44.47 1.35 -14.81
C VAL E 151 43.04 1.02 -15.16
N PRO E 152 42.80 -0.05 -15.92
CA PRO E 152 41.44 -0.47 -16.20
C PRO E 152 40.78 -1.19 -15.00
N GLY E 153 40.65 -0.48 -13.87
CA GLY E 153 40.31 -1.08 -12.60
C GLY E 153 38.87 -0.84 -12.15
N ASP E 154 38.02 -0.34 -13.05
CA ASP E 154 36.68 0.11 -12.69
C ASP E 154 35.59 -0.90 -12.95
N GLY E 155 35.97 -2.14 -13.18
CA GLY E 155 35.07 -3.18 -13.61
C GLY E 155 35.42 -3.67 -15.03
N ALA E 156 36.11 -2.85 -15.81
CA ALA E 156 36.64 -3.28 -17.10
C ALA E 156 37.49 -4.56 -16.87
N HIS E 157 38.27 -4.56 -15.78
CA HIS E 157 39.12 -5.72 -15.44
C HIS E 157 38.36 -6.97 -15.06
N VAL E 158 37.11 -6.81 -14.66
CA VAL E 158 36.24 -7.94 -14.36
C VAL E 158 35.55 -8.42 -15.62
N VAL E 159 34.87 -7.51 -16.29
CA VAL E 159 33.96 -7.84 -17.35
C VAL E 159 34.67 -8.41 -18.58
N TRP E 160 35.74 -7.78 -19.04
CA TRP E 160 36.32 -8.18 -20.33
C TRP E 160 36.97 -9.57 -20.28
N PRO E 161 37.77 -9.92 -19.26
CA PRO E 161 38.21 -11.31 -19.13
C PRO E 161 37.06 -12.28 -18.92
N HIS E 162 36.00 -11.85 -18.25
CA HIS E 162 34.85 -12.69 -18.01
C HIS E 162 34.10 -13.01 -19.32
N VAL E 163 33.89 -12.02 -20.18
CA VAL E 163 33.10 -12.24 -21.40
C VAL E 163 33.93 -12.73 -22.55
N LEU E 164 35.16 -12.21 -22.70
CA LEU E 164 35.99 -12.58 -23.84
C LEU E 164 36.90 -13.75 -23.57
N GLY E 165 37.11 -14.07 -22.31
CA GLY E 165 38.06 -15.08 -21.90
C GLY E 165 39.31 -14.42 -21.41
N SER E 166 40.11 -15.19 -20.69
CA SER E 166 41.29 -14.69 -20.02
C SER E 166 42.27 -13.96 -20.94
N ASN E 167 42.63 -14.58 -22.05
CA ASN E 167 43.71 -14.04 -22.87
C ASN E 167 43.23 -12.95 -23.80
N ARG E 168 42.05 -13.12 -24.35
CA ARG E 168 41.46 -12.08 -25.15
C ARG E 168 41.11 -10.84 -24.32
N GLY E 169 40.62 -11.04 -23.11
CA GLY E 169 40.30 -9.97 -22.22
C GLY E 169 41.51 -9.14 -21.82
N ARG E 170 42.60 -9.79 -21.46
CA ARG E 170 43.75 -9.08 -20.98
C ARG E 170 44.40 -8.33 -22.14
N TYR E 171 44.46 -8.97 -23.28
CA TYR E 171 45.01 -8.34 -24.51
C TYR E 171 44.20 -7.09 -24.93
N PHE E 172 42.89 -7.23 -24.90
CA PHE E 172 41.98 -6.15 -25.22
C PHE E 172 42.28 -4.91 -24.35
N LEU E 173 42.49 -5.15 -23.07
CA LEU E 173 42.66 -4.06 -22.11
C LEU E 173 44.06 -3.44 -22.16
N LEU E 174 45.04 -4.22 -22.57
CA LEU E 174 46.43 -3.76 -22.53
C LEU E 174 46.99 -3.17 -23.83
N THR E 175 46.29 -3.39 -24.94
CA THR E 175 46.83 -3.02 -26.27
C THR E 175 46.00 -2.01 -27.02
N GLY E 176 44.95 -1.50 -26.42
CA GLY E 176 44.14 -0.48 -27.08
C GLY E 176 43.26 -1.07 -28.17
N GLN E 177 43.02 -2.37 -28.10
CA GLN E 177 42.25 -3.03 -29.13
C GLN E 177 40.86 -2.49 -29.31
N GLU E 178 40.46 -2.34 -30.58
CA GLU E 178 39.09 -2.01 -30.89
C GLU E 178 38.44 -3.18 -31.61
N LEU E 179 37.35 -3.69 -31.04
CA LEU E 179 36.61 -4.76 -31.66
C LEU E 179 35.53 -4.16 -32.53
N ASP E 180 35.48 -4.58 -33.80
CA ASP E 180 34.37 -4.25 -34.65
C ASP E 180 33.23 -5.16 -34.30
N ALA E 181 32.06 -4.92 -34.86
CA ALA E 181 30.88 -5.64 -34.49
C ALA E 181 31.01 -7.18 -34.69
N ARG E 182 31.56 -7.59 -35.82
CA ARG E 182 31.66 -9.01 -36.17
C ARG E 182 32.72 -9.71 -35.39
N THR E 183 33.76 -8.99 -34.99
CA THR E 183 34.75 -9.56 -34.08
C THR E 183 34.16 -9.76 -32.67
N ALA E 184 33.39 -8.78 -32.20
CA ALA E 184 32.72 -8.90 -30.91
C ALA E 184 31.74 -10.05 -30.92
N LEU E 185 31.05 -10.24 -32.07
CA LEU E 185 30.18 -11.40 -32.27
C LEU E 185 30.96 -12.71 -32.22
N ASP E 186 32.08 -12.80 -32.94
CA ASP E 186 32.91 -13.98 -32.94
C ASP E 186 33.47 -14.29 -31.53
N TYR E 187 33.86 -13.26 -30.79
CA TYR E 187 34.43 -13.41 -29.45
C TYR E 187 33.39 -13.76 -28.42
N GLY E 188 32.12 -13.62 -28.75
CA GLY E 188 31.05 -13.98 -27.86
C GLY E 188 30.52 -12.85 -26.96
N ALA E 189 30.96 -11.62 -27.19
CA ALA E 189 30.46 -10.49 -26.43
C ALA E 189 29.14 -9.99 -26.97
N VAL E 190 28.92 -10.19 -28.27
CA VAL E 190 27.73 -9.75 -28.96
C VAL E 190 26.99 -11.01 -29.40
N ASN E 191 25.67 -10.98 -29.29
CA ASN E 191 24.81 -12.07 -29.76
C ASN E 191 24.28 -11.96 -31.20
N GLU E 192 23.96 -10.75 -31.63
CA GLU E 192 23.44 -10.51 -32.98
C GLU E 192 23.99 -9.20 -33.52
N VAL E 193 24.33 -9.19 -34.81
CA VAL E 193 24.74 -7.96 -35.52
C VAL E 193 23.66 -7.68 -36.57
N LEU E 194 23.15 -6.46 -36.54
CA LEU E 194 22.02 -6.04 -37.37
C LEU E 194 22.36 -4.73 -38.08
N SER E 195 21.60 -4.40 -39.14
CA SER E 195 21.75 -3.07 -39.73
C SER E 195 21.27 -2.07 -38.71
N GLU E 196 21.67 -0.82 -38.92
CA GLU E 196 21.27 0.25 -38.02
C GLU E 196 19.76 0.36 -37.94
N GLN E 197 19.06 0.16 -39.05
CA GLN E 197 17.62 0.30 -39.08
C GLN E 197 16.90 -0.84 -38.39
N GLU E 198 17.48 -2.04 -38.45
CA GLU E 198 16.86 -3.22 -37.86
C GLU E 198 17.15 -3.33 -36.36
N LEU E 199 18.12 -2.58 -35.85
CA LEU E 199 18.62 -2.84 -34.49
C LEU E 199 17.54 -2.62 -33.42
N LEU E 200 16.98 -1.42 -33.33
CA LEU E 200 15.93 -1.21 -32.34
C LEU E 200 14.67 -2.01 -32.56
N PRO E 201 14.15 -2.16 -33.79
CA PRO E 201 13.02 -3.08 -33.97
C PRO E 201 13.31 -4.48 -33.42
N ARG E 202 14.54 -4.97 -33.55
CA ARG E 202 14.92 -6.28 -33.05
C ARG E 202 14.92 -6.30 -31.52
N ALA E 203 15.50 -5.28 -30.92
CA ALA E 203 15.45 -5.12 -29.47
C ALA E 203 14.04 -5.12 -28.92
N TRP E 204 13.13 -4.37 -29.57
CA TRP E 204 11.73 -4.36 -29.16
C TRP E 204 11.08 -5.72 -29.35
N GLU E 205 11.39 -6.41 -30.45
CA GLU E 205 10.79 -7.71 -30.74
C GLU E 205 11.14 -8.69 -29.62
N LEU E 206 12.42 -8.75 -29.28
CA LEU E 206 12.89 -9.60 -28.19
C LEU E 206 12.30 -9.23 -26.84
N ALA E 207 12.26 -7.94 -26.55
CA ALA E 207 11.75 -7.44 -25.31
C ALA E 207 10.26 -7.76 -25.13
N ARG E 208 9.48 -7.57 -26.18
CA ARG E 208 8.05 -7.85 -26.13
C ARG E 208 7.81 -9.29 -25.83
N GLY E 209 8.56 -10.16 -26.48
CA GLY E 209 8.39 -11.58 -26.29
C GLY E 209 8.75 -11.98 -24.85
N ILE E 210 9.83 -11.42 -24.32
CA ILE E 210 10.19 -11.69 -22.92
C ILE E 210 9.15 -11.11 -21.95
N ALA E 211 8.63 -9.92 -22.25
CA ALA E 211 7.65 -9.27 -21.40
C ALA E 211 6.38 -10.08 -21.26
N GLU E 212 6.08 -10.92 -22.25
CA GLU E 212 4.85 -11.72 -22.22
C GLU E 212 5.01 -13.00 -21.38
N LYS E 213 6.24 -13.33 -20.98
CA LYS E 213 6.49 -14.48 -20.11
C LYS E 213 5.89 -14.25 -18.72
N PRO E 214 5.59 -15.32 -17.97
CA PRO E 214 5.04 -15.14 -16.61
C PRO E 214 5.98 -14.30 -15.73
N LEU E 215 5.35 -13.47 -14.90
CA LEU E 215 6.02 -12.51 -14.00
C LEU E 215 7.26 -13.05 -13.30
N LEU E 216 7.09 -14.08 -12.50
CA LEU E 216 8.23 -14.59 -11.72
C LEU E 216 9.23 -15.34 -12.55
N ALA E 217 8.77 -15.99 -13.63
CA ALA E 217 9.69 -16.68 -14.54
C ALA E 217 10.64 -15.69 -15.18
N ARG E 218 10.11 -14.54 -15.59
CA ARG E 218 10.92 -13.49 -16.20
C ARG E 218 11.96 -12.91 -15.20
N ARG E 219 11.48 -12.63 -14.01
CA ARG E 219 12.34 -12.01 -12.98
C ARG E 219 13.41 -13.00 -12.52
N TYR E 220 13.02 -14.24 -12.26
CA TYR E 220 13.99 -15.20 -11.76
C TYR E 220 14.95 -15.72 -12.81
N ALA E 221 14.59 -15.64 -14.08
CA ALA E 221 15.51 -15.98 -15.16
C ALA E 221 16.75 -15.10 -15.08
N ARG E 222 16.52 -13.82 -14.91
CA ARG E 222 17.58 -12.85 -14.71
C ARG E 222 18.43 -13.17 -13.49
N LYS E 223 17.74 -13.44 -12.39
CA LYS E 223 18.42 -13.70 -11.13
C LYS E 223 19.33 -14.93 -11.16
N VAL E 224 18.85 -16.00 -11.75
CA VAL E 224 19.63 -17.23 -11.74
C VAL E 224 20.81 -17.15 -12.75
N LEU E 225 20.73 -16.21 -13.69
CA LEU E 225 21.76 -16.05 -14.72
C LEU E 225 22.88 -15.11 -14.41
N THR E 226 22.72 -14.24 -13.42
CA THR E 226 23.78 -13.29 -13.07
C THR E 226 24.62 -13.67 -11.87
N ARG E 227 24.50 -14.90 -11.38
CA ARG E 227 25.28 -15.36 -10.21
C ARG E 227 26.80 -15.22 -10.33
N GLN E 228 27.38 -15.69 -11.41
CA GLN E 228 28.84 -15.70 -11.50
C GLN E 228 29.40 -14.28 -11.71
N LEU E 229 28.71 -13.50 -12.50
CA LEU E 229 29.11 -12.11 -12.70
C LEU E 229 29.07 -11.33 -11.38
N ARG E 230 27.99 -11.50 -10.60
CA ARG E 230 27.89 -10.89 -9.27
C ARG E 230 29.02 -11.35 -8.35
N ARG E 231 29.37 -12.62 -8.45
CA ARG E 231 30.40 -13.17 -7.52
C ARG E 231 31.74 -12.54 -7.83
N VAL E 232 32.11 -12.52 -9.09
CA VAL E 232 33.42 -11.97 -9.47
C VAL E 232 33.49 -10.45 -9.33
N MET E 233 32.39 -9.76 -9.59
CA MET E 233 32.30 -8.33 -9.33
C MET E 233 32.52 -8.02 -7.84
N GLU E 234 31.83 -8.71 -6.97
CA GLU E 234 32.03 -8.55 -5.53
C GLU E 234 33.49 -8.85 -5.14
N ALA E 235 34.05 -9.93 -5.70
CA ALA E 235 35.46 -10.31 -5.35
C ALA E 235 36.47 -9.25 -5.73
N ASP E 236 36.29 -8.65 -6.92
CA ASP E 236 37.37 -7.90 -7.57
C ASP E 236 37.17 -6.44 -7.91
N LEU E 237 35.95 -5.93 -7.89
CA LEU E 237 35.72 -4.56 -8.31
C LEU E 237 36.41 -3.50 -7.45
N SER E 238 36.16 -3.50 -6.14
CA SER E 238 36.73 -2.52 -5.25
C SER E 238 38.25 -2.57 -5.23
N LEU E 239 38.81 -3.74 -5.31
CA LEU E 239 40.26 -3.87 -5.40
C LEU E 239 40.78 -3.11 -6.61
N GLY E 240 40.10 -3.31 -7.75
CA GLY E 240 40.44 -2.63 -8.96
C GLY E 240 40.44 -1.14 -8.81
N LEU E 241 39.35 -0.62 -8.24
CA LEU E 241 39.08 0.81 -8.14
C LEU E 241 40.13 1.48 -7.24
N ALA E 242 40.50 0.83 -6.13
CA ALA E 242 41.46 1.44 -5.22
C ALA E 242 42.86 1.45 -5.84
N HIS E 243 43.25 0.38 -6.53
CA HIS E 243 44.54 0.38 -7.24
C HIS E 243 44.54 1.43 -8.36
N GLU E 244 43.44 1.54 -9.10
CA GLU E 244 43.36 2.53 -10.17
C GLU E 244 43.50 3.93 -9.57
N ALA E 245 42.80 4.23 -8.48
CA ALA E 245 42.95 5.53 -7.80
C ALA E 245 44.38 5.81 -7.43
N LEU E 246 45.04 4.86 -6.76
CA LEU E 246 46.44 5.03 -6.38
C LEU E 246 47.34 5.39 -7.55
N ALA E 247 47.22 4.62 -8.61
CA ALA E 247 48.02 4.90 -9.80
C ALA E 247 47.74 6.27 -10.40
N ALA E 248 46.47 6.68 -10.45
CA ALA E 248 46.11 7.95 -11.07
C ALA E 248 46.63 9.10 -10.23
N ILE E 249 46.52 8.99 -8.90
CA ILE E 249 47.01 10.04 -8.02
C ILE E 249 48.52 10.21 -8.17
N ASP E 250 49.21 9.10 -8.45
CA ASP E 250 50.66 9.12 -8.61
C ASP E 250 51.05 9.99 -9.85
N LEU E 251 50.18 10.07 -10.86
CA LEU E 251 50.38 10.94 -12.04
C LEU E 251 50.62 12.39 -11.69
N ALA F 5 28.71 -51.99 -2.91
CA ALA F 5 28.21 -51.31 -4.14
C ALA F 5 27.43 -52.28 -5.01
N THR F 6 26.39 -51.78 -5.68
CA THR F 6 25.62 -52.58 -6.64
C THR F 6 26.51 -52.91 -7.85
N PRO F 7 26.66 -54.20 -8.16
CA PRO F 7 27.56 -54.60 -9.25
C PRO F 7 26.80 -54.41 -10.57
N PHE F 8 27.55 -54.31 -11.64
CA PHE F 8 27.02 -54.05 -12.96
C PHE F 8 25.94 -55.01 -13.40
N GLN F 9 26.09 -56.29 -13.06
CA GLN F 9 25.09 -57.28 -13.48
C GLN F 9 23.74 -57.03 -12.86
N GLU F 10 23.69 -56.42 -11.70
CA GLU F 10 22.42 -55.99 -11.11
C GLU F 10 21.86 -54.65 -11.68
N TYR F 11 22.68 -53.60 -11.79
CA TYR F 11 22.09 -52.32 -12.18
C TYR F 11 21.94 -52.14 -13.70
N SER F 12 22.64 -52.96 -14.49
CA SER F 12 22.60 -52.85 -15.93
C SER F 12 21.19 -53.12 -16.48
N GLN F 13 20.36 -53.80 -15.70
CA GLN F 13 19.02 -54.17 -16.13
C GLN F 13 17.90 -53.46 -15.38
N LYS F 14 18.24 -52.45 -14.59
CA LYS F 14 17.32 -51.85 -13.62
C LYS F 14 16.44 -50.74 -14.25
N TYR F 15 16.88 -50.16 -15.36
CA TYR F 15 16.35 -48.88 -15.85
C TYR F 15 15.66 -49.02 -17.22
N GLU F 16 14.36 -48.76 -17.28
CA GLU F 16 13.61 -48.91 -18.51
C GLU F 16 14.01 -47.91 -19.63
N ASN F 17 14.57 -46.74 -19.26
CA ASN F 17 15.02 -45.76 -20.27
C ASN F 17 16.51 -45.69 -20.51
N ILE F 18 17.27 -46.60 -19.91
CA ILE F 18 18.71 -46.61 -20.03
C ILE F 18 19.24 -48.03 -20.26
N ARG F 19 19.77 -48.25 -21.46
CA ARG F 19 20.46 -49.47 -21.79
C ARG F 19 21.93 -49.28 -21.36
N LEU F 20 22.49 -50.33 -20.76
CA LEU F 20 23.82 -50.31 -20.20
C LEU F 20 24.59 -51.56 -20.63
N GLU F 21 25.64 -51.34 -21.40
CA GLU F 21 26.44 -52.40 -21.99
C GLU F 21 27.90 -52.03 -21.74
N ARG F 22 28.66 -52.99 -21.27
CA ARG F 22 30.06 -52.75 -20.97
C ARG F 22 30.99 -53.80 -21.58
N ASP F 23 32.06 -53.32 -22.18
CA ASP F 23 33.06 -54.18 -22.76
C ASP F 23 34.46 -53.60 -22.55
N GLY F 24 35.29 -54.45 -21.95
CA GLY F 24 36.65 -54.05 -21.60
C GLY F 24 36.71 -52.78 -20.76
N GLY F 25 35.76 -52.64 -19.87
CA GLY F 25 35.61 -51.49 -18.98
C GLY F 25 35.00 -50.23 -19.59
N VAL F 26 34.70 -50.25 -20.87
CA VAL F 26 34.04 -49.14 -21.54
C VAL F 26 32.53 -49.36 -21.39
N LEU F 27 31.89 -48.45 -20.67
CA LEU F 27 30.48 -48.50 -20.40
C LEU F 27 29.74 -47.60 -21.37
N LEU F 28 28.86 -48.19 -22.16
CA LEU F 28 28.01 -47.45 -23.12
C LEU F 28 26.60 -47.34 -22.55
N VAL F 29 26.20 -46.10 -22.31
CA VAL F 29 24.96 -45.73 -21.70
C VAL F 29 24.09 -45.17 -22.84
N THR F 30 23.02 -45.90 -23.19
CA THR F 30 22.14 -45.48 -24.27
C THR F 30 20.76 -45.16 -23.76
N VAL F 31 20.36 -43.89 -23.86
CA VAL F 31 19.03 -43.50 -23.38
C VAL F 31 18.03 -43.74 -24.51
N HIS F 32 16.83 -44.14 -24.11
CA HIS F 32 15.83 -44.58 -25.08
C HIS F 32 14.44 -44.71 -24.44
N THR F 33 13.42 -44.67 -25.29
CA THR F 33 12.07 -45.01 -24.88
C THR F 33 11.62 -46.16 -25.78
N GLU F 34 11.53 -47.35 -25.19
CA GLU F 34 11.22 -48.60 -25.90
C GLU F 34 12.04 -48.78 -27.17
N GLY F 35 13.33 -48.59 -27.09
CA GLY F 35 14.21 -48.69 -28.26
C GLY F 35 14.16 -47.61 -29.31
N LYS F 36 13.32 -46.58 -29.10
CA LYS F 36 13.29 -45.40 -29.95
C LYS F 36 13.93 -44.22 -29.20
N SER F 37 14.05 -43.08 -29.86
CA SER F 37 14.65 -41.91 -29.26
C SER F 37 13.95 -41.57 -27.95
N LEU F 38 14.75 -41.20 -26.97
CA LEU F 38 14.26 -40.90 -25.64
C LEU F 38 13.19 -39.80 -25.60
N VAL F 39 12.10 -40.11 -24.91
CA VAL F 39 11.07 -39.14 -24.58
C VAL F 39 11.28 -38.75 -23.10
N TRP F 40 11.50 -37.45 -22.87
CA TRP F 40 11.86 -36.97 -21.54
C TRP F 40 10.64 -37.06 -20.62
N THR F 41 10.81 -37.80 -19.53
CA THR F 41 9.77 -37.97 -18.53
C THR F 41 10.34 -37.91 -17.11
N SER F 42 9.44 -37.85 -16.16
CA SER F 42 9.82 -37.93 -14.75
C SER F 42 10.63 -39.21 -14.50
N THR F 43 10.15 -40.31 -15.08
CA THR F 43 10.84 -41.59 -14.96
C THR F 43 12.27 -41.52 -15.49
N ALA F 44 12.44 -40.97 -16.67
CA ALA F 44 13.75 -40.93 -17.30
C ALA F 44 14.71 -40.07 -16.50
N HIS F 45 14.20 -38.92 -16.04
CA HIS F 45 14.94 -38.01 -15.19
C HIS F 45 15.44 -38.69 -13.91
N ASP F 46 14.56 -39.37 -13.20
CA ASP F 46 14.94 -39.96 -11.92
C ASP F 46 15.81 -41.20 -12.17
N GLU F 47 15.52 -41.97 -13.22
CA GLU F 47 16.38 -43.10 -13.58
C GLU F 47 17.83 -42.66 -13.81
N LEU F 48 18.01 -41.58 -14.53
CA LEU F 48 19.34 -41.09 -14.78
C LEU F 48 20.06 -40.73 -13.50
N ALA F 49 19.37 -40.09 -12.57
CA ALA F 49 19.96 -39.78 -11.27
C ALA F 49 20.44 -41.07 -10.54
N TYR F 50 19.57 -42.08 -10.48
CA TYR F 50 19.98 -43.32 -9.78
C TYR F 50 21.08 -44.04 -10.52
N CYS F 51 20.95 -44.04 -11.85
CA CYS F 51 21.93 -44.72 -12.70
C CYS F 51 23.30 -44.06 -12.60
N PHE F 52 23.39 -42.74 -12.58
CA PHE F 52 24.71 -42.11 -12.46
C PHE F 52 25.37 -42.45 -11.12
N HIS F 53 24.57 -42.59 -10.08
CA HIS F 53 25.13 -43.02 -8.80
C HIS F 53 25.69 -44.44 -8.89
N ASP F 54 24.93 -45.37 -9.47
CA ASP F 54 25.43 -46.73 -9.67
C ASP F 54 26.71 -46.76 -10.51
N ILE F 55 26.77 -45.94 -11.56
CA ILE F 55 27.98 -45.87 -12.38
C ILE F 55 29.17 -45.33 -11.60
N ALA F 56 28.93 -44.27 -10.83
CA ALA F 56 30.00 -43.63 -10.07
C ALA F 56 30.62 -44.57 -9.04
N CYS F 57 29.78 -45.43 -8.44
CA CYS F 57 30.20 -46.32 -7.36
C CYS F 57 30.81 -47.62 -7.86
N ASP F 58 30.74 -47.89 -9.18
CA ASP F 58 31.23 -49.13 -9.77
C ASP F 58 32.60 -48.90 -10.40
N ARG F 59 33.63 -49.36 -9.70
CA ARG F 59 35.02 -49.15 -10.12
C ARG F 59 35.41 -49.87 -11.39
N GLU F 60 34.62 -50.81 -11.86
CA GLU F 60 34.95 -51.50 -13.08
C GLU F 60 34.58 -50.69 -14.32
N ASN F 61 33.87 -49.59 -14.13
CA ASN F 61 33.70 -48.65 -15.24
C ASN F 61 34.98 -47.89 -15.41
N LYS F 62 35.62 -48.01 -16.56
CA LYS F 62 36.88 -47.32 -16.84
C LYS F 62 36.65 -45.99 -17.54
N VAL F 63 35.60 -45.94 -18.36
CA VAL F 63 35.26 -44.77 -19.14
C VAL F 63 33.78 -44.94 -19.54
N VAL F 64 33.09 -43.83 -19.63
CA VAL F 64 31.66 -43.83 -19.90
C VAL F 64 31.40 -43.09 -21.22
N ILE F 65 30.57 -43.68 -22.08
CA ILE F 65 30.08 -43.04 -23.29
C ILE F 65 28.56 -42.88 -23.08
N LEU F 66 28.08 -41.66 -23.23
CA LEU F 66 26.64 -41.37 -23.11
C LEU F 66 26.08 -41.09 -24.50
N THR F 67 25.02 -41.80 -24.90
CA THR F 67 24.46 -41.58 -26.21
C THR F 67 22.98 -41.83 -26.21
N GLY F 68 22.37 -41.52 -27.34
CA GLY F 68 20.96 -41.79 -27.56
C GLY F 68 20.76 -42.85 -28.64
N THR F 69 19.52 -42.96 -29.10
CA THR F 69 19.24 -43.85 -30.22
C THR F 69 18.25 -43.19 -31.20
N GLY F 70 18.30 -43.65 -32.44
CA GLY F 70 17.41 -43.17 -33.49
C GLY F 70 17.82 -41.76 -33.92
N PRO F 71 16.90 -41.03 -34.54
CA PRO F 71 17.25 -39.75 -35.16
C PRO F 71 17.52 -38.61 -34.14
N SER F 72 17.01 -38.75 -32.90
CA SER F 72 17.18 -37.76 -31.82
C SER F 72 17.88 -38.30 -30.58
N PHE F 73 18.66 -37.45 -29.90
CA PHE F 73 19.18 -37.82 -28.59
C PHE F 73 18.03 -37.74 -27.59
N CYS F 74 17.39 -36.57 -27.54
CA CYS F 74 16.12 -36.41 -26.80
C CYS F 74 15.45 -35.12 -27.27
N ASN F 75 14.42 -35.23 -28.07
CA ASN F 75 13.74 -34.01 -28.53
C ASN F 75 12.22 -34.05 -28.40
N GLU F 76 11.78 -34.84 -27.44
CA GLU F 76 10.38 -34.92 -27.08
C GLU F 76 10.28 -34.96 -25.58
N ILE F 77 9.26 -34.30 -25.03
CA ILE F 77 8.98 -34.32 -23.60
C ILE F 77 7.52 -34.60 -23.33
N ASP F 78 7.26 -35.34 -22.25
CA ASP F 78 5.91 -35.56 -21.75
C ASP F 78 5.73 -34.79 -20.43
N PHE F 79 5.30 -33.55 -20.53
CA PHE F 79 5.11 -32.70 -19.35
C PHE F 79 4.12 -33.29 -18.36
N THR F 80 3.14 -34.05 -18.85
CA THR F 80 2.13 -34.69 -17.98
C THR F 80 2.69 -35.74 -17.03
N SER F 81 3.89 -36.25 -17.31
CA SER F 81 4.53 -37.20 -16.41
C SER F 81 5.10 -36.56 -15.14
N PHE F 82 5.16 -35.24 -15.12
CA PHE F 82 5.64 -34.48 -13.98
C PHE F 82 4.51 -33.85 -13.18
N ASN F 83 4.70 -33.72 -11.88
CA ASN F 83 3.79 -32.98 -11.00
C ASN F 83 4.44 -31.64 -10.59
N LEU F 84 3.94 -30.52 -11.15
CA LEU F 84 4.56 -29.19 -11.05
C LEU F 84 3.72 -28.13 -10.30
N GLY F 85 2.72 -28.59 -9.55
CA GLY F 85 1.72 -27.69 -8.99
C GLY F 85 1.94 -27.19 -7.56
N THR F 86 2.66 -27.95 -6.74
CA THR F 86 2.79 -27.60 -5.33
C THR F 86 4.23 -27.71 -4.86
N PRO F 87 4.55 -27.04 -3.75
CA PRO F 87 5.89 -27.13 -3.19
C PRO F 87 6.34 -28.55 -2.91
N HIS F 88 5.49 -29.38 -2.32
CA HIS F 88 6.01 -30.67 -1.92
C HIS F 88 6.27 -31.56 -3.19
N ASP F 89 5.50 -31.37 -4.24
CA ASP F 89 5.81 -32.03 -5.49
C ASP F 89 7.10 -31.47 -6.09
N TRP F 90 7.29 -30.16 -6.01
CA TRP F 90 8.55 -29.59 -6.47
C TRP F 90 9.71 -30.06 -5.63
N ASP F 91 9.53 -30.36 -4.33
CA ASP F 91 10.71 -30.78 -3.56
C ASP F 91 11.20 -32.09 -4.05
N GLU F 92 10.30 -32.97 -4.52
CA GLU F 92 10.78 -34.24 -5.09
C GLU F 92 11.63 -34.00 -6.33
N ILE F 93 11.23 -33.06 -7.16
CA ILE F 93 11.97 -32.70 -8.38
C ILE F 93 13.29 -32.03 -8.04
N ILE F 94 13.27 -31.14 -7.05
CA ILE F 94 14.50 -30.46 -6.58
C ILE F 94 15.48 -31.49 -6.08
N PHE F 95 15.00 -32.41 -5.23
CA PHE F 95 15.90 -33.38 -4.61
C PHE F 95 16.55 -34.25 -5.71
N GLU F 96 15.75 -34.77 -6.60
CA GLU F 96 16.26 -35.66 -7.64
C GLU F 96 17.03 -34.90 -8.74
N GLY F 97 16.65 -33.64 -8.96
CA GLY F 97 17.38 -32.75 -9.86
C GLY F 97 18.78 -32.45 -9.39
N GLN F 98 18.92 -32.24 -8.09
CA GLN F 98 20.23 -32.13 -7.47
C GLN F 98 21.02 -33.42 -7.63
N ARG F 99 20.37 -34.54 -7.36
CA ARG F 99 21.05 -35.84 -7.46
C ARG F 99 21.48 -36.14 -8.90
N LEU F 100 20.64 -35.74 -9.84
CA LEU F 100 20.92 -35.99 -11.28
C LEU F 100 22.25 -35.39 -11.69
N LEU F 101 22.46 -34.11 -11.40
CA LEU F 101 23.71 -33.46 -11.82
C LEU F 101 24.87 -33.72 -10.89
N ASN F 102 24.63 -33.76 -9.59
CA ASN F 102 25.70 -34.09 -8.64
C ASN F 102 26.19 -35.52 -8.77
N ASN F 103 25.28 -36.46 -9.04
CA ASN F 103 25.70 -37.87 -9.25
C ASN F 103 26.56 -37.97 -10.53
N LEU F 104 26.18 -37.26 -11.57
CA LEU F 104 26.95 -37.20 -12.81
C LEU F 104 28.37 -36.71 -12.56
N LEU F 105 28.46 -35.61 -11.82
CA LEU F 105 29.77 -35.05 -11.48
C LEU F 105 30.56 -35.90 -10.51
N SER F 106 29.92 -36.80 -9.80
CA SER F 106 30.64 -37.68 -8.88
C SER F 106 31.27 -38.87 -9.59
N ILE F 107 30.91 -39.09 -10.87
CA ILE F 107 31.58 -40.13 -11.65
C ILE F 107 33.04 -39.72 -11.79
N GLU F 108 33.96 -40.60 -11.41
CA GLU F 108 35.40 -40.31 -11.40
C GLU F 108 36.19 -41.01 -12.53
N VAL F 109 35.52 -41.24 -13.65
CA VAL F 109 36.20 -41.62 -14.85
C VAL F 109 35.75 -40.63 -15.95
N PRO F 110 36.53 -40.49 -17.00
CA PRO F 110 36.15 -39.64 -18.13
C PRO F 110 34.83 -40.06 -18.74
N VAL F 111 34.05 -39.04 -19.12
CA VAL F 111 32.76 -39.22 -19.71
C VAL F 111 32.82 -38.60 -21.12
N ILE F 112 32.38 -39.38 -22.10
CA ILE F 112 32.33 -38.94 -23.51
C ILE F 112 30.85 -38.92 -23.90
N ALA F 113 30.39 -37.80 -24.49
CA ALA F 113 29.04 -37.71 -25.00
C ALA F 113 29.09 -37.98 -26.51
N ALA F 114 28.12 -38.76 -27.00
CA ALA F 114 27.94 -38.98 -28.43
C ALA F 114 26.53 -38.56 -28.80
N VAL F 115 26.38 -37.33 -29.26
CA VAL F 115 25.06 -36.76 -29.44
C VAL F 115 24.60 -37.12 -30.84
N ASN F 116 23.69 -38.08 -30.93
CA ASN F 116 23.26 -38.68 -32.18
C ASN F 116 22.23 -37.87 -32.99
N GLY F 117 21.67 -36.84 -32.40
CA GLY F 117 20.74 -35.94 -33.06
C GLY F 117 20.22 -34.90 -32.07
N PRO F 118 19.11 -34.24 -32.42
CA PRO F 118 18.60 -33.15 -31.60
C PRO F 118 18.43 -33.52 -30.16
N VAL F 119 18.88 -32.60 -29.31
CA VAL F 119 18.64 -32.68 -27.88
C VAL F 119 18.06 -31.34 -27.43
N THR F 120 16.79 -31.40 -27.05
CA THR F 120 16.07 -30.22 -26.60
C THR F 120 15.58 -30.34 -25.18
N ASN F 121 15.79 -31.49 -24.57
CA ASN F 121 15.49 -31.71 -23.17
C ASN F 121 16.77 -32.25 -22.50
N ALA F 122 17.11 -31.65 -21.37
CA ALA F 122 18.35 -31.96 -20.60
C ALA F 122 19.64 -31.97 -21.46
N PRO F 123 19.79 -30.98 -22.36
CA PRO F 123 20.99 -30.93 -23.19
C PRO F 123 22.23 -30.59 -22.37
N GLU F 124 22.05 -30.11 -21.16
CA GLU F 124 23.20 -29.84 -20.29
C GLU F 124 23.90 -31.15 -19.90
N ILE F 125 23.17 -32.30 -19.85
CA ILE F 125 23.80 -33.55 -19.46
C ILE F 125 24.93 -33.95 -20.43
N PRO F 126 24.69 -34.08 -21.74
CA PRO F 126 25.81 -34.39 -22.64
C PRO F 126 26.92 -33.33 -22.65
N VAL F 127 26.59 -32.04 -22.57
CA VAL F 127 27.63 -31.00 -22.66
C VAL F 127 28.49 -30.86 -21.40
N MET F 128 28.10 -31.48 -20.30
CA MET F 128 28.91 -31.60 -19.10
C MET F 128 30.04 -32.59 -19.23
N SER F 129 30.00 -33.40 -20.29
CA SER F 129 30.99 -34.43 -20.50
C SER F 129 32.38 -33.82 -20.76
N ASP F 130 33.41 -34.64 -20.56
CA ASP F 130 34.79 -34.24 -20.81
C ASP F 130 35.16 -34.14 -22.28
N ILE F 131 34.49 -34.97 -23.10
CA ILE F 131 34.65 -34.96 -24.53
C ILE F 131 33.26 -35.00 -25.10
N VAL F 132 32.95 -34.10 -26.00
CA VAL F 132 31.62 -33.99 -26.59
C VAL F 132 31.73 -34.17 -28.09
N LEU F 133 31.15 -35.26 -28.57
CA LEU F 133 31.08 -35.57 -30.00
C LEU F 133 29.63 -35.44 -30.44
N ALA F 134 29.44 -34.87 -31.62
CA ALA F 134 28.14 -34.62 -32.16
C ALA F 134 28.01 -35.16 -33.59
N ALA F 135 26.90 -35.82 -33.89
CA ALA F 135 26.51 -36.09 -35.29
C ALA F 135 26.24 -34.78 -36.01
N GLU F 136 26.40 -34.77 -37.33
CA GLU F 136 26.09 -33.57 -38.15
C GLU F 136 24.67 -33.08 -37.89
N SER F 137 23.77 -33.98 -37.55
CA SER F 137 22.38 -33.64 -37.31
C SER F 137 22.06 -33.20 -35.87
N ALA F 138 23.04 -33.27 -34.98
CA ALA F 138 22.82 -32.87 -33.61
C ALA F 138 22.43 -31.39 -33.55
N THR F 139 21.52 -31.09 -32.65
CA THR F 139 21.24 -29.71 -32.28
C THR F 139 21.09 -29.64 -30.76
N PHE F 140 21.19 -28.42 -30.22
CA PHE F 140 21.08 -28.21 -28.78
C PHE F 140 20.19 -27.01 -28.53
N GLN F 141 19.23 -27.19 -27.64
CA GLN F 141 18.27 -26.16 -27.30
C GLN F 141 17.73 -26.43 -25.90
N ASP F 142 17.57 -25.37 -25.12
CA ASP F 142 16.97 -25.52 -23.81
C ASP F 142 15.45 -25.47 -23.92
N GLY F 143 14.88 -26.59 -24.32
CA GLY F 143 13.51 -26.64 -24.79
C GLY F 143 12.41 -26.35 -23.76
N PRO F 144 12.43 -27.04 -22.63
CA PRO F 144 11.31 -27.02 -21.69
C PRO F 144 11.38 -25.95 -20.57
N HIS F 145 12.32 -25.00 -20.64
CA HIS F 145 12.39 -23.95 -19.67
C HIS F 145 11.78 -22.66 -20.24
N PHE F 146 12.60 -21.68 -20.61
CA PHE F 146 12.05 -20.35 -20.89
C PHE F 146 11.00 -20.30 -22.02
N PRO F 147 11.13 -21.14 -23.08
CA PRO F 147 10.08 -21.25 -24.11
C PRO F 147 8.73 -21.71 -23.59
N SER F 148 8.71 -22.49 -22.50
CA SER F 148 7.47 -22.84 -21.83
C SER F 148 7.11 -21.95 -20.64
N GLY F 149 7.80 -20.85 -20.48
CA GLY F 149 7.53 -19.99 -19.33
C GLY F 149 8.01 -20.53 -18.01
N ILE F 150 9.07 -21.34 -18.03
CA ILE F 150 9.67 -21.94 -16.84
C ILE F 150 11.12 -21.45 -16.71
N VAL F 151 11.53 -21.09 -15.51
CA VAL F 151 12.89 -20.57 -15.26
C VAL F 151 13.90 -21.68 -15.60
N PRO F 152 14.99 -21.37 -16.30
CA PRO F 152 16.03 -22.37 -16.57
C PRO F 152 16.96 -22.57 -15.34
N GLY F 153 16.36 -23.04 -14.25
CA GLY F 153 16.98 -23.06 -12.95
C GLY F 153 17.49 -24.38 -12.48
N ASP F 154 17.54 -25.36 -13.37
CA ASP F 154 17.78 -26.75 -12.99
C ASP F 154 19.20 -27.22 -13.23
N GLY F 155 20.08 -26.23 -13.42
CA GLY F 155 21.46 -26.45 -13.80
C GLY F 155 21.74 -25.96 -15.22
N ALA F 156 20.69 -25.80 -16.04
CA ALA F 156 20.85 -25.07 -17.32
C ALA F 156 21.54 -23.72 -17.09
N HIS F 157 21.12 -23.06 -16.01
CA HIS F 157 21.71 -21.76 -15.65
C HIS F 157 23.17 -21.76 -15.28
N VAL F 158 23.66 -22.92 -14.84
CA VAL F 158 25.04 -23.06 -14.47
C VAL F 158 25.84 -23.45 -15.71
N VAL F 159 25.37 -24.49 -16.37
CA VAL F 159 26.15 -25.13 -17.42
C VAL F 159 26.33 -24.24 -18.64
N TRP F 160 25.27 -23.64 -19.13
CA TRP F 160 25.37 -22.95 -20.42
C TRP F 160 26.25 -21.70 -20.36
N PRO F 161 26.11 -20.84 -19.35
CA PRO F 161 27.09 -19.77 -19.20
C PRO F 161 28.50 -20.26 -18.95
N HIS F 162 28.64 -21.39 -18.26
CA HIS F 162 29.96 -21.96 -17.98
C HIS F 162 30.65 -22.46 -19.27
N VAL F 163 29.90 -23.13 -20.13
CA VAL F 163 30.48 -23.73 -21.33
C VAL F 163 30.54 -22.76 -22.51
N LEU F 164 29.48 -21.96 -22.70
CA LEU F 164 29.43 -21.05 -23.86
C LEU F 164 30.03 -19.70 -23.59
N GLY F 165 30.14 -19.33 -22.32
CA GLY F 165 30.52 -17.99 -21.91
C GLY F 165 29.33 -17.19 -21.48
N SER F 166 29.57 -16.10 -20.77
CA SER F 166 28.52 -15.38 -20.11
C SER F 166 27.41 -14.91 -21.05
N ASN F 167 27.77 -14.29 -22.17
CA ASN F 167 26.78 -13.66 -23.02
C ASN F 167 26.13 -14.64 -23.94
N ARG F 168 26.91 -15.55 -24.49
CA ARG F 168 26.29 -16.62 -25.28
C ARG F 168 25.36 -17.48 -24.46
N GLY F 169 25.78 -17.81 -23.25
CA GLY F 169 24.98 -18.68 -22.39
C GLY F 169 23.65 -18.03 -22.01
N ARG F 170 23.69 -16.78 -21.61
CA ARG F 170 22.44 -16.10 -21.19
C ARG F 170 21.51 -15.91 -22.37
N TYR F 171 22.06 -15.50 -23.50
CA TYR F 171 21.26 -15.35 -24.73
C TYR F 171 20.60 -16.68 -25.16
N PHE F 172 21.39 -17.74 -25.11
CA PHE F 172 20.93 -19.09 -25.46
C PHE F 172 19.72 -19.47 -24.62
N LEU F 173 19.79 -19.16 -23.31
CA LEU F 173 18.70 -19.53 -22.39
C LEU F 173 17.50 -18.63 -22.47
N LEU F 174 17.68 -17.39 -22.88
CA LEU F 174 16.55 -16.45 -22.87
C LEU F 174 15.76 -16.32 -24.19
N THR F 175 16.32 -16.76 -25.32
CA THR F 175 15.75 -16.47 -26.65
C THR F 175 15.35 -17.72 -27.44
N GLY F 176 15.42 -18.87 -26.81
CA GLY F 176 14.97 -20.10 -27.48
C GLY F 176 15.97 -20.61 -28.51
N GLN F 177 17.22 -20.13 -28.44
CA GLN F 177 18.21 -20.43 -29.48
C GLN F 177 18.44 -21.95 -29.66
N GLU F 178 18.51 -22.38 -30.91
CA GLU F 178 18.91 -23.72 -31.24
C GLU F 178 20.26 -23.69 -31.90
N LEU F 179 21.22 -24.34 -31.28
CA LEU F 179 22.54 -24.46 -31.84
C LEU F 179 22.59 -25.69 -32.72
N ASP F 180 22.96 -25.52 -33.99
CA ASP F 180 23.28 -26.66 -34.83
C ASP F 180 24.65 -27.20 -34.45
N ALA F 181 25.04 -28.31 -35.05
CA ALA F 181 26.29 -28.98 -34.65
C ALA F 181 27.51 -28.10 -34.84
N ARG F 182 27.58 -27.42 -35.97
CA ARG F 182 28.79 -26.65 -36.33
C ARG F 182 28.89 -25.35 -35.51
N THR F 183 27.73 -24.81 -35.13
CA THR F 183 27.70 -23.65 -34.23
C THR F 183 28.15 -24.06 -32.81
N ALA F 184 27.64 -25.18 -32.34
CA ALA F 184 28.08 -25.72 -31.04
C ALA F 184 29.59 -25.97 -31.04
N LEU F 185 30.09 -26.45 -32.17
CA LEU F 185 31.52 -26.65 -32.34
C LEU F 185 32.25 -25.32 -32.24
N ASP F 186 31.78 -24.32 -32.98
CA ASP F 186 32.41 -22.98 -32.98
C ASP F 186 32.36 -22.32 -31.61
N TYR F 187 31.29 -22.59 -30.86
CA TYR F 187 31.12 -22.02 -29.52
C TYR F 187 31.93 -22.75 -28.45
N GLY F 188 32.44 -23.92 -28.81
CA GLY F 188 33.26 -24.69 -27.90
C GLY F 188 32.53 -25.66 -27.00
N ALA F 189 31.24 -25.87 -27.23
CA ALA F 189 30.49 -26.86 -26.47
C ALA F 189 30.77 -28.27 -26.97
N VAL F 190 30.99 -28.37 -28.25
CA VAL F 190 31.21 -29.64 -28.95
C VAL F 190 32.68 -29.63 -29.40
N ASN F 191 33.34 -30.78 -29.30
CA ASN F 191 34.73 -30.95 -29.72
C ASN F 191 34.92 -31.52 -31.14
N GLU F 192 34.05 -32.42 -31.57
CA GLU F 192 34.10 -32.95 -32.93
C GLU F 192 32.71 -33.14 -33.49
N VAL F 193 32.57 -32.85 -34.78
CA VAL F 193 31.33 -33.12 -35.50
C VAL F 193 31.62 -34.27 -36.50
N LEU F 194 30.80 -35.28 -36.47
CA LEU F 194 31.00 -36.47 -37.26
C LEU F 194 29.75 -36.85 -38.04
N SER F 195 29.93 -37.68 -39.08
CA SER F 195 28.73 -38.28 -39.70
C SER F 195 28.03 -39.17 -38.71
N GLU F 196 26.75 -39.42 -38.96
CA GLU F 196 25.96 -40.25 -38.06
C GLU F 196 26.62 -41.64 -37.92
N GLN F 197 27.18 -42.16 -39.02
CA GLN F 197 27.78 -43.49 -39.04
C GLN F 197 29.06 -43.55 -38.29
N GLU F 198 29.82 -42.46 -38.31
CA GLU F 198 31.12 -42.44 -37.65
C GLU F 198 31.07 -42.08 -36.17
N LEU F 199 29.94 -41.55 -35.72
CA LEU F 199 29.87 -41.03 -34.35
C LEU F 199 30.22 -42.08 -33.26
N LEU F 200 29.47 -43.18 -33.19
CA LEU F 200 29.79 -44.19 -32.20
C LEU F 200 31.15 -44.84 -32.39
N PRO F 201 31.54 -45.20 -33.63
CA PRO F 201 32.93 -45.65 -33.85
C PRO F 201 33.98 -44.72 -33.26
N ARG F 202 33.81 -43.43 -33.45
CA ARG F 202 34.75 -42.46 -32.92
C ARG F 202 34.69 -42.41 -31.39
N ALA F 203 33.50 -42.46 -30.81
CA ALA F 203 33.37 -42.50 -29.33
C ALA F 203 34.13 -43.70 -28.75
N TRP F 204 33.95 -44.84 -29.38
CA TRP F 204 34.62 -46.07 -28.99
C TRP F 204 36.13 -45.96 -29.08
N GLU F 205 36.59 -45.41 -30.18
CA GLU F 205 38.01 -45.26 -30.43
C GLU F 205 38.68 -44.40 -29.34
N LEU F 206 38.04 -43.30 -29.01
CA LEU F 206 38.48 -42.44 -27.91
C LEU F 206 38.44 -43.13 -26.56
N ALA F 207 37.32 -43.81 -26.29
CA ALA F 207 37.11 -44.49 -25.05
C ALA F 207 38.12 -45.61 -24.83
N ARG F 208 38.38 -46.41 -25.85
CA ARG F 208 39.36 -47.48 -25.75
C ARG F 208 40.72 -46.95 -25.40
N GLY F 209 41.13 -45.91 -26.10
CA GLY F 209 42.43 -45.29 -25.86
C GLY F 209 42.58 -44.75 -24.44
N ILE F 210 41.50 -44.17 -23.91
CA ILE F 210 41.47 -43.71 -22.54
C ILE F 210 41.45 -44.90 -21.55
N ALA F 211 40.70 -45.95 -21.86
CA ALA F 211 40.63 -47.11 -20.98
C ALA F 211 42.00 -47.80 -20.79
N GLU F 212 42.88 -47.67 -21.77
CA GLU F 212 44.19 -48.33 -21.71
C GLU F 212 45.19 -47.55 -20.86
N LYS F 213 44.83 -46.31 -20.50
CA LYS F 213 45.66 -45.52 -19.61
C LYS F 213 45.74 -46.16 -18.23
N PRO F 214 46.77 -45.86 -17.45
CA PRO F 214 46.85 -46.40 -16.09
C PRO F 214 45.63 -46.04 -15.24
N LEU F 215 45.22 -46.97 -14.38
CA LEU F 215 44.02 -46.84 -13.52
C LEU F 215 43.89 -45.46 -12.85
N LEU F 216 44.87 -45.10 -12.03
CA LEU F 216 44.76 -43.84 -11.30
C LEU F 216 44.92 -42.64 -12.15
N ALA F 217 45.72 -42.74 -13.21
CA ALA F 217 45.87 -41.63 -14.11
C ALA F 217 44.56 -41.23 -14.80
N ARG F 218 43.81 -42.24 -15.20
CA ARG F 218 42.51 -42.06 -15.86
C ARG F 218 41.50 -41.47 -14.86
N ARG F 219 41.45 -42.03 -13.66
CA ARG F 219 40.47 -41.57 -12.68
C ARG F 219 40.77 -40.14 -12.17
N TYR F 220 42.03 -39.88 -11.86
CA TYR F 220 42.39 -38.57 -11.37
C TYR F 220 42.35 -37.49 -12.45
N ALA F 221 42.51 -37.85 -13.73
CA ALA F 221 42.38 -36.87 -14.81
C ALA F 221 40.96 -36.30 -14.78
N ARG F 222 39.98 -37.16 -14.64
CA ARG F 222 38.61 -36.72 -14.48
C ARG F 222 38.44 -35.83 -13.25
N LYS F 223 38.97 -36.28 -12.10
CA LYS F 223 38.79 -35.59 -10.85
C LYS F 223 39.39 -34.18 -10.87
N VAL F 224 40.59 -34.03 -11.42
CA VAL F 224 41.23 -32.73 -11.40
C VAL F 224 40.61 -31.76 -12.41
N LEU F 225 39.89 -32.29 -13.39
CA LEU F 225 39.25 -31.48 -14.44
C LEU F 225 37.83 -31.00 -14.13
N THR F 226 37.18 -31.56 -13.13
CA THR F 226 35.79 -31.17 -12.85
C THR F 226 35.68 -30.22 -11.66
N ARG F 227 36.80 -29.71 -11.15
CA ARG F 227 36.78 -28.81 -9.99
C ARG F 227 35.87 -27.59 -10.14
N GLN F 228 36.04 -26.83 -11.21
CA GLN F 228 35.31 -25.57 -11.33
C GLN F 228 33.82 -25.81 -11.53
N LEU F 229 33.46 -26.82 -12.33
CA LEU F 229 32.05 -27.13 -12.54
C LEU F 229 31.39 -27.55 -11.22
N ARG F 230 32.09 -28.37 -10.42
CA ARG F 230 31.55 -28.77 -9.14
C ARG F 230 31.38 -27.56 -8.19
N ARG F 231 32.31 -26.63 -8.24
CA ARG F 231 32.27 -25.44 -7.37
C ARG F 231 31.06 -24.57 -7.71
N VAL F 232 30.86 -24.27 -9.00
CA VAL F 232 29.72 -23.44 -9.43
C VAL F 232 28.39 -24.15 -9.30
N MET F 233 28.36 -25.46 -9.57
CA MET F 233 27.16 -26.26 -9.33
C MET F 233 26.74 -26.23 -7.85
N GLU F 234 27.69 -26.46 -6.95
CA GLU F 234 27.39 -26.36 -5.53
C GLU F 234 26.91 -24.94 -5.17
N ALA F 235 27.55 -23.91 -5.71
CA ALA F 235 27.15 -22.53 -5.41
C ALA F 235 25.73 -22.22 -5.82
N ASP F 236 25.31 -22.69 -7.00
CA ASP F 236 24.16 -22.12 -7.69
C ASP F 236 23.01 -23.02 -8.04
N LEU F 237 23.22 -24.34 -8.03
CA LEU F 237 22.16 -25.24 -8.46
C LEU F 237 20.86 -25.13 -7.66
N SER F 238 20.97 -25.33 -6.34
CA SER F 238 19.78 -25.34 -5.48
C SER F 238 19.05 -24.00 -5.48
N LEU F 239 19.81 -22.93 -5.53
CA LEU F 239 19.23 -21.61 -5.67
C LEU F 239 18.34 -21.54 -6.89
N GLY F 240 18.85 -22.03 -8.02
CA GLY F 240 18.10 -22.07 -9.26
C GLY F 240 16.82 -22.88 -9.15
N LEU F 241 16.95 -24.04 -8.52
CA LEU F 241 15.85 -24.99 -8.51
C LEU F 241 14.73 -24.43 -7.65
N ALA F 242 15.08 -23.79 -6.54
CA ALA F 242 14.03 -23.24 -5.68
C ALA F 242 13.32 -22.06 -6.31
N HIS F 243 14.06 -21.19 -6.99
CA HIS F 243 13.42 -20.09 -7.73
C HIS F 243 12.53 -20.60 -8.86
N GLU F 244 13.03 -21.61 -9.58
CA GLU F 244 12.24 -22.21 -10.65
C GLU F 244 10.91 -22.75 -10.10
N ALA F 245 11.00 -23.48 -8.98
CA ALA F 245 9.79 -24.07 -8.36
C ALA F 245 8.80 -22.98 -7.98
N LEU F 246 9.30 -21.93 -7.33
CA LEU F 246 8.43 -20.78 -6.97
C LEU F 246 7.71 -20.18 -8.14
N ALA F 247 8.45 -19.92 -9.20
CA ALA F 247 7.86 -19.33 -10.40
C ALA F 247 6.81 -20.27 -11.07
N ALA F 248 7.12 -21.56 -11.07
CA ALA F 248 6.23 -22.53 -11.70
C ALA F 248 4.93 -22.65 -10.91
N ILE F 249 5.06 -22.70 -9.59
CA ILE F 249 3.87 -22.79 -8.73
C ILE F 249 2.98 -21.55 -8.92
N ASP F 250 3.58 -20.41 -9.19
CA ASP F 250 2.82 -19.18 -9.42
C ASP F 250 1.91 -19.29 -10.66
N LEU F 251 2.33 -20.07 -11.65
CA LEU F 251 1.53 -20.33 -12.86
C LEU F 251 0.13 -20.88 -12.57
N GLY F 252 0.04 -22.00 -11.83
CA GLY F 252 -1.21 -22.77 -11.70
C GLY F 252 -2.02 -22.65 -10.42
N LEU G 4 -1.07 10.30 -1.40
CA LEU G 4 -1.20 11.81 -1.51
C LEU G 4 -1.62 12.46 -0.17
N ALA G 5 -2.05 11.63 0.78
CA ALA G 5 -2.43 12.13 2.10
C ALA G 5 -1.15 12.40 2.94
N THR G 6 -1.21 13.43 3.78
CA THR G 6 -0.14 13.70 4.73
C THR G 6 -0.13 12.57 5.77
N PRO G 7 1.00 11.89 5.91
CA PRO G 7 1.14 10.81 6.89
C PRO G 7 1.24 11.38 8.31
N PHE G 8 0.87 10.57 9.29
CA PHE G 8 0.89 10.97 10.67
C PHE G 8 2.24 11.56 11.10
N GLN G 9 3.34 10.94 10.66
CA GLN G 9 4.66 11.39 11.06
C GLN G 9 4.88 12.85 10.70
N GLU G 10 4.30 13.28 9.57
CA GLU G 10 4.40 14.70 9.18
C GLU G 10 3.43 15.63 9.92
N TYR G 11 2.16 15.27 10.03
CA TYR G 11 1.22 16.22 10.59
C TYR G 11 1.15 16.21 12.12
N SER G 12 1.68 15.17 12.77
CA SER G 12 1.64 15.05 14.22
C SER G 12 2.45 16.14 14.92
N GLN G 13 3.36 16.78 14.21
CA GLN G 13 4.25 17.78 14.77
C GLN G 13 4.03 19.16 14.15
N LYS G 14 2.93 19.35 13.43
CA LYS G 14 2.71 20.59 12.69
C LYS G 14 2.04 21.71 13.49
N TYR G 15 1.43 21.39 14.62
CA TYR G 15 0.47 22.26 15.28
C TYR G 15 0.93 22.64 16.66
N GLU G 16 1.18 23.93 16.89
CA GLU G 16 1.67 24.37 18.20
C GLU G 16 0.65 24.23 19.33
N ASN G 17 -0.65 24.25 19.02
CA ASN G 17 -1.67 24.14 20.06
C ASN G 17 -2.34 22.74 20.12
N ILE G 18 -1.85 21.80 19.34
CA ILE G 18 -2.42 20.48 19.29
C ILE G 18 -1.32 19.40 19.33
N ARG G 19 -1.27 18.69 20.44
CA ARG G 19 -0.46 17.51 20.58
C ARG G 19 -1.19 16.30 20.02
N LEU G 20 -0.47 15.48 19.27
CA LEU G 20 -1.07 14.35 18.59
C LEU G 20 -0.22 13.12 18.86
N GLU G 21 -0.80 12.16 19.57
CA GLU G 21 -0.15 10.92 19.96
C GLU G 21 -1.04 9.74 19.61
N ARG G 22 -0.48 8.75 18.93
CA ARG G 22 -1.28 7.60 18.48
C ARG G 22 -0.70 6.31 19.04
N ASP G 23 -1.58 5.45 19.51
CA ASP G 23 -1.19 4.17 20.09
C ASP G 23 -2.22 3.12 19.71
N GLY G 24 -1.78 2.07 19.01
CA GLY G 24 -2.68 1.04 18.55
C GLY G 24 -3.84 1.61 17.70
N GLY G 25 -3.57 2.65 16.91
CA GLY G 25 -4.60 3.25 16.08
C GLY G 25 -5.52 4.23 16.81
N VAL G 26 -5.40 4.37 18.13
CA VAL G 26 -6.16 5.36 18.89
C VAL G 26 -5.34 6.64 18.88
N LEU G 27 -5.94 7.68 18.30
CA LEU G 27 -5.34 8.98 18.23
C LEU G 27 -5.81 9.87 19.37
N LEU G 28 -4.86 10.27 20.23
CA LEU G 28 -5.12 11.23 21.28
C LEU G 28 -4.75 12.62 20.86
N VAL G 29 -5.76 13.50 20.82
CA VAL G 29 -5.61 14.86 20.41
C VAL G 29 -5.74 15.71 21.66
N THR G 30 -4.66 16.41 22.02
CA THR G 30 -4.65 17.21 23.23
C THR G 30 -4.42 18.68 22.89
N VAL G 31 -5.38 19.52 23.21
CA VAL G 31 -5.26 20.92 22.92
C VAL G 31 -4.60 21.56 24.13
N HIS G 32 -3.77 22.55 23.86
CA HIS G 32 -2.91 23.14 24.88
C HIS G 32 -2.27 24.43 24.37
N THR G 33 -1.83 25.28 25.32
CA THR G 33 -1.02 26.44 25.03
C THR G 33 0.26 26.25 25.88
N GLU G 34 1.36 25.97 25.19
CA GLU G 34 2.67 25.65 25.83
C GLU G 34 2.20 24.63 26.80
N GLY G 35 2.58 23.55 27.19
CA GLY G 35 1.82 22.78 28.17
C GLY G 35 0.83 23.25 29.27
N LYS G 36 0.09 24.33 29.05
CA LYS G 36 -0.98 24.72 29.95
C LYS G 36 -2.30 24.62 29.19
N SER G 37 -3.41 24.83 29.87
CA SER G 37 -4.75 24.77 29.24
C SER G 37 -4.80 25.68 28.06
N LEU G 38 -5.56 25.27 27.06
CA LEU G 38 -5.64 26.02 25.85
C LEU G 38 -6.24 27.39 26.06
N VAL G 39 -5.58 28.38 25.44
CA VAL G 39 -6.06 29.74 25.27
C VAL G 39 -6.54 29.88 23.84
N TRP G 40 -7.83 30.19 23.70
CA TRP G 40 -8.43 30.26 22.39
C TRP G 40 -7.90 31.47 21.63
N THR G 41 -7.34 31.21 20.46
CA THR G 41 -6.79 32.23 19.57
C THR G 41 -7.10 31.89 18.13
N SER G 42 -6.93 32.86 17.25
CA SER G 42 -6.99 32.65 15.80
C SER G 42 -6.16 31.46 15.35
N THR G 43 -4.94 31.39 15.87
CA THR G 43 -4.04 30.26 15.58
C THR G 43 -4.65 28.90 15.93
N ALA G 44 -5.17 28.80 17.13
CA ALA G 44 -5.70 27.54 17.63
C ALA G 44 -6.93 27.09 16.86
N HIS G 45 -7.78 28.05 16.53
CA HIS G 45 -8.93 27.85 15.67
C HIS G 45 -8.57 27.32 14.27
N ASP G 46 -7.60 27.98 13.62
CA ASP G 46 -7.23 27.58 12.29
C ASP G 46 -6.45 26.28 12.29
N GLU G 47 -5.61 26.07 13.30
CA GLU G 47 -4.89 24.81 13.45
C GLU G 47 -5.88 23.65 13.60
N LEU G 48 -6.93 23.83 14.41
CA LEU G 48 -7.88 22.75 14.56
C LEU G 48 -8.55 22.40 13.24
N ALA G 49 -8.86 23.39 12.40
CA ALA G 49 -9.44 23.12 11.10
C ALA G 49 -8.53 22.28 10.24
N TYR G 50 -7.28 22.72 10.13
CA TYR G 50 -6.31 21.95 9.32
C TYR G 50 -6.07 20.58 9.90
N CYS G 51 -5.96 20.51 11.21
CA CYS G 51 -5.69 19.23 11.89
C CYS G 51 -6.82 18.25 11.68
N PHE G 52 -8.08 18.70 11.81
CA PHE G 52 -9.17 17.78 11.57
C PHE G 52 -9.18 17.22 10.16
N HIS G 53 -8.75 18.02 9.18
CA HIS G 53 -8.63 17.55 7.79
C HIS G 53 -7.59 16.43 7.71
N ASP G 54 -6.41 16.68 8.27
CA ASP G 54 -5.34 15.70 8.29
C ASP G 54 -5.80 14.41 8.99
N ILE G 55 -6.51 14.53 10.11
CA ILE G 55 -7.00 13.36 10.82
C ILE G 55 -8.00 12.56 9.96
N ALA G 56 -8.92 13.29 9.30
CA ALA G 56 -9.97 12.66 8.48
C ALA G 56 -9.40 11.90 7.28
N CYS G 57 -8.29 12.39 6.71
CA CYS G 57 -7.68 11.76 5.54
C CYS G 57 -6.73 10.65 5.86
N ASP G 58 -6.42 10.44 7.13
CA ASP G 58 -5.45 9.43 7.56
C ASP G 58 -6.22 8.23 8.05
N ARG G 59 -6.25 7.19 7.22
CA ARG G 59 -6.99 5.96 7.50
C ARG G 59 -6.42 5.12 8.63
N GLU G 60 -5.22 5.44 9.11
CA GLU G 60 -4.64 4.70 10.23
C GLU G 60 -5.18 5.18 11.58
N ASN G 61 -5.87 6.29 11.61
CA ASN G 61 -6.63 6.68 12.78
C ASN G 61 -7.89 5.80 12.90
N LYS G 62 -7.95 4.99 13.94
CA LYS G 62 -9.07 4.07 14.12
C LYS G 62 -10.17 4.70 14.97
N VAL G 63 -9.76 5.51 15.95
CA VAL G 63 -10.69 6.22 16.83
C VAL G 63 -9.96 7.46 17.34
N VAL G 64 -10.71 8.52 17.61
CA VAL G 64 -10.11 9.76 18.04
C VAL G 64 -10.61 10.11 19.43
N ILE G 65 -9.70 10.51 20.33
CA ILE G 65 -10.03 11.09 21.64
C ILE G 65 -9.58 12.52 21.61
N LEU G 66 -10.50 13.42 21.89
CA LEU G 66 -10.23 14.83 21.99
C LEU G 66 -10.24 15.24 23.46
N THR G 67 -9.16 15.93 23.90
CA THR G 67 -9.06 16.36 25.29
C THR G 67 -8.22 17.63 25.38
N GLY G 68 -8.21 18.17 26.58
CA GLY G 68 -7.40 19.33 26.89
C GLY G 68 -6.36 18.94 27.94
N THR G 69 -5.70 19.94 28.50
CA THR G 69 -4.72 19.67 29.55
C THR G 69 -4.91 20.70 30.66
N GLY G 70 -4.46 20.35 31.86
CA GLY G 70 -4.56 21.23 32.99
C GLY G 70 -6.00 21.29 33.50
N PRO G 71 -6.29 22.30 34.30
CA PRO G 71 -7.58 22.41 34.96
C PRO G 71 -8.75 22.73 34.00
N SER G 72 -8.47 23.33 32.85
CA SER G 72 -9.49 23.72 31.87
C SER G 72 -9.33 23.02 30.55
N PHE G 73 -10.44 22.76 29.87
CA PHE G 73 -10.37 22.35 28.48
C PHE G 73 -10.04 23.55 27.59
N CYS G 74 -10.84 24.60 27.73
CA CYS G 74 -10.51 25.88 27.15
C CYS G 74 -11.43 26.96 27.73
N ASN G 75 -10.91 27.77 28.64
CA ASN G 75 -11.75 28.77 29.30
C ASN G 75 -11.10 30.14 29.37
N GLU G 76 -10.22 30.36 28.41
CA GLU G 76 -9.63 31.68 28.22
C GLU G 76 -9.55 31.95 26.75
N ILE G 77 -9.81 33.20 26.36
CA ILE G 77 -9.71 33.63 24.96
C ILE G 77 -8.85 34.89 24.84
N ASP G 78 -8.12 34.99 23.73
CA ASP G 78 -7.43 36.21 23.33
C ASP G 78 -8.12 36.82 22.11
N PHE G 79 -9.09 37.68 22.36
CA PHE G 79 -9.83 38.37 21.29
C PHE G 79 -8.95 39.20 20.37
N THR G 80 -7.82 39.67 20.88
CA THR G 80 -6.93 40.50 20.06
C THR G 80 -6.19 39.70 19.00
N SER G 81 -6.18 38.36 19.10
CA SER G 81 -5.57 37.54 18.08
C SER G 81 -6.43 37.44 16.84
N PHE G 82 -7.68 37.89 16.92
CA PHE G 82 -8.62 37.86 15.79
C PHE G 82 -8.79 39.28 15.19
N ASN G 83 -8.99 39.34 13.88
CA ASN G 83 -9.40 40.57 13.19
C ASN G 83 -10.88 40.53 12.86
N LEU G 84 -11.67 41.35 13.55
CA LEU G 84 -13.13 41.32 13.49
C LEU G 84 -13.81 42.61 12.95
N GLY G 85 -13.05 43.43 12.24
CA GLY G 85 -13.49 44.78 11.86
C GLY G 85 -14.10 44.94 10.48
N THR G 86 -13.67 44.12 9.52
CA THR G 86 -14.07 44.31 8.13
C THR G 86 -14.66 43.04 7.54
N PRO G 87 -15.40 43.14 6.43
CA PRO G 87 -15.86 41.95 5.74
C PRO G 87 -14.74 41.06 5.23
N HIS G 88 -13.64 41.63 4.71
CA HIS G 88 -12.63 40.72 4.13
C HIS G 88 -11.94 39.93 5.26
N ASP G 89 -11.79 40.54 6.41
CA ASP G 89 -11.26 39.84 7.57
C ASP G 89 -12.25 38.76 8.05
N TRP G 90 -13.53 39.12 8.07
CA TRP G 90 -14.54 38.15 8.45
C TRP G 90 -14.62 37.02 7.44
N ASP G 91 -14.30 37.23 6.15
CA ASP G 91 -14.40 36.12 5.20
C ASP G 91 -13.36 35.09 5.52
N GLU G 92 -12.20 35.49 6.02
CA GLU G 92 -11.22 34.50 6.40
C GLU G 92 -11.71 33.62 7.55
N ILE G 93 -12.37 34.25 8.52
CA ILE G 93 -12.98 33.57 9.68
C ILE G 93 -14.13 32.66 9.24
N ILE G 94 -15.01 33.17 8.37
CA ILE G 94 -16.12 32.34 7.84
C ILE G 94 -15.56 31.13 7.12
N PHE G 95 -14.56 31.33 6.25
CA PHE G 95 -14.00 30.22 5.48
C PHE G 95 -13.41 29.16 6.40
N GLU G 96 -12.60 29.59 7.36
CA GLU G 96 -11.96 28.63 8.28
C GLU G 96 -12.93 28.08 9.31
N GLY G 97 -13.95 28.86 9.67
CA GLY G 97 -14.98 28.41 10.61
C GLY G 97 -15.82 27.31 9.98
N GLN G 98 -16.12 27.45 8.71
CA GLN G 98 -16.76 26.38 7.96
C GLN G 98 -15.87 25.15 7.91
N ARG G 99 -14.61 25.35 7.61
CA ARG G 99 -13.70 24.20 7.52
C ARG G 99 -13.52 23.50 8.89
N LEU G 100 -13.49 24.27 9.96
CA LEU G 100 -13.31 23.74 11.30
C LEU G 100 -14.41 22.68 11.63
N LEU G 101 -15.67 23.05 11.43
CA LEU G 101 -16.74 22.11 11.75
C LEU G 101 -17.00 21.08 10.68
N ASN G 102 -16.90 21.47 9.41
CA ASN G 102 -17.08 20.48 8.34
C ASN G 102 -15.94 19.44 8.32
N ASN G 103 -14.72 19.87 8.61
CA ASN G 103 -13.61 18.89 8.64
C ASN G 103 -13.80 17.94 9.83
N LEU G 104 -14.28 18.46 10.95
CA LEU G 104 -14.61 17.61 12.09
C LEU G 104 -15.61 16.53 11.71
N LEU G 105 -16.67 16.95 11.01
CA LEU G 105 -17.71 16.01 10.62
C LEU G 105 -17.24 15.09 9.53
N SER G 106 -16.19 15.48 8.80
CA SER G 106 -15.66 14.61 7.74
C SER G 106 -14.84 13.42 8.31
N ILE G 107 -14.44 13.48 9.58
CA ILE G 107 -13.72 12.38 10.20
C ILE G 107 -14.68 11.19 10.20
N GLU G 108 -14.24 10.05 9.63
CA GLU G 108 -15.07 8.86 9.50
C GLU G 108 -14.71 7.74 10.45
N VAL G 109 -14.23 8.10 11.63
CA VAL G 109 -14.13 7.17 12.73
C VAL G 109 -14.82 7.79 13.97
N PRO G 110 -15.22 6.97 14.91
CA PRO G 110 -15.80 7.47 16.14
C PRO G 110 -14.87 8.45 16.89
N VAL G 111 -15.49 9.50 17.39
CA VAL G 111 -14.79 10.56 18.15
C VAL G 111 -15.32 10.56 19.58
N ILE G 112 -14.38 10.50 20.53
CA ILE G 112 -14.66 10.55 21.94
C ILE G 112 -14.11 11.87 22.50
N ALA G 113 -14.94 12.64 23.19
CA ALA G 113 -14.49 13.78 23.94
C ALA G 113 -14.22 13.41 25.38
N ALA G 114 -13.10 13.93 25.91
CA ALA G 114 -12.80 13.80 27.31
C ALA G 114 -12.57 15.24 27.83
N VAL G 115 -13.63 15.81 28.38
CA VAL G 115 -13.63 17.23 28.74
C VAL G 115 -13.09 17.34 30.17
N ASN G 116 -11.85 17.81 30.30
CA ASN G 116 -11.09 17.74 31.56
C ASN G 116 -11.37 18.90 32.53
N GLY G 117 -12.13 19.89 32.05
CA GLY G 117 -12.50 21.02 32.90
C GLY G 117 -13.33 22.00 32.10
N PRO G 118 -13.50 23.20 32.63
CA PRO G 118 -14.31 24.22 31.94
C PRO G 118 -14.00 24.43 30.48
N VAL G 119 -15.06 24.54 29.68
CA VAL G 119 -14.90 24.96 28.31
C VAL G 119 -15.91 26.06 28.04
N THR G 120 -15.39 27.24 27.76
CA THR G 120 -16.20 28.43 27.47
C THR G 120 -15.95 28.94 26.07
N ASN G 121 -14.95 28.40 25.38
CA ASN G 121 -14.68 28.73 24.01
C ASN G 121 -14.70 27.48 23.16
N ALA G 122 -15.44 27.56 22.06
CA ALA G 122 -15.69 26.43 21.16
C ALA G 122 -16.15 25.14 21.88
N PRO G 123 -17.07 25.25 22.83
CA PRO G 123 -17.56 24.07 23.52
C PRO G 123 -18.41 23.15 22.60
N GLU G 124 -18.82 23.69 21.44
CA GLU G 124 -19.54 22.85 20.47
C GLU G 124 -18.62 21.76 19.91
N ILE G 125 -17.31 21.98 19.88
CA ILE G 125 -16.41 20.96 19.35
C ILE G 125 -16.46 19.64 20.11
N PRO G 126 -16.18 19.63 21.42
CA PRO G 126 -16.32 18.39 22.17
C PRO G 126 -17.75 17.81 22.15
N VAL G 127 -18.78 18.64 22.21
CA VAL G 127 -20.14 18.10 22.29
C VAL G 127 -20.68 17.54 20.96
N MET G 128 -19.98 17.81 19.86
CA MET G 128 -20.24 17.17 18.58
C MET G 128 -19.73 15.72 18.48
N SER G 129 -18.96 15.28 19.48
CA SER G 129 -18.42 13.93 19.50
C SER G 129 -19.52 12.86 19.66
N ASP G 130 -19.19 11.64 19.23
CA ASP G 130 -20.08 10.49 19.40
C ASP G 130 -20.28 10.02 20.80
N ILE G 131 -19.25 10.18 21.64
CA ILE G 131 -19.27 9.86 23.02
C ILE G 131 -18.67 11.08 23.74
N VAL G 132 -19.33 11.54 24.77
CA VAL G 132 -18.91 12.70 25.50
C VAL G 132 -18.71 12.32 26.95
N LEU G 133 -17.47 12.42 27.39
CA LEU G 133 -17.09 12.15 28.78
C LEU G 133 -16.63 13.46 29.39
N ALA G 134 -17.00 13.68 30.64
CA ALA G 134 -16.67 14.90 31.33
C ALA G 134 -16.12 14.60 32.71
N ALA G 135 -15.07 15.31 33.09
CA ALA G 135 -14.66 15.38 34.48
C ALA G 135 -15.75 16.07 35.34
N GLU G 136 -15.74 15.79 36.65
CA GLU G 136 -16.65 16.40 37.60
C GLU G 136 -16.58 17.91 37.54
N SER G 137 -15.39 18.42 37.23
CA SER G 137 -15.15 19.85 37.16
C SER G 137 -15.50 20.53 35.82
N ALA G 138 -15.87 19.74 34.83
CA ALA G 138 -16.16 20.26 33.53
C ALA G 138 -17.39 21.17 33.60
N THR G 139 -17.36 22.23 32.83
CA THR G 139 -18.50 23.10 32.64
C THR G 139 -18.54 23.51 31.16
N PHE G 140 -19.72 23.94 30.70
CA PHE G 140 -19.96 24.29 29.33
C PHE G 140 -20.70 25.64 29.30
N GLN G 141 -20.15 26.57 28.55
CA GLN G 141 -20.78 27.85 28.30
C GLN G 141 -20.36 28.39 26.96
N ASP G 142 -21.28 29.09 26.30
CA ASP G 142 -20.97 29.75 25.07
C ASP G 142 -20.43 31.13 25.39
N GLY G 143 -19.14 31.15 25.72
CA GLY G 143 -18.48 32.32 26.25
C GLY G 143 -18.41 33.54 25.36
N PRO G 144 -17.81 33.41 24.20
CA PRO G 144 -17.46 34.58 23.39
C PRO G 144 -18.52 35.06 22.42
N HIS G 145 -19.75 34.55 22.50
CA HIS G 145 -20.76 35.04 21.57
C HIS G 145 -21.66 36.04 22.28
N PHE G 146 -22.86 35.64 22.68
CA PHE G 146 -23.84 36.63 23.14
C PHE G 146 -23.44 37.46 24.39
N PRO G 147 -22.75 36.86 25.36
CA PRO G 147 -22.15 37.63 26.46
C PRO G 147 -21.24 38.77 26.03
N SER G 148 -20.54 38.64 24.90
CA SER G 148 -19.72 39.70 24.34
C SER G 148 -20.44 40.54 23.27
N GLY G 149 -21.74 40.35 23.10
CA GLY G 149 -22.50 41.10 22.10
C GLY G 149 -22.25 40.64 20.68
N ILE G 150 -21.87 39.37 20.53
CA ILE G 150 -21.61 38.72 19.26
C ILE G 150 -22.65 37.58 19.03
N VAL G 151 -23.18 37.51 17.83
CA VAL G 151 -24.18 36.51 17.46
C VAL G 151 -23.57 35.12 17.58
N PRO G 152 -24.28 34.18 18.20
CA PRO G 152 -23.77 32.79 18.26
C PRO G 152 -23.97 32.03 16.94
N GLY G 153 -23.34 32.54 15.87
CA GLY G 153 -23.64 32.11 14.51
C GLY G 153 -22.63 31.22 13.85
N ASP G 154 -21.70 30.69 14.63
CA ASP G 154 -20.58 29.98 14.11
C ASP G 154 -20.70 28.45 14.18
N GLY G 155 -21.91 27.97 14.41
CA GLY G 155 -22.18 26.58 14.63
C GLY G 155 -22.74 26.36 16.02
N ALA G 156 -22.46 27.28 16.93
CA ALA G 156 -23.10 27.25 18.23
C ALA G 156 -24.62 27.16 18.02
N HIS G 157 -25.12 27.93 17.08
CA HIS G 157 -26.57 27.98 16.77
C HIS G 157 -27.16 26.68 16.26
N VAL G 158 -26.33 25.86 15.66
CA VAL G 158 -26.75 24.57 15.13
C VAL G 158 -26.66 23.51 16.24
N VAL G 159 -25.49 23.43 16.84
CA VAL G 159 -25.18 22.33 17.76
C VAL G 159 -26.00 22.38 19.07
N TRP G 160 -26.08 23.52 19.74
CA TRP G 160 -26.75 23.55 21.03
C TRP G 160 -28.26 23.27 20.98
N PRO G 161 -29.01 23.84 20.06
CA PRO G 161 -30.41 23.38 19.85
C PRO G 161 -30.50 21.92 19.43
N HIS G 162 -29.53 21.45 18.66
CA HIS G 162 -29.56 20.06 18.17
C HIS G 162 -29.33 19.08 19.34
N VAL G 163 -28.39 19.39 20.22
CA VAL G 163 -28.07 18.47 21.30
C VAL G 163 -28.93 18.65 22.56
N LEU G 164 -29.27 19.89 22.93
CA LEU G 164 -30.01 20.14 24.16
C LEU G 164 -31.51 20.14 23.94
N GLY G 165 -31.91 20.30 22.69
CA GLY G 165 -33.29 20.57 22.33
C GLY G 165 -33.52 22.04 22.12
N SER G 166 -34.65 22.31 21.49
CA SER G 166 -34.95 23.62 21.02
C SER G 166 -34.93 24.68 22.10
N ASN G 167 -35.62 24.45 23.21
CA ASN G 167 -35.76 25.49 24.20
C ASN G 167 -34.57 25.62 25.14
N ARG G 168 -33.99 24.50 25.50
CA ARG G 168 -32.79 24.55 26.32
C ARG G 168 -31.63 25.11 25.51
N GLY G 169 -31.56 24.82 24.22
CA GLY G 169 -30.47 25.31 23.36
C GLY G 169 -30.51 26.82 23.18
N ARG G 170 -31.72 27.32 22.91
CA ARG G 170 -31.88 28.73 22.70
C ARG G 170 -31.63 29.53 23.99
N TYR G 171 -32.15 29.04 25.09
CA TYR G 171 -31.96 29.67 26.40
C TYR G 171 -30.46 29.69 26.78
N PHE G 172 -29.79 28.56 26.57
CA PHE G 172 -28.36 28.42 26.83
C PHE G 172 -27.57 29.46 26.10
N LEU G 173 -27.91 29.70 24.84
CA LEU G 173 -27.18 30.66 24.00
C LEU G 173 -27.52 32.12 24.26
N LEU G 174 -28.71 32.41 24.76
CA LEU G 174 -29.12 33.79 24.99
C LEU G 174 -28.88 34.35 26.38
N THR G 175 -28.70 33.52 27.40
CA THR G 175 -28.69 33.99 28.79
C THR G 175 -27.35 33.79 29.51
N GLY G 176 -26.34 33.35 28.79
CA GLY G 176 -25.04 33.16 29.40
C GLY G 176 -24.93 31.96 30.29
N GLN G 177 -25.83 31.00 30.10
CA GLN G 177 -25.92 29.85 30.97
C GLN G 177 -24.61 29.04 30.99
N GLU G 178 -24.22 28.62 32.18
CA GLU G 178 -23.09 27.70 32.33
C GLU G 178 -23.64 26.39 32.86
N LEU G 179 -23.45 25.33 32.10
CA LEU G 179 -23.81 24.00 32.52
C LEU G 179 -22.70 23.40 33.33
N ASP G 180 -22.98 22.95 34.53
CA ASP G 180 -22.02 22.07 35.21
C ASP G 180 -22.10 20.65 34.64
N ALA G 181 -21.24 19.75 35.12
CA ALA G 181 -21.10 18.42 34.47
C ALA G 181 -22.36 17.62 34.63
N ARG G 182 -22.98 17.70 35.80
CA ARG G 182 -24.15 16.88 36.06
C ARG G 182 -25.41 17.42 35.37
N THR G 183 -25.48 18.72 35.18
CA THR G 183 -26.53 19.32 34.37
C THR G 183 -26.35 18.92 32.91
N ALA G 184 -25.12 18.96 32.40
CA ALA G 184 -24.84 18.57 31.04
C ALA G 184 -25.19 17.14 30.81
N LEU G 185 -24.94 16.30 31.81
CA LEU G 185 -25.34 14.90 31.77
C LEU G 185 -26.87 14.73 31.75
N ASP G 186 -27.55 15.45 32.62
CA ASP G 186 -29.00 15.44 32.65
C ASP G 186 -29.61 15.94 31.32
N TYR G 187 -29.00 16.93 30.68
CA TYR G 187 -29.53 17.50 29.44
C TYR G 187 -29.22 16.63 28.25
N GLY G 188 -28.35 15.65 28.45
CA GLY G 188 -28.02 14.69 27.43
C GLY G 188 -26.86 15.13 26.51
N ALA G 189 -26.15 16.19 26.85
CA ALA G 189 -24.94 16.58 26.08
C ALA G 189 -23.70 15.74 26.47
N VAL G 190 -23.71 15.28 27.72
CA VAL G 190 -22.64 14.49 28.28
C VAL G 190 -23.18 13.07 28.52
N ASN G 191 -22.39 12.04 28.24
CA ASN G 191 -22.77 10.65 28.49
C ASN G 191 -22.33 10.08 29.86
N GLU G 192 -21.15 10.50 30.31
CA GLU G 192 -20.62 10.01 31.60
C GLU G 192 -19.85 11.15 32.27
N VAL G 193 -20.01 11.24 33.59
CA VAL G 193 -19.25 12.14 34.43
C VAL G 193 -18.33 11.27 35.28
N LEU G 194 -17.04 11.61 35.27
CA LEU G 194 -16.00 10.86 35.94
C LEU G 194 -15.11 11.77 36.78
N SER G 195 -14.46 11.19 37.78
CA SER G 195 -13.43 11.94 38.48
C SER G 195 -12.31 12.35 37.54
N GLU G 196 -11.55 13.37 37.91
CA GLU G 196 -10.46 13.87 37.05
C GLU G 196 -9.48 12.78 36.73
N GLN G 197 -9.24 11.87 37.67
CA GLN G 197 -8.23 10.80 37.48
C GLN G 197 -8.76 9.66 36.60
N GLU G 198 -10.07 9.42 36.66
CA GLU G 198 -10.72 8.36 35.88
C GLU G 198 -11.01 8.76 34.43
N LEU G 199 -10.99 10.05 34.12
CA LEU G 199 -11.49 10.50 32.82
C LEU G 199 -10.74 9.90 31.64
N LEU G 200 -9.42 10.15 31.56
CA LEU G 200 -8.64 9.64 30.45
C LEU G 200 -8.59 8.11 30.41
N PRO G 201 -8.32 7.44 31.52
CA PRO G 201 -8.45 6.00 31.55
C PRO G 201 -9.79 5.47 30.97
N ARG G 202 -10.88 6.17 31.26
CA ARG G 202 -12.15 5.74 30.68
C ARG G 202 -12.21 6.01 29.18
N ALA G 203 -11.70 7.16 28.73
CA ALA G 203 -11.66 7.47 27.29
C ALA G 203 -10.85 6.40 26.52
N TRP G 204 -9.69 6.01 27.09
CA TRP G 204 -8.84 4.98 26.50
C TRP G 204 -9.54 3.65 26.45
N GLU G 205 -10.22 3.28 27.54
CA GLU G 205 -10.92 2.01 27.65
C GLU G 205 -11.98 1.89 26.55
N LEU G 206 -12.82 2.94 26.42
CA LEU G 206 -13.80 2.97 25.36
C LEU G 206 -13.16 2.95 23.99
N ALA G 207 -12.12 3.74 23.78
CA ALA G 207 -11.49 3.81 22.47
C ALA G 207 -10.87 2.49 22.07
N ARG G 208 -10.22 1.80 23.00
CA ARG G 208 -9.57 0.51 22.68
C ARG G 208 -10.60 -0.50 22.26
N GLY G 209 -11.75 -0.51 22.95
CA GLY G 209 -12.82 -1.43 22.63
C GLY G 209 -13.39 -1.18 21.24
N ILE G 210 -13.55 0.09 20.89
CA ILE G 210 -14.01 0.46 19.60
C ILE G 210 -12.97 0.15 18.51
N ALA G 211 -11.69 0.40 18.81
CA ALA G 211 -10.60 0.15 17.87
C ALA G 211 -10.47 -1.31 17.49
N GLU G 212 -10.92 -2.22 18.35
CA GLU G 212 -10.86 -3.66 18.07
C GLU G 212 -11.99 -4.15 17.17
N LYS G 213 -13.01 -3.34 16.98
CA LYS G 213 -14.12 -3.69 16.07
C LYS G 213 -13.62 -3.76 14.63
N PRO G 214 -14.35 -4.47 13.76
CA PRO G 214 -13.90 -4.61 12.36
C PRO G 214 -13.76 -3.24 11.67
N LEU G 215 -12.78 -3.11 10.79
CA LEU G 215 -12.45 -1.87 10.09
C LEU G 215 -13.66 -1.11 9.53
N LEU G 216 -14.38 -1.75 8.63
CA LEU G 216 -15.50 -1.05 7.99
C LEU G 216 -16.69 -0.85 8.91
N ALA G 217 -16.89 -1.73 9.89
CA ALA G 217 -17.97 -1.54 10.85
C ALA G 217 -17.73 -0.29 11.68
N ARG G 218 -16.50 -0.09 12.12
CA ARG G 218 -16.13 1.07 12.91
C ARG G 218 -16.29 2.36 12.10
N ARG G 219 -15.79 2.35 10.90
CA ARG G 219 -15.84 3.52 10.03
C ARG G 219 -17.30 3.88 9.64
N TYR G 220 -18.07 2.85 9.24
CA TYR G 220 -19.44 3.12 8.82
C TYR G 220 -20.38 3.44 9.96
N ALA G 221 -20.08 3.00 11.20
CA ALA G 221 -20.86 3.35 12.36
C ALA G 221 -20.87 4.87 12.53
N ARG G 222 -19.70 5.46 12.46
CA ARG G 222 -19.58 6.92 12.52
C ARG G 222 -20.32 7.61 11.38
N LYS G 223 -20.20 7.06 10.17
CA LYS G 223 -20.81 7.65 8.98
C LYS G 223 -22.36 7.66 9.05
N VAL G 224 -22.94 6.54 9.47
CA VAL G 224 -24.39 6.43 9.52
C VAL G 224 -25.01 7.26 10.65
N LEU G 225 -24.19 7.65 11.60
CA LEU G 225 -24.63 8.35 12.81
C LEU G 225 -24.54 9.85 12.74
N THR G 226 -23.77 10.38 11.80
CA THR G 226 -23.61 11.82 11.69
C THR G 226 -24.51 12.44 10.61
N ARG G 227 -25.45 11.68 10.06
CA ARG G 227 -26.30 12.17 8.96
C ARG G 227 -27.05 13.43 9.27
N GLN G 228 -27.72 13.45 10.39
CA GLN G 228 -28.60 14.59 10.71
C GLN G 228 -27.79 15.84 11.08
N LEU G 229 -26.69 15.65 11.82
CA LEU G 229 -25.87 16.79 12.17
C LEU G 229 -25.26 17.42 10.92
N ARG G 230 -24.85 16.58 9.96
CA ARG G 230 -24.34 17.05 8.69
C ARG G 230 -25.36 17.85 7.89
N ARG G 231 -26.59 17.35 7.92
CA ARG G 231 -27.66 17.97 7.15
C ARG G 231 -27.97 19.36 7.72
N VAL G 232 -28.14 19.46 9.03
CA VAL G 232 -28.44 20.76 9.67
C VAL G 232 -27.27 21.74 9.64
N MET G 233 -26.04 21.22 9.79
CA MET G 233 -24.87 22.05 9.58
C MET G 233 -24.79 22.66 8.16
N GLU G 234 -24.97 21.86 7.11
CA GLU G 234 -24.95 22.39 5.76
C GLU G 234 -26.10 23.41 5.57
N ALA G 235 -27.27 23.13 6.13
CA ALA G 235 -28.40 24.07 5.98
C ALA G 235 -28.14 25.42 6.61
N ASP G 236 -27.55 25.43 7.82
CA ASP G 236 -27.56 26.61 8.67
C ASP G 236 -26.23 27.28 9.04
N LEU G 237 -25.10 26.61 8.82
CA LEU G 237 -23.85 27.13 9.32
C LEU G 237 -23.48 28.45 8.65
N SER G 238 -23.33 28.44 7.34
CA SER G 238 -22.89 29.63 6.61
C SER G 238 -23.84 30.83 6.79
N LEU G 239 -25.12 30.58 6.92
CA LEU G 239 -26.11 31.59 7.19
C LEU G 239 -25.79 32.27 8.52
N GLY G 240 -25.51 31.45 9.50
CA GLY G 240 -25.15 31.94 10.81
C GLY G 240 -23.91 32.82 10.76
N LEU G 241 -22.88 32.34 10.05
CA LEU G 241 -21.58 32.99 10.07
C LEU G 241 -21.65 34.36 9.38
N ALA G 242 -22.38 34.43 8.29
CA ALA G 242 -22.49 35.71 7.58
C ALA G 242 -23.29 36.71 8.38
N HIS G 243 -24.38 36.29 9.06
CA HIS G 243 -25.11 37.24 9.92
C HIS G 243 -24.28 37.68 11.10
N GLU G 244 -23.53 36.75 11.69
CA GLU G 244 -22.64 37.09 12.77
C GLU G 244 -21.60 38.15 12.30
N ALA G 245 -21.02 37.92 11.14
CA ALA G 245 -20.03 38.89 10.62
C ALA G 245 -20.65 40.28 10.42
N LEU G 246 -21.82 40.32 9.84
CA LEU G 246 -22.52 41.59 9.67
C LEU G 246 -22.75 42.33 10.95
N ALA G 247 -23.29 41.66 11.97
CA ALA G 247 -23.56 42.27 13.24
C ALA G 247 -22.27 42.73 13.93
N ALA G 248 -21.20 41.97 13.80
CA ALA G 248 -19.93 42.30 14.46
C ALA G 248 -19.31 43.52 13.80
N ILE G 249 -19.39 43.60 12.49
CA ILE G 249 -18.85 44.77 11.78
C ILE G 249 -19.63 46.04 12.15
N ASP G 250 -20.92 45.89 12.47
CA ASP G 250 -21.75 47.03 12.87
C ASP G 250 -21.23 47.66 14.19
N LEU G 251 -20.62 46.85 15.07
CA LEU G 251 -20.00 47.33 16.32
C LEU G 251 -18.97 48.45 16.14
N GLY G 252 -17.95 48.24 15.30
CA GLY G 252 -16.85 49.19 15.10
C GLY G 252 -17.17 50.27 14.07
N LEU H 4 -44.07 52.99 6.20
CA LEU H 4 -45.25 52.13 5.79
C LEU H 4 -45.71 51.18 6.89
N ALA H 5 -44.79 50.84 7.79
CA ALA H 5 -45.16 49.98 8.90
C ALA H 5 -46.08 50.73 9.85
N THR H 6 -47.01 50.00 10.45
CA THR H 6 -47.87 50.56 11.48
C THR H 6 -47.04 50.86 12.74
N PRO H 7 -47.08 52.10 13.21
CA PRO H 7 -46.21 52.50 14.33
C PRO H 7 -46.90 52.04 15.62
N PHE H 8 -46.12 51.86 16.66
CA PHE H 8 -46.61 51.39 17.96
C PHE H 8 -47.83 52.19 18.44
N GLN H 9 -47.80 53.52 18.25
CA GLN H 9 -48.90 54.37 18.77
C GLN H 9 -50.23 53.92 18.19
N GLU H 10 -50.19 53.44 16.94
CA GLU H 10 -51.43 52.93 16.36
C GLU H 10 -51.76 51.49 16.79
N TYR H 11 -50.84 50.56 16.73
CA TYR H 11 -51.26 49.18 16.93
C TYR H 11 -51.37 48.77 18.40
N SER H 12 -50.76 49.56 19.28
CA SER H 12 -50.76 49.23 20.71
C SER H 12 -52.18 49.26 21.30
N GLN H 13 -53.12 49.92 20.62
CA GLN H 13 -54.51 50.06 21.07
C GLN H 13 -55.54 49.36 20.18
N LYS H 14 -55.08 48.53 19.25
CA LYS H 14 -55.92 47.93 18.21
C LYS H 14 -56.65 46.65 18.66
N TYR H 15 -56.16 46.01 19.71
CA TYR H 15 -56.53 44.63 20.01
C TYR H 15 -57.23 44.55 21.34
N GLU H 16 -58.46 44.06 21.35
CA GLU H 16 -59.24 43.94 22.58
C GLU H 16 -58.75 42.86 23.55
N ASN H 17 -58.07 41.83 23.06
CA ASN H 17 -57.53 40.76 23.92
C ASN H 17 -56.01 40.82 24.15
N ILE H 18 -55.37 41.89 23.71
CA ILE H 18 -53.92 42.02 23.83
C ILE H 18 -53.56 43.43 24.26
N ARG H 19 -53.06 43.54 25.49
CA ARG H 19 -52.49 44.78 25.97
C ARG H 19 -51.03 44.84 25.53
N LEU H 20 -50.59 46.01 25.11
CA LEU H 20 -49.27 46.21 24.60
C LEU H 20 -48.62 47.41 25.22
N GLU H 21 -47.52 47.18 25.93
CA GLU H 21 -46.83 48.26 26.57
C GLU H 21 -45.31 48.12 26.38
N ARG H 22 -44.67 49.22 26.09
CA ARG H 22 -43.25 49.18 25.79
C ARG H 22 -42.46 50.17 26.62
N ASP H 23 -41.37 49.66 27.18
CA ASP H 23 -40.54 50.39 28.11
C ASP H 23 -39.08 50.10 27.78
N GLY H 24 -38.35 51.12 27.32
CA GLY H 24 -36.96 50.96 26.91
C GLY H 24 -36.77 49.92 25.80
N GLY H 25 -37.68 49.85 24.85
CA GLY H 25 -37.59 48.86 23.80
C GLY H 25 -38.12 47.48 24.15
N VAL H 26 -38.40 47.23 25.41
CA VAL H 26 -38.97 45.95 25.82
C VAL H 26 -40.47 46.02 25.67
N LEU H 27 -41.03 45.14 24.84
CA LEU H 27 -42.45 45.10 24.61
C LEU H 27 -43.11 44.03 25.41
N LEU H 28 -43.99 44.41 26.33
CA LEU H 28 -44.76 43.48 27.15
C LEU H 28 -46.13 43.30 26.50
N VAL H 29 -46.40 42.04 26.11
CA VAL H 29 -47.57 41.63 25.44
C VAL H 29 -48.36 40.81 26.43
N THR H 30 -49.54 41.32 26.85
CA THR H 30 -50.36 40.65 27.84
C THR H 30 -51.68 40.27 27.25
N VAL H 31 -51.97 38.99 27.20
CA VAL H 31 -53.23 38.49 26.70
C VAL H 31 -54.24 38.44 27.85
N HIS H 32 -55.51 38.74 27.53
CA HIS H 32 -56.54 38.95 28.56
C HIS H 32 -57.90 39.05 27.91
N THR H 33 -58.96 38.79 28.71
CA THR H 33 -60.31 39.02 28.31
C THR H 33 -60.91 39.95 29.37
N GLU H 34 -61.12 41.19 28.97
CA GLU H 34 -61.58 42.26 29.83
C GLU H 34 -60.83 42.31 31.13
N GLY H 35 -59.51 42.33 31.08
CA GLY H 35 -58.66 42.31 32.25
C GLY H 35 -58.62 41.06 33.12
N LYS H 36 -59.30 40.01 32.73
CA LYS H 36 -59.23 38.72 33.41
C LYS H 36 -58.40 37.78 32.52
N SER H 37 -58.12 36.57 33.01
CA SER H 37 -57.40 35.56 32.23
C SER H 37 -58.04 35.34 30.87
N LEU H 38 -57.21 35.23 29.83
CA LEU H 38 -57.73 35.03 28.47
C LEU H 38 -58.66 33.86 28.33
N VAL H 39 -59.79 34.10 27.65
CA VAL H 39 -60.68 33.07 27.18
C VAL H 39 -60.38 32.97 25.69
N TRP H 40 -60.04 31.77 25.23
CA TRP H 40 -59.66 31.54 23.83
C TRP H 40 -60.86 31.62 22.90
N THR H 41 -60.77 32.51 21.93
CA THR H 41 -61.85 32.70 20.95
C THR H 41 -61.31 32.90 19.57
N SER H 42 -62.19 32.88 18.56
CA SER H 42 -61.83 33.25 17.19
C SER H 42 -61.20 34.64 17.13
N THR H 43 -61.79 35.59 17.86
CA THR H 43 -61.25 36.94 17.93
C THR H 43 -59.81 36.97 18.48
N ALA H 44 -59.56 36.25 19.57
CA ALA H 44 -58.24 36.30 20.22
C ALA H 44 -57.17 35.66 19.31
N HIS H 45 -57.54 34.54 18.70
CA HIS H 45 -56.73 33.84 17.71
C HIS H 45 -56.30 34.80 16.57
N ASP H 46 -57.28 35.44 15.95
CA ASP H 46 -56.98 36.27 14.80
C ASP H 46 -56.25 37.52 15.24
N GLU H 47 -56.61 38.07 16.40
CA GLU H 47 -55.92 39.22 16.90
C GLU H 47 -54.42 38.94 17.07
N LEU H 48 -54.10 37.79 17.64
CA LEU H 48 -52.69 37.46 17.86
C LEU H 48 -51.95 37.34 16.54
N ALA H 49 -52.58 36.77 15.52
CA ALA H 49 -51.95 36.74 14.18
C ALA H 49 -51.61 38.14 13.66
N TYR H 50 -52.58 39.03 13.72
CA TYR H 50 -52.37 40.40 13.26
C TYR H 50 -51.35 41.12 14.12
N CYS H 51 -51.45 40.89 15.42
CA CYS H 51 -50.56 41.54 16.36
C CYS H 51 -49.09 41.12 16.16
N PHE H 52 -48.85 39.83 15.95
CA PHE H 52 -47.50 39.37 15.75
C PHE H 52 -46.92 40.00 14.48
N HIS H 53 -47.74 40.21 13.45
CA HIS H 53 -47.29 40.87 12.24
C HIS H 53 -46.85 42.28 12.56
N ASP H 54 -47.71 43.02 13.29
CA ASP H 54 -47.35 44.38 13.66
C ASP H 54 -46.06 44.43 14.49
N ILE H 55 -45.93 43.51 15.43
CA ILE H 55 -44.72 43.47 16.25
C ILE H 55 -43.48 43.20 15.39
N ALA H 56 -43.59 42.21 14.50
CA ALA H 56 -42.44 41.83 13.67
C ALA H 56 -41.95 42.99 12.83
N CYS H 57 -42.87 43.86 12.36
CA CYS H 57 -42.54 44.91 11.42
C CYS H 57 -42.07 46.17 12.11
N ASP H 58 -42.15 46.21 13.44
CA ASP H 58 -41.81 47.44 14.16
C ASP H 58 -40.43 47.25 14.78
N ARG H 59 -39.45 47.90 14.16
CA ARG H 59 -38.07 47.79 14.58
C ARG H 59 -37.75 48.36 15.97
N GLU H 60 -38.66 49.14 16.54
CA GLU H 60 -38.39 49.67 17.88
C GLU H 60 -38.67 48.65 18.97
N ASN H 61 -39.25 47.51 18.63
CA ASN H 61 -39.32 46.41 19.57
C ASN H 61 -37.94 45.74 19.63
N LYS H 62 -37.35 45.76 20.81
CA LYS H 62 -36.01 45.22 21.01
C LYS H 62 -36.04 43.78 21.50
N VAL H 63 -37.06 43.47 22.28
CA VAL H 63 -37.27 42.14 22.84
C VAL H 63 -38.75 42.09 23.22
N VAL H 64 -39.33 40.91 23.18
CA VAL H 64 -40.76 40.71 23.48
C VAL H 64 -40.90 39.81 24.71
N ILE H 65 -41.80 40.18 25.62
CA ILE H 65 -42.23 39.32 26.70
C ILE H 65 -43.70 39.00 26.41
N LEU H 66 -44.06 37.73 26.37
CA LEU H 66 -45.44 37.32 26.21
C LEU H 66 -45.94 36.78 27.53
N THR H 67 -47.08 37.28 28.00
CA THR H 67 -47.64 36.77 29.26
C THR H 67 -49.15 36.90 29.27
N GLY H 68 -49.74 36.37 30.32
CA GLY H 68 -51.15 36.47 30.54
C GLY H 68 -51.44 37.25 31.79
N THR H 69 -52.66 37.14 32.26
CA THR H 69 -53.05 37.86 33.47
C THR H 69 -53.98 37.00 34.31
N GLY H 70 -54.02 37.30 35.61
CA GLY H 70 -54.83 36.52 36.52
C GLY H 70 -54.20 35.18 36.79
N PRO H 71 -54.99 34.25 37.30
CA PRO H 71 -54.49 32.94 37.73
C PRO H 71 -54.09 32.01 36.57
N SER H 72 -54.63 32.25 35.37
CA SER H 72 -54.38 31.42 34.20
C SER H 72 -53.74 32.23 33.05
N PHE H 73 -52.89 31.58 32.26
CA PHE H 73 -52.41 32.15 30.98
C PHE H 73 -53.58 32.08 29.95
N CYS H 74 -54.09 30.88 29.72
CA CYS H 74 -55.31 30.68 28.96
C CYS H 74 -55.79 29.27 29.20
N ASN H 75 -56.83 29.11 30.01
CA ASN H 75 -57.37 27.78 30.26
C ASN H 75 -58.90 27.69 30.20
N GLU H 76 -59.47 28.55 29.37
CA GLU H 76 -60.85 28.46 28.99
C GLU H 76 -60.94 28.78 27.50
N ILE H 77 -61.90 28.14 26.85
CA ILE H 77 -62.22 28.33 25.43
C ILE H 77 -63.73 28.51 25.19
N ASP H 78 -64.05 29.36 24.24
CA ASP H 78 -65.42 29.46 23.73
C ASP H 78 -65.47 28.85 22.34
N PHE H 79 -65.76 27.56 22.26
CA PHE H 79 -65.89 26.86 20.98
C PHE H 79 -66.95 27.47 20.06
N THR H 80 -67.99 28.10 20.64
CA THR H 80 -69.07 28.66 19.82
C THR H 80 -68.62 29.91 19.06
N SER H 81 -67.50 30.53 19.45
CA SER H 81 -66.97 31.66 18.71
C SER H 81 -66.35 31.27 17.37
N PHE H 82 -66.13 29.96 17.16
CA PHE H 82 -65.54 29.44 15.92
C PHE H 82 -66.60 28.75 15.04
N ASN H 83 -66.45 28.87 13.72
CA ASN H 83 -67.29 28.16 12.74
C ASN H 83 -66.50 27.00 12.17
N LEU H 84 -66.87 25.76 12.53
CA LEU H 84 -66.09 24.54 12.26
C LEU H 84 -66.79 23.52 11.36
N GLY H 85 -67.83 23.95 10.66
CA GLY H 85 -68.73 23.03 9.97
C GLY H 85 -68.44 22.76 8.51
N THR H 86 -67.84 23.71 7.79
CA THR H 86 -67.68 23.56 6.35
C THR H 86 -66.26 23.86 5.95
N PRO H 87 -65.85 23.39 4.77
CA PRO H 87 -64.53 23.74 4.23
C PRO H 87 -64.26 25.22 4.10
N HIS H 88 -65.23 26.05 3.66
CA HIS H 88 -64.88 27.46 3.45
C HIS H 88 -64.66 28.14 4.81
N ASP H 89 -65.43 27.73 5.82
CA ASP H 89 -65.21 28.24 7.18
C ASP H 89 -63.83 27.78 7.71
N TRP H 90 -63.49 26.52 7.46
CA TRP H 90 -62.17 25.99 7.82
C TRP H 90 -61.04 26.67 7.07
N ASP H 91 -61.29 27.12 5.83
CA ASP H 91 -60.20 27.81 5.15
C ASP H 91 -59.83 29.11 5.82
N GLU H 92 -60.81 29.83 6.38
CA GLU H 92 -60.48 31.04 7.12
C GLU H 92 -59.58 30.74 8.34
N ILE H 93 -59.87 29.63 9.01
CA ILE H 93 -59.11 29.20 10.18
C ILE H 93 -57.70 28.72 9.75
N ILE H 94 -57.64 27.96 8.69
CA ILE H 94 -56.36 27.50 8.12
C ILE H 94 -55.50 28.68 7.75
N PHE H 95 -56.08 29.66 7.04
CA PHE H 95 -55.32 30.82 6.61
C PHE H 95 -54.77 31.61 7.78
N GLU H 96 -55.61 31.91 8.75
CA GLU H 96 -55.17 32.71 9.91
C GLU H 96 -54.32 31.87 10.88
N GLY H 97 -54.58 30.58 10.96
CA GLY H 97 -53.76 29.67 11.77
C GLY H 97 -52.32 29.57 11.25
N GLN H 98 -52.17 29.54 9.92
CA GLN H 98 -50.88 29.74 9.28
C GLN H 98 -50.28 31.08 9.65
N ARG H 99 -51.05 32.17 9.53
CA ARG H 99 -50.51 33.49 9.81
C ARG H 99 -50.08 33.60 11.26
N LEU H 100 -50.85 32.99 12.17
CA LEU H 100 -50.59 33.08 13.62
C LEU H 100 -49.19 32.62 13.92
N LEU H 101 -48.85 31.42 13.47
CA LEU H 101 -47.55 30.81 13.83
C LEU H 101 -46.42 31.34 12.94
N ASN H 102 -46.70 31.57 11.67
CA ASN H 102 -45.68 32.15 10.77
C ASN H 102 -45.33 33.59 11.13
N ASN H 103 -46.31 34.39 11.53
CA ASN H 103 -46.05 35.75 11.97
C ASN H 103 -45.24 35.77 13.26
N LEU H 104 -45.55 34.86 14.16
CA LEU H 104 -44.78 34.73 15.38
C LEU H 104 -43.33 34.45 15.06
N LEU H 105 -43.10 33.48 14.18
CA LEU H 105 -41.74 33.10 13.78
C LEU H 105 -41.04 34.19 12.96
N SER H 106 -41.79 35.13 12.40
CA SER H 106 -41.21 36.22 11.64
C SER H 106 -40.72 37.38 12.53
N ILE H 107 -41.05 37.34 13.80
CA ILE H 107 -40.50 38.31 14.73
C ILE H 107 -39.02 38.06 14.80
N GLU H 108 -38.21 39.08 14.56
CA GLU H 108 -36.74 38.95 14.53
C GLU H 108 -36.04 39.59 15.73
N VAL H 109 -36.70 39.51 16.88
CA VAL H 109 -36.06 39.80 18.17
C VAL H 109 -36.39 38.65 19.10
N PRO H 110 -35.58 38.45 20.14
CA PRO H 110 -35.83 37.39 21.12
C PRO H 110 -37.20 37.53 21.79
N VAL H 111 -37.86 36.40 21.95
CA VAL H 111 -39.15 36.31 22.61
C VAL H 111 -39.06 35.52 23.93
N ILE H 112 -39.50 36.13 25.02
CA ILE H 112 -39.54 35.50 26.34
C ILE H 112 -40.99 35.26 26.66
N ALA H 113 -41.32 34.04 27.08
CA ALA H 113 -42.63 33.74 27.61
C ALA H 113 -42.59 33.74 29.15
N ALA H 114 -43.63 34.31 29.75
CA ALA H 114 -43.80 34.30 31.19
C ALA H 114 -45.17 33.69 31.44
N VAL H 115 -45.19 32.40 31.71
CA VAL H 115 -46.44 31.65 31.75
C VAL H 115 -46.92 31.72 33.19
N ASN H 116 -47.95 32.53 33.41
CA ASN H 116 -48.45 32.92 34.75
C ASN H 116 -49.41 31.93 35.38
N GLY H 117 -49.84 30.93 34.64
CA GLY H 117 -50.71 29.91 35.14
C GLY H 117 -51.05 28.93 34.05
N PRO H 118 -52.02 28.06 34.30
CA PRO H 118 -52.43 27.07 33.33
C PRO H 118 -52.70 27.59 31.92
N VAL H 119 -52.18 26.84 30.95
CA VAL H 119 -52.45 27.08 29.55
C VAL H 119 -52.89 25.76 28.92
N THR H 120 -54.14 25.73 28.50
CA THR H 120 -54.73 24.58 27.82
C THR H 120 -55.13 24.93 26.40
N ASN H 121 -55.10 26.21 26.03
CA ASN H 121 -55.38 26.61 24.67
C ASN H 121 -54.21 27.36 24.10
N ALA H 122 -53.84 26.97 22.91
CA ALA H 122 -52.65 27.51 22.22
C ALA H 122 -51.40 27.51 23.10
N PRO H 123 -51.13 26.43 23.81
CA PRO H 123 -49.91 26.39 24.66
C PRO H 123 -48.62 26.37 23.83
N GLU H 124 -48.74 26.02 22.55
CA GLU H 124 -47.57 26.02 21.67
C GLU H 124 -47.03 27.43 21.50
N ILE H 125 -47.89 28.45 21.65
CA ILE H 125 -47.39 29.81 21.47
C ILE H 125 -46.30 30.20 22.47
N PRO H 126 -46.57 30.13 23.76
CA PRO H 126 -45.49 30.40 24.71
C PRO H 126 -44.26 29.47 24.54
N VAL H 127 -44.44 28.19 24.25
CA VAL H 127 -43.29 27.24 24.23
C VAL H 127 -42.46 27.40 22.94
N MET H 128 -42.95 28.17 21.98
CA MET H 128 -42.16 28.54 20.80
C MET H 128 -41.19 29.66 21.09
N SER H 129 -41.26 30.25 22.28
CA SER H 129 -40.36 31.34 22.66
C SER H 129 -38.92 30.87 22.85
N ASP H 130 -38.00 31.82 22.75
CA ASP H 130 -36.58 31.52 22.94
C ASP H 130 -36.19 31.26 24.39
N ILE H 131 -36.94 31.88 25.30
CA ILE H 131 -36.78 31.69 26.74
C ILE H 131 -38.17 31.49 27.29
N VAL H 132 -38.36 30.42 28.06
CA VAL H 132 -39.64 30.07 28.62
C VAL H 132 -39.53 30.05 30.16
N LEU H 133 -40.23 30.98 30.79
CA LEU H 133 -40.34 31.07 32.23
C LEU H 133 -41.75 30.70 32.64
N ALA H 134 -41.89 29.95 33.74
CA ALA H 134 -43.18 29.52 34.21
C ALA H 134 -43.30 29.76 35.70
N ALA H 135 -44.48 30.25 36.10
CA ALA H 135 -44.91 30.22 37.51
C ALA H 135 -45.05 28.82 38.00
N GLU H 136 -44.90 28.66 39.33
CA GLU H 136 -45.02 27.36 39.98
C GLU H 136 -46.36 26.72 39.64
N SER H 137 -47.38 27.56 39.40
CA SER H 137 -48.75 27.11 39.11
C SER H 137 -49.04 26.86 37.62
N ALA H 138 -48.04 27.14 36.77
CA ALA H 138 -48.23 26.90 35.34
C ALA H 138 -48.41 25.45 35.05
N THR H 139 -49.31 25.15 34.13
CA THR H 139 -49.46 23.81 33.54
C THR H 139 -49.62 23.92 32.03
N PHE H 140 -49.39 22.84 31.32
CA PHE H 140 -49.46 22.84 29.87
C PHE H 140 -50.23 21.61 29.44
N GLN H 141 -51.22 21.79 28.59
CA GLN H 141 -51.97 20.70 28.02
C GLN H 141 -52.56 21.15 26.67
N ASP H 142 -52.61 20.22 25.74
CA ASP H 142 -53.24 20.46 24.44
C ASP H 142 -54.71 20.21 24.56
N GLY H 143 -55.42 21.21 25.10
CA GLY H 143 -56.80 21.05 25.52
C GLY H 143 -57.82 20.82 24.40
N PRO H 144 -57.86 21.70 23.39
CA PRO H 144 -59.00 21.68 22.47
C PRO H 144 -58.85 20.77 21.25
N HIS H 145 -57.80 19.95 21.21
CA HIS H 145 -57.62 19.04 20.12
C HIS H 145 -58.10 17.65 20.45
N PHE H 146 -57.21 16.68 20.69
CA PHE H 146 -57.62 15.29 20.75
C PHE H 146 -58.63 14.98 21.86
N PRO H 147 -58.59 15.65 23.02
CA PRO H 147 -59.65 15.48 24.06
C PRO H 147 -61.05 15.86 23.58
N SER H 148 -61.12 16.77 22.62
CA SER H 148 -62.40 17.10 21.98
C SER H 148 -62.69 16.33 20.68
N GLY H 149 -61.88 15.32 20.38
CA GLY H 149 -62.02 14.56 19.16
C GLY H 149 -61.56 15.29 17.89
N ILE H 150 -60.64 16.25 18.07
CA ILE H 150 -60.14 17.09 16.96
C ILE H 150 -58.64 16.78 16.78
N VAL H 151 -58.22 16.66 15.53
CA VAL H 151 -56.80 16.40 15.23
C VAL H 151 -55.92 17.53 15.76
N PRO H 152 -54.80 17.23 16.44
CA PRO H 152 -53.88 18.29 16.86
C PRO H 152 -52.99 18.78 15.69
N GLY H 153 -53.62 19.29 14.65
CA GLY H 153 -52.98 19.57 13.38
C GLY H 153 -52.67 21.03 13.10
N ASP H 154 -52.75 21.91 14.10
CA ASP H 154 -52.67 23.33 13.90
C ASP H 154 -51.28 23.92 14.23
N GLY H 155 -50.29 23.05 14.32
CA GLY H 155 -48.97 23.44 14.78
C GLY H 155 -48.63 22.70 16.08
N ALA H 156 -49.65 22.27 16.83
CA ALA H 156 -49.43 21.40 17.98
C ALA H 156 -48.57 20.20 17.57
N HIS H 157 -48.86 19.66 16.38
CA HIS H 157 -48.17 18.47 15.87
C HIS H 157 -46.73 18.71 15.52
N VAL H 158 -46.39 19.96 15.25
CA VAL H 158 -45.01 20.37 14.97
C VAL H 158 -44.26 20.62 16.25
N VAL H 159 -44.83 21.49 17.07
CA VAL H 159 -44.12 22.08 18.17
C VAL H 159 -43.85 21.07 19.29
N TRP H 160 -44.86 20.28 19.70
CA TRP H 160 -44.66 19.40 20.85
C TRP H 160 -43.64 18.30 20.62
N PRO H 161 -43.66 17.58 19.50
CA PRO H 161 -42.56 16.65 19.21
C PRO H 161 -41.24 17.35 19.06
N HIS H 162 -41.23 18.59 18.58
CA HIS H 162 -39.99 19.32 18.38
C HIS H 162 -39.37 19.70 19.73
N VAL H 163 -40.19 20.18 20.66
CA VAL H 163 -39.70 20.67 21.96
C VAL H 163 -39.53 19.52 23.00
N LEU H 164 -40.46 18.56 23.04
CA LEU H 164 -40.42 17.49 24.04
C LEU H 164 -39.65 16.26 23.57
N GLY H 165 -39.44 16.13 22.26
CA GLY H 165 -38.93 14.90 21.68
C GLY H 165 -40.05 14.07 21.10
N SER H 166 -39.66 13.14 20.24
CA SER H 166 -40.63 12.37 19.45
C SER H 166 -41.67 11.65 20.32
N ASN H 167 -41.21 10.91 21.33
CA ASN H 167 -42.12 10.04 22.07
C ASN H 167 -42.92 10.77 23.15
N ARG H 168 -42.27 11.67 23.86
CA ARG H 168 -42.98 12.54 24.77
C ARG H 168 -43.98 13.45 24.06
N GLY H 169 -43.62 13.99 22.91
CA GLY H 169 -44.51 14.82 22.13
C GLY H 169 -45.77 14.13 21.65
N ARG H 170 -45.60 12.98 21.08
CA ARG H 170 -46.73 12.22 20.58
C ARG H 170 -47.64 11.75 21.72
N TYR H 171 -47.04 11.25 22.80
CA TYR H 171 -47.80 10.85 23.96
C TYR H 171 -48.60 12.00 24.58
N PHE H 172 -47.94 13.16 24.71
CA PHE H 172 -48.57 14.37 25.22
C PHE H 172 -49.84 14.69 24.43
N LEU H 173 -49.76 14.58 23.11
CA LEU H 173 -50.86 14.98 22.26
C LEU H 173 -51.97 13.94 22.16
N LEU H 174 -51.64 12.68 22.37
CA LEU H 174 -52.63 11.61 22.23
C LEU H 174 -53.33 11.19 23.53
N THR H 175 -52.82 11.58 24.68
CA THR H 175 -53.35 11.04 25.96
C THR H 175 -53.90 12.07 26.91
N GLY H 176 -54.02 13.30 26.48
CA GLY H 176 -54.59 14.35 27.31
C GLY H 176 -53.67 14.80 28.43
N GLN H 177 -52.38 14.51 28.28
CA GLN H 177 -51.44 14.76 29.34
C GLN H 177 -51.37 16.23 29.73
N GLU H 178 -51.35 16.49 31.03
CA GLU H 178 -51.13 17.82 31.53
C GLU H 178 -49.78 17.86 32.22
N LEU H 179 -48.88 18.73 31.75
CA LEU H 179 -47.56 18.88 32.40
C LEU H 179 -47.71 19.95 33.45
N ASP H 180 -47.26 19.68 34.67
CA ASP H 180 -47.05 20.73 35.65
C ASP H 180 -45.73 21.45 35.36
N ALA H 181 -45.44 22.50 36.11
CA ALA H 181 -44.31 23.36 35.81
C ALA H 181 -42.99 22.61 35.88
N ARG H 182 -42.82 21.78 36.90
CA ARG H 182 -41.54 21.10 37.08
C ARG H 182 -41.35 19.97 36.11
N THR H 183 -42.42 19.37 35.65
CA THR H 183 -42.32 18.34 34.61
C THR H 183 -41.94 19.02 33.29
N ALA H 184 -42.55 20.16 33.01
CA ALA H 184 -42.25 20.91 31.76
C ALA H 184 -40.80 21.38 31.76
N LEU H 185 -40.31 21.74 32.94
CA LEU H 185 -38.90 22.03 33.15
C LEU H 185 -38.01 20.82 32.90
N ASP H 186 -38.35 19.66 33.50
CA ASP H 186 -37.60 18.44 33.31
C ASP H 186 -37.61 18.00 31.85
N TYR H 187 -38.73 18.23 31.13
CA TYR H 187 -38.82 17.81 29.73
C TYR H 187 -38.11 18.76 28.82
N GLY H 188 -37.71 19.92 29.33
CA GLY H 188 -37.02 20.93 28.55
C GLY H 188 -37.87 21.95 27.80
N ALA H 189 -39.16 21.99 28.06
CA ALA H 189 -40.05 22.98 27.46
C ALA H 189 -40.00 24.31 28.21
N VAL H 190 -39.70 24.23 29.50
CA VAL H 190 -39.56 25.36 30.38
C VAL H 190 -38.09 25.48 30.78
N ASN H 191 -37.60 26.71 30.87
CA ASN H 191 -36.22 26.97 31.28
C ASN H 191 -36.06 27.32 32.75
N GLU H 192 -37.05 28.03 33.35
CA GLU H 192 -37.01 28.42 34.75
C GLU H 192 -38.43 28.41 35.31
N VAL H 193 -38.56 27.89 36.53
CA VAL H 193 -39.81 27.93 37.27
C VAL H 193 -39.61 28.92 38.43
N LEU H 194 -40.55 29.84 38.54
CA LEU H 194 -40.45 30.93 39.50
C LEU H 194 -41.74 31.01 40.28
N SER H 195 -41.70 31.63 41.48
CA SER H 195 -42.92 31.95 42.22
C SER H 195 -43.75 32.95 41.41
N GLU H 196 -45.05 32.99 41.68
CA GLU H 196 -45.95 33.88 40.96
C GLU H 196 -45.48 35.31 41.01
N GLN H 197 -44.93 35.75 42.14
CA GLN H 197 -44.50 37.13 42.31
C GLN H 197 -43.14 37.43 41.66
N GLU H 198 -42.30 36.42 41.51
CA GLU H 198 -40.98 36.59 40.89
C GLU H 198 -41.01 36.41 39.37
N LEU H 199 -42.11 35.90 38.80
CA LEU H 199 -42.16 35.60 37.35
C LEU H 199 -41.90 36.80 36.46
N LEU H 200 -42.75 37.82 36.52
CA LEU H 200 -42.57 39.00 35.67
C LEU H 200 -41.32 39.81 35.96
N PRO H 201 -40.98 40.08 37.21
CA PRO H 201 -39.67 40.67 37.49
C PRO H 201 -38.51 39.93 36.79
N ARG H 202 -38.52 38.61 36.75
CA ARG H 202 -37.43 37.86 36.12
C ARG H 202 -37.52 38.00 34.61
N ALA H 203 -38.74 37.99 34.05
CA ALA H 203 -38.90 38.28 32.62
C ALA H 203 -38.29 39.64 32.26
N TRP H 204 -38.61 40.67 33.05
CA TRP H 204 -38.11 42.01 32.78
C TRP H 204 -36.58 42.05 32.90
N GLU H 205 -36.03 41.37 33.92
CA GLU H 205 -34.58 41.34 34.16
C GLU H 205 -33.87 40.78 32.94
N LEU H 206 -34.35 39.63 32.44
CA LEU H 206 -33.79 38.97 31.27
C LEU H 206 -33.93 39.82 30.00
N ALA H 207 -35.11 40.42 29.86
CA ALA H 207 -35.38 41.26 28.71
C ALA H 207 -34.50 42.47 28.67
N ARG H 208 -34.34 43.13 29.81
CA ARG H 208 -33.49 44.34 29.87
C ARG H 208 -32.08 44.03 29.47
N GLY H 209 -31.56 42.91 29.97
CA GLY H 209 -30.22 42.51 29.65
C GLY H 209 -30.03 42.25 28.16
N ILE H 210 -31.00 41.58 27.55
CA ILE H 210 -30.98 41.33 26.12
C ILE H 210 -31.12 42.63 25.33
N ALA H 211 -31.98 43.54 25.79
CA ALA H 211 -32.23 44.79 25.11
C ALA H 211 -30.97 45.67 25.00
N GLU H 212 -30.06 45.53 25.97
CA GLU H 212 -28.80 46.30 26.03
C GLU H 212 -27.75 45.78 25.06
N LYS H 213 -27.96 44.58 24.52
CA LYS H 213 -27.01 44.01 23.55
C LYS H 213 -27.08 44.83 22.26
N PRO H 214 -26.04 44.81 21.45
CA PRO H 214 -26.08 45.55 20.18
C PRO H 214 -27.25 45.17 19.28
N LEU H 215 -27.73 46.17 18.54
CA LEU H 215 -28.89 46.03 17.67
C LEU H 215 -28.93 44.78 16.80
N LEU H 216 -27.92 44.61 15.95
CA LEU H 216 -27.90 43.48 15.03
C LEU H 216 -27.52 42.18 15.72
N ALA H 217 -26.77 42.23 16.80
CA ALA H 217 -26.48 40.99 17.50
C ALA H 217 -27.76 40.41 18.07
N ARG H 218 -28.60 41.28 18.63
CA ARG H 218 -29.86 40.88 19.23
C ARG H 218 -30.82 40.28 18.18
N ARG H 219 -30.95 40.99 17.07
CA ARG H 219 -31.87 40.59 16.01
C ARG H 219 -31.41 39.31 15.34
N TYR H 220 -30.12 39.24 15.02
CA TYR H 220 -29.61 38.06 14.35
C TYR H 220 -29.48 36.84 15.27
N ALA H 221 -29.37 37.02 16.58
CA ALA H 221 -29.38 35.85 17.49
C ALA H 221 -30.72 35.16 17.35
N ARG H 222 -31.78 35.93 17.35
CA ARG H 222 -33.10 35.36 17.14
C ARG H 222 -33.19 34.65 15.81
N LYS H 223 -32.74 35.31 14.75
CA LYS H 223 -32.81 34.78 13.41
C LYS H 223 -32.09 33.45 13.21
N VAL H 224 -30.87 33.36 13.74
CA VAL H 224 -30.06 32.14 13.53
C VAL H 224 -30.58 30.98 14.38
N LEU H 225 -31.35 31.28 15.42
CA LEU H 225 -31.86 30.25 16.32
C LEU H 225 -33.22 29.69 16.00
N THR H 226 -33.93 30.31 15.08
CA THR H 226 -35.25 29.79 14.70
C THR H 226 -35.26 29.04 13.39
N ARG H 227 -34.08 28.71 12.85
CA ARG H 227 -33.97 27.98 11.57
C ARG H 227 -34.72 26.65 11.50
N GLN H 228 -34.52 25.80 12.49
CA GLN H 228 -35.01 24.43 12.49
C GLN H 228 -36.54 24.43 12.68
N LEU H 229 -37.02 25.28 13.58
CA LEU H 229 -38.48 25.40 13.78
C LEU H 229 -39.21 25.92 12.54
N ARG H 230 -38.64 26.93 11.88
CA ARG H 230 -39.20 27.45 10.65
C ARG H 230 -39.24 26.40 9.55
N ARG H 231 -38.19 25.58 9.44
CA ARG H 231 -38.13 24.53 8.42
C ARG H 231 -39.25 23.49 8.60
N VAL H 232 -39.37 22.99 9.83
CA VAL H 232 -40.38 21.96 10.11
C VAL H 232 -41.80 22.52 10.07
N MET H 233 -41.98 23.76 10.53
CA MET H 233 -43.27 24.42 10.37
C MET H 233 -43.70 24.55 8.90
N GLU H 234 -42.78 24.99 8.04
CA GLU H 234 -43.11 25.09 6.63
C GLU H 234 -43.41 23.69 6.04
N ALA H 235 -42.64 22.68 6.44
CA ALA H 235 -42.87 21.32 5.93
C ALA H 235 -44.22 20.74 6.31
N ASP H 236 -44.63 21.00 7.56
CA ASP H 236 -45.72 20.22 8.16
C ASP H 236 -46.96 20.95 8.59
N LEU H 237 -46.92 22.27 8.73
CA LEU H 237 -48.07 22.96 9.31
C LEU H 237 -49.32 22.84 8.46
N SER H 238 -49.28 23.23 7.18
CA SER H 238 -50.45 23.23 6.33
C SER H 238 -51.07 21.86 6.15
N LEU H 239 -50.22 20.87 6.07
CA LEU H 239 -50.65 19.48 5.99
C LEU H 239 -51.53 19.12 7.17
N GLY H 240 -51.09 19.52 8.35
CA GLY H 240 -51.82 19.24 9.58
C GLY H 240 -53.16 19.95 9.62
N LEU H 241 -53.17 21.20 9.19
CA LEU H 241 -54.37 22.01 9.23
C LEU H 241 -55.43 21.45 8.28
N ALA H 242 -55.02 21.03 7.09
CA ALA H 242 -56.01 20.48 6.13
C ALA H 242 -56.58 19.14 6.62
N HIS H 243 -55.73 18.28 7.17
CA HIS H 243 -56.22 17.02 7.71
C HIS H 243 -57.11 17.26 8.91
N GLU H 244 -56.76 18.21 9.76
CA GLU H 244 -57.64 18.54 10.90
C GLU H 244 -59.02 19.00 10.43
N ALA H 245 -59.03 19.91 9.47
CA ALA H 245 -60.27 20.44 8.88
C ALA H 245 -61.14 19.31 8.37
N LEU H 246 -60.54 18.42 7.59
CA LEU H 246 -61.24 17.29 7.00
C LEU H 246 -61.89 16.38 8.03
N ALA H 247 -61.12 16.05 9.06
CA ALA H 247 -61.64 15.28 10.18
C ALA H 247 -62.74 16.00 10.93
N ALA H 248 -62.61 17.29 11.16
CA ALA H 248 -63.58 18.03 11.95
C ALA H 248 -64.92 18.16 11.20
N ILE H 249 -64.83 18.36 9.89
CA ILE H 249 -66.03 18.42 9.06
C ILE H 249 -66.79 17.11 9.05
N ASP H 250 -66.05 16.00 9.15
CA ASP H 250 -66.67 14.68 9.18
C ASP H 250 -67.58 14.51 10.43
N LEU H 251 -67.25 15.22 11.51
CA LEU H 251 -68.05 15.21 12.74
C LEU H 251 -69.51 15.63 12.51
N LEU I 4 -60.70 -6.24 -2.42
CA LEU I 4 -59.36 -5.55 -2.46
C LEU I 4 -58.29 -6.06 -1.47
N ALA I 5 -58.21 -5.45 -0.29
CA ALA I 5 -57.18 -5.74 0.76
C ALA I 5 -57.50 -7.05 1.43
N THR I 6 -56.48 -7.66 2.01
CA THR I 6 -56.63 -8.85 2.79
C THR I 6 -57.40 -8.48 4.07
N PRO I 7 -58.58 -9.07 4.28
CA PRO I 7 -59.26 -8.87 5.55
C PRO I 7 -58.59 -9.65 6.69
N PHE I 8 -58.90 -9.19 7.88
CA PHE I 8 -58.30 -9.70 9.12
C PHE I 8 -58.29 -11.21 9.18
N GLN I 9 -59.42 -11.86 8.85
CA GLN I 9 -59.51 -13.31 8.99
C GLN I 9 -58.52 -14.03 8.13
N GLU I 10 -58.16 -13.42 7.03
CA GLU I 10 -57.19 -14.03 6.13
C GLU I 10 -55.73 -13.80 6.55
N TYR I 11 -55.38 -12.76 7.26
CA TYR I 11 -53.97 -12.63 7.73
C TYR I 11 -53.71 -12.93 9.21
N SER I 12 -54.77 -12.97 10.03
CA SER I 12 -54.67 -13.16 11.46
C SER I 12 -53.96 -14.46 11.86
N GLN I 13 -53.98 -15.44 10.98
CA GLN I 13 -53.40 -16.76 11.26
C GLN I 13 -52.22 -17.12 10.36
N LYS I 14 -51.68 -16.14 9.64
CA LYS I 14 -50.74 -16.39 8.58
C LYS I 14 -49.29 -16.46 9.13
N TYR I 15 -49.07 -15.96 10.33
CA TYR I 15 -47.71 -15.70 10.80
C TYR I 15 -47.35 -16.57 12.01
N GLU I 16 -46.27 -17.34 11.90
CA GLU I 16 -45.86 -18.23 12.98
C GLU I 16 -45.26 -17.51 14.20
N ASN I 17 -44.73 -16.32 14.01
CA ASN I 17 -44.16 -15.54 15.13
C ASN I 17 -44.99 -14.37 15.60
N ILE I 18 -46.22 -14.23 15.08
CA ILE I 18 -47.04 -13.12 15.38
C ILE I 18 -48.50 -13.58 15.62
N ARG I 19 -48.95 -13.48 16.87
CA ARG I 19 -50.36 -13.69 17.22
C ARG I 19 -51.13 -12.39 17.01
N LEU I 20 -52.32 -12.50 16.45
CA LEU I 20 -53.13 -11.35 16.13
C LEU I 20 -54.54 -11.58 16.63
N GLU I 21 -54.98 -10.69 17.50
CA GLU I 21 -56.30 -10.73 18.13
C GLU I 21 -56.89 -9.34 18.11
N ARG I 22 -58.14 -9.21 17.71
CA ARG I 22 -58.77 -7.94 17.64
C ARG I 22 -60.10 -7.98 18.37
N ASP I 23 -60.33 -6.94 19.16
CA ASP I 23 -61.55 -6.75 19.91
C ASP I 23 -61.97 -5.29 19.85
N GLY I 24 -63.19 -5.04 19.36
CA GLY I 24 -63.70 -3.68 19.22
C GLY I 24 -62.78 -2.74 18.42
N GLY I 25 -62.15 -3.29 17.40
CA GLY I 25 -61.26 -2.57 16.53
C GLY I 25 -59.84 -2.43 17.08
N VAL I 26 -59.61 -2.81 18.35
CA VAL I 26 -58.27 -2.76 18.93
C VAL I 26 -57.55 -4.05 18.56
N LEU I 27 -56.44 -3.91 17.83
CA LEU I 27 -55.64 -5.04 17.43
C LEU I 27 -54.46 -5.25 18.37
N LEU I 28 -54.39 -6.42 18.97
CA LEU I 28 -53.27 -6.84 19.80
C LEU I 28 -52.35 -7.75 19.01
N VAL I 29 -51.10 -7.29 18.83
CA VAL I 29 -50.11 -7.98 18.10
C VAL I 29 -49.12 -8.48 19.12
N THR I 30 -48.99 -9.80 19.23
CA THR I 30 -48.12 -10.46 20.18
C THR I 30 -47.04 -11.24 19.47
N VAL I 31 -45.80 -10.78 19.59
CA VAL I 31 -44.68 -11.49 19.00
C VAL I 31 -44.25 -12.62 19.93
N HIS I 32 -43.91 -13.76 19.35
CA HIS I 32 -43.59 -14.96 20.16
C HIS I 32 -42.87 -15.98 19.30
N THR I 33 -42.23 -16.96 19.93
CA THR I 33 -41.71 -18.11 19.28
C THR I 33 -42.28 -19.33 20.02
N GLU I 34 -43.21 -20.01 19.36
CA GLU I 34 -43.93 -21.16 19.90
C GLU I 34 -44.51 -20.86 21.28
N GLY I 35 -45.21 -19.73 21.42
CA GLY I 35 -45.78 -19.31 22.67
C GLY I 35 -44.88 -18.81 23.78
N LYS I 36 -43.57 -18.79 23.53
CA LYS I 36 -42.59 -18.25 24.49
C LYS I 36 -42.02 -16.93 23.93
N SER I 37 -41.17 -16.27 24.70
CA SER I 37 -40.60 -14.98 24.27
C SER I 37 -39.95 -15.12 22.90
N LEU I 38 -40.15 -14.11 22.07
CA LEU I 38 -39.67 -14.14 20.69
C LEU I 38 -38.16 -14.31 20.61
N VAL I 39 -37.75 -15.23 19.76
CA VAL I 39 -36.37 -15.38 19.32
C VAL I 39 -36.24 -14.71 17.94
N TRP I 40 -35.35 -13.74 17.85
CA TRP I 40 -35.23 -12.99 16.61
C TRP I 40 -34.59 -13.85 15.51
N THR I 41 -35.28 -13.96 14.38
CA THR I 41 -34.84 -14.73 13.23
C THR I 41 -35.18 -14.03 11.96
N SER I 42 -34.63 -14.56 10.87
CA SER I 42 -34.99 -14.09 9.52
C SER I 42 -36.50 -14.18 9.27
N THR I 43 -37.11 -15.30 9.67
CA THR I 43 -38.55 -15.46 9.57
C THR I 43 -39.34 -14.37 10.32
N ALA I 44 -38.95 -14.10 11.58
CA ALA I 44 -39.68 -13.15 12.36
C ALA I 44 -39.58 -11.74 11.75
N HIS I 45 -38.38 -11.42 11.30
CA HIS I 45 -38.09 -10.13 10.65
C HIS I 45 -38.97 -9.93 9.42
N ASP I 46 -39.01 -10.94 8.57
CA ASP I 46 -39.78 -10.86 7.36
C ASP I 46 -41.28 -10.87 7.63
N GLU I 47 -41.71 -11.72 8.56
CA GLU I 47 -43.11 -11.81 8.92
C GLU I 47 -43.60 -10.47 9.41
N LEU I 48 -42.80 -9.81 10.25
CA LEU I 48 -43.21 -8.51 10.74
C LEU I 48 -43.41 -7.49 9.59
N ALA I 49 -42.54 -7.52 8.60
CA ALA I 49 -42.70 -6.65 7.46
C ALA I 49 -44.02 -6.89 6.73
N TYR I 50 -44.31 -8.15 6.46
CA TYR I 50 -45.54 -8.51 5.75
C TYR I 50 -46.75 -8.18 6.58
N CYS I 51 -46.66 -8.46 7.87
CA CYS I 51 -47.75 -8.22 8.80
C CYS I 51 -48.07 -6.75 8.98
N PHE I 52 -47.04 -5.88 9.04
CA PHE I 52 -47.29 -4.45 9.14
C PHE I 52 -47.99 -3.92 7.90
N HIS I 53 -47.69 -4.48 6.73
CA HIS I 53 -48.39 -4.12 5.51
C HIS I 53 -49.87 -4.52 5.62
N ASP I 54 -50.13 -5.75 6.01
CA ASP I 54 -51.52 -6.24 6.21
C ASP I 54 -52.27 -5.37 7.20
N ILE I 55 -51.64 -5.03 8.32
CA ILE I 55 -52.27 -4.14 9.30
C ILE I 55 -52.56 -2.75 8.75
N ALA I 56 -51.58 -2.17 8.06
CA ALA I 56 -51.75 -0.83 7.51
C ALA I 56 -52.91 -0.74 6.52
N CYS I 57 -53.13 -1.82 5.77
CA CYS I 57 -54.12 -1.79 4.67
C CYS I 57 -55.50 -2.25 5.11
N ASP I 58 -55.64 -2.67 6.37
CA ASP I 58 -56.91 -3.11 6.93
C ASP I 58 -57.51 -1.99 7.79
N ARG I 59 -58.51 -1.30 7.23
CA ARG I 59 -59.16 -0.16 7.83
C ARG I 59 -59.96 -0.47 9.08
N GLU I 60 -60.22 -1.74 9.35
CA GLU I 60 -60.94 -2.14 10.57
C GLU I 60 -60.06 -2.14 11.81
N ASN I 61 -58.75 -2.01 11.63
CA ASN I 61 -57.86 -1.78 12.76
C ASN I 61 -58.01 -0.34 13.17
N LYS I 62 -58.46 -0.10 14.38
CA LYS I 62 -58.67 1.23 14.90
C LYS I 62 -57.45 1.75 15.66
N VAL I 63 -56.79 0.86 16.39
CA VAL I 63 -55.57 1.19 17.20
C VAL I 63 -54.81 -0.11 17.28
N VAL I 64 -53.49 -0.03 17.38
CA VAL I 64 -52.66 -1.23 17.44
C VAL I 64 -51.88 -1.22 18.74
N ILE I 65 -51.86 -2.35 19.44
CA ILE I 65 -50.96 -2.59 20.58
C ILE I 65 -49.95 -3.62 20.13
N LEU I 66 -48.65 -3.31 20.30
CA LEU I 66 -47.59 -4.22 20.01
C LEU I 66 -46.95 -4.71 21.33
N THR I 67 -46.90 -6.02 21.51
CA THR I 67 -46.35 -6.55 22.72
C THR I 67 -45.67 -7.90 22.49
N GLY I 68 -44.99 -8.38 23.51
CA GLY I 68 -44.38 -9.70 23.50
C GLY I 68 -45.07 -10.65 24.48
N THR I 69 -44.41 -11.76 24.76
CA THR I 69 -44.92 -12.70 25.75
C THR I 69 -43.78 -13.24 26.61
N GLY I 70 -44.13 -13.73 27.79
CA GLY I 70 -43.17 -14.31 28.72
C GLY I 70 -42.33 -13.21 29.32
N PRO I 71 -41.15 -13.55 29.81
CA PRO I 71 -40.35 -12.58 30.56
C PRO I 71 -39.61 -11.57 29.69
N SER I 72 -39.42 -11.87 28.40
CA SER I 72 -38.77 -10.97 27.47
C SER I 72 -39.66 -10.53 26.32
N PHE I 73 -39.42 -9.30 25.81
CA PHE I 73 -40.06 -8.89 24.54
C PHE I 73 -39.35 -9.59 23.39
N CYS I 74 -38.02 -9.42 23.33
CA CYS I 74 -37.17 -10.18 22.47
C CYS I 74 -35.73 -9.98 22.90
N ASN I 75 -35.16 -11.00 23.54
CA ASN I 75 -33.81 -10.91 24.06
C ASN I 75 -32.92 -12.10 23.69
N GLU I 76 -33.28 -12.74 22.56
CA GLU I 76 -32.51 -13.80 21.96
C GLU I 76 -32.56 -13.70 20.46
N ILE I 77 -31.44 -14.05 19.84
CA ILE I 77 -31.34 -14.03 18.38
C ILE I 77 -30.72 -15.32 17.90
N ASP I 78 -31.19 -15.77 16.74
CA ASP I 78 -30.53 -16.86 16.02
C ASP I 78 -29.88 -16.32 14.76
N PHE I 79 -28.60 -15.97 14.87
CA PHE I 79 -27.84 -15.42 13.74
C PHE I 79 -27.76 -16.40 12.57
N THR I 80 -27.82 -17.71 12.85
CA THR I 80 -27.71 -18.73 11.79
C THR I 80 -28.92 -18.77 10.88
N SER I 81 -30.03 -18.18 11.29
CA SER I 81 -31.22 -18.08 10.45
C SER I 81 -31.05 -17.07 9.34
N PHE I 82 -30.02 -16.22 9.45
CA PHE I 82 -29.74 -15.19 8.45
C PHE I 82 -28.57 -15.56 7.52
N ASN I 83 -28.66 -15.14 6.26
CA ASN I 83 -27.51 -15.25 5.30
C ASN I 83 -26.88 -13.88 5.09
N LEU I 84 -25.66 -13.72 5.60
CA LEU I 84 -24.98 -12.43 5.69
C LEU I 84 -23.68 -12.35 4.93
N GLY I 85 -23.47 -13.30 4.01
CA GLY I 85 -22.16 -13.47 3.38
C GLY I 85 -21.93 -12.77 2.04
N THR I 86 -22.99 -12.50 1.29
CA THR I 86 -22.84 -11.94 -0.06
C THR I 86 -23.79 -10.79 -0.29
N PRO I 87 -23.52 -9.98 -1.32
CA PRO I 87 -24.41 -8.89 -1.66
C PRO I 87 -25.81 -9.36 -2.00
N HIS I 88 -25.96 -10.46 -2.75
CA HIS I 88 -27.33 -10.79 -3.19
C HIS I 88 -28.16 -11.29 -1.97
N ASP I 89 -27.50 -11.93 -1.03
CA ASP I 89 -28.14 -12.27 0.23
C ASP I 89 -28.52 -11.01 1.03
N TRP I 90 -27.60 -10.07 1.11
CA TRP I 90 -27.87 -8.82 1.80
C TRP I 90 -28.99 -8.03 1.11
N ASP I 91 -29.12 -8.14 -0.22
CA ASP I 91 -30.16 -7.36 -0.87
C ASP I 91 -31.53 -7.83 -0.44
N GLU I 92 -31.66 -9.13 -0.19
CA GLU I 92 -32.94 -9.60 0.36
C GLU I 92 -33.23 -9.01 1.75
N ILE I 93 -32.21 -8.93 2.58
CA ILE I 93 -32.33 -8.29 3.91
C ILE I 93 -32.63 -6.80 3.81
N ILE I 94 -31.93 -6.13 2.91
CA ILE I 94 -32.13 -4.70 2.72
C ILE I 94 -33.57 -4.41 2.29
N PHE I 95 -34.03 -5.17 1.32
CA PHE I 95 -35.34 -4.96 0.77
C PHE I 95 -36.42 -5.17 1.83
N GLU I 96 -36.31 -6.25 2.57
CA GLU I 96 -37.27 -6.54 3.65
C GLU I 96 -37.11 -5.64 4.85
N GLY I 97 -35.88 -5.19 5.11
CA GLY I 97 -35.57 -4.27 6.21
C GLY I 97 -36.18 -2.91 5.97
N GLN I 98 -36.15 -2.46 4.71
CA GLN I 98 -36.85 -1.25 4.31
C GLN I 98 -38.36 -1.45 4.49
N ARG I 99 -38.89 -2.56 4.01
CA ARG I 99 -40.32 -2.80 4.17
C ARG I 99 -40.75 -2.84 5.62
N LEU I 100 -39.94 -3.44 6.46
CA LEU I 100 -40.26 -3.64 7.88
C LEU I 100 -40.54 -2.29 8.54
N LEU I 101 -39.61 -1.32 8.40
CA LEU I 101 -39.82 -0.02 9.02
C LEU I 101 -40.78 0.91 8.23
N ASN I 102 -40.72 0.90 6.91
CA ASN I 102 -41.62 1.70 6.12
C ASN I 102 -43.09 1.23 6.25
N ASN I 103 -43.31 -0.07 6.30
CA ASN I 103 -44.68 -0.59 6.47
C ASN I 103 -45.21 -0.22 7.87
N LEU I 104 -44.36 -0.32 8.88
CA LEU I 104 -44.74 0.14 10.21
C LEU I 104 -45.19 1.59 10.18
N LEU I 105 -44.40 2.43 9.54
CA LEU I 105 -44.73 3.83 9.47
C LEU I 105 -45.90 4.13 8.59
N SER I 106 -46.28 3.21 7.72
CA SER I 106 -47.46 3.41 6.86
C SER I 106 -48.77 3.11 7.61
N ILE I 107 -48.70 2.48 8.79
CA ILE I 107 -49.89 2.25 9.60
C ILE I 107 -50.43 3.60 9.97
N GLU I 108 -51.70 3.87 9.63
CA GLU I 108 -52.29 5.18 9.86
C GLU I 108 -53.30 5.20 11.00
N VAL I 109 -53.05 4.38 12.03
CA VAL I 109 -53.74 4.48 13.31
C VAL I 109 -52.68 4.50 14.41
N PRO I 110 -53.02 5.02 15.59
CA PRO I 110 -52.07 5.09 16.68
C PRO I 110 -51.59 3.71 17.10
N VAL I 111 -50.30 3.65 17.40
CA VAL I 111 -49.62 2.42 17.76
C VAL I 111 -49.07 2.59 19.19
N ILE I 112 -49.46 1.64 20.04
CA ILE I 112 -49.09 1.59 21.45
C ILE I 112 -48.16 0.43 21.65
N ALA I 113 -46.99 0.63 22.23
CA ALA I 113 -46.10 -0.48 22.54
C ALA I 113 -46.30 -0.84 24.03
N ALA I 114 -46.26 -2.13 24.31
CA ALA I 114 -46.34 -2.66 25.68
C ALA I 114 -45.14 -3.61 25.85
N VAL I 115 -44.04 -3.03 26.34
CA VAL I 115 -42.76 -3.76 26.34
C VAL I 115 -42.71 -4.57 27.65
N ASN I 116 -42.92 -5.87 27.54
CA ASN I 116 -43.12 -6.75 28.72
C ASN I 116 -41.85 -7.19 29.40
N GLY I 117 -40.71 -6.97 28.76
CA GLY I 117 -39.43 -7.33 29.34
C GLY I 117 -38.31 -6.89 28.41
N PRO I 118 -37.09 -7.39 28.63
CA PRO I 118 -35.93 -7.06 27.80
C PRO I 118 -36.16 -7.15 26.30
N VAL I 119 -35.70 -6.12 25.59
CA VAL I 119 -35.65 -6.14 24.15
C VAL I 119 -34.24 -5.75 23.77
N THR I 120 -33.50 -6.70 23.19
CA THR I 120 -32.15 -6.50 22.69
C THR I 120 -32.04 -6.70 21.22
N ASN I 121 -33.12 -7.12 20.56
CA ASN I 121 -33.17 -7.23 19.13
C ASN I 121 -34.39 -6.47 18.64
N ALA I 122 -34.14 -5.65 17.61
CA ALA I 122 -35.13 -4.76 17.04
C ALA I 122 -35.86 -3.91 18.08
N PRO I 123 -35.15 -3.35 19.08
CA PRO I 123 -35.83 -2.47 20.03
C PRO I 123 -36.37 -1.19 19.41
N GLU I 124 -35.90 -0.85 18.22
CA GLU I 124 -36.38 0.34 17.56
C GLU I 124 -37.86 0.19 17.21
N ILE I 125 -38.34 -1.04 16.99
CA ILE I 125 -39.75 -1.24 16.62
C ILE I 125 -40.71 -0.74 17.69
N PRO I 126 -40.65 -1.23 18.94
CA PRO I 126 -41.55 -0.68 19.95
C PRO I 126 -41.35 0.83 20.21
N VAL I 127 -40.11 1.32 20.15
CA VAL I 127 -39.88 2.72 20.48
C VAL I 127 -40.32 3.68 19.36
N MET I 128 -40.62 3.16 18.18
CA MET I 128 -41.21 3.98 17.10
C MET I 128 -42.71 4.21 17.31
N SER I 129 -43.27 3.57 18.32
CA SER I 129 -44.67 3.74 18.63
C SER I 129 -45.02 5.12 19.15
N ASP I 130 -46.30 5.50 18.99
CA ASP I 130 -46.79 6.79 19.46
C ASP I 130 -46.89 6.90 20.99
N ILE I 131 -47.15 5.77 21.61
CA ILE I 131 -47.22 5.65 23.07
C ILE I 131 -46.39 4.41 23.43
N VAL I 132 -45.45 4.58 24.35
CA VAL I 132 -44.53 3.52 24.71
C VAL I 132 -44.68 3.26 26.21
N LEU I 133 -45.17 2.05 26.51
CA LEU I 133 -45.41 1.56 27.89
C LEU I 133 -44.42 0.46 28.13
N ALA I 134 -43.80 0.45 29.30
CA ALA I 134 -42.81 -0.53 29.67
C ALA I 134 -43.07 -1.11 31.06
N ALA I 135 -42.92 -2.42 31.16
CA ALA I 135 -42.89 -3.11 32.43
C ALA I 135 -41.64 -2.69 33.18
N GLU I 136 -41.63 -2.84 34.52
CA GLU I 136 -40.45 -2.50 35.33
C GLU I 136 -39.22 -3.25 34.91
N SER I 137 -39.41 -4.47 34.43
CA SER I 137 -38.33 -5.32 34.00
C SER I 137 -37.87 -5.07 32.57
N ALA I 138 -38.56 -4.20 31.83
CA ALA I 138 -38.13 -3.86 30.46
C ALA I 138 -36.74 -3.28 30.42
N THR I 139 -35.99 -3.71 29.42
CA THR I 139 -34.70 -3.06 29.11
C THR I 139 -34.57 -2.91 27.61
N PHE I 140 -33.68 -2.02 27.20
CA PHE I 140 -33.48 -1.71 25.81
C PHE I 140 -31.99 -1.67 25.49
N GLN I 141 -31.60 -2.42 24.47
CA GLN I 141 -30.22 -2.48 24.01
C GLN I 141 -30.19 -2.82 22.54
N ASP I 142 -29.26 -2.19 21.80
CA ASP I 142 -29.05 -2.51 20.42
C ASP I 142 -28.11 -3.71 20.32
N GLY I 143 -28.66 -4.89 20.59
CA GLY I 143 -27.86 -6.09 20.77
C GLY I 143 -27.02 -6.59 19.61
N PRO I 144 -27.65 -6.79 18.46
CA PRO I 144 -26.99 -7.49 17.35
C PRO I 144 -26.19 -6.61 16.38
N HIS I 145 -26.02 -5.32 16.66
CA HIS I 145 -25.24 -4.46 15.76
C HIS I 145 -23.82 -4.31 16.30
N PHE I 146 -23.49 -3.16 16.87
CA PHE I 146 -22.09 -2.90 17.17
C PHE I 146 -21.43 -3.87 18.15
N PRO I 147 -22.15 -4.41 19.15
CA PRO I 147 -21.57 -5.49 19.99
C PRO I 147 -21.10 -6.73 19.24
N SER I 148 -21.75 -7.05 18.11
CA SER I 148 -21.30 -8.15 17.24
C SER I 148 -20.44 -7.71 16.09
N GLY I 149 -19.95 -6.48 16.09
CA GLY I 149 -19.14 -5.98 15.00
C GLY I 149 -19.88 -5.67 13.70
N ILE I 150 -21.18 -5.36 13.80
CA ILE I 150 -22.06 -5.01 12.67
C ILE I 150 -22.55 -3.56 12.85
N VAL I 151 -22.56 -2.82 11.75
CA VAL I 151 -22.94 -1.45 11.75
C VAL I 151 -24.44 -1.38 12.16
N PRO I 152 -24.82 -0.45 13.03
CA PRO I 152 -26.23 -0.22 13.35
C PRO I 152 -26.98 0.56 12.27
N GLY I 153 -27.03 0.00 11.08
CA GLY I 153 -27.41 0.70 9.86
C GLY I 153 -28.80 0.35 9.37
N ASP I 154 -29.58 -0.32 10.21
CA ASP I 154 -30.86 -0.89 9.75
C ASP I 154 -32.07 -0.07 10.20
N GLY I 155 -31.81 1.16 10.63
CA GLY I 155 -32.83 1.98 11.22
C GLY I 155 -32.53 2.34 12.64
N ALA I 156 -31.76 1.49 13.32
CA ALA I 156 -31.22 1.82 14.63
C ALA I 156 -30.56 3.22 14.60
N HIS I 157 -29.83 3.48 13.54
CA HIS I 157 -29.09 4.76 13.37
C HIS I 157 -30.00 5.96 13.18
N VAL I 158 -31.23 5.72 12.73
CA VAL I 158 -32.24 6.77 12.61
C VAL I 158 -32.98 6.99 13.91
N VAL I 159 -33.53 5.88 14.42
CA VAL I 159 -34.46 5.93 15.53
C VAL I 159 -33.81 6.40 16.83
N TRP I 160 -32.65 5.84 17.19
CA TRP I 160 -32.12 6.12 18.50
C TRP I 160 -31.63 7.58 18.67
N PRO I 161 -30.88 8.16 17.73
CA PRO I 161 -30.60 9.59 17.79
C PRO I 161 -31.88 10.43 17.71
N HIS I 162 -32.91 9.96 17.01
CA HIS I 162 -34.14 10.74 16.90
C HIS I 162 -34.87 10.81 18.25
N VAL I 163 -34.96 9.67 18.92
CA VAL I 163 -35.74 9.58 20.14
C VAL I 163 -34.94 9.98 21.39
N LEU I 164 -33.67 9.59 21.48
CA LEU I 164 -32.88 9.89 22.67
C LEU I 164 -32.12 11.23 22.59
N GLY I 165 -31.99 11.76 21.39
CA GLY I 165 -31.18 12.93 21.11
C GLY I 165 -29.83 12.49 20.57
N SER I 166 -29.12 13.45 20.01
CA SER I 166 -27.92 13.21 19.26
C SER I 166 -26.88 12.43 20.08
N ASN I 167 -26.58 12.94 21.26
CA ASN I 167 -25.45 12.38 22.01
C ASN I 167 -25.80 11.13 22.73
N ARG I 168 -26.99 11.07 23.29
CA ARG I 168 -27.42 9.84 23.92
C ARG I 168 -27.60 8.74 22.90
N GLY I 169 -28.11 9.07 21.72
CA GLY I 169 -28.35 8.05 20.72
C GLY I 169 -27.07 7.43 20.19
N ARG I 170 -26.09 8.28 19.89
CA ARG I 170 -24.83 7.83 19.37
C ARG I 170 -24.08 6.98 20.40
N TYR I 171 -24.04 7.44 21.64
CA TYR I 171 -23.41 6.71 22.71
C TYR I 171 -24.08 5.35 22.94
N PHE I 172 -25.40 5.34 22.90
CA PHE I 172 -26.16 4.14 23.09
C PHE I 172 -25.81 3.06 22.08
N LEU I 173 -25.66 3.46 20.85
CA LEU I 173 -25.36 2.55 19.79
C LEU I 173 -23.90 2.14 19.69
N LEU I 174 -22.98 2.96 20.22
CA LEU I 174 -21.57 2.65 20.11
C LEU I 174 -20.97 1.92 21.33
N THR I 175 -21.65 1.90 22.47
CA THR I 175 -21.02 1.41 23.72
C THR I 175 -21.69 0.20 24.33
N GLY I 176 -22.67 -0.33 23.65
CA GLY I 176 -23.35 -1.50 24.17
C GLY I 176 -24.30 -1.18 25.30
N GLN I 177 -24.68 0.09 25.44
CA GLN I 177 -25.47 0.52 26.56
C GLN I 177 -26.84 -0.23 26.65
N GLU I 178 -27.21 -0.58 27.87
CA GLU I 178 -28.51 -1.17 28.16
C GLU I 178 -29.28 -0.20 29.03
N LEU I 179 -30.43 0.26 28.51
CA LEU I 179 -31.27 1.13 29.29
C LEU I 179 -32.25 0.30 30.07
N ASP I 180 -32.30 0.50 31.38
CA ASP I 180 -33.38 -0.09 32.17
C ASP I 180 -34.63 0.77 31.99
N ALA I 181 -35.74 0.34 32.56
CA ALA I 181 -37.02 0.95 32.21
C ALA I 181 -37.08 2.41 32.63
N ARG I 182 -36.54 2.72 33.81
CA ARG I 182 -36.62 4.07 34.35
C ARG I 182 -35.66 5.01 33.70
N THR I 183 -34.54 4.51 33.20
CA THR I 183 -33.63 5.31 32.42
C THR I 183 -34.29 5.64 31.06
N ALA I 184 -34.92 4.66 30.44
CA ALA I 184 -35.60 4.86 29.13
C ALA I 184 -36.73 5.88 29.30
N LEU I 185 -37.41 5.82 30.45
CA LEU I 185 -38.39 6.82 30.84
C LEU I 185 -37.78 8.20 30.97
N ASP I 186 -36.67 8.32 31.69
CA ASP I 186 -36.02 9.60 31.86
C ASP I 186 -35.51 10.18 30.54
N TYR I 187 -35.07 9.30 29.66
CA TYR I 187 -34.50 9.70 28.37
C TYR I 187 -35.62 10.05 27.39
N GLY I 188 -36.85 9.72 27.75
CA GLY I 188 -37.96 10.09 26.89
C GLY I 188 -38.32 9.07 25.82
N ALA I 189 -37.72 7.89 25.86
CA ALA I 189 -38.10 6.83 24.94
C ALA I 189 -39.35 6.09 25.40
N VAL I 190 -39.56 6.05 26.71
CA VAL I 190 -40.73 5.39 27.34
C VAL I 190 -41.58 6.48 27.95
N ASN I 191 -42.90 6.33 27.91
CA ASN I 191 -43.82 7.28 28.47
C ASN I 191 -44.34 6.86 29.84
N GLU I 192 -44.52 5.57 30.06
CA GLU I 192 -44.96 5.03 31.39
C GLU I 192 -44.23 3.76 31.70
N VAL I 193 -43.86 3.59 32.98
CA VAL I 193 -43.36 2.35 33.50
C VAL I 193 -44.39 1.78 34.49
N LEU I 194 -44.75 0.52 34.27
CA LEU I 194 -45.80 -0.17 35.02
C LEU I 194 -45.28 -1.49 35.56
N SER I 195 -45.98 -2.02 36.56
CA SER I 195 -45.75 -3.39 36.98
C SER I 195 -46.14 -4.32 35.84
N GLU I 196 -45.57 -5.51 35.84
CA GLU I 196 -45.88 -6.50 34.82
C GLU I 196 -47.39 -6.77 34.73
N GLN I 197 -48.08 -6.84 35.87
CA GLN I 197 -49.50 -7.17 35.82
C GLN I 197 -50.35 -6.00 35.31
N GLU I 198 -49.86 -4.78 35.50
CA GLU I 198 -50.57 -3.56 35.06
C GLU I 198 -50.39 -3.21 33.58
N LEU I 199 -49.34 -3.75 32.98
CA LEU I 199 -48.89 -3.29 31.65
C LEU I 199 -49.95 -3.44 30.59
N LEU I 200 -50.36 -4.68 30.35
CA LEU I 200 -51.39 -4.91 29.33
C LEU I 200 -52.75 -4.29 29.63
N PRO I 201 -53.27 -4.40 30.86
CA PRO I 201 -54.46 -3.60 31.20
C PRO I 201 -54.34 -2.12 30.86
N ARG I 202 -53.19 -1.51 31.12
CA ARG I 202 -52.98 -0.10 30.76
C ARG I 202 -52.99 0.15 29.24
N ALA I 203 -52.34 -0.73 28.48
CA ALA I 203 -52.33 -0.65 27.03
C ALA I 203 -53.77 -0.73 26.49
N TRP I 204 -54.53 -1.65 27.06
CA TRP I 204 -55.95 -1.82 26.67
C TRP I 204 -56.82 -0.61 27.01
N GLU I 205 -56.59 -0.03 28.18
CA GLU I 205 -57.30 1.15 28.63
C GLU I 205 -57.05 2.35 27.67
N LEU I 206 -55.77 2.60 27.38
CA LEU I 206 -55.39 3.67 26.48
C LEU I 206 -55.96 3.41 25.09
N ALA I 207 -55.84 2.17 24.61
CA ALA I 207 -56.30 1.79 23.29
C ALA I 207 -57.81 1.93 23.14
N ARG I 208 -58.57 1.52 24.16
CA ARG I 208 -60.04 1.62 24.08
C ARG I 208 -60.47 3.06 24.02
N GLY I 209 -59.83 3.92 24.82
CA GLY I 209 -60.14 5.33 24.79
C GLY I 209 -59.84 6.01 23.46
N ILE I 210 -58.73 5.65 22.83
CA ILE I 210 -58.40 6.17 21.52
C ILE I 210 -59.38 5.62 20.47
N ALA I 211 -59.76 4.35 20.60
CA ALA I 211 -60.65 3.71 19.62
C ALA I 211 -62.00 4.38 19.58
N GLU I 212 -62.38 5.03 20.67
CA GLU I 212 -63.69 5.68 20.78
C GLU I 212 -63.68 7.08 20.14
N LYS I 213 -62.50 7.61 19.83
CA LYS I 213 -62.43 8.91 19.17
C LYS I 213 -62.98 8.81 17.76
N PRO I 214 -63.33 9.93 17.14
CA PRO I 214 -63.85 9.89 15.76
C PRO I 214 -62.89 9.23 14.75
N LEU I 215 -63.44 8.50 13.79
CA LEU I 215 -62.68 7.76 12.80
C LEU I 215 -61.51 8.57 12.19
N LEU I 216 -61.81 9.69 11.55
CA LEU I 216 -60.74 10.45 10.89
C LEU I 216 -59.85 11.19 11.85
N ALA I 217 -60.35 11.60 13.01
CA ALA I 217 -59.48 12.25 13.96
C ALA I 217 -58.41 11.29 14.43
N ARG I 218 -58.79 10.04 14.66
CA ARG I 218 -57.87 9.02 15.15
C ARG I 218 -56.82 8.71 14.09
N ARG I 219 -57.27 8.50 12.86
CA ARG I 219 -56.36 8.19 11.76
C ARG I 219 -55.41 9.34 11.48
N TYR I 220 -55.94 10.54 11.39
CA TYR I 220 -55.12 11.69 11.02
C TYR I 220 -54.21 12.18 12.14
N ALA I 221 -54.58 11.89 13.38
CA ALA I 221 -53.67 12.16 14.51
C ALA I 221 -52.37 11.42 14.29
N ARG I 222 -52.45 10.13 14.00
CA ARG I 222 -51.27 9.34 13.70
C ARG I 222 -50.51 9.91 12.48
N LYS I 223 -51.23 10.26 11.42
CA LYS I 223 -50.59 10.74 10.19
C LYS I 223 -49.83 12.02 10.40
N VAL I 224 -50.39 12.96 11.12
CA VAL I 224 -49.76 14.26 11.31
C VAL I 224 -48.55 14.20 12.27
N LEU I 225 -48.50 13.14 13.06
CA LEU I 225 -47.46 12.98 14.07
C LEU I 225 -46.25 12.16 13.63
N THR I 226 -46.34 11.47 12.52
CA THR I 226 -45.23 10.67 12.05
C THR I 226 -44.41 11.35 10.93
N ARG I 227 -44.68 12.63 10.66
CA ARG I 227 -43.99 13.32 9.55
C ARG I 227 -42.44 13.34 9.66
N GLN I 228 -41.94 13.71 10.82
CA GLN I 228 -40.50 13.95 11.04
C GLN I 228 -39.77 12.60 10.94
N LEU I 229 -40.35 11.58 11.55
CA LEU I 229 -39.76 10.25 11.52
C LEU I 229 -39.74 9.67 10.10
N ARG I 230 -40.83 9.84 9.35
CA ARG I 230 -40.89 9.39 7.95
C ARG I 230 -39.85 10.10 7.07
N ARG I 231 -39.64 11.38 7.33
CA ARG I 231 -38.70 12.21 6.55
C ARG I 231 -37.26 11.73 6.78
N VAL I 232 -36.86 11.54 8.02
CA VAL I 232 -35.51 11.07 8.31
C VAL I 232 -35.27 9.59 7.91
N MET I 233 -36.30 8.74 8.08
CA MET I 233 -36.21 7.38 7.62
C MET I 233 -36.00 7.27 6.10
N GLU I 234 -36.75 8.05 5.32
CA GLU I 234 -36.55 8.07 3.90
C GLU I 234 -35.14 8.66 3.55
N ALA I 235 -34.70 9.69 4.26
CA ALA I 235 -33.36 10.25 3.98
C ALA I 235 -32.24 9.26 4.23
N ASP I 236 -32.35 8.48 5.32
CA ASP I 236 -31.19 7.78 5.88
C ASP I 236 -31.17 6.27 5.95
N LEU I 237 -32.34 5.62 5.84
CA LEU I 237 -32.41 4.18 6.10
C LEU I 237 -31.61 3.34 5.10
N SER I 238 -31.86 3.56 3.81
CA SER I 238 -31.20 2.75 2.78
C SER I 238 -29.70 2.97 2.76
N LEU I 239 -29.26 4.20 3.04
CA LEU I 239 -27.83 4.50 3.13
C LEU I 239 -27.23 3.63 4.24
N GLY I 240 -27.90 3.56 5.37
CA GLY I 240 -27.42 2.75 6.48
C GLY I 240 -27.29 1.29 6.13
N LEU I 241 -28.33 0.76 5.48
CA LEU I 241 -28.43 -0.65 5.19
C LEU I 241 -27.35 -1.10 4.21
N ALA I 242 -27.08 -0.29 3.20
CA ALA I 242 -26.09 -0.61 2.21
C ALA I 242 -24.70 -0.56 2.84
N HIS I 243 -24.40 0.44 3.67
CA HIS I 243 -23.08 0.48 4.38
C HIS I 243 -23.00 -0.72 5.33
N GLU I 244 -24.05 -1.02 6.06
CA GLU I 244 -24.05 -2.17 6.96
C GLU I 244 -23.72 -3.45 6.20
N ALA I 245 -24.37 -3.63 5.04
CA ALA I 245 -24.13 -4.81 4.22
C ALA I 245 -22.66 -4.90 3.83
N LEU I 246 -22.12 -3.79 3.34
CA LEU I 246 -20.75 -3.78 2.88
C LEU I 246 -19.78 -4.18 3.96
N ALA I 247 -19.94 -3.59 5.13
CA ALA I 247 -19.08 -3.92 6.27
C ALA I 247 -19.23 -5.38 6.70
N ALA I 248 -20.46 -5.90 6.68
CA ALA I 248 -20.67 -7.28 7.11
C ALA I 248 -20.04 -8.29 6.13
N ILE I 249 -20.13 -7.99 4.84
CA ILE I 249 -19.53 -8.85 3.81
C ILE I 249 -18.01 -8.85 3.97
N ASP I 250 -17.43 -7.73 4.40
CA ASP I 250 -15.98 -7.64 4.60
C ASP I 250 -15.51 -8.60 5.68
N LEU I 251 -16.36 -8.89 6.65
CA LEU I 251 -16.06 -9.86 7.71
C LEU I 251 -15.66 -11.27 7.22
N GLY I 252 -16.57 -11.93 6.51
CA GLY I 252 -16.34 -13.27 5.97
C GLY I 252 -15.73 -13.23 4.57
N LEU J 4 0.07 27.24 6.60
CA LEU J 4 -0.65 25.95 6.86
C LEU J 4 -1.32 25.37 5.60
N ALA J 5 -1.95 26.22 4.75
CA ALA J 5 -2.47 25.82 3.42
C ALA J 5 -1.26 25.59 2.52
N THR J 6 -1.38 24.61 1.64
CA THR J 6 -0.36 24.31 0.64
C THR J 6 -0.40 25.42 -0.42
N PRO J 7 0.75 26.06 -0.61
CA PRO J 7 0.82 27.22 -1.52
C PRO J 7 0.91 26.68 -2.93
N PHE J 8 0.47 27.44 -3.92
CA PHE J 8 0.45 27.02 -5.30
C PHE J 8 1.76 26.39 -5.73
N GLN J 9 2.88 27.01 -5.33
CA GLN J 9 4.18 26.51 -5.77
C GLN J 9 4.29 25.04 -5.47
N GLU J 10 3.78 24.63 -4.31
CA GLU J 10 3.98 23.23 -3.96
C GLU J 10 2.96 22.31 -4.66
N TYR J 11 1.71 22.70 -4.73
CA TYR J 11 0.76 21.72 -5.28
C TYR J 11 0.62 21.76 -6.81
N SER J 12 1.07 22.84 -7.47
CA SER J 12 0.96 22.97 -8.93
C SER J 12 1.74 21.84 -9.64
N GLN J 13 2.68 21.22 -8.95
CA GLN J 13 3.59 20.25 -9.52
C GLN J 13 3.41 18.86 -8.95
N LYS J 14 2.37 18.67 -8.15
CA LYS J 14 2.20 17.44 -7.40
C LYS J 14 1.49 16.32 -8.18
N TYR J 15 0.79 16.66 -9.25
CA TYR J 15 -0.18 15.73 -9.84
C TYR J 15 0.20 15.37 -11.27
N GLU J 16 0.49 14.10 -11.51
CA GLU J 16 0.97 13.63 -12.83
C GLU J 16 -0.11 13.74 -13.93
N ASN J 17 -1.40 13.75 -13.53
CA ASN J 17 -2.50 13.89 -14.50
C ASN J 17 -3.17 15.24 -14.56
N ILE J 18 -2.63 16.22 -13.85
CA ILE J 18 -3.23 17.54 -13.81
C ILE J 18 -2.14 18.61 -13.88
N ARG J 19 -2.12 19.31 -15.00
CA ARG J 19 -1.33 20.51 -15.16
C ARG J 19 -2.06 21.68 -14.53
N LEU J 20 -1.33 22.52 -13.81
CA LEU J 20 -1.88 23.67 -13.11
C LEU J 20 -1.08 24.93 -13.41
N GLU J 21 -1.71 25.88 -14.09
CA GLU J 21 -1.08 27.13 -14.51
C GLU J 21 -1.97 28.27 -14.12
N ARG J 22 -1.41 29.27 -13.45
CA ARG J 22 -2.18 30.41 -13.00
C ARG J 22 -1.61 31.71 -13.58
N ASP J 23 -2.50 32.55 -14.08
CA ASP J 23 -2.16 33.86 -14.58
C ASP J 23 -3.22 34.89 -14.13
N GLY J 24 -2.76 35.93 -13.41
CA GLY J 24 -3.66 36.94 -12.89
C GLY J 24 -4.80 36.37 -12.05
N GLY J 25 -4.49 35.34 -11.28
CA GLY J 25 -5.47 34.68 -10.43
C GLY J 25 -6.38 33.70 -11.15
N VAL J 26 -6.30 33.61 -12.47
CA VAL J 26 -7.07 32.62 -13.23
C VAL J 26 -6.29 31.34 -13.27
N LEU J 27 -6.84 30.28 -12.67
CA LEU J 27 -6.20 28.98 -12.59
C LEU J 27 -6.73 28.08 -13.69
N LEU J 28 -5.84 27.70 -14.62
CA LEU J 28 -6.16 26.72 -15.65
C LEU J 28 -5.71 25.34 -15.22
N VAL J 29 -6.69 24.45 -15.14
CA VAL J 29 -6.51 23.09 -14.75
C VAL J 29 -6.71 22.26 -15.98
N THR J 30 -5.65 21.54 -16.39
CA THR J 30 -5.67 20.75 -17.60
C THR J 30 -5.39 19.31 -17.26
N VAL J 31 -6.38 18.44 -17.51
CA VAL J 31 -6.22 17.04 -17.24
C VAL J 31 -5.62 16.36 -18.49
N HIS J 32 -4.71 15.42 -18.25
CA HIS J 32 -3.87 14.85 -19.31
C HIS J 32 -3.23 13.57 -18.83
N THR J 33 -2.85 12.71 -19.79
CA THR J 33 -2.03 11.55 -19.52
C THR J 33 -0.77 11.75 -20.43
N GLU J 34 0.35 12.05 -19.79
CA GLU J 34 1.61 12.34 -20.49
C GLU J 34 1.43 13.32 -21.64
N GLY J 35 0.78 14.44 -21.40
CA GLY J 35 0.45 15.39 -22.47
C GLY J 35 -0.57 15.04 -23.54
N LYS J 36 -1.14 13.85 -23.49
CA LYS J 36 -2.18 13.46 -24.43
C LYS J 36 -3.53 13.50 -23.66
N SER J 37 -4.63 13.26 -24.36
CA SER J 37 -5.96 13.23 -23.72
C SER J 37 -5.95 12.30 -22.51
N LEU J 38 -6.64 12.71 -21.45
CA LEU J 38 -6.66 11.95 -20.24
C LEU J 38 -7.23 10.57 -20.44
N VAL J 39 -6.54 9.58 -19.85
CA VAL J 39 -7.03 8.23 -19.69
C VAL J 39 -7.43 8.08 -18.23
N TRP J 40 -8.69 7.72 -18.01
CA TRP J 40 -9.24 7.67 -16.65
C TRP J 40 -8.63 6.50 -15.92
N THR J 41 -8.06 6.78 -14.75
CA THR J 41 -7.49 5.77 -13.87
C THR J 41 -7.76 6.08 -12.44
N SER J 42 -7.48 5.11 -11.57
CA SER J 42 -7.49 5.29 -10.12
C SER J 42 -6.62 6.46 -9.70
N THR J 43 -5.44 6.58 -10.29
CA THR J 43 -4.57 7.73 -10.00
C THR J 43 -5.21 9.07 -10.36
N ALA J 44 -5.78 9.16 -11.56
CA ALA J 44 -6.35 10.43 -12.00
C ALA J 44 -7.54 10.81 -11.11
N HIS J 45 -8.36 9.81 -10.79
CA HIS J 45 -9.49 9.99 -9.90
C HIS J 45 -9.08 10.54 -8.53
N ASP J 46 -8.10 9.90 -7.91
CA ASP J 46 -7.67 10.30 -6.61
C ASP J 46 -6.92 11.63 -6.65
N GLU J 47 -6.09 11.85 -7.68
CA GLU J 47 -5.41 13.13 -7.84
C GLU J 47 -6.41 14.28 -7.91
N LEU J 48 -7.48 14.11 -8.67
CA LEU J 48 -8.45 15.17 -8.79
C LEU J 48 -9.06 15.54 -7.44
N ALA J 49 -9.33 14.53 -6.61
CA ALA J 49 -9.88 14.80 -5.28
C ALA J 49 -8.92 15.62 -4.43
N TYR J 50 -7.66 15.23 -4.40
CA TYR J 50 -6.69 15.97 -3.61
C TYR J 50 -6.48 17.35 -4.20
N CYS J 51 -6.42 17.43 -5.51
CA CYS J 51 -6.17 18.68 -6.18
C CYS J 51 -7.30 19.69 -5.91
N PHE J 52 -8.56 19.23 -5.98
CA PHE J 52 -9.67 20.15 -5.75
C PHE J 52 -9.61 20.68 -4.33
N HIS J 53 -9.14 19.87 -3.40
CA HIS J 53 -8.95 20.33 -2.03
C HIS J 53 -7.91 21.47 -1.98
N ASP J 54 -6.75 21.23 -2.63
CA ASP J 54 -5.71 22.25 -2.68
C ASP J 54 -6.23 23.52 -3.34
N ILE J 55 -6.99 23.41 -4.42
CA ILE J 55 -7.50 24.57 -5.11
C ILE J 55 -8.47 25.37 -4.22
N ALA J 56 -9.34 24.64 -3.54
CA ALA J 56 -10.34 25.23 -2.66
C ALA J 56 -9.69 26.05 -1.54
N CYS J 57 -8.58 25.55 -1.00
CA CYS J 57 -7.94 26.13 0.17
C CYS J 57 -6.97 27.27 -0.17
N ASP J 58 -6.71 27.47 -1.47
CA ASP J 58 -5.80 28.48 -1.94
C ASP J 58 -6.58 29.72 -2.42
N ARG J 59 -6.59 30.75 -1.59
CA ARG J 59 -7.32 32.01 -1.83
C ARG J 59 -6.85 32.80 -3.02
N GLU J 60 -5.63 32.55 -3.50
CA GLU J 60 -5.12 33.24 -4.68
C GLU J 60 -5.74 32.73 -5.99
N ASN J 61 -6.46 31.61 -5.95
CA ASN J 61 -7.27 31.24 -7.11
C ASN J 61 -8.52 32.12 -7.11
N LYS J 62 -8.68 32.94 -8.14
CA LYS J 62 -9.81 33.84 -8.29
C LYS J 62 -10.94 33.21 -9.07
N VAL J 63 -10.57 32.38 -10.04
CA VAL J 63 -11.52 31.68 -10.91
C VAL J 63 -10.82 30.46 -11.46
N VAL J 64 -11.60 29.37 -11.71
CA VAL J 64 -11.04 28.13 -12.20
C VAL J 64 -11.58 27.79 -13.57
N ILE J 65 -10.67 27.41 -14.48
CA ILE J 65 -11.03 26.83 -15.75
C ILE J 65 -10.58 25.38 -15.77
N LEU J 66 -11.50 24.46 -16.04
CA LEU J 66 -11.22 23.05 -16.12
C LEU J 66 -11.28 22.61 -17.55
N THR J 67 -10.19 22.02 -18.04
CA THR J 67 -10.19 21.58 -19.45
C THR J 67 -9.35 20.34 -19.61
N GLY J 68 -9.38 19.79 -20.82
CA GLY J 68 -8.53 18.67 -21.21
C GLY J 68 -7.54 19.10 -22.26
N THR J 69 -6.94 18.10 -22.90
CA THR J 69 -5.97 18.34 -23.98
C THR J 69 -6.18 17.32 -25.10
N GLY J 70 -5.79 17.74 -26.31
CA GLY J 70 -5.93 16.84 -27.44
C GLY J 70 -7.37 16.73 -27.90
N PRO J 71 -7.65 15.68 -28.64
CA PRO J 71 -8.98 15.54 -29.26
C PRO J 71 -10.13 15.19 -28.29
N SER J 72 -9.80 14.61 -27.13
CA SER J 72 -10.81 14.23 -26.14
C SER J 72 -10.58 14.92 -24.76
N PHE J 73 -11.66 15.18 -24.04
CA PHE J 73 -11.54 15.63 -22.64
C PHE J 73 -11.14 14.43 -21.79
N CYS J 74 -11.92 13.35 -21.87
CA CYS J 74 -11.56 12.04 -21.34
C CYS J 74 -12.49 10.99 -21.93
N ASN J 75 -11.97 10.21 -22.88
CA ASN J 75 -12.80 9.17 -23.48
C ASN J 75 -12.14 7.81 -23.57
N GLU J 76 -11.26 7.55 -22.62
CA GLU J 76 -10.63 6.25 -22.44
C GLU J 76 -10.48 6.00 -20.95
N ILE J 77 -10.67 4.75 -20.57
CA ILE J 77 -10.53 4.32 -19.19
C ILE J 77 -9.66 3.08 -19.12
N ASP J 78 -8.89 2.97 -18.05
CA ASP J 78 -8.19 1.76 -17.67
C ASP J 78 -8.82 1.13 -16.41
N PHE J 79 -9.78 0.25 -16.63
CA PHE J 79 -10.44 -0.44 -15.53
C PHE J 79 -9.46 -1.21 -14.66
N THR J 80 -8.35 -1.67 -15.24
CA THR J 80 -7.41 -2.50 -14.47
C THR J 80 -6.66 -1.73 -13.43
N SER J 81 -6.68 -0.40 -13.52
CA SER J 81 -6.06 0.45 -12.52
C SER J 81 -6.86 0.54 -11.22
N PHE J 82 -8.11 0.04 -11.26
CA PHE J 82 -9.02 0.03 -10.10
C PHE J 82 -9.15 -1.36 -9.49
N ASN J 83 -9.29 -1.42 -8.18
CA ASN J 83 -9.59 -2.65 -7.44
C ASN J 83 -11.07 -2.68 -7.01
N LEU J 84 -11.88 -3.52 -7.66
CA LEU J 84 -13.34 -3.51 -7.54
C LEU J 84 -13.97 -4.78 -6.98
N GLY J 85 -13.15 -5.63 -6.36
CA GLY J 85 -13.57 -6.96 -5.97
C GLY J 85 -14.10 -7.12 -4.56
N THR J 86 -13.71 -6.26 -3.63
CA THR J 86 -14.04 -6.45 -2.21
C THR J 86 -14.55 -5.19 -1.57
N PRO J 87 -15.22 -5.30 -0.42
CA PRO J 87 -15.67 -4.12 0.30
C PRO J 87 -14.54 -3.24 0.74
N HIS J 88 -13.44 -3.79 1.23
CA HIS J 88 -12.41 -2.88 1.75
C HIS J 88 -11.77 -2.10 0.60
N ASP J 89 -11.68 -2.70 -0.58
CA ASP J 89 -11.22 -1.96 -1.73
C ASP J 89 -12.23 -0.91 -2.22
N TRP J 90 -13.51 -1.27 -2.18
CA TRP J 90 -14.54 -0.30 -2.47
C TRP J 90 -14.58 0.83 -1.46
N ASP J 91 -14.23 0.62 -0.18
CA ASP J 91 -14.26 1.72 0.77
C ASP J 91 -13.27 2.76 0.36
N GLU J 92 -12.10 2.35 -0.16
CA GLU J 92 -11.16 3.37 -0.59
C GLU J 92 -11.73 4.23 -1.73
N ILE J 93 -12.43 3.59 -2.66
CA ILE J 93 -13.06 4.29 -3.77
C ILE J 93 -14.21 5.18 -3.30
N ILE J 94 -15.02 4.67 -2.40
CA ILE J 94 -16.10 5.48 -1.82
C ILE J 94 -15.53 6.70 -1.12
N PHE J 95 -14.51 6.51 -0.30
CA PHE J 95 -14.00 7.63 0.49
C PHE J 95 -13.46 8.74 -0.44
N GLU J 96 -12.68 8.34 -1.42
CA GLU J 96 -12.12 9.27 -2.37
C GLU J 96 -13.13 9.81 -3.36
N GLY J 97 -14.12 9.00 -3.71
CA GLY J 97 -15.18 9.43 -4.62
C GLY J 97 -16.04 10.49 -3.98
N GLN J 98 -16.27 10.35 -2.66
CA GLN J 98 -16.92 11.42 -1.87
C GLN J 98 -16.07 12.66 -1.86
N ARG J 99 -14.77 12.49 -1.63
CA ARG J 99 -13.89 13.66 -1.59
C ARG J 99 -13.83 14.34 -2.95
N LEU J 100 -13.89 13.58 -4.02
CA LEU J 100 -13.74 14.13 -5.35
C LEU J 100 -14.81 15.16 -5.61
N LEU J 101 -16.05 14.77 -5.39
CA LEU J 101 -17.16 15.68 -5.65
C LEU J 101 -17.40 16.71 -4.57
N ASN J 102 -17.22 16.34 -3.30
CA ASN J 102 -17.34 17.30 -2.21
C ASN J 102 -16.25 18.37 -2.25
N ASN J 103 -15.03 17.98 -2.59
CA ASN J 103 -13.94 18.97 -2.66
C ASN J 103 -14.17 19.93 -3.79
N LEU J 104 -14.67 19.41 -4.90
CA LEU J 104 -15.02 20.24 -6.04
C LEU J 104 -16.06 21.28 -5.64
N LEU J 105 -17.09 20.84 -4.91
CA LEU J 105 -18.13 21.76 -4.45
C LEU J 105 -17.64 22.72 -3.40
N SER J 106 -16.55 22.39 -2.72
CA SER J 106 -16.00 23.24 -1.67
C SER J 106 -15.21 24.41 -2.25
N ILE J 107 -14.91 24.36 -3.56
CA ILE J 107 -14.24 25.46 -4.22
C ILE J 107 -15.19 26.63 -4.17
N GLU J 108 -14.73 27.76 -3.61
CA GLU J 108 -15.57 28.96 -3.46
C GLU J 108 -15.21 30.10 -4.40
N VAL J 109 -14.81 29.75 -5.61
CA VAL J 109 -14.77 30.68 -6.72
C VAL J 109 -15.52 30.05 -7.87
N PRO J 110 -15.97 30.84 -8.83
CA PRO J 110 -16.60 30.29 -10.02
C PRO J 110 -15.69 29.35 -10.82
N VAL J 111 -16.33 28.31 -11.35
CA VAL J 111 -15.64 27.27 -12.10
C VAL J 111 -16.22 27.25 -13.48
N ILE J 112 -15.35 27.34 -14.49
CA ILE J 112 -15.70 27.30 -15.90
C ILE J 112 -15.13 26.01 -16.48
N ALA J 113 -15.97 25.23 -17.16
CA ALA J 113 -15.53 24.03 -17.88
C ALA J 113 -15.35 24.39 -19.32
N ALA J 114 -14.25 23.91 -19.91
CA ALA J 114 -13.98 24.05 -21.33
C ALA J 114 -13.78 22.65 -21.87
N VAL J 115 -14.85 22.08 -22.39
CA VAL J 115 -14.87 20.66 -22.76
C VAL J 115 -14.41 20.57 -24.23
N ASN J 116 -13.17 20.11 -24.42
CA ASN J 116 -12.44 20.20 -25.71
C ASN J 116 -12.73 19.04 -26.64
N GLY J 117 -13.44 18.03 -26.15
CA GLY J 117 -13.79 16.87 -26.96
C GLY J 117 -14.62 15.92 -26.15
N PRO J 118 -14.82 14.69 -26.65
CA PRO J 118 -15.60 13.67 -25.94
C PRO J 118 -15.19 13.43 -24.50
N VAL J 119 -16.21 13.30 -23.66
CA VAL J 119 -16.01 12.91 -22.26
C VAL J 119 -16.99 11.78 -21.99
N THR J 120 -16.43 10.60 -21.74
CA THR J 120 -17.21 9.40 -21.39
C THR J 120 -16.88 8.89 -20.01
N ASN J 121 -15.87 9.45 -19.35
CA ASN J 121 -15.54 9.11 -17.99
C ASN J 121 -15.54 10.38 -17.15
N ALA J 122 -16.22 10.31 -16.02
CA ALA J 122 -16.43 11.45 -15.14
C ALA J 122 -16.95 12.71 -15.85
N PRO J 123 -17.92 12.59 -16.75
CA PRO J 123 -18.50 13.77 -17.38
C PRO J 123 -19.27 14.66 -16.41
N GLU J 124 -19.60 14.13 -15.22
CA GLU J 124 -20.29 14.95 -14.23
C GLU J 124 -19.39 16.08 -13.72
N ILE J 125 -18.07 15.86 -13.73
CA ILE J 125 -17.16 16.88 -13.26
C ILE J 125 -17.26 18.19 -14.05
N PRO J 126 -17.06 18.22 -15.37
CA PRO J 126 -17.28 19.49 -16.05
C PRO J 126 -18.70 20.04 -15.98
N VAL J 127 -19.73 19.19 -15.99
CA VAL J 127 -21.10 19.73 -16.01
C VAL J 127 -21.56 20.26 -14.65
N MET J 128 -20.81 19.97 -13.59
CA MET J 128 -21.05 20.60 -12.29
C MET J 128 -20.56 22.04 -12.21
N SER J 129 -19.85 22.48 -13.24
CA SER J 129 -19.33 23.86 -13.31
C SER J 129 -20.46 24.92 -13.38
N ASP J 130 -20.10 26.14 -12.99
CA ASP J 130 -21.03 27.27 -13.08
C ASP J 130 -21.25 27.76 -14.50
N ILE J 131 -20.22 27.61 -15.34
CA ILE J 131 -20.30 27.94 -16.73
C ILE J 131 -19.69 26.76 -17.48
N VAL J 132 -20.42 26.25 -18.46
CA VAL J 132 -20.01 25.09 -19.24
C VAL J 132 -19.91 25.49 -20.71
N LEU J 133 -18.67 25.43 -21.20
CA LEU J 133 -18.36 25.68 -22.62
C LEU J 133 -17.90 24.41 -23.22
N ALA J 134 -18.33 24.15 -24.44
CA ALA J 134 -18.00 22.90 -25.15
C ALA J 134 -17.56 23.22 -26.57
N ALA J 135 -16.52 22.53 -27.03
CA ALA J 135 -16.18 22.52 -28.46
C ALA J 135 -17.26 21.81 -29.26
N GLU J 136 -17.34 22.09 -30.56
CA GLU J 136 -18.31 21.45 -31.47
C GLU J 136 -18.17 19.94 -31.43
N SER J 137 -16.96 19.44 -31.17
CA SER J 137 -16.67 18.02 -31.10
C SER J 137 -16.93 17.35 -29.74
N ALA J 138 -17.31 18.14 -28.74
CA ALA J 138 -17.58 17.59 -27.42
C ALA J 138 -18.76 16.65 -27.45
N THR J 139 -18.65 15.58 -26.68
CA THR J 139 -19.80 14.71 -26.43
C THR J 139 -19.79 14.32 -24.98
N PHE J 140 -20.95 13.87 -24.50
CA PHE J 140 -21.13 13.50 -23.10
C PHE J 140 -21.84 12.17 -23.01
N GLN J 141 -21.24 11.23 -22.27
CA GLN J 141 -21.82 9.92 -22.08
C GLN J 141 -21.33 9.38 -20.75
N ASP J 142 -22.23 8.69 -20.02
CA ASP J 142 -21.86 8.03 -18.77
C ASP J 142 -21.29 6.66 -19.09
N GLY J 143 -20.03 6.65 -19.52
CA GLY J 143 -19.43 5.48 -20.12
C GLY J 143 -19.29 4.27 -19.22
N PRO J 144 -18.64 4.41 -18.07
CA PRO J 144 -18.21 3.26 -17.27
C PRO J 144 -19.17 2.71 -16.24
N HIS J 145 -20.40 3.22 -16.23
CA HIS J 145 -21.40 2.70 -15.29
C HIS J 145 -22.31 1.71 -15.96
N PHE J 146 -23.55 2.08 -16.29
CA PHE J 146 -24.51 1.07 -16.72
C PHE J 146 -24.12 0.25 -18.00
N PRO J 147 -23.42 0.84 -18.98
CA PRO J 147 -22.93 0.08 -20.12
C PRO J 147 -21.96 -1.01 -19.76
N SER J 148 -21.24 -0.87 -18.66
CA SER J 148 -20.40 -1.94 -18.14
C SER J 148 -21.05 -2.78 -17.02
N GLY J 149 -22.35 -2.63 -16.84
CA GLY J 149 -23.02 -3.37 -15.78
C GLY J 149 -22.74 -2.88 -14.35
N ILE J 150 -22.40 -1.60 -14.21
CA ILE J 150 -22.08 -0.97 -12.94
C ILE J 150 -23.11 0.11 -12.68
N VAL J 151 -23.57 0.19 -11.44
CA VAL J 151 -24.59 1.18 -11.03
C VAL J 151 -24.00 2.59 -11.22
N PRO J 152 -24.75 3.53 -11.79
CA PRO J 152 -24.26 4.91 -11.85
C PRO J 152 -24.40 5.69 -10.52
N GLY J 153 -23.77 5.18 -9.48
CA GLY J 153 -24.03 5.63 -8.13
C GLY J 153 -22.97 6.52 -7.53
N ASP J 154 -22.10 7.07 -8.37
CA ASP J 154 -20.93 7.80 -7.87
C ASP J 154 -21.11 9.30 -7.90
N GLY J 155 -22.36 9.76 -8.05
CA GLY J 155 -22.66 11.14 -8.29
C GLY J 155 -23.28 11.36 -9.65
N ALA J 156 -23.03 10.47 -10.60
CA ALA J 156 -23.74 10.46 -11.85
C ALA J 156 -25.25 10.51 -11.61
N HIS J 157 -25.71 9.73 -10.61
CA HIS J 157 -27.14 9.66 -10.27
C HIS J 157 -27.70 10.95 -9.70
N VAL J 158 -26.84 11.79 -9.14
CA VAL J 158 -27.25 13.09 -8.61
C VAL J 158 -27.21 14.15 -9.73
N VAL J 159 -26.08 14.23 -10.39
CA VAL J 159 -25.82 15.32 -11.32
C VAL J 159 -26.69 15.29 -12.56
N TRP J 160 -26.83 14.12 -13.20
CA TRP J 160 -27.56 14.11 -14.47
C TRP J 160 -29.06 14.39 -14.34
N PRO J 161 -29.78 13.78 -13.40
CA PRO J 161 -31.15 14.22 -13.15
C PRO J 161 -31.24 15.66 -12.74
N HIS J 162 -30.24 16.16 -12.02
CA HIS J 162 -30.26 17.53 -11.54
C HIS J 162 -30.10 18.53 -12.70
N VAL J 163 -29.17 18.27 -13.62
CA VAL J 163 -28.90 19.20 -14.70
C VAL J 163 -29.82 19.00 -15.92
N LEU J 164 -30.18 17.76 -16.24
CA LEU J 164 -30.99 17.48 -17.45
C LEU J 164 -32.45 17.43 -17.19
N GLY J 165 -32.81 17.23 -15.92
CA GLY J 165 -34.21 17.01 -15.51
C GLY J 165 -34.40 15.55 -15.27
N SER J 166 -35.48 15.24 -14.60
CA SER J 166 -35.73 13.89 -14.12
C SER J 166 -35.71 12.82 -15.22
N ASN J 167 -36.46 13.06 -16.33
CA ASN J 167 -36.66 12.03 -17.31
C ASN J 167 -35.52 11.94 -18.29
N ARG J 168 -34.96 13.08 -18.65
CA ARG J 168 -33.77 13.07 -19.48
C ARG J 168 -32.58 12.47 -18.75
N GLY J 169 -32.43 12.78 -17.46
CA GLY J 169 -31.33 12.28 -16.68
C GLY J 169 -31.34 10.77 -16.46
N ARG J 170 -32.51 10.22 -16.14
CA ARG J 170 -32.64 8.80 -15.92
C ARG J 170 -32.42 8.04 -17.20
N TYR J 171 -33.02 8.52 -18.31
CA TYR J 171 -32.86 7.91 -19.62
C TYR J 171 -31.40 7.91 -20.08
N PHE J 172 -30.76 9.04 -19.90
CA PHE J 172 -29.35 9.22 -20.23
C PHE J 172 -28.50 8.16 -19.55
N LEU J 173 -28.82 7.87 -18.28
CA LEU J 173 -28.00 6.96 -17.48
C LEU J 173 -28.33 5.50 -17.73
N LEU J 174 -29.55 5.21 -18.13
CA LEU J 174 -29.94 3.81 -18.34
C LEU J 174 -29.79 3.26 -19.74
N THR J 175 -29.62 4.12 -20.77
CA THR J 175 -29.66 3.66 -22.19
C THR J 175 -28.37 3.89 -22.99
N GLY J 176 -27.31 4.29 -22.32
CA GLY J 176 -26.03 4.53 -22.97
C GLY J 176 -26.00 5.77 -23.85
N GLN J 177 -26.94 6.68 -23.63
CA GLN J 177 -27.06 7.83 -24.51
C GLN J 177 -25.77 8.66 -24.52
N GLU J 178 -25.40 9.10 -25.72
CA GLU J 178 -24.31 10.01 -25.94
C GLU J 178 -24.92 11.31 -26.44
N LEU J 179 -24.70 12.39 -25.71
CA LEU J 179 -25.14 13.71 -26.12
C LEU J 179 -24.03 14.36 -26.94
N ASP J 180 -24.37 14.83 -28.12
CA ASP J 180 -23.43 15.68 -28.86
C ASP J 180 -23.51 17.08 -28.28
N ALA J 181 -22.67 17.97 -28.73
CA ALA J 181 -22.56 19.31 -28.15
C ALA J 181 -23.86 20.11 -28.24
N ARG J 182 -24.52 20.03 -29.39
CA ARG J 182 -25.70 20.85 -29.62
C ARG J 182 -26.92 20.31 -28.88
N THR J 183 -26.93 19.00 -28.63
CA THR J 183 -27.97 18.40 -27.79
C THR J 183 -27.73 18.74 -26.33
N ALA J 184 -26.47 18.72 -25.90
CA ALA J 184 -26.12 19.10 -24.53
C ALA J 184 -26.55 20.54 -24.27
N LEU J 185 -26.37 21.39 -25.29
CA LEU J 185 -26.75 22.78 -25.21
C LEU J 185 -28.24 22.95 -25.11
N ASP J 186 -28.98 22.25 -25.97
CA ASP J 186 -30.44 22.26 -25.97
C ASP J 186 -31.00 21.74 -24.66
N TYR J 187 -30.34 20.75 -24.06
CA TYR J 187 -30.82 20.14 -22.80
C TYR J 187 -30.46 20.99 -21.58
N GLY J 188 -29.55 21.91 -21.76
CA GLY J 188 -29.22 22.88 -20.73
C GLY J 188 -28.00 22.48 -19.92
N ALA J 189 -27.29 21.44 -20.35
CA ALA J 189 -26.03 21.07 -19.64
C ALA J 189 -24.85 21.94 -20.06
N VAL J 190 -24.92 22.43 -21.30
CA VAL J 190 -23.87 23.26 -21.91
C VAL J 190 -24.47 24.63 -22.14
N ASN J 191 -23.67 25.68 -21.87
CA ASN J 191 -24.11 27.06 -22.07
C ASN J 191 -23.70 27.67 -23.45
N GLU J 192 -22.51 27.31 -23.96
CA GLU J 192 -22.06 27.79 -25.26
C GLU J 192 -21.30 26.68 -26.00
N VAL J 193 -21.57 26.55 -27.29
CA VAL J 193 -20.82 25.65 -28.17
C VAL J 193 -19.93 26.54 -29.08
N LEU J 194 -18.66 26.20 -29.09
CA LEU J 194 -17.65 27.00 -29.79
C LEU J 194 -16.79 26.12 -30.67
N SER J 195 -16.13 26.72 -31.69
CA SER J 195 -15.13 26.02 -32.47
C SER J 195 -14.02 25.60 -31.55
N GLU J 196 -13.27 24.59 -31.97
CA GLU J 196 -12.16 24.08 -31.20
C GLU J 196 -11.17 25.18 -30.86
N GLN J 197 -10.93 26.08 -31.82
CA GLN J 197 -9.93 27.16 -31.67
C GLN J 197 -10.43 28.29 -30.76
N GLU J 198 -11.74 28.48 -30.74
CA GLU J 198 -12.40 29.53 -29.97
C GLU J 198 -12.60 29.12 -28.51
N LEU J 199 -12.56 27.82 -28.20
CA LEU J 199 -12.98 27.35 -26.88
C LEU J 199 -12.13 27.91 -25.72
N LEU J 200 -10.84 27.68 -25.70
CA LEU J 200 -10.03 28.20 -24.59
C LEU J 200 -9.97 29.74 -24.53
N PRO J 201 -9.81 30.45 -25.66
CA PRO J 201 -9.95 31.91 -25.64
C PRO J 201 -11.24 32.40 -25.01
N ARG J 202 -12.36 31.74 -25.28
CA ARG J 202 -13.63 32.12 -24.68
C ARG J 202 -13.62 31.84 -23.18
N ALA J 203 -13.06 30.73 -22.77
CA ALA J 203 -12.91 30.44 -21.34
C ALA J 203 -12.07 31.51 -20.62
N TRP J 204 -10.96 31.90 -21.24
CA TRP J 204 -10.09 32.89 -20.64
C TRP J 204 -10.74 34.26 -20.56
N GLU J 205 -11.53 34.62 -21.58
CA GLU J 205 -12.22 35.89 -21.67
C GLU J 205 -13.22 35.98 -20.50
N LEU J 206 -14.04 34.94 -20.34
CA LEU J 206 -15.01 34.91 -19.28
C LEU J 206 -14.32 34.90 -17.93
N ALA J 207 -13.25 34.12 -17.80
CA ALA J 207 -12.56 34.04 -16.55
C ALA J 207 -12.00 35.38 -16.16
N ARG J 208 -11.34 36.07 -17.09
CA ARG J 208 -10.72 37.38 -16.83
C ARG J 208 -11.75 38.40 -16.36
N GLY J 209 -12.89 38.43 -17.00
CA GLY J 209 -13.97 39.31 -16.61
C GLY J 209 -14.48 39.04 -15.20
N ILE J 210 -14.65 37.77 -14.86
CA ILE J 210 -15.04 37.38 -13.50
C ILE J 210 -13.95 37.72 -12.50
N ALA J 211 -12.69 37.47 -12.86
CA ALA J 211 -11.55 37.76 -11.98
C ALA J 211 -11.46 39.24 -11.60
N GLU J 212 -11.97 40.13 -12.45
CA GLU J 212 -11.94 41.58 -12.21
C GLU J 212 -13.05 42.05 -11.24
N LYS J 213 -14.04 41.19 -10.96
CA LYS J 213 -15.11 41.54 -10.03
C LYS J 213 -14.53 41.65 -8.63
N PRO J 214 -15.22 42.32 -7.73
CA PRO J 214 -14.74 42.45 -6.36
C PRO J 214 -14.55 41.11 -5.66
N LEU J 215 -13.50 41.01 -4.84
CA LEU J 215 -13.11 39.76 -4.16
C LEU J 215 -14.32 39.00 -3.55
N LEU J 216 -15.03 39.60 -2.61
CA LEU J 216 -16.11 38.88 -1.90
C LEU J 216 -17.29 38.65 -2.77
N ALA J 217 -17.55 39.53 -3.74
CA ALA J 217 -18.70 39.31 -4.63
C ALA J 217 -18.50 38.06 -5.50
N ARG J 218 -17.29 37.87 -5.97
CA ARG J 218 -16.91 36.73 -6.79
C ARG J 218 -17.01 35.44 -6.01
N ARG J 219 -16.46 35.47 -4.82
CA ARG J 219 -16.44 34.29 -3.96
C ARG J 219 -17.84 33.90 -3.48
N TYR J 220 -18.62 34.89 -3.07
CA TYR J 220 -19.96 34.61 -2.57
C TYR J 220 -20.96 34.32 -3.69
N ALA J 221 -20.72 34.78 -4.92
CA ALA J 221 -21.57 34.37 -6.05
C ALA J 221 -21.55 32.86 -6.19
N ARG J 222 -20.36 32.29 -6.16
CA ARG J 222 -20.22 30.85 -6.25
C ARG J 222 -20.92 30.16 -5.09
N LYS J 223 -20.77 30.70 -3.87
CA LYS J 223 -21.32 30.09 -2.66
C LYS J 223 -22.84 30.05 -2.67
N VAL J 224 -23.43 31.15 -3.09
CA VAL J 224 -24.90 31.20 -3.03
C VAL J 224 -25.58 30.41 -4.13
N LEU J 225 -24.83 30.07 -5.17
CA LEU J 225 -25.32 29.35 -6.35
C LEU J 225 -25.19 27.84 -6.29
N THR J 226 -24.41 27.29 -5.36
CA THR J 226 -24.21 25.85 -5.29
C THR J 226 -24.99 25.21 -4.14
N ARG J 227 -25.89 25.97 -3.53
CA ARG J 227 -26.69 25.43 -2.42
C ARG J 227 -27.46 24.17 -2.72
N GLN J 228 -28.20 24.16 -3.80
CA GLN J 228 -29.08 23.01 -4.05
C GLN J 228 -28.27 21.77 -4.45
N LEU J 229 -27.20 21.97 -5.21
CA LEU J 229 -26.38 20.82 -5.64
C LEU J 229 -25.68 20.24 -4.42
N ARG J 230 -25.22 21.08 -3.49
CA ARG J 230 -24.61 20.58 -2.26
C ARG J 230 -25.59 19.80 -1.40
N ARG J 231 -26.85 20.24 -1.37
CA ARG J 231 -27.88 19.62 -0.56
C ARG J 231 -28.19 18.24 -1.11
N VAL J 232 -28.42 18.13 -2.41
CA VAL J 232 -28.74 16.85 -3.03
C VAL J 232 -27.54 15.91 -3.04
N MET J 233 -26.33 16.44 -3.20
CA MET J 233 -25.10 15.60 -3.08
C MET J 233 -24.97 15.00 -1.69
N GLU J 234 -25.11 15.81 -0.66
CA GLU J 234 -25.04 15.29 0.70
C GLU J 234 -26.17 14.28 0.95
N ALA J 235 -27.39 14.53 0.46
CA ALA J 235 -28.52 13.57 0.65
C ALA J 235 -28.25 12.21 0.02
N ASP J 236 -27.68 12.21 -1.17
CA ASP J 236 -27.72 11.05 -2.03
C ASP J 236 -26.42 10.39 -2.48
N LEU J 237 -25.29 11.08 -2.37
CA LEU J 237 -24.05 10.52 -2.94
C LEU J 237 -23.60 9.23 -2.27
N SER J 238 -23.44 9.23 -0.96
CA SER J 238 -22.95 8.06 -0.23
C SER J 238 -23.86 6.85 -0.39
N LEU J 239 -25.16 7.10 -0.44
CA LEU J 239 -26.13 6.06 -0.69
C LEU J 239 -25.86 5.39 -2.02
N GLY J 240 -25.66 6.19 -3.05
CA GLY J 240 -25.34 5.69 -4.37
C GLY J 240 -24.05 4.87 -4.40
N LEU J 241 -23.03 5.34 -3.68
CA LEU J 241 -21.70 4.73 -3.75
C LEU J 241 -21.71 3.37 -3.07
N ALA J 242 -22.43 3.29 -1.96
CA ALA J 242 -22.57 2.04 -1.25
C ALA J 242 -23.35 1.02 -2.04
N HIS J 243 -24.44 1.43 -2.69
CA HIS J 243 -25.20 0.47 -3.53
C HIS J 243 -24.38 0.01 -4.74
N GLU J 244 -23.66 0.93 -5.35
CA GLU J 244 -22.78 0.64 -6.47
C GLU J 244 -21.72 -0.41 -6.10
N ALA J 245 -21.11 -0.19 -4.94
CA ALA J 245 -20.11 -1.13 -4.44
C ALA J 245 -20.70 -2.53 -4.23
N LEU J 246 -21.85 -2.60 -3.57
CA LEU J 246 -22.53 -3.88 -3.37
C LEU J 246 -22.81 -4.62 -4.68
N ALA J 247 -23.38 -3.91 -5.66
CA ALA J 247 -23.67 -4.52 -6.96
C ALA J 247 -22.39 -4.98 -7.69
N ALA J 248 -21.32 -4.18 -7.59
CA ALA J 248 -20.07 -4.53 -8.28
C ALA J 248 -19.37 -5.74 -7.66
N ILE J 249 -19.39 -5.82 -6.35
CA ILE J 249 -18.84 -6.97 -5.63
C ILE J 249 -19.62 -8.23 -5.98
N ASP J 250 -20.93 -8.12 -6.24
CA ASP J 250 -21.76 -9.27 -6.61
C ASP J 250 -21.32 -9.89 -7.96
N LEU J 251 -20.78 -9.06 -8.86
CA LEU J 251 -20.22 -9.51 -10.14
C LEU J 251 -19.19 -10.65 -10.04
N GLY J 252 -18.15 -10.50 -9.22
CA GLY J 252 -17.15 -11.54 -8.99
C GLY J 252 -17.73 -12.86 -8.45
N LEU K 4 -60.05 42.73 10.66
CA LEU K 4 -58.86 43.62 10.87
C LEU K 4 -57.94 43.69 9.64
N ALA K 5 -58.24 42.90 8.58
CA ALA K 5 -57.49 42.97 7.30
C ALA K 5 -57.79 44.32 6.65
N THR K 6 -56.79 44.91 5.99
CA THR K 6 -57.01 46.15 5.26
C THR K 6 -57.83 45.82 3.99
N PRO K 7 -58.99 46.46 3.85
CA PRO K 7 -59.86 46.17 2.69
C PRO K 7 -59.29 46.92 1.48
N PHE K 8 -59.64 46.45 0.30
CA PHE K 8 -59.16 46.97 -0.95
C PHE K 8 -59.27 48.49 -1.02
N GLN K 9 -60.43 49.01 -0.62
CA GLN K 9 -60.64 50.47 -0.76
C GLN K 9 -59.55 51.25 -0.05
N GLU K 10 -59.01 50.71 1.02
CA GLU K 10 -57.88 51.38 1.67
C GLU K 10 -56.50 51.14 0.98
N TYR K 11 -56.14 49.92 0.64
CA TYR K 11 -54.78 49.73 0.15
C TYR K 11 -54.61 49.99 -1.36
N SER K 12 -55.70 50.07 -2.10
CA SER K 12 -55.64 50.24 -3.54
C SER K 12 -54.99 51.58 -3.92
N GLN K 13 -55.00 52.54 -2.99
CA GLN K 13 -54.51 53.89 -3.23
C GLN K 13 -53.28 54.24 -2.42
N LYS K 14 -52.68 53.26 -1.76
CA LYS K 14 -51.63 53.49 -0.77
C LYS K 14 -50.21 53.60 -1.40
N TYR K 15 -50.04 53.08 -2.62
CA TYR K 15 -48.70 52.88 -3.18
C TYR K 15 -48.49 53.78 -4.40
N GLU K 16 -47.44 54.59 -4.38
CA GLU K 16 -47.14 55.48 -5.51
C GLU K 16 -46.64 54.79 -6.76
N ASN K 17 -46.01 53.62 -6.59
CA ASN K 17 -45.46 52.86 -7.71
C ASN K 17 -46.29 51.67 -8.14
N ILE K 18 -47.47 51.50 -7.54
CA ILE K 18 -48.31 50.34 -7.81
C ILE K 18 -49.76 50.78 -7.94
N ARG K 19 -50.30 50.66 -9.15
CA ARG K 19 -51.70 50.88 -9.40
C ARG K 19 -52.42 49.57 -9.21
N LEU K 20 -53.57 49.64 -8.58
CA LEU K 20 -54.33 48.45 -8.31
C LEU K 20 -55.74 48.66 -8.80
N GLU K 21 -56.18 47.76 -9.67
CA GLU K 21 -57.53 47.80 -10.21
C GLU K 21 -58.12 46.42 -10.21
N ARG K 22 -59.35 46.29 -9.69
CA ARG K 22 -59.96 45.03 -9.54
C ARG K 22 -61.32 44.99 -10.19
N ASP K 23 -61.57 43.96 -10.96
CA ASP K 23 -62.89 43.78 -11.57
C ASP K 23 -63.28 42.31 -11.59
N GLY K 24 -64.45 41.98 -11.04
CA GLY K 24 -64.88 40.61 -10.91
C GLY K 24 -63.87 39.71 -10.16
N GLY K 25 -63.21 40.29 -9.16
CA GLY K 25 -62.25 39.54 -8.37
C GLY K 25 -60.88 39.36 -9.00
N VAL K 26 -60.72 39.80 -10.24
CA VAL K 26 -59.40 39.81 -10.88
C VAL K 26 -58.73 41.11 -10.53
N LEU K 27 -57.57 41.01 -9.88
CA LEU K 27 -56.79 42.14 -9.48
C LEU K 27 -55.64 42.37 -10.44
N LEU K 28 -55.64 43.53 -11.07
CA LEU K 28 -54.56 43.95 -11.96
C LEU K 28 -53.65 44.90 -11.21
N VAL K 29 -52.38 44.47 -11.12
CA VAL K 29 -51.36 45.15 -10.39
C VAL K 29 -50.40 45.66 -11.45
N THR K 30 -50.33 46.98 -11.59
CA THR K 30 -49.47 47.63 -12.58
C THR K 30 -48.44 48.41 -11.88
N VAL K 31 -47.18 48.05 -12.10
CA VAL K 31 -46.06 48.80 -11.54
C VAL K 31 -45.66 49.91 -12.51
N HIS K 32 -45.34 51.09 -11.96
CA HIS K 32 -45.13 52.32 -12.74
C HIS K 32 -44.40 53.37 -11.91
N THR K 33 -43.77 54.32 -12.60
CA THR K 33 -43.23 55.50 -11.98
C THR K 33 -43.91 56.69 -12.69
N GLU K 34 -44.82 57.34 -11.99
CA GLU K 34 -45.63 58.44 -12.53
C GLU K 34 -46.27 58.10 -13.88
N GLY K 35 -46.93 56.97 -13.95
CA GLY K 35 -47.49 56.53 -15.22
C GLY K 35 -46.56 56.07 -16.35
N LYS K 36 -45.25 56.13 -16.15
CA LYS K 36 -44.27 55.65 -17.12
C LYS K 36 -43.70 54.34 -16.57
N SER K 37 -42.88 53.66 -17.37
CA SER K 37 -42.25 52.38 -16.98
C SER K 37 -41.53 52.51 -15.65
N LEU K 38 -41.70 51.48 -14.80
CA LEU K 38 -41.14 51.52 -13.47
C LEU K 38 -39.66 51.73 -13.44
N VAL K 39 -39.23 52.69 -12.61
CA VAL K 39 -37.84 52.88 -12.29
C VAL K 39 -37.65 52.25 -10.90
N TRP K 40 -36.75 51.28 -10.81
CA TRP K 40 -36.54 50.56 -9.56
C TRP K 40 -35.90 51.41 -8.48
N THR K 41 -36.57 51.50 -7.33
CA THR K 41 -36.08 52.27 -6.18
C THR K 41 -36.34 51.54 -4.90
N SER K 42 -35.74 52.05 -3.83
CA SER K 42 -36.01 51.59 -2.49
C SER K 42 -37.49 51.69 -2.17
N THR K 43 -38.12 52.79 -2.58
CA THR K 43 -39.57 52.92 -2.43
C THR K 43 -40.38 51.84 -3.13
N ALA K 44 -40.04 51.57 -4.39
CA ALA K 44 -40.79 50.56 -5.14
C ALA K 44 -40.63 49.16 -4.51
N HIS K 45 -39.42 48.86 -4.12
CA HIS K 45 -39.04 47.62 -3.46
C HIS K 45 -39.91 47.36 -2.23
N ASP K 46 -39.91 48.36 -1.34
CA ASP K 46 -40.62 48.21 -0.10
C ASP K 46 -42.12 48.24 -0.32
N GLU K 47 -42.59 49.11 -1.21
CA GLU K 47 -44.01 49.16 -1.48
C GLU K 47 -44.52 47.81 -1.96
N LEU K 48 -43.75 47.13 -2.83
CA LEU K 48 -44.20 45.84 -3.33
C LEU K 48 -44.30 44.83 -2.18
N ALA K 49 -43.37 44.87 -1.24
CA ALA K 49 -43.44 43.96 -0.11
C ALA K 49 -44.71 44.18 0.69
N TYR K 50 -45.04 45.44 0.96
CA TYR K 50 -46.24 45.73 1.73
C TYR K 50 -47.49 45.42 0.96
N CYS K 51 -47.46 45.73 -0.33
CA CYS K 51 -48.59 45.49 -1.19
C CYS K 51 -48.93 44.02 -1.33
N PHE K 52 -47.90 43.17 -1.50
CA PHE K 52 -48.13 41.75 -1.59
C PHE K 52 -48.76 41.24 -0.32
N HIS K 53 -48.37 41.78 0.83
CA HIS K 53 -49.01 41.36 2.05
C HIS K 53 -50.51 41.75 2.04
N ASP K 54 -50.82 42.99 1.67
CA ASP K 54 -52.23 43.43 1.53
C ASP K 54 -53.00 42.57 0.59
N ILE K 55 -52.43 42.23 -0.55
CA ILE K 55 -53.07 41.36 -1.50
C ILE K 55 -53.34 39.99 -0.91
N ALA K 56 -52.31 39.42 -0.27
CA ALA K 56 -52.39 38.07 0.29
C ALA K 56 -53.53 37.95 1.31
N CYS K 57 -53.71 38.99 2.11
CA CYS K 57 -54.68 38.97 3.21
C CYS K 57 -56.11 39.30 2.79
N ASP K 58 -56.30 39.74 1.55
CA ASP K 58 -57.60 40.14 1.06
C ASP K 58 -58.19 39.01 0.23
N ARG K 59 -59.20 38.34 0.79
CA ARG K 59 -59.82 37.17 0.17
C ARG K 59 -60.66 37.46 -1.06
N GLU K 60 -60.98 38.73 -1.32
CA GLU K 60 -61.75 39.11 -2.48
C GLU K 60 -60.88 39.17 -3.74
N ASN K 61 -59.58 39.07 -3.58
CA ASN K 61 -58.72 38.84 -4.71
C ASN K 61 -58.84 37.38 -5.14
N LYS K 62 -59.34 37.14 -6.34
CA LYS K 62 -59.54 35.78 -6.80
C LYS K 62 -58.39 35.28 -7.66
N VAL K 63 -57.73 36.23 -8.35
CA VAL K 63 -56.59 35.95 -9.24
C VAL K 63 -55.86 37.24 -9.41
N VAL K 64 -54.53 37.19 -9.52
CA VAL K 64 -53.72 38.38 -9.62
C VAL K 64 -53.03 38.37 -10.99
N ILE K 65 -53.03 39.50 -11.66
CA ILE K 65 -52.18 39.78 -12.83
C ILE K 65 -51.18 40.83 -12.44
N LEU K 66 -49.91 40.55 -12.67
CA LEU K 66 -48.85 41.51 -12.43
C LEU K 66 -48.29 41.99 -13.74
N THR K 67 -48.23 43.30 -13.95
CA THR K 67 -47.76 43.84 -15.21
C THR K 67 -47.10 45.16 -14.98
N GLY K 68 -46.50 45.68 -16.05
CA GLY K 68 -45.91 47.02 -16.02
C GLY K 68 -46.64 47.94 -17.00
N THR K 69 -45.99 49.02 -17.37
CA THR K 69 -46.55 49.94 -18.32
C THR K 69 -45.49 50.57 -19.20
N GLY K 70 -45.92 51.05 -20.35
CA GLY K 70 -45.00 51.66 -21.31
C GLY K 70 -44.15 50.59 -21.97
N PRO K 71 -43.03 50.96 -22.53
CA PRO K 71 -42.22 50.01 -23.30
C PRO K 71 -41.44 49.00 -22.45
N SER K 72 -41.21 49.31 -21.17
CA SER K 72 -40.47 48.42 -20.26
C SER K 72 -41.34 47.92 -19.10
N PHE K 73 -41.07 46.70 -18.62
CA PHE K 73 -41.62 46.29 -17.31
C PHE K 73 -40.85 46.98 -16.17
N CYS K 74 -39.53 46.85 -16.17
CA CYS K 74 -38.65 47.62 -15.33
C CYS K 74 -37.23 47.47 -15.83
N ASN K 75 -36.70 48.49 -16.50
CA ASN K 75 -35.34 48.41 -17.02
C ASN K 75 -34.48 49.64 -16.71
N GLU K 76 -34.81 50.28 -15.61
CA GLU K 76 -34.05 51.38 -15.06
C GLU K 76 -34.01 51.27 -13.54
N ILE K 77 -32.88 51.62 -12.97
CA ILE K 77 -32.72 51.60 -11.53
C ILE K 77 -32.12 52.91 -11.06
N ASP K 78 -32.55 53.39 -9.88
CA ASP K 78 -31.86 54.49 -9.15
C ASP K 78 -31.12 53.96 -7.92
N PHE K 79 -29.85 53.62 -8.12
CA PHE K 79 -29.02 53.05 -7.04
C PHE K 79 -28.92 54.03 -5.86
N THR K 80 -29.03 55.34 -6.13
CA THR K 80 -28.89 56.36 -5.07
C THR K 80 -30.03 56.36 -4.10
N SER K 81 -31.17 55.77 -4.48
CA SER K 81 -32.33 55.66 -3.58
C SER K 81 -32.13 54.63 -2.46
N PHE K 82 -31.08 53.81 -2.60
CA PHE K 82 -30.73 52.77 -1.61
C PHE K 82 -29.54 53.18 -0.77
N ASN K 83 -29.53 52.77 0.48
CA ASN K 83 -28.36 52.90 1.37
C ASN K 83 -27.63 51.55 1.56
N LEU K 84 -26.45 51.43 0.97
CA LEU K 84 -25.74 50.16 0.82
C LEU K 84 -24.39 50.08 1.53
N GLY K 85 -24.17 50.98 2.49
CA GLY K 85 -22.85 51.18 3.04
C GLY K 85 -22.53 50.53 4.38
N THR K 86 -23.55 50.22 5.16
CA THR K 86 -23.37 49.66 6.52
C THR K 86 -24.28 48.49 6.78
N PRO K 87 -23.94 47.69 7.79
CA PRO K 87 -24.79 46.55 8.14
C PRO K 87 -26.17 46.98 8.57
N HIS K 88 -26.32 48.07 9.34
CA HIS K 88 -27.66 48.38 9.84
C HIS K 88 -28.56 48.86 8.68
N ASP K 89 -27.98 49.51 7.68
CA ASP K 89 -28.70 49.87 6.47
C ASP K 89 -29.05 48.65 5.65
N TRP K 90 -28.09 47.74 5.52
CA TRP K 90 -28.38 46.47 4.84
C TRP K 90 -29.40 45.64 5.58
N ASP K 91 -29.54 45.72 6.90
CA ASP K 91 -30.56 44.93 7.59
C ASP K 91 -31.98 45.35 7.22
N GLU K 92 -32.16 46.65 7.02
CA GLU K 92 -33.45 47.11 6.55
C GLU K 92 -33.78 46.52 5.18
N ILE K 93 -32.80 46.42 4.30
CA ILE K 93 -32.98 45.82 2.95
C ILE K 93 -33.21 44.32 3.08
N ILE K 94 -32.40 43.66 3.93
CA ILE K 94 -32.59 42.21 4.14
C ILE K 94 -33.99 41.97 4.63
N PHE K 95 -34.41 42.71 5.65
CA PHE K 95 -35.69 42.43 6.26
C PHE K 95 -36.81 42.62 5.22
N GLU K 96 -36.75 43.71 4.46
CA GLU K 96 -37.83 43.95 3.47
C GLU K 96 -37.71 43.08 2.21
N GLY K 97 -36.49 42.68 1.88
CA GLY K 97 -36.23 41.76 0.77
C GLY K 97 -36.79 40.39 1.07
N GLN K 98 -36.66 39.94 2.33
CA GLN K 98 -37.31 38.73 2.78
C GLN K 98 -38.83 38.86 2.68
N ARG K 99 -39.37 39.99 3.13
CA ARG K 99 -40.79 40.18 3.09
C ARG K 99 -41.30 40.25 1.63
N LEU K 100 -40.52 40.84 0.74
CA LEU K 100 -40.94 41.04 -0.65
C LEU K 100 -41.24 39.69 -1.28
N LEU K 101 -40.30 38.74 -1.16
CA LEU K 101 -40.50 37.45 -1.79
C LEU K 101 -41.36 36.51 -1.00
N ASN K 102 -41.25 36.49 0.33
CA ASN K 102 -42.14 35.67 1.14
C ASN K 102 -43.57 36.16 1.10
N ASN K 103 -43.81 37.46 1.06
CA ASN K 103 -45.20 37.96 0.96
C ASN K 103 -45.77 37.56 -0.40
N LEU K 104 -44.95 37.64 -1.45
CA LEU K 104 -45.40 37.17 -2.77
C LEU K 104 -45.84 35.73 -2.74
N LEU K 105 -45.00 34.89 -2.12
CA LEU K 105 -45.33 33.49 -2.01
C LEU K 105 -46.50 33.18 -1.07
N SER K 106 -46.82 34.08 -0.17
CA SER K 106 -47.95 33.89 0.71
C SER K 106 -49.29 34.23 0.04
N ILE K 107 -49.28 34.80 -1.14
CA ILE K 107 -50.54 34.99 -1.88
C ILE K 107 -51.06 33.60 -2.24
N GLU K 108 -52.31 33.32 -1.87
CA GLU K 108 -52.91 32.00 -2.08
C GLU K 108 -54.01 32.00 -3.16
N VAL K 109 -53.76 32.79 -4.21
CA VAL K 109 -54.48 32.70 -5.46
C VAL K 109 -53.45 32.65 -6.60
N PRO K 110 -53.84 32.09 -7.73
CA PRO K 110 -52.97 32.08 -8.89
C PRO K 110 -52.51 33.46 -9.29
N VAL K 111 -51.24 33.57 -9.64
CA VAL K 111 -50.58 34.78 -10.10
C VAL K 111 -50.16 34.64 -11.58
N ILE K 112 -50.59 35.59 -12.40
CA ILE K 112 -50.27 35.66 -13.81
C ILE K 112 -49.36 36.87 -14.02
N ALA K 113 -48.19 36.66 -14.63
CA ALA K 113 -47.37 37.76 -15.02
C ALA K 113 -47.67 38.12 -16.48
N ALA K 114 -47.67 39.40 -16.77
CA ALA K 114 -47.79 39.94 -18.16
C ALA K 114 -46.63 40.87 -18.35
N VAL K 115 -45.54 40.34 -18.89
CA VAL K 115 -44.28 41.07 -18.95
C VAL K 115 -44.28 41.86 -20.28
N ASN K 116 -44.48 43.16 -20.19
CA ASN K 116 -44.80 44.05 -21.32
C ASN K 116 -43.57 44.58 -22.06
N GLY K 117 -42.40 44.35 -21.49
CA GLY K 117 -41.15 44.75 -22.10
C GLY K 117 -39.99 44.33 -21.25
N PRO K 118 -38.80 44.83 -21.54
CA PRO K 118 -37.63 44.51 -20.75
C PRO K 118 -37.78 44.65 -19.24
N VAL K 119 -37.25 43.63 -18.56
CA VAL K 119 -37.11 43.68 -17.12
C VAL K 119 -35.69 43.29 -16.76
N THR K 120 -34.97 44.23 -16.18
CA THR K 120 -33.60 44.06 -15.74
C THR K 120 -33.46 44.24 -14.23
N ASN K 121 -34.53 44.67 -13.58
CA ASN K 121 -34.49 44.80 -12.13
C ASN K 121 -35.66 44.05 -11.58
N ALA K 122 -35.38 43.23 -10.56
CA ALA K 122 -36.34 42.30 -9.97
C ALA K 122 -37.09 41.42 -10.98
N PRO K 123 -36.38 40.87 -11.97
CA PRO K 123 -37.04 39.99 -12.95
C PRO K 123 -37.54 38.69 -12.32
N GLU K 124 -37.01 38.35 -11.15
CA GLU K 124 -37.48 37.16 -10.47
C GLU K 124 -38.92 37.28 -10.05
N ILE K 125 -39.43 38.48 -9.81
CA ILE K 125 -40.80 38.66 -9.40
C ILE K 125 -41.80 38.13 -10.43
N PRO K 126 -41.80 38.61 -11.67
CA PRO K 126 -42.72 38.03 -12.65
C PRO K 126 -42.46 36.52 -12.93
N VAL K 127 -41.21 36.05 -12.90
CA VAL K 127 -41.01 34.65 -13.25
C VAL K 127 -41.36 33.67 -12.11
N MET K 128 -41.63 34.20 -10.91
CA MET K 128 -42.18 33.36 -9.80
C MET K 128 -43.64 33.12 -9.98
N SER K 129 -44.27 33.77 -10.96
CA SER K 129 -45.70 33.55 -11.22
C SER K 129 -46.06 32.15 -11.68
N ASP K 130 -47.31 31.75 -11.44
CA ASP K 130 -47.80 30.48 -11.91
C ASP K 130 -47.99 30.35 -13.44
N ILE K 131 -48.29 31.50 -14.05
CA ILE K 131 -48.44 31.63 -15.52
C ILE K 131 -47.64 32.84 -15.90
N VAL K 132 -46.70 32.69 -16.86
CA VAL K 132 -45.84 33.78 -17.27
C VAL K 132 -46.08 34.05 -18.77
N LEU K 133 -46.62 35.23 -19.04
CA LEU K 133 -46.86 35.71 -20.40
C LEU K 133 -45.93 36.85 -20.68
N ALA K 134 -45.38 36.89 -21.89
CA ALA K 134 -44.42 37.89 -22.27
C ALA K 134 -44.76 38.46 -23.66
N ALA K 135 -44.65 39.79 -23.77
CA ALA K 135 -44.64 40.47 -25.04
C ALA K 135 -43.40 40.08 -25.84
N GLU K 136 -43.49 40.19 -27.18
CA GLU K 136 -42.34 39.87 -28.04
C GLU K 136 -41.14 40.66 -27.67
N SER K 137 -41.39 41.88 -27.21
CA SER K 137 -40.30 42.77 -26.81
C SER K 137 -39.72 42.53 -25.42
N ALA K 138 -40.34 41.65 -24.62
CA ALA K 138 -39.83 41.36 -23.26
C ALA K 138 -38.43 40.77 -23.30
N THR K 139 -37.59 41.16 -22.37
CA THR K 139 -36.31 40.53 -22.13
C THR K 139 -36.15 40.38 -20.63
N PHE K 140 -35.23 39.52 -20.22
CA PHE K 140 -34.95 39.25 -18.82
C PHE K 140 -33.45 39.23 -18.59
N GLN K 141 -33.02 40.01 -17.62
CA GLN K 141 -31.64 40.07 -17.26
C GLN K 141 -31.51 40.43 -15.79
N ASP K 142 -30.54 39.82 -15.10
CA ASP K 142 -30.30 40.15 -13.71
C ASP K 142 -29.36 41.34 -13.67
N GLY K 143 -29.95 42.51 -13.82
CA GLY K 143 -29.18 43.75 -14.02
C GLY K 143 -28.32 44.23 -12.89
N PRO K 144 -28.90 44.40 -11.72
CA PRO K 144 -28.23 45.15 -10.67
C PRO K 144 -27.32 44.30 -9.76
N HIS K 145 -27.13 43.02 -10.07
CA HIS K 145 -26.29 42.22 -9.21
C HIS K 145 -24.90 42.06 -9.77
N PHE K 146 -24.57 40.92 -10.37
CA PHE K 146 -23.18 40.66 -10.74
C PHE K 146 -22.55 41.62 -11.77
N PRO K 147 -23.33 42.16 -12.70
CA PRO K 147 -22.80 43.21 -13.60
C PRO K 147 -22.36 44.49 -12.87
N SER K 148 -22.97 44.78 -11.72
CA SER K 148 -22.53 45.87 -10.84
C SER K 148 -21.62 45.45 -9.71
N GLY K 149 -21.11 44.23 -9.74
CA GLY K 149 -20.18 43.80 -8.72
C GLY K 149 -20.87 43.47 -7.41
N ILE K 150 -22.16 43.11 -7.48
CA ILE K 150 -22.95 42.76 -6.33
C ILE K 150 -23.42 41.29 -6.44
N VAL K 151 -23.41 40.59 -5.32
CA VAL K 151 -23.80 39.17 -5.29
C VAL K 151 -25.28 39.04 -5.66
N PRO K 152 -25.64 38.13 -6.53
CA PRO K 152 -27.06 37.89 -6.81
C PRO K 152 -27.74 37.09 -5.71
N GLY K 153 -27.74 37.66 -4.50
CA GLY K 153 -28.08 36.98 -3.29
C GLY K 153 -29.45 37.26 -2.72
N ASP K 154 -30.32 37.93 -3.49
CA ASP K 154 -31.57 38.45 -2.96
C ASP K 154 -32.77 37.63 -3.37
N GLY K 155 -32.51 36.40 -3.79
CA GLY K 155 -33.54 35.53 -4.32
C GLY K 155 -33.30 35.20 -5.75
N ALA K 156 -32.55 36.05 -6.43
CA ALA K 156 -32.07 35.73 -7.79
C ALA K 156 -31.37 34.38 -7.81
N HIS K 157 -30.58 34.12 -6.78
CA HIS K 157 -29.85 32.86 -6.64
C HIS K 157 -30.73 31.63 -6.43
N VAL K 158 -31.95 31.83 -5.92
CA VAL K 158 -32.91 30.75 -5.74
C VAL K 158 -33.73 30.55 -7.00
N VAL K 159 -34.31 31.65 -7.51
CA VAL K 159 -35.29 31.59 -8.58
C VAL K 159 -34.69 31.16 -9.91
N TRP K 160 -33.56 31.72 -10.32
CA TRP K 160 -33.07 31.44 -11.66
C TRP K 160 -32.58 30.00 -11.86
N PRO K 161 -31.81 29.44 -10.92
CA PRO K 161 -31.50 28.00 -10.99
C PRO K 161 -32.74 27.14 -10.87
N HIS K 162 -33.74 27.59 -10.11
CA HIS K 162 -34.97 26.80 -9.93
C HIS K 162 -35.78 26.73 -11.21
N VAL K 163 -35.89 27.85 -11.93
CA VAL K 163 -36.76 27.93 -13.11
C VAL K 163 -36.01 27.53 -14.39
N LEU K 164 -34.74 27.93 -14.53
CA LEU K 164 -34.00 27.66 -15.77
C LEU K 164 -33.23 26.35 -15.75
N GLY K 165 -33.01 25.79 -14.55
CA GLY K 165 -32.15 24.67 -14.33
C GLY K 165 -30.82 25.14 -13.79
N SER K 166 -30.08 24.19 -13.23
CA SER K 166 -28.83 24.45 -12.56
C SER K 166 -27.79 25.21 -13.43
N ASN K 167 -27.55 24.73 -14.64
CA ASN K 167 -26.50 25.31 -15.45
C ASN K 167 -26.90 26.57 -16.17
N ARG K 168 -28.09 26.58 -16.71
CA ARG K 168 -28.60 27.79 -17.30
C ARG K 168 -28.78 28.89 -16.29
N GLY K 169 -29.22 28.56 -15.08
CA GLY K 169 -29.40 29.57 -14.02
C GLY K 169 -28.11 30.20 -13.58
N ARG K 170 -27.09 29.39 -13.34
CA ARG K 170 -25.84 29.88 -12.85
C ARG K 170 -25.17 30.75 -13.89
N TYR K 171 -25.20 30.26 -15.13
CA TYR K 171 -24.62 30.99 -16.28
C TYR K 171 -25.29 32.35 -16.48
N PHE K 172 -26.61 32.35 -16.41
CA PHE K 172 -27.43 33.55 -16.53
C PHE K 172 -27.02 34.61 -15.53
N LEU K 173 -26.75 34.18 -14.27
CA LEU K 173 -26.44 35.10 -13.20
C LEU K 173 -25.01 35.54 -13.21
N LEU K 174 -24.12 34.73 -13.77
CA LEU K 174 -22.70 35.07 -13.76
C LEU K 174 -22.12 35.77 -15.00
N THR K 175 -22.86 35.78 -16.12
CA THR K 175 -22.34 36.28 -17.39
C THR K 175 -23.05 37.49 -17.97
N GLY K 176 -24.01 38.04 -17.23
CA GLY K 176 -24.79 39.18 -17.70
C GLY K 176 -25.74 38.87 -18.80
N GLN K 177 -26.11 37.61 -18.93
CA GLN K 177 -26.96 37.18 -20.00
C GLN K 177 -28.29 37.88 -19.99
N GLU K 178 -28.74 38.23 -21.20
CA GLU K 178 -30.06 38.79 -21.46
C GLU K 178 -30.86 37.82 -22.29
N LEU K 179 -31.94 37.31 -21.74
CA LEU K 179 -32.85 36.45 -22.46
C LEU K 179 -33.87 37.25 -23.18
N ASP K 180 -34.01 37.01 -24.48
CA ASP K 180 -35.12 37.55 -25.19
C ASP K 180 -36.35 36.71 -24.92
N ALA K 181 -37.50 37.16 -25.37
CA ALA K 181 -38.74 36.52 -25.03
C ALA K 181 -38.79 35.06 -25.49
N ARG K 182 -38.28 34.77 -26.69
CA ARG K 182 -38.38 33.42 -27.25
C ARG K 182 -37.38 32.48 -26.63
N THR K 183 -36.25 32.99 -26.22
CA THR K 183 -35.30 32.19 -25.45
C THR K 183 -35.85 31.87 -24.07
N ALA K 184 -36.47 32.86 -23.44
CA ALA K 184 -37.08 32.63 -22.14
C ALA K 184 -38.17 31.59 -22.24
N LEU K 185 -38.91 31.58 -23.35
CA LEU K 185 -39.92 30.60 -23.65
C LEU K 185 -39.29 29.21 -23.82
N ASP K 186 -38.25 29.13 -24.65
CA ASP K 186 -37.56 27.89 -24.86
C ASP K 186 -36.95 27.33 -23.56
N TYR K 187 -36.51 28.21 -22.67
CA TYR K 187 -35.88 27.81 -21.41
C TYR K 187 -36.92 27.38 -20.36
N GLY K 188 -38.17 27.69 -20.62
CA GLY K 188 -39.24 27.31 -19.73
C GLY K 188 -39.60 28.32 -18.65
N ALA K 189 -39.03 29.50 -18.68
CA ALA K 189 -39.36 30.58 -17.77
C ALA K 189 -40.62 31.30 -18.19
N VAL K 190 -40.89 31.35 -19.50
CA VAL K 190 -42.09 31.98 -20.05
C VAL K 190 -42.97 30.90 -20.62
N ASN K 191 -44.29 31.04 -20.49
CA ASN K 191 -45.24 30.08 -21.05
C ASN K 191 -45.83 30.48 -22.43
N GLU K 192 -46.06 31.75 -22.63
CA GLU K 192 -46.60 32.27 -23.91
C GLU K 192 -45.92 33.58 -24.29
N VAL K 193 -45.60 33.73 -25.57
CA VAL K 193 -45.12 34.99 -26.12
C VAL K 193 -46.21 35.54 -27.06
N LEU K 194 -46.55 36.79 -26.84
CA LEU K 194 -47.65 37.45 -27.53
C LEU K 194 -47.23 38.80 -28.07
N SER K 195 -47.98 39.30 -29.02
CA SER K 195 -47.74 40.66 -29.49
C SER K 195 -48.08 41.61 -28.32
N GLU K 196 -47.53 42.82 -28.36
CA GLU K 196 -47.77 43.80 -27.31
C GLU K 196 -49.27 44.06 -27.11
N GLN K 197 -50.04 44.10 -28.19
CA GLN K 197 -51.48 44.38 -28.09
C GLN K 197 -52.29 43.22 -27.58
N GLU K 198 -51.79 42.00 -27.80
CA GLU K 198 -52.49 40.79 -27.37
C GLU K 198 -52.15 40.42 -25.91
N LEU K 199 -51.10 41.00 -25.33
CA LEU K 199 -50.62 40.53 -24.00
C LEU K 199 -51.67 40.68 -22.91
N LEU K 200 -52.10 41.91 -22.65
CA LEU K 200 -53.07 42.12 -21.57
C LEU K 200 -54.41 41.48 -21.79
N PRO K 201 -55.02 41.57 -22.98
CA PRO K 201 -56.21 40.74 -23.26
C PRO K 201 -56.05 39.24 -22.95
N ARG K 202 -54.86 38.68 -23.24
CA ARG K 202 -54.65 37.24 -22.94
C ARG K 202 -54.55 37.04 -21.42
N ALA K 203 -53.88 37.94 -20.72
CA ALA K 203 -53.84 37.85 -19.25
C ALA K 203 -55.23 37.86 -18.66
N TRP K 204 -56.07 38.74 -19.18
CA TRP K 204 -57.44 38.90 -18.69
C TRP K 204 -58.27 37.70 -18.99
N GLU K 205 -58.11 37.11 -20.18
CA GLU K 205 -58.81 35.90 -20.56
C GLU K 205 -58.49 34.74 -19.62
N LEU K 206 -57.20 34.52 -19.39
CA LEU K 206 -56.78 33.46 -18.49
C LEU K 206 -57.26 33.70 -17.07
N ALA K 207 -57.14 34.94 -16.61
CA ALA K 207 -57.55 35.33 -15.24
C ALA K 207 -59.05 35.14 -15.03
N ARG K 208 -59.85 35.54 -16.03
CA ARG K 208 -61.30 35.40 -15.94
C ARG K 208 -61.71 33.95 -15.85
N GLY K 209 -61.11 33.09 -16.66
CA GLY K 209 -61.40 31.66 -16.63
C GLY K 209 -61.03 31.00 -15.31
N ILE K 210 -59.89 31.39 -14.75
CA ILE K 210 -59.48 30.90 -13.44
C ILE K 210 -60.39 31.43 -12.35
N ALA K 211 -60.80 32.69 -12.45
CA ALA K 211 -61.67 33.33 -11.45
C ALA K 211 -63.04 32.70 -11.33
N GLU K 212 -63.49 32.01 -12.38
CA GLU K 212 -64.76 31.30 -12.39
C GLU K 212 -64.70 29.92 -11.76
N LYS K 213 -63.49 29.40 -11.53
CA LYS K 213 -63.32 28.10 -10.86
C LYS K 213 -63.82 28.22 -9.40
N PRO K 214 -64.17 27.11 -8.78
CA PRO K 214 -64.63 27.15 -7.39
C PRO K 214 -63.62 27.78 -6.43
N LEU K 215 -64.14 28.49 -5.42
CA LEU K 215 -63.32 29.22 -4.46
C LEU K 215 -62.10 28.44 -3.96
N LEU K 216 -62.36 27.34 -3.30
CA LEU K 216 -61.26 26.60 -2.66
C LEU K 216 -60.39 25.88 -3.67
N ALA K 217 -60.94 25.45 -4.78
CA ALA K 217 -60.13 24.82 -5.83
C ALA K 217 -59.09 25.77 -6.40
N ARG K 218 -59.47 27.01 -6.60
CA ARG K 218 -58.59 28.04 -7.10
C ARG K 218 -57.51 28.41 -6.06
N ARG K 219 -57.92 28.58 -4.83
CA ARG K 219 -56.99 28.93 -3.78
C ARG K 219 -56.00 27.81 -3.50
N TYR K 220 -56.48 26.58 -3.43
CA TYR K 220 -55.59 25.46 -3.11
C TYR K 220 -54.72 25.00 -4.26
N ALA K 221 -55.15 25.30 -5.49
CA ALA K 221 -54.32 25.00 -6.64
C ALA K 221 -53.02 25.78 -6.52
N ARG K 222 -53.13 27.04 -6.18
CA ARG K 222 -51.96 27.88 -5.94
C ARG K 222 -51.13 27.31 -4.79
N LYS K 223 -51.78 26.98 -3.70
CA LYS K 223 -51.10 26.50 -2.51
C LYS K 223 -50.28 25.24 -2.75
N VAL K 224 -50.86 24.27 -3.43
CA VAL K 224 -50.19 22.98 -3.61
C VAL K 224 -49.06 23.09 -4.63
N LEU K 225 -49.08 24.14 -5.44
CA LEU K 225 -48.07 24.32 -6.49
C LEU K 225 -46.86 25.11 -6.08
N THR K 226 -46.92 25.81 -4.97
CA THR K 226 -45.80 26.64 -4.58
C THR K 226 -44.94 26.00 -3.48
N ARG K 227 -45.19 24.73 -3.19
CA ARG K 227 -44.43 24.01 -2.15
C ARG K 227 -42.92 24.05 -2.32
N GLN K 228 -42.43 23.68 -3.50
CA GLN K 228 -40.96 23.52 -3.71
C GLN K 228 -40.26 24.87 -3.67
N LEU K 229 -40.88 25.88 -4.26
CA LEU K 229 -40.27 27.20 -4.29
C LEU K 229 -40.23 27.78 -2.88
N ARG K 230 -41.29 27.55 -2.09
CA ARG K 230 -41.30 27.99 -0.70
C ARG K 230 -40.21 27.30 0.11
N ARG K 231 -40.00 26.03 -0.14
CA ARG K 231 -38.98 25.26 0.60
C ARG K 231 -37.57 25.79 0.35
N VAL K 232 -37.24 25.96 -0.92
CA VAL K 232 -35.91 26.45 -1.28
C VAL K 232 -35.70 27.91 -0.93
N MET K 233 -36.75 28.75 -1.08
CA MET K 233 -36.66 30.12 -0.60
C MET K 233 -36.35 30.19 0.94
N GLU K 234 -37.06 29.41 1.75
CA GLU K 234 -36.79 29.39 3.19
C GLU K 234 -35.36 28.86 3.48
N ALA K 235 -34.91 27.87 2.73
CA ALA K 235 -33.58 27.30 2.95
C ALA K 235 -32.47 28.30 2.60
N ASP K 236 -32.63 29.05 1.49
CA ASP K 236 -31.51 29.78 0.88
C ASP K 236 -31.57 31.29 0.82
N LEU K 237 -32.75 31.89 0.99
CA LEU K 237 -32.85 33.36 0.75
C LEU K 237 -32.03 34.21 1.71
N SER K 238 -32.20 34.00 3.03
CA SER K 238 -31.51 34.79 4.05
C SER K 238 -30.01 34.62 3.95
N LEU K 239 -29.57 33.40 3.65
CA LEU K 239 -28.15 33.10 3.45
C LEU K 239 -27.60 33.98 2.34
N GLY K 240 -28.33 34.04 1.25
CA GLY K 240 -27.96 34.85 0.11
C GLY K 240 -27.84 36.32 0.49
N LEU K 241 -28.85 36.82 1.22
CA LEU K 241 -28.95 38.25 1.49
C LEU K 241 -27.81 38.70 2.38
N ALA K 242 -27.45 37.88 3.35
CA ALA K 242 -26.41 38.23 4.31
C ALA K 242 -25.08 38.22 3.65
N HIS K 243 -24.81 37.25 2.77
CA HIS K 243 -23.54 37.24 2.01
C HIS K 243 -23.45 38.43 1.06
N GLU K 244 -24.55 38.72 0.38
CA GLU K 244 -24.61 39.87 -0.51
C GLU K 244 -24.31 41.16 0.25
N ALA K 245 -24.93 41.33 1.42
CA ALA K 245 -24.63 42.53 2.28
C ALA K 245 -23.16 42.64 2.62
N LEU K 246 -22.59 41.52 3.06
CA LEU K 246 -21.19 41.50 3.41
C LEU K 246 -20.29 41.94 2.29
N ALA K 247 -20.50 41.37 1.11
CA ALA K 247 -19.73 41.72 -0.06
C ALA K 247 -19.91 43.18 -0.46
N ALA K 248 -21.14 43.66 -0.38
CA ALA K 248 -21.43 45.03 -0.77
C ALA K 248 -20.79 46.04 0.16
N ILE K 249 -20.77 45.76 1.45
CA ILE K 249 -20.11 46.64 2.44
C ILE K 249 -18.60 46.67 2.20
N ASP K 250 -18.03 45.57 1.72
CA ASP K 250 -16.61 45.50 1.46
C ASP K 250 -16.19 46.48 0.33
N LEU K 251 -17.11 46.76 -0.58
CA LEU K 251 -16.88 47.74 -1.66
C LEU K 251 -16.46 49.15 -1.17
N GLY K 252 -17.35 49.84 -0.45
CA GLY K 252 -17.09 51.20 0.02
C GLY K 252 -16.20 51.29 1.25
N ALA L 5 -44.44 -13.63 -0.25
CA ALA L 5 -44.83 -12.73 -1.38
C ALA L 5 -45.77 -13.49 -2.29
N THR L 6 -46.72 -12.78 -2.89
CA THR L 6 -47.61 -13.36 -3.86
C THR L 6 -46.84 -13.56 -5.15
N PRO L 7 -46.72 -14.81 -5.62
CA PRO L 7 -46.01 -15.08 -6.87
C PRO L 7 -46.83 -14.67 -8.09
N PHE L 8 -46.14 -14.50 -9.20
CA PHE L 8 -46.73 -14.00 -10.43
C PHE L 8 -47.96 -14.83 -10.84
N GLN L 9 -47.89 -16.15 -10.73
CA GLN L 9 -49.02 -16.99 -11.16
C GLN L 9 -50.31 -16.63 -10.40
N GLU L 10 -50.21 -16.17 -9.15
CA GLU L 10 -51.42 -15.71 -8.43
C GLU L 10 -51.89 -14.27 -8.78
N TYR L 11 -50.98 -13.32 -8.92
CA TYR L 11 -51.44 -11.94 -9.12
C TYR L 11 -51.65 -11.56 -10.59
N SER L 12 -51.06 -12.32 -11.51
CA SER L 12 -51.13 -12.00 -12.94
C SER L 12 -52.55 -12.03 -13.47
N GLN L 13 -53.47 -12.67 -12.76
CA GLN L 13 -54.86 -12.81 -13.18
C GLN L 13 -55.84 -12.15 -12.25
N LYS L 14 -55.36 -11.32 -11.32
CA LYS L 14 -56.20 -10.78 -10.22
C LYS L 14 -56.94 -9.49 -10.60
N TYR L 15 -56.51 -8.83 -11.68
CA TYR L 15 -56.91 -7.45 -11.95
C TYR L 15 -57.69 -7.37 -13.25
N GLU L 16 -58.94 -6.91 -13.22
CA GLU L 16 -59.77 -6.78 -14.40
C GLU L 16 -59.34 -5.68 -15.38
N ASN L 17 -58.64 -4.64 -14.90
CA ASN L 17 -58.18 -3.55 -15.78
C ASN L 17 -56.67 -3.59 -16.07
N ILE L 18 -56.02 -4.67 -15.66
CA ILE L 18 -54.58 -4.85 -15.85
C ILE L 18 -54.22 -6.24 -16.33
N ARG L 19 -53.81 -6.32 -17.57
CA ARG L 19 -53.27 -7.52 -18.11
C ARG L 19 -51.74 -7.58 -17.77
N LEU L 20 -51.28 -8.77 -17.38
CA LEU L 20 -49.89 -8.94 -16.95
C LEU L 20 -49.27 -10.12 -17.63
N GLU L 21 -48.23 -9.88 -18.42
CA GLU L 21 -47.55 -10.94 -19.14
C GLU L 21 -46.07 -10.79 -18.93
N ARG L 22 -45.40 -11.89 -18.65
CA ARG L 22 -43.96 -11.84 -18.42
C ARG L 22 -43.20 -12.82 -19.30
N ASP L 23 -42.16 -12.32 -19.95
CA ASP L 23 -41.32 -13.11 -20.78
C ASP L 23 -39.86 -12.79 -20.50
N GLY L 24 -39.08 -13.79 -20.10
CA GLY L 24 -37.66 -13.57 -19.81
C GLY L 24 -37.42 -12.51 -18.73
N GLY L 25 -38.31 -12.44 -17.75
CA GLY L 25 -38.22 -11.48 -16.66
C GLY L 25 -38.73 -10.08 -16.98
N VAL L 26 -39.08 -9.82 -18.24
CA VAL L 26 -39.66 -8.55 -18.62
C VAL L 26 -41.16 -8.63 -18.42
N LEU L 27 -41.70 -7.79 -17.55
CA LEU L 27 -43.10 -7.77 -17.27
C LEU L 27 -43.81 -6.68 -18.07
N LEU L 28 -44.80 -7.08 -18.88
CA LEU L 28 -45.60 -6.13 -19.64
C LEU L 28 -46.92 -5.94 -18.95
N VAL L 29 -47.18 -4.72 -18.55
CA VAL L 29 -48.37 -4.32 -17.84
C VAL L 29 -49.17 -3.52 -18.82
N THR L 30 -50.35 -4.04 -19.19
CA THR L 30 -51.23 -3.40 -20.15
C THR L 30 -52.54 -3.02 -19.46
N VAL L 31 -52.85 -1.74 -19.42
CA VAL L 31 -54.08 -1.30 -18.84
C VAL L 31 -55.15 -1.26 -19.91
N HIS L 32 -56.38 -1.58 -19.53
CA HIS L 32 -57.46 -1.80 -20.49
C HIS L 32 -58.80 -1.93 -19.77
N THR L 33 -59.87 -1.66 -20.52
CA THR L 33 -61.24 -1.92 -20.06
C THR L 33 -61.88 -2.87 -21.10
N GLU L 34 -62.03 -4.12 -20.71
CA GLU L 34 -62.52 -5.24 -21.55
C GLU L 34 -61.79 -5.31 -22.86
N GLY L 35 -60.46 -5.31 -22.83
CA GLY L 35 -59.65 -5.26 -24.03
C GLY L 35 -59.65 -4.01 -24.93
N LYS L 36 -60.33 -2.94 -24.51
CA LYS L 36 -60.31 -1.67 -25.22
C LYS L 36 -59.49 -0.70 -24.38
N SER L 37 -59.26 0.51 -24.88
CA SER L 37 -58.53 1.54 -24.13
C SER L 37 -59.13 1.78 -22.75
N LEU L 38 -58.24 1.91 -21.75
CA LEU L 38 -58.69 2.05 -20.39
C LEU L 38 -59.59 3.22 -20.17
N VAL L 39 -60.70 2.94 -19.49
CA VAL L 39 -61.60 3.96 -18.92
C VAL L 39 -61.29 4.11 -17.42
N TRP L 40 -60.93 5.31 -17.01
CA TRP L 40 -60.46 5.56 -15.65
C TRP L 40 -61.63 5.49 -14.68
N THR L 41 -61.50 4.62 -13.69
CA THR L 41 -62.51 4.42 -12.66
C THR L 41 -61.84 4.18 -11.34
N SER L 42 -62.65 4.19 -10.28
CA SER L 42 -62.23 3.83 -8.94
C SER L 42 -61.59 2.48 -8.90
N THR L 43 -62.18 1.52 -9.59
CA THR L 43 -61.60 0.16 -9.64
C THR L 43 -60.19 0.18 -10.28
N ALA L 44 -60.02 0.87 -11.40
CA ALA L 44 -58.75 0.85 -12.12
C ALA L 44 -57.68 1.51 -11.23
N HIS L 45 -58.05 2.62 -10.61
CA HIS L 45 -57.20 3.38 -9.66
C HIS L 45 -56.69 2.47 -8.55
N ASP L 46 -57.62 1.75 -7.90
CA ASP L 46 -57.27 0.91 -6.76
C ASP L 46 -56.54 -0.35 -7.21
N GLU L 47 -56.92 -0.92 -8.37
CA GLU L 47 -56.21 -2.06 -8.88
C GLU L 47 -54.76 -1.74 -9.09
N LEU L 48 -54.49 -0.58 -9.68
CA LEU L 48 -53.13 -0.22 -10.01
C LEU L 48 -52.27 -0.08 -8.74
N ALA L 49 -52.86 0.45 -7.66
CA ALA L 49 -52.14 0.53 -6.37
C ALA L 49 -51.76 -0.86 -5.86
N TYR L 50 -52.71 -1.79 -5.85
CA TYR L 50 -52.46 -3.13 -5.39
C TYR L 50 -51.53 -3.85 -6.30
N CYS L 51 -51.71 -3.66 -7.60
CA CYS L 51 -50.85 -4.30 -8.59
C CYS L 51 -49.38 -3.85 -8.49
N PHE L 52 -49.13 -2.55 -8.29
CA PHE L 52 -47.76 -2.05 -8.15
C PHE L 52 -47.09 -2.63 -6.90
N HIS L 53 -47.85 -2.87 -5.83
CA HIS L 53 -47.36 -3.55 -4.66
C HIS L 53 -46.88 -4.96 -5.02
N ASP L 54 -47.73 -5.72 -5.70
CA ASP L 54 -47.41 -7.06 -6.09
C ASP L 54 -46.17 -7.10 -6.98
N ILE L 55 -46.08 -6.15 -7.91
CA ILE L 55 -44.92 -6.09 -8.80
C ILE L 55 -43.65 -5.80 -8.00
N ALA L 56 -43.76 -4.84 -7.08
CA ALA L 56 -42.60 -4.39 -6.29
C ALA L 56 -42.00 -5.54 -5.47
N CYS L 57 -42.88 -6.41 -4.98
CA CYS L 57 -42.52 -7.50 -4.08
C CYS L 57 -42.09 -8.76 -4.77
N ASP L 58 -42.27 -8.83 -6.09
CA ASP L 58 -41.90 -10.02 -6.86
C ASP L 58 -40.55 -9.84 -7.52
N ARG L 59 -39.52 -10.51 -6.98
CA ARG L 59 -38.14 -10.38 -7.48
C ARG L 59 -37.88 -10.94 -8.85
N GLU L 60 -38.83 -11.71 -9.39
CA GLU L 60 -38.69 -12.27 -10.71
C GLU L 60 -39.03 -11.26 -11.81
N ASN L 61 -39.60 -10.13 -11.45
CA ASN L 61 -39.72 -9.02 -12.39
C ASN L 61 -38.35 -8.33 -12.51
N LYS L 62 -37.78 -8.37 -13.71
CA LYS L 62 -36.48 -7.77 -13.98
C LYS L 62 -36.54 -6.34 -14.50
N VAL L 63 -37.61 -6.04 -15.26
CA VAL L 63 -37.89 -4.73 -15.84
C VAL L 63 -39.40 -4.71 -16.11
N VAL L 64 -40.01 -3.56 -15.98
CA VAL L 64 -41.42 -3.35 -16.20
C VAL L 64 -41.66 -2.42 -17.39
N ILE L 65 -42.58 -2.81 -18.27
CA ILE L 65 -43.10 -1.96 -19.35
C ILE L 65 -44.54 -1.70 -19.01
N LEU L 66 -44.92 -0.42 -18.95
CA LEU L 66 -46.27 0.02 -18.72
C LEU L 66 -46.84 0.54 -20.02
N THR L 67 -48.00 0.01 -20.43
CA THR L 67 -48.62 0.47 -21.65
C THR L 67 -50.14 0.35 -21.57
N GLY L 68 -50.79 0.87 -22.60
CA GLY L 68 -52.23 0.75 -22.77
C GLY L 68 -52.54 -0.12 -24.00
N THR L 69 -53.78 -0.05 -24.43
CA THR L 69 -54.20 -0.76 -25.61
C THR L 69 -55.20 0.09 -26.44
N GLY L 70 -55.24 -0.19 -27.73
CA GLY L 70 -56.09 0.57 -28.64
C GLY L 70 -55.55 1.95 -28.90
N PRO L 71 -56.41 2.85 -29.34
CA PRO L 71 -55.99 4.20 -29.74
C PRO L 71 -55.53 5.16 -28.60
N SER L 72 -55.98 4.92 -27.39
CA SER L 72 -55.64 5.77 -26.23
C SER L 72 -54.94 4.96 -25.14
N PHE L 73 -54.08 5.63 -24.39
CA PHE L 73 -53.55 5.05 -23.14
C PHE L 73 -54.64 5.10 -22.06
N CYS L 74 -55.15 6.28 -21.81
CA CYS L 74 -56.37 6.48 -21.02
C CYS L 74 -56.94 7.89 -21.22
N ASN L 75 -58.02 8.03 -21.99
CA ASN L 75 -58.57 9.35 -22.24
C ASN L 75 -60.06 9.41 -22.03
N GLU L 76 -60.56 8.55 -21.17
CA GLU L 76 -61.94 8.57 -20.73
C GLU L 76 -61.97 8.27 -19.27
N ILE L 77 -62.86 8.96 -18.59
CA ILE L 77 -63.06 8.79 -17.16
C ILE L 77 -64.55 8.58 -16.88
N ASP L 78 -64.85 7.73 -15.89
CA ASP L 78 -66.22 7.63 -15.31
C ASP L 78 -66.22 8.20 -13.89
N PHE L 79 -66.54 9.49 -13.77
CA PHE L 79 -66.58 10.15 -12.45
C PHE L 79 -67.59 9.50 -11.48
N THR L 80 -68.64 8.90 -12.02
CA THR L 80 -69.68 8.31 -11.15
C THR L 80 -69.19 7.09 -10.41
N SER L 81 -68.06 6.50 -10.83
CA SER L 81 -67.48 5.36 -10.14
C SER L 81 -66.78 5.76 -8.85
N PHE L 82 -66.57 7.04 -8.65
CA PHE L 82 -65.94 7.58 -7.45
C PHE L 82 -66.95 8.23 -6.52
N ASN L 83 -66.74 8.07 -5.21
CA ASN L 83 -67.49 8.82 -4.20
C ASN L 83 -66.70 10.03 -3.67
N LEU L 84 -67.14 11.23 -4.01
CA LEU L 84 -66.38 12.46 -3.78
C LEU L 84 -67.08 13.49 -2.88
N GLY L 85 -68.07 13.05 -2.12
CA GLY L 85 -68.91 13.97 -1.36
C GLY L 85 -68.57 14.23 0.09
N THR L 86 -67.90 13.29 0.77
CA THR L 86 -67.69 13.35 2.21
C THR L 86 -66.23 13.12 2.56
N PRO L 87 -65.79 13.56 3.73
CA PRO L 87 -64.43 13.25 4.19
C PRO L 87 -64.11 11.79 4.30
N HIS L 88 -65.03 10.98 4.80
CA HIS L 88 -64.70 9.58 5.06
C HIS L 88 -64.56 8.84 3.70
N ASP L 89 -65.31 9.24 2.68
CA ASP L 89 -65.11 8.73 1.33
C ASP L 89 -63.84 9.24 0.70
N TRP L 90 -63.52 10.52 0.92
CA TRP L 90 -62.22 11.04 0.45
C TRP L 90 -61.06 10.37 1.17
N ASP L 91 -61.20 9.95 2.44
CA ASP L 91 -60.05 9.30 3.09
C ASP L 91 -59.73 7.99 2.38
N GLU L 92 -60.72 7.25 1.88
CA GLU L 92 -60.40 6.04 1.09
C GLU L 92 -59.60 6.37 -0.16
N ILE L 93 -59.96 7.45 -0.81
CA ILE L 93 -59.26 7.90 -2.02
C ILE L 93 -57.86 8.40 -1.70
N ILE L 94 -57.74 9.13 -0.59
CA ILE L 94 -56.42 9.63 -0.14
C ILE L 94 -55.53 8.45 0.16
N PHE L 95 -56.06 7.47 0.91
CA PHE L 95 -55.23 6.36 1.34
C PHE L 95 -54.75 5.55 0.14
N GLU L 96 -55.65 5.28 -0.79
CA GLU L 96 -55.30 4.52 -1.99
C GLU L 96 -54.47 5.31 -3.00
N GLY L 97 -54.67 6.62 -3.02
CA GLY L 97 -53.93 7.55 -3.86
C GLY L 97 -52.48 7.60 -3.45
N GLN L 98 -52.26 7.64 -2.13
CA GLN L 98 -50.92 7.52 -1.57
C GLN L 98 -50.28 6.21 -1.97
N ARG L 99 -51.02 5.11 -1.80
CA ARG L 99 -50.51 3.80 -2.11
C ARG L 99 -50.21 3.64 -3.61
N LEU L 100 -51.02 4.25 -4.46
CA LEU L 100 -50.83 4.16 -5.90
C LEU L 100 -49.45 4.66 -6.27
N LEU L 101 -49.10 5.87 -5.81
CA LEU L 101 -47.85 6.49 -6.23
C LEU L 101 -46.64 6.03 -5.42
N ASN L 102 -46.82 5.79 -4.14
CA ASN L 102 -45.74 5.23 -3.33
C ASN L 102 -45.41 3.77 -3.70
N ASN L 103 -46.41 2.94 -4.04
CA ASN L 103 -46.15 1.57 -4.48
C ASN L 103 -45.40 1.59 -5.80
N LEU L 104 -45.78 2.48 -6.70
CA LEU L 104 -45.03 2.63 -7.96
C LEU L 104 -43.59 2.94 -7.69
N LEU L 105 -43.37 3.91 -6.80
CA LEU L 105 -42.00 4.30 -6.48
C LEU L 105 -41.26 3.21 -5.70
N SER L 106 -41.98 2.27 -5.09
CA SER L 106 -41.34 1.17 -4.37
C SER L 106 -40.85 0.06 -5.30
N ILE L 107 -41.24 0.09 -6.56
CA ILE L 107 -40.69 -0.87 -7.50
C ILE L 107 -39.19 -0.61 -7.69
N GLU L 108 -38.36 -1.65 -7.50
CA GLU L 108 -36.93 -1.47 -7.53
C GLU L 108 -36.30 -2.15 -8.76
N VAL L 109 -37.00 -2.07 -9.89
CA VAL L 109 -36.42 -2.37 -11.19
C VAL L 109 -36.83 -1.22 -12.13
N PRO L 110 -36.09 -1.01 -13.21
CA PRO L 110 -36.41 0.05 -14.16
C PRO L 110 -37.79 -0.15 -14.76
N VAL L 111 -38.47 0.98 -14.91
CA VAL L 111 -39.82 1.05 -15.48
C VAL L 111 -39.76 1.87 -16.78
N ILE L 112 -40.31 1.29 -17.85
CA ILE L 112 -40.38 1.91 -19.17
C ILE L 112 -41.86 2.13 -19.48
N ALA L 113 -42.24 3.37 -19.80
CA ALA L 113 -43.58 3.64 -20.29
C ALA L 113 -43.63 3.60 -21.79
N ALA L 114 -44.68 3.01 -22.34
CA ALA L 114 -44.92 3.03 -23.79
C ALA L 114 -46.34 3.60 -23.97
N VAL L 115 -46.38 4.90 -24.26
CA VAL L 115 -47.64 5.65 -24.24
C VAL L 115 -48.22 5.57 -25.64
N ASN L 116 -49.25 4.73 -25.80
CA ASN L 116 -49.75 4.33 -27.12
C ASN L 116 -50.73 5.30 -27.75
N GLY L 117 -51.15 6.31 -26.97
CA GLY L 117 -52.02 7.37 -27.46
C GLY L 117 -52.37 8.30 -26.33
N PRO L 118 -53.37 9.16 -26.53
CA PRO L 118 -53.78 10.13 -25.51
C PRO L 118 -53.91 9.60 -24.09
N VAL L 119 -53.31 10.33 -23.15
CA VAL L 119 -53.54 10.09 -21.72
C VAL L 119 -53.99 11.39 -21.08
N THR L 120 -55.23 11.40 -20.58
CA THR L 120 -55.83 12.52 -19.89
C THR L 120 -56.18 12.22 -18.47
N ASN L 121 -56.10 10.96 -18.07
CA ASN L 121 -56.28 10.59 -16.69
C ASN L 121 -55.09 9.83 -16.18
N ALA L 122 -54.62 10.23 -15.01
CA ALA L 122 -53.42 9.69 -14.40
C ALA L 122 -52.20 9.71 -15.33
N PRO L 123 -51.98 10.78 -16.06
CA PRO L 123 -50.81 10.86 -16.96
C PRO L 123 -49.51 10.92 -16.18
N GLU L 124 -49.56 11.29 -14.91
CA GLU L 124 -48.36 11.26 -14.05
C GLU L 124 -47.77 9.84 -13.95
N ILE L 125 -48.58 8.80 -14.04
CA ILE L 125 -48.09 7.45 -13.91
C ILE L 125 -47.05 7.07 -14.97
N PRO L 126 -47.37 7.13 -16.26
CA PRO L 126 -46.33 6.86 -17.25
C PRO L 126 -45.12 7.82 -17.17
N VAL L 127 -45.30 9.11 -16.88
CA VAL L 127 -44.15 10.05 -16.88
C VAL L 127 -43.24 9.93 -15.65
N MET L 128 -43.71 9.19 -14.64
CA MET L 128 -42.87 8.78 -13.50
C MET L 128 -41.87 7.70 -13.84
N SER L 129 -41.97 7.14 -15.04
CA SER L 129 -41.07 6.04 -15.44
C SER L 129 -39.64 6.53 -15.71
N ASP L 130 -38.71 5.59 -15.65
CA ASP L 130 -37.30 5.89 -15.95
C ASP L 130 -37.01 6.15 -17.40
N ILE L 131 -37.80 5.52 -18.29
CA ILE L 131 -37.72 5.72 -19.74
C ILE L 131 -39.14 5.89 -20.20
N VAL L 132 -39.40 6.96 -20.95
CA VAL L 132 -40.73 7.30 -21.44
C VAL L 132 -40.71 7.33 -22.98
N LEU L 133 -41.42 6.39 -23.56
CA LEU L 133 -41.57 6.27 -24.99
C LEU L 133 -43.02 6.62 -25.34
N ALA L 134 -43.19 7.35 -26.42
CA ALA L 134 -44.54 7.80 -26.82
C ALA L 134 -44.75 7.54 -28.31
N ALA L 135 -45.92 7.02 -28.64
CA ALA L 135 -46.42 7.00 -30.00
C ALA L 135 -46.61 8.41 -30.51
N GLU L 136 -46.54 8.59 -31.84
CA GLU L 136 -46.76 9.91 -32.44
C GLU L 136 -48.08 10.50 -32.02
N SER L 137 -49.06 9.63 -31.81
CA SER L 137 -50.41 10.05 -31.44
C SER L 137 -50.60 10.31 -29.93
N ALA L 138 -49.56 10.06 -29.13
CA ALA L 138 -49.69 10.29 -27.69
C ALA L 138 -49.85 11.76 -27.36
N THR L 139 -50.69 12.04 -26.40
CA THR L 139 -50.82 13.37 -25.81
C THR L 139 -50.95 13.26 -24.30
N PHE L 140 -50.66 14.37 -23.64
CA PHE L 140 -50.68 14.43 -22.18
C PHE L 140 -51.45 15.65 -21.72
N GLN L 141 -52.39 15.42 -20.81
CA GLN L 141 -53.16 16.49 -20.21
C GLN L 141 -53.63 16.02 -18.84
N ASP L 142 -53.67 16.96 -17.89
CA ASP L 142 -54.22 16.70 -16.57
C ASP L 142 -55.74 16.94 -16.59
N GLY L 143 -56.45 15.94 -17.10
CA GLY L 143 -57.84 16.14 -17.49
C GLY L 143 -58.82 16.32 -16.34
N PRO L 144 -58.80 15.46 -15.33
CA PRO L 144 -59.90 15.44 -14.35
C PRO L 144 -59.68 16.34 -13.14
N HIS L 145 -58.66 17.19 -13.15
CA HIS L 145 -58.41 18.09 -12.04
C HIS L 145 -58.90 19.50 -12.35
N PHE L 146 -58.04 20.46 -12.64
CA PHE L 146 -58.50 21.83 -12.69
C PHE L 146 -59.56 22.14 -13.76
N PRO L 147 -59.55 21.48 -14.92
CA PRO L 147 -60.66 21.63 -15.89
C PRO L 147 -62.03 21.25 -15.30
N SER L 148 -62.06 20.31 -14.35
CA SER L 148 -63.32 19.95 -13.65
C SER L 148 -63.53 20.72 -12.34
N GLY L 149 -62.72 21.73 -12.05
CA GLY L 149 -62.85 22.48 -10.81
C GLY L 149 -62.32 21.73 -9.60
N ILE L 150 -61.37 20.82 -9.81
CA ILE L 150 -60.79 19.99 -8.77
C ILE L 150 -59.30 20.30 -8.65
N VAL L 151 -58.81 20.43 -7.43
CA VAL L 151 -57.38 20.75 -7.20
C VAL L 151 -56.55 19.63 -7.81
N PRO L 152 -55.46 19.95 -8.53
CA PRO L 152 -54.54 18.89 -8.97
C PRO L 152 -53.60 18.43 -7.86
N GLY L 153 -54.18 17.89 -6.79
CA GLY L 153 -53.44 17.63 -5.58
C GLY L 153 -53.10 16.19 -5.29
N ASP L 154 -53.15 15.31 -6.28
CA ASP L 154 -53.06 13.90 -6.09
C ASP L 154 -51.71 13.32 -6.49
N GLY L 155 -50.73 14.21 -6.63
CA GLY L 155 -49.42 13.85 -7.16
C GLY L 155 -49.16 14.59 -8.45
N ALA L 156 -50.22 15.00 -9.15
CA ALA L 156 -50.06 15.84 -10.33
C ALA L 156 -49.20 17.07 -9.97
N HIS L 157 -49.46 17.62 -8.79
CA HIS L 157 -48.78 18.80 -8.31
C HIS L 157 -47.30 18.61 -8.00
N VAL L 158 -46.91 17.38 -7.75
CA VAL L 158 -45.52 16.99 -7.54
C VAL L 158 -44.83 16.67 -8.82
N VAL L 159 -45.44 15.78 -9.59
CA VAL L 159 -44.78 15.21 -10.77
C VAL L 159 -44.61 16.24 -11.89
N TRP L 160 -45.63 17.03 -12.22
CA TRP L 160 -45.52 17.93 -13.38
C TRP L 160 -44.48 19.06 -13.22
N PRO L 161 -44.44 19.79 -12.10
CA PRO L 161 -43.35 20.74 -11.86
C PRO L 161 -41.97 20.04 -11.78
N HIS L 162 -41.94 18.80 -11.30
CA HIS L 162 -40.69 18.05 -11.17
C HIS L 162 -40.13 17.63 -12.52
N VAL L 163 -41.00 17.19 -13.42
CA VAL L 163 -40.56 16.72 -14.72
C VAL L 163 -40.47 17.86 -15.77
N LEU L 164 -41.41 18.80 -15.78
CA LEU L 164 -41.43 19.87 -16.80
C LEU L 164 -40.71 21.12 -16.39
N GLY L 165 -40.45 21.25 -15.09
CA GLY L 165 -39.87 22.47 -14.54
C GLY L 165 -41.00 23.28 -13.90
N SER L 166 -40.59 24.23 -13.08
CA SER L 166 -41.51 25.00 -12.24
C SER L 166 -42.59 25.75 -13.02
N ASN L 167 -42.18 26.47 -14.07
CA ASN L 167 -43.17 27.28 -14.77
C ASN L 167 -44.00 26.51 -15.78
N ARG L 168 -43.37 25.60 -16.50
CA ARG L 168 -44.11 24.76 -17.42
C ARG L 168 -45.07 23.85 -16.67
N GLY L 169 -44.64 23.34 -15.53
CA GLY L 169 -45.48 22.46 -14.72
C GLY L 169 -46.71 23.17 -14.18
N ARG L 170 -46.53 24.35 -13.61
CA ARG L 170 -47.68 25.06 -13.03
C ARG L 170 -48.65 25.54 -14.10
N TYR L 171 -48.09 26.01 -15.22
CA TYR L 171 -48.93 26.42 -16.37
C TYR L 171 -49.73 25.26 -16.94
N PHE L 172 -49.08 24.12 -17.11
CA PHE L 172 -49.71 22.93 -17.58
C PHE L 172 -50.91 22.55 -16.74
N LEU L 173 -50.77 22.65 -15.41
CA LEU L 173 -51.84 22.22 -14.51
C LEU L 173 -52.96 23.23 -14.40
N LEU L 174 -52.67 24.52 -14.65
CA LEU L 174 -53.69 25.58 -14.42
C LEU L 174 -54.46 25.98 -15.66
N THR L 175 -53.97 25.62 -16.86
CA THR L 175 -54.58 26.17 -18.09
C THR L 175 -55.17 25.12 -19.02
N GLY L 176 -55.25 23.87 -18.59
CA GLY L 176 -55.82 22.83 -19.41
C GLY L 176 -54.95 22.38 -20.55
N GLN L 177 -53.66 22.70 -20.50
CA GLN L 177 -52.75 22.43 -21.60
C GLN L 177 -52.69 20.94 -21.94
N GLU L 178 -52.69 20.68 -23.24
CA GLU L 178 -52.49 19.35 -23.78
C GLU L 178 -51.16 19.35 -24.54
N LEU L 179 -50.24 18.49 -24.11
CA LEU L 179 -48.99 18.32 -24.78
C LEU L 179 -49.10 17.25 -25.84
N ASP L 180 -48.75 17.58 -27.07
CA ASP L 180 -48.61 16.51 -28.08
C ASP L 180 -47.26 15.79 -27.85
N ALA L 181 -47.03 14.72 -28.60
CA ALA L 181 -45.87 13.87 -28.34
C ALA L 181 -44.56 14.62 -28.49
N ARG L 182 -44.47 15.49 -29.49
CA ARG L 182 -43.23 16.20 -29.75
C ARG L 182 -42.98 17.35 -28.84
N THR L 183 -44.04 17.96 -28.31
CA THR L 183 -43.86 18.97 -27.28
C THR L 183 -43.41 18.29 -25.96
N ALA L 184 -44.01 17.16 -25.64
CA ALA L 184 -43.61 16.41 -24.45
C ALA L 184 -42.14 16.04 -24.55
N LEU L 185 -41.69 15.68 -25.75
CA LEU L 185 -40.29 15.35 -26.02
C LEU L 185 -39.40 16.59 -25.80
N ASP L 186 -39.82 17.71 -26.36
CA ASP L 186 -39.11 18.98 -26.24
C ASP L 186 -39.05 19.43 -24.78
N TYR L 187 -40.10 19.17 -23.99
CA TYR L 187 -40.13 19.60 -22.59
C TYR L 187 -39.36 18.62 -21.69
N GLY L 188 -39.00 17.47 -22.26
CA GLY L 188 -38.20 16.49 -21.53
C GLY L 188 -38.97 15.47 -20.72
N ALA L 189 -40.28 15.42 -20.87
CA ALA L 189 -41.13 14.42 -20.21
C ALA L 189 -41.08 13.08 -20.96
N VAL L 190 -40.89 13.14 -22.29
CA VAL L 190 -40.80 11.98 -23.15
C VAL L 190 -39.36 11.90 -23.65
N ASN L 191 -38.84 10.68 -23.78
CA ASN L 191 -37.48 10.44 -24.29
C ASN L 191 -37.39 10.10 -25.78
N GLU L 192 -38.39 9.38 -26.29
CA GLU L 192 -38.46 8.99 -27.70
C GLU L 192 -39.91 9.02 -28.20
N VAL L 193 -40.08 9.53 -29.42
CA VAL L 193 -41.36 9.49 -30.11
C VAL L 193 -41.22 8.50 -31.29
N LEU L 194 -42.13 7.55 -31.33
CA LEU L 194 -42.08 6.45 -32.28
C LEU L 194 -43.41 6.33 -33.01
N SER L 195 -43.42 5.70 -34.19
CA SER L 195 -44.69 5.34 -34.81
C SER L 195 -45.42 4.33 -33.94
N GLU L 196 -46.73 4.20 -34.15
CA GLU L 196 -47.54 3.33 -33.37
C GLU L 196 -47.04 1.90 -33.47
N GLN L 197 -46.58 1.49 -34.65
CA GLN L 197 -46.12 0.11 -34.80
C GLN L 197 -44.75 -0.14 -34.19
N GLU L 198 -43.92 0.88 -34.13
CA GLU L 198 -42.57 0.76 -33.59
C GLU L 198 -42.54 0.88 -32.06
N LEU L 199 -43.60 1.39 -31.46
CA LEU L 199 -43.58 1.71 -30.02
C LEU L 199 -43.29 0.51 -29.11
N LEU L 200 -44.13 -0.50 -29.14
CA LEU L 200 -43.90 -1.64 -28.27
C LEU L 200 -42.65 -2.44 -28.60
N PRO L 201 -42.35 -2.76 -29.88
CA PRO L 201 -41.03 -3.33 -30.21
C PRO L 201 -39.85 -2.57 -29.62
N ARG L 202 -39.91 -1.24 -29.62
CA ARG L 202 -38.83 -0.42 -29.04
C ARG L 202 -38.78 -0.60 -27.51
N ALA L 203 -39.94 -0.64 -26.88
CA ALA L 203 -40.02 -0.90 -25.42
C ALA L 203 -39.40 -2.24 -25.05
N TRP L 204 -39.74 -3.27 -25.83
CA TRP L 204 -39.19 -4.60 -25.62
C TRP L 204 -37.67 -4.64 -25.88
N GLU L 205 -37.21 -3.93 -26.91
CA GLU L 205 -35.78 -3.86 -27.22
C GLU L 205 -35.01 -3.27 -26.04
N LEU L 206 -35.47 -2.13 -25.55
CA LEU L 206 -34.82 -1.54 -24.39
C LEU L 206 -34.95 -2.44 -23.16
N ALA L 207 -36.12 -3.02 -22.93
CA ALA L 207 -36.33 -3.85 -21.73
C ALA L 207 -35.41 -5.07 -21.75
N ARG L 208 -35.32 -5.73 -22.89
CA ARG L 208 -34.47 -6.92 -23.03
C ARG L 208 -33.02 -6.61 -22.71
N GLY L 209 -32.54 -5.49 -23.23
CA GLY L 209 -31.18 -5.06 -23.00
C GLY L 209 -30.91 -4.80 -21.52
N ILE L 210 -31.85 -4.14 -20.84
CA ILE L 210 -31.72 -3.86 -19.43
C ILE L 210 -31.80 -5.16 -18.61
N ALA L 211 -32.67 -6.07 -19.04
CA ALA L 211 -32.89 -7.32 -18.33
C ALA L 211 -31.64 -8.21 -18.33
N GLU L 212 -30.75 -8.01 -19.31
CA GLU L 212 -29.49 -8.73 -19.43
C GLU L 212 -28.42 -8.22 -18.49
N LYS L 213 -28.61 -7.02 -17.92
CA LYS L 213 -27.62 -6.45 -17.01
C LYS L 213 -27.61 -7.24 -15.70
N PRO L 214 -26.54 -7.13 -14.92
CA PRO L 214 -26.43 -7.91 -13.70
C PRO L 214 -27.56 -7.59 -12.74
N LEU L 215 -28.06 -8.59 -12.01
CA LEU L 215 -29.17 -8.45 -11.05
C LEU L 215 -29.14 -7.17 -10.20
N LEU L 216 -28.12 -7.06 -9.37
CA LEU L 216 -28.07 -5.93 -8.46
C LEU L 216 -27.80 -4.62 -9.14
N ALA L 217 -27.02 -4.63 -10.23
CA ALA L 217 -26.82 -3.38 -10.99
C ALA L 217 -28.15 -2.83 -11.51
N ARG L 218 -28.98 -3.72 -12.03
CA ARG L 218 -30.27 -3.29 -12.57
C ARG L 218 -31.20 -2.78 -11.49
N ARG L 219 -31.25 -3.48 -10.38
CA ARG L 219 -32.13 -3.09 -9.29
C ARG L 219 -31.66 -1.78 -8.59
N TYR L 220 -30.38 -1.66 -8.35
CA TYR L 220 -29.87 -0.49 -7.69
C TYR L 220 -29.79 0.74 -8.60
N ALA L 221 -29.72 0.55 -9.92
CA ALA L 221 -29.78 1.68 -10.85
C ALA L 221 -31.11 2.39 -10.67
N ARG L 222 -32.19 1.62 -10.61
CA ARG L 222 -33.51 2.20 -10.31
C ARG L 222 -33.54 2.89 -8.93
N LYS L 223 -32.99 2.23 -7.91
CA LYS L 223 -33.07 2.74 -6.56
C LYS L 223 -32.33 4.08 -6.42
N VAL L 224 -31.15 4.20 -7.02
CA VAL L 224 -30.36 5.43 -6.83
C VAL L 224 -30.94 6.59 -7.66
N LEU L 225 -31.76 6.26 -8.65
CA LEU L 225 -32.36 7.24 -9.53
C LEU L 225 -33.67 7.82 -9.10
N THR L 226 -34.36 7.17 -8.19
CA THR L 226 -35.65 7.70 -7.74
C THR L 226 -35.60 8.46 -6.41
N ARG L 227 -34.42 8.76 -5.90
CA ARG L 227 -34.31 9.48 -4.66
C ARG L 227 -35.05 10.84 -4.58
N GLN L 228 -34.85 11.69 -5.59
CA GLN L 228 -35.34 13.05 -5.58
C GLN L 228 -36.88 13.01 -5.65
N LEU L 229 -37.41 12.14 -6.48
CA LEU L 229 -38.85 12.04 -6.64
C LEU L 229 -39.50 11.50 -5.36
N ARG L 230 -38.87 10.51 -4.71
CA ARG L 230 -39.41 9.98 -3.47
C ARG L 230 -39.41 11.04 -2.35
N ARG L 231 -38.40 11.87 -2.33
CA ARG L 231 -38.25 12.92 -1.32
C ARG L 231 -39.37 13.95 -1.46
N VAL L 232 -39.60 14.44 -2.68
CA VAL L 232 -40.67 15.42 -2.90
C VAL L 232 -42.05 14.83 -2.79
N MET L 233 -42.22 13.58 -3.23
CA MET L 233 -43.50 12.91 -3.01
C MET L 233 -43.87 12.79 -1.53
N GLU L 234 -42.91 12.33 -0.71
CA GLU L 234 -43.13 12.26 0.73
C GLU L 234 -43.42 13.66 1.31
N ALA L 235 -42.68 14.67 0.88
CA ALA L 235 -42.90 16.04 1.39
C ALA L 235 -44.30 16.56 1.11
N ASP L 236 -44.81 16.31 -0.10
CA ASP L 236 -45.93 17.10 -0.63
C ASP L 236 -47.19 16.34 -1.01
N LEU L 237 -47.13 15.02 -1.17
CA LEU L 237 -48.29 14.33 -1.71
C LEU L 237 -49.53 14.45 -0.80
N SER L 238 -49.40 14.06 0.47
CA SER L 238 -50.52 14.01 1.39
C SER L 238 -51.13 15.38 1.58
N LEU L 239 -50.28 16.39 1.60
CA LEU L 239 -50.73 17.78 1.71
C LEU L 239 -51.65 18.15 0.55
N GLY L 240 -51.25 17.77 -0.66
CA GLY L 240 -52.05 17.96 -1.85
C GLY L 240 -53.42 17.28 -1.73
N LEU L 241 -53.40 16.04 -1.29
CA LEU L 241 -54.59 15.21 -1.31
C LEU L 241 -55.61 15.71 -0.34
N ALA L 242 -55.17 16.16 0.83
CA ALA L 242 -56.12 16.67 1.84
C ALA L 242 -56.71 18.00 1.43
N HIS L 243 -55.91 18.88 0.85
CA HIS L 243 -56.46 20.12 0.35
C HIS L 243 -57.40 19.89 -0.82
N GLU L 244 -57.05 18.95 -1.71
CA GLU L 244 -57.95 18.58 -2.81
C GLU L 244 -59.32 18.07 -2.28
N ALA L 245 -59.27 17.20 -1.29
CA ALA L 245 -60.49 16.67 -0.71
C ALA L 245 -61.35 17.78 -0.11
N LEU L 246 -60.72 18.66 0.64
CA LEU L 246 -61.44 19.78 1.25
C LEU L 246 -62.14 20.64 0.21
N ALA L 247 -61.40 21.03 -0.84
CA ALA L 247 -61.99 21.81 -1.92
C ALA L 247 -63.14 21.06 -2.64
N ALA L 248 -63.00 19.78 -2.86
CA ALA L 248 -64.01 19.02 -3.60
C ALA L 248 -65.30 18.85 -2.76
N ILE L 249 -65.12 18.61 -1.47
CA ILE L 249 -66.25 18.55 -0.55
C ILE L 249 -67.02 19.87 -0.51
N ASP L 250 -66.31 20.99 -0.63
CA ASP L 250 -66.94 22.31 -0.63
C ASP L 250 -67.90 22.45 -1.85
N LEU L 251 -67.61 21.77 -2.95
CA LEU L 251 -68.49 21.77 -4.14
C LEU L 251 -69.94 21.42 -3.79
N GLY L 252 -70.15 20.38 -2.95
CA GLY L 252 -71.46 20.10 -2.36
C GLY L 252 -72.62 21.01 -2.76
O3 CAX M . 51.38 -2.86 7.30
C10 CAX M . 50.81 -1.75 7.15
O2 CAX M . 49.74 -1.44 7.70
C9 CAX M . 51.43 -0.68 6.28
C1 CAX M . 52.60 0.09 6.94
C2 CAX M . 52.41 0.68 8.35
C8 CAX M . 51.06 1.36 8.58
C7 CAX M . 53.48 1.78 8.53
C3 CAX M . 52.69 -0.49 9.30
C6 CAX M . 53.13 -0.24 10.73
C4 CAX M . 53.52 -1.49 8.49
O1 CAX M . 54.64 -2.14 9.05
C5 CAX M . 53.78 -0.88 7.11
CA CA N . 34.36 -19.00 23.17
O3 CAX O . 12.29 -12.46 6.74
C10 CAX O . 11.68 -13.55 6.63
O2 CAX O . 11.97 -14.60 7.25
C9 CAX O . 10.42 -13.61 5.77
C1 CAX O . 9.20 -12.90 6.34
C2 CAX O . 8.67 -13.23 7.76
C8 CAX O . 8.69 -14.71 8.02
C7 CAX O . 7.21 -12.72 7.86
C3 CAX O . 9.65 -12.46 8.67
C6 CAX O . 9.25 -12.02 10.06
C4 CAX O . 10.17 -11.31 7.82
O1 CAX O . 10.14 -10.01 8.35
C5 CAX O . 9.57 -11.42 6.42
O3 CAX P . 40.30 -41.42 7.08
C10 CAX P . 41.57 -41.46 6.97
O2 CAX P . 42.35 -40.59 7.46
C9 CAX P . 42.20 -42.58 6.18
C1 CAX P . 42.17 -43.97 6.79
C2 CAX P . 42.73 -44.17 8.22
C8 CAX P . 44.03 -43.38 8.43
C7 CAX P . 43.02 -45.67 8.37
C3 CAX P . 41.55 -43.68 9.09
C6 CAX P . 41.35 -44.21 10.50
C4 CAX P . 40.26 -43.83 8.23
O1 CAX P . 39.16 -44.47 8.77
C5 CAX P . 40.70 -44.38 6.86
O3 CAX Q . 54.88 -30.75 -13.70
C10 CAX Q . 54.56 -31.96 -13.55
O2 CAX Q . 53.59 -32.52 -14.15
C9 CAX Q . 55.42 -32.84 -12.67
C1 CAX Q . 56.77 -33.24 -13.26
C2 CAX Q . 56.78 -33.89 -14.65
C8 CAX Q . 55.63 -34.86 -14.77
C7 CAX Q . 58.12 -34.64 -14.84
C3 CAX Q . 56.68 -32.70 -15.63
C6 CAX Q . 57.21 -32.89 -17.04
C4 CAX Q . 57.24 -31.49 -14.83
O1 CAX Q . 58.36 -30.76 -15.26
C5 CAX Q . 57.55 -31.97 -13.44
O3 CAX R . 35.65 4.49 -13.96
C10 CAX R . 36.86 4.85 -13.90
O2 CAX R . 37.80 4.25 -14.48
C9 CAX R . 37.22 6.06 -13.06
C1 CAX R . 36.85 7.40 -13.69
C2 CAX R . 37.44 7.75 -15.07
C8 CAX R . 38.89 7.29 -15.23
C7 CAX R . 37.33 9.28 -15.25
C3 CAX R . 36.48 7.05 -16.05
C6 CAX R . 36.38 7.57 -17.48
C4 CAX R . 35.15 6.88 -15.28
O1 CAX R . 33.96 7.38 -15.77
C5 CAX R . 35.34 7.42 -13.87
CA CA S . 35.09 -18.67 -30.10
O3 CAX T . 14.60 -29.87 -14.43
C10 CAX T . 13.69 -29.01 -14.33
O2 CAX T . 13.75 -27.87 -14.86
C9 CAX T . 12.44 -29.31 -13.51
C1 CAX T . 11.40 -30.22 -14.15
C2 CAX T . 10.84 -29.92 -15.54
C8 CAX T . 10.53 -28.42 -15.73
C7 CAX T . 9.51 -30.68 -15.66
C3 CAX T . 11.95 -30.45 -16.46
C6 CAX T . 11.68 -30.96 -17.88
C4 CAX T . 12.73 -31.45 -15.60
O1 CAX T . 13.14 -32.70 -16.11
C5 CAX T . 12.05 -31.58 -14.25
O3 CAX U . -16.43 31.53 15.52
C10 CAX U . -16.88 32.69 15.68
O2 CAX U . -17.83 32.93 16.49
C9 CAX U . -16.15 33.80 14.93
C1 CAX U . -14.80 34.20 15.56
C2 CAX U . -14.81 34.57 17.06
C8 CAX U . -16.02 35.41 17.44
C7 CAX U . -13.55 35.44 17.32
C3 CAX U . -14.76 33.21 17.80
C6 CAX U . -14.22 33.11 19.23
C4 CAX U . -14.12 32.26 16.80
O1 CAX U . -13.08 31.47 17.29
C5 CAX U . -13.82 33.03 15.51
O3 CAX V . -56.14 25.82 15.69
C10 CAX V . -56.96 24.91 15.46
O2 CAX V . -56.78 23.72 15.81
C9 CAX V . -58.27 25.19 14.74
C1 CAX V . -59.31 25.99 15.49
C2 CAX V . -59.83 25.46 16.85
C8 CAX V . -59.98 23.95 16.89
C7 CAX V . -61.19 26.15 17.11
C3 CAX V . -58.75 25.92 17.85
C6 CAX V . -59.18 26.08 19.33
C4 CAX V . -58.11 27.12 17.19
O1 CAX V . -57.96 28.30 17.92
C5 CAX V . -58.74 27.36 15.83
CA CA W . -34.26 14.84 29.73
O3 CAX X . -31.44 -5.50 10.43
C10 CAX X . -30.19 -5.67 10.27
O2 CAX X . -29.32 -5.05 10.93
C9 CAX X . -29.70 -6.68 9.26
C1 CAX X . -29.84 -8.16 9.64
C2 CAX X . -29.20 -8.59 10.97
C8 CAX X . -27.85 -7.94 11.15
C7 CAX X . -28.98 -10.11 10.94
C3 CAX X . -30.28 -8.17 11.99
C6 CAX X . -30.34 -8.90 13.33
C4 CAX X . -31.61 -8.12 11.21
O1 CAX X . -32.72 -8.89 11.61
C5 CAX X . -31.34 -8.44 9.76
O3 CAX Y . -16.77 6.35 -9.57
C10 CAX Y . -17.23 5.18 -9.59
O2 CAX Y . -18.30 4.87 -10.17
C9 CAX Y . -16.47 4.04 -8.91
C1 CAX Y . -15.18 3.58 -9.65
C2 CAX Y . -15.27 3.22 -11.13
C8 CAX Y . -16.49 2.37 -11.48
C7 CAX Y . -14.00 2.41 -11.51
C3 CAX Y . -15.26 4.59 -11.85
C6 CAX Y . -14.80 4.67 -13.30
C4 CAX Y . -14.58 5.54 -10.86
O1 CAX Y . -13.48 6.29 -11.28
C5 CAX Y . -14.23 4.74 -9.61
CA CA Z . -35.65 22.66 -22.92
O3 CAX AA . -32.28 43.05 -3.57
C10 CAX AA . -31.03 43.27 -3.48
O2 CAX AA . -30.15 42.69 -4.16
C9 CAX AA . -30.55 44.27 -2.44
C1 CAX AA . -30.80 45.74 -2.82
C2 CAX AA . -30.24 46.29 -4.14
C8 CAX AA . -28.87 45.70 -4.49
C7 CAX AA . -30.15 47.82 -4.01
C3 CAX AA . -31.29 45.86 -5.17
C6 CAX AA . -31.43 46.65 -6.45
C4 CAX AA . -32.59 45.62 -4.38
O1 CAX AA . -33.77 46.29 -4.74
C5 CAX AA . -32.31 45.91 -2.91
O3 CAX BA . -56.65 11.37 -7.72
C10 CAX BA . -57.45 12.33 -7.45
O2 CAX BA . -57.27 13.51 -7.82
C9 CAX BA . -58.67 12.01 -6.62
C1 CAX BA . -59.77 11.22 -7.36
C2 CAX BA . -60.34 11.74 -8.70
C8 CAX BA . -60.47 13.25 -8.66
C7 CAX BA . -61.73 11.07 -8.91
C3 CAX BA . -59.30 11.26 -9.75
C6 CAX BA . -59.79 10.94 -11.18
C4 CAX BA . -58.59 10.09 -9.08
O1 CAX BA . -58.50 8.89 -9.76
C5 CAX BA . -59.19 9.85 -7.70
#